data_4UFB
#
_entry.id   4UFB
#
_cell.length_a   73.480
_cell.length_b   101.590
_cell.length_c   114.510
_cell.angle_alpha   85.46
_cell.angle_beta   85.90
_cell.angle_gamma   81.62
#
_symmetry.space_group_name_H-M   'P 1'
#
loop_
_entity.id
_entity.type
_entity.pdbx_description
1 polymer 'ANGIOTENSIN-CONVERTING ENZYME'
2 branched alpha-L-fucopyranose-(1-6)-2-acetamido-2-deoxy-beta-D-glucopyranose
3 branched 2-acetamido-2-deoxy-beta-D-glucopyranose-(1-4)-2-acetamido-2-deoxy-beta-D-glucopyranose
4 branched beta-D-mannopyranose-(1-4)-2-acetamido-2-deoxy-beta-D-glucopyranose-(1-4)-2-acetamido-2-deoxy-beta-D-glucopyranose
5 branched beta-D-mannopyranose-(1-4)-2-acetamido-2-deoxy-beta-D-glucopyranose-(1-4)-[alpha-L-fucopyranose-(1-6)]2-acetamido-2-deoxy-beta-D-glucopyranose
6 non-polymer LYSINE
7 non-polymer PROLINE
8 non-polymer 'ZINC ION'
9 non-polymer 'CHLORIDE ION'
10 non-polymer DI(HYDROXYETHYL)ETHER
11 non-polymer 'HEXAETHYLENE GLYCOL'
12 water water
#
_entity_poly.entity_id   1
_entity_poly.type   'polypeptide(L)'
_entity_poly.pdbx_seq_one_letter_code
;LDPGLQPGQFSADEAGAQLFAQSYQSSAEQVLFQSVAASWAHDTNITAENARRQEEAALLSQEFAEAWGQKAKELYEPIW
QQFTDPQLRRIIGAVRTLGSANLPLAKRQQYNALLSQMSRIYSTAKVCLPQKTATCWSLDPDLTNILASSRSYAMLLFAW
EGWHNAAGIPLKPLYEDFTALSNEAYKQDGFTDTGAYWRSWYNSPTFEDDLEHLYQQLEPLYLNLHAFVRRALHRRYGDR
YINLRGPIPAHLLGDMWAQSWENIYDMVVPFPDKPNLDVTSTMLQQGWQATHMFRVAEEFFTSLELSPMPPEFWEGSMLE
KPADGREVVCHASAWDFYNRKDFRIKQCTRVTMDQLSTVHHEMGHIQYYLQYKDLPVSLRRGANPGFHEAIGDVLALSVS
TPEHLHKIGLLDRVTNDTESDINYLLKMALEKIAFLPFGYLVDQWRWGVFSGRTPPSRYNFDWWYLRTKYQGICPPVTRN
ETHFDAGAKFHVPNVTPYIRYFVSFVLQFQFHEALCKEAGYEGPLHQCDIYRSTKAGAKLRKVLRAGSSRPWQEVLKDMV
GLDALDAQPLLKYFQLVTQWLQEQNQQNGEVLGWPEYQWHPPLPDNYPEGIDLVTDEAEASKFVEEYDL
;
_entity_poly.pdbx_strand_id   A,B,C,D
#
loop_
_chem_comp.id
_chem_comp.type
_chem_comp.name
_chem_comp.formula
BMA D-saccharide, beta linking beta-D-mannopyranose 'C6 H12 O6'
CL non-polymer 'CHLORIDE ION' 'Cl -1'
FUC L-saccharide, alpha linking alpha-L-fucopyranose 'C6 H12 O5'
NAG D-saccharide, beta linking 2-acetamido-2-deoxy-beta-D-glucopyranose 'C8 H15 N O6'
P6G non-polymer 'HEXAETHYLENE GLYCOL' 'C12 H26 O7'
PEG non-polymer DI(HYDROXYETHYL)ETHER 'C4 H10 O3'
ZN non-polymer 'ZINC ION' 'Zn 2'
#
# COMPACT_ATOMS: atom_id res chain seq x y z
N LEU A 1 -8.12 18.29 3.33
CA LEU A 1 -8.92 17.09 3.70
C LEU A 1 -9.51 16.42 2.47
N ASP A 2 -9.20 15.13 2.32
CA ASP A 2 -9.72 14.32 1.23
C ASP A 2 -11.26 14.35 1.20
N PRO A 3 -11.85 14.45 0.00
CA PRO A 3 -13.32 14.46 -0.17
C PRO A 3 -14.01 13.25 0.47
N GLY A 4 -13.36 12.09 0.42
CA GLY A 4 -13.90 10.86 1.02
C GLY A 4 -14.04 10.96 2.53
N LEU A 5 -13.34 11.92 3.14
CA LEU A 5 -13.35 12.15 4.58
C LEU A 5 -14.21 13.37 4.98
N GLN A 6 -14.84 14.00 3.98
CA GLN A 6 -15.69 15.18 4.17
C GLN A 6 -17.11 14.78 4.57
N PRO A 7 -17.75 15.55 5.47
CA PRO A 7 -19.16 15.24 5.76
C PRO A 7 -20.09 15.59 4.59
N GLY A 8 -20.94 14.65 4.19
CA GLY A 8 -21.94 14.88 3.15
C GLY A 8 -23.21 15.54 3.67
N GLN A 9 -24.35 15.21 3.07
CA GLN A 9 -25.63 15.83 3.43
C GLN A 9 -26.44 14.93 4.36
N PHE A 10 -27.00 15.55 5.41
CA PHE A 10 -27.81 14.84 6.39
C PHE A 10 -28.93 15.75 6.87
N SER A 11 -30.12 15.17 7.07
CA SER A 11 -31.26 15.92 7.56
C SER A 11 -31.06 16.40 9.01
N ALA A 12 -31.66 17.53 9.35
CA ALA A 12 -31.51 18.15 10.67
C ALA A 12 -32.58 17.69 11.66
N ASP A 13 -32.64 16.37 11.88
CA ASP A 13 -33.57 15.77 12.84
C ASP A 13 -32.85 14.58 13.48
N GLU A 14 -33.47 13.94 14.48
CA GLU A 14 -32.79 12.85 15.19
C GLU A 14 -32.43 11.70 14.24
N ALA A 15 -33.30 11.42 13.26
CA ALA A 15 -33.05 10.33 12.31
C ALA A 15 -31.77 10.59 11.50
N GLY A 16 -31.68 11.79 10.94
CA GLY A 16 -30.51 12.22 10.16
C GLY A 16 -29.24 12.23 10.98
N ALA A 17 -29.35 12.63 12.24
CA ALA A 17 -28.23 12.59 13.17
C ALA A 17 -27.64 11.19 13.36
N GLN A 18 -28.49 10.16 13.39
CA GLN A 18 -28.00 8.76 13.46
C GLN A 18 -27.14 8.44 12.25
N LEU A 19 -27.62 8.85 11.06
CA LEU A 19 -26.88 8.65 9.83
C LEU A 19 -25.57 9.45 9.79
N PHE A 20 -25.62 10.67 10.31
CA PHE A 20 -24.44 11.53 10.45
C PHE A 20 -23.38 10.85 11.33
N ALA A 21 -23.81 10.35 12.49
CA ALA A 21 -22.94 9.64 13.43
C ALA A 21 -22.31 8.39 12.78
N GLN A 22 -23.12 7.65 12.03
CA GLN A 22 -22.62 6.47 11.32
C GLN A 22 -21.58 6.85 10.29
N SER A 23 -21.85 7.89 9.53
CA SER A 23 -20.92 8.37 8.53
C SER A 23 -19.61 8.86 9.17
N TYR A 24 -19.73 9.64 10.24
CA TYR A 24 -18.55 10.06 11.01
C TYR A 24 -17.68 8.86 11.38
N GLN A 25 -18.31 7.87 11.99
CA GLN A 25 -17.66 6.63 12.44
C GLN A 25 -16.93 5.92 11.31
N SER A 26 -17.55 5.93 10.14
CA SER A 26 -17.03 5.29 8.94
C SER A 26 -15.70 5.88 8.47
N SER A 27 -15.45 7.15 8.80
CA SER A 27 -14.22 7.85 8.42
C SER A 27 -13.27 8.07 9.60
N ALA A 28 -13.81 8.12 10.82
CA ALA A 28 -13.02 8.49 12.00
C ALA A 28 -11.91 7.51 12.37
N GLU A 29 -12.16 6.22 12.19
CA GLU A 29 -11.19 5.18 12.53
C GLU A 29 -9.86 5.35 11.79
N GLN A 30 -9.93 5.66 10.50
CA GLN A 30 -8.74 5.86 9.65
C GLN A 30 -7.91 7.05 10.15
N VAL A 31 -8.60 8.13 10.49
CA VAL A 31 -7.95 9.38 10.87
C VAL A 31 -7.32 9.26 12.27
N LEU A 32 -8.09 8.73 13.20
CA LEU A 32 -7.61 8.49 14.56
C LEU A 32 -6.43 7.51 14.56
N PHE A 33 -6.54 6.45 13.76
CA PHE A 33 -5.48 5.46 13.69
C PHE A 33 -4.17 6.08 13.18
N GLN A 34 -4.24 6.90 12.14
CA GLN A 34 -3.00 7.45 11.57
C GLN A 34 -2.31 8.34 12.62
N SER A 35 -3.12 9.02 13.44
CA SER A 35 -2.59 9.83 14.52
C SER A 35 -1.98 9.00 15.66
N VAL A 36 -2.70 7.97 16.13
CA VAL A 36 -2.14 7.08 17.17
C VAL A 36 -0.84 6.43 16.67
N ALA A 37 -0.83 5.96 15.42
CA ALA A 37 0.37 5.34 14.83
C ALA A 37 1.59 6.28 14.84
N ALA A 38 1.39 7.52 14.42
CA ALA A 38 2.48 8.50 14.41
C ALA A 38 2.96 8.81 15.82
N SER A 39 2.01 8.90 16.75
CA SER A 39 2.34 9.15 18.15
C SER A 39 3.18 7.99 18.69
N TRP A 40 2.80 6.77 18.33
CA TRP A 40 3.52 5.56 18.73
C TRP A 40 4.94 5.57 18.20
N ALA A 41 5.06 5.76 16.89
CA ALA A 41 6.37 5.85 16.23
C ALA A 41 7.28 6.88 16.88
N HIS A 42 6.72 8.00 17.32
CA HIS A 42 7.49 9.01 18.04
C HIS A 42 7.88 8.56 19.44
N ASP A 43 6.90 8.12 20.22
CA ASP A 43 7.09 7.80 21.63
C ASP A 43 8.03 6.60 21.88
N THR A 44 8.12 5.72 20.89
CA THR A 44 9.05 4.58 20.99
C THR A 44 10.35 4.87 20.25
N ASN A 45 10.51 6.09 19.77
CA ASN A 45 11.69 6.46 18.96
C ASN A 45 11.70 7.98 18.73
N ILE A 46 12.12 8.72 19.75
CA ILE A 46 12.02 10.18 19.74
C ILE A 46 13.10 10.77 18.83
N THR A 47 12.67 11.34 17.71
CA THR A 47 13.57 12.02 16.80
C THR A 47 12.82 13.24 16.25
N ALA A 48 13.58 14.20 15.72
CA ALA A 48 13.00 15.40 15.10
C ALA A 48 12.02 14.99 14.00
N GLU A 49 12.42 13.99 13.21
CA GLU A 49 11.60 13.52 12.10
C GLU A 49 10.30 12.85 12.56
N ASN A 50 10.39 11.98 13.57
CA ASN A 50 9.17 11.36 14.10
C ASN A 50 8.23 12.38 14.72
N ALA A 51 8.78 13.44 15.30
CA ALA A 51 7.97 14.53 15.84
C ALA A 51 7.27 15.27 14.69
N ARG A 52 8.03 15.53 13.61
CA ARG A 52 7.47 16.18 12.43
C ARG A 52 6.30 15.38 11.87
N ARG A 53 6.48 14.06 11.78
CA ARG A 53 5.42 13.18 11.27
C ARG A 53 4.20 13.16 12.18
N GLN A 54 4.43 13.12 13.49
CA GLN A 54 3.34 13.13 14.47
C GLN A 54 2.50 14.42 14.34
N GLU A 55 3.18 15.56 14.26
CA GLU A 55 2.53 16.86 14.09
C GLU A 55 1.70 16.93 12.80
N GLU A 56 2.24 16.34 11.73
CA GLU A 56 1.55 16.29 10.45
C GLU A 56 0.25 15.49 10.61
N ALA A 57 0.34 14.35 11.29
CA ALA A 57 -0.84 13.54 11.61
C ALA A 57 -1.81 14.31 12.49
N ALA A 58 -1.28 15.02 13.47
CA ALA A 58 -2.11 15.83 14.38
C ALA A 58 -2.88 16.88 13.60
N LEU A 59 -2.23 17.48 12.59
CA LEU A 59 -2.86 18.51 11.76
C LEU A 59 -4.04 17.96 10.97
N LEU A 60 -3.87 16.76 10.41
CA LEU A 60 -4.93 16.11 9.66
C LEU A 60 -6.12 15.79 10.58
N SER A 61 -5.83 15.35 11.80
CA SER A 61 -6.86 15.07 12.80
C SER A 61 -7.66 16.33 13.10
N GLN A 62 -6.95 17.43 13.29
CA GLN A 62 -7.59 18.71 13.53
C GLN A 62 -8.48 19.17 12.35
N GLU A 63 -8.02 18.89 11.13
CA GLU A 63 -8.78 19.24 9.95
C GLU A 63 -10.09 18.47 9.90
N PHE A 64 -10.00 17.16 10.13
CA PHE A 64 -11.15 16.25 10.17
C PHE A 64 -12.15 16.63 11.25
N ALA A 65 -11.63 16.98 12.44
CA ALA A 65 -12.47 17.34 13.57
C ALA A 65 -13.17 18.67 13.31
N GLU A 66 -12.46 19.60 12.67
CA GLU A 66 -13.07 20.85 12.22
C GLU A 66 -14.25 20.61 11.28
N ALA A 67 -14.02 19.82 10.23
CA ALA A 67 -15.03 19.58 9.19
C ALA A 67 -16.31 18.98 9.78
N TRP A 68 -16.14 17.93 10.59
CA TRP A 68 -17.28 17.24 11.20
C TRP A 68 -17.84 18.00 12.40
N GLY A 69 -16.98 18.67 13.15
CA GLY A 69 -17.42 19.50 14.25
C GLY A 69 -18.38 20.58 13.79
N GLN A 70 -17.95 21.37 12.81
CA GLN A 70 -18.79 22.46 12.26
C GLN A 70 -20.11 21.93 11.71
N LYS A 71 -20.05 20.82 10.98
CA LYS A 71 -21.22 20.22 10.38
C LYS A 71 -22.24 19.78 11.45
N ALA A 72 -21.73 19.21 12.53
CA ALA A 72 -22.55 18.80 13.67
C ALA A 72 -23.26 20.00 14.32
N LYS A 73 -22.51 21.10 14.48
CA LYS A 73 -23.03 22.35 15.03
C LYS A 73 -24.09 22.96 14.10
N GLU A 74 -23.71 23.14 12.84
CA GLU A 74 -24.61 23.65 11.83
C GLU A 74 -25.96 22.90 11.82
N LEU A 75 -25.89 21.57 11.78
CA LEU A 75 -27.09 20.73 11.68
C LEU A 75 -27.87 20.51 13.00
N TYR A 76 -27.16 20.32 14.11
CA TYR A 76 -27.81 19.81 15.33
C TYR A 76 -27.62 20.61 16.64
N GLU A 77 -26.79 21.66 16.62
CA GLU A 77 -26.41 22.36 17.88
C GLU A 77 -27.58 22.74 18.81
N PRO A 78 -28.69 23.27 18.25
CA PRO A 78 -29.83 23.45 19.16
C PRO A 78 -30.43 22.10 19.63
N ILE A 79 -30.94 21.33 18.67
CA ILE A 79 -31.80 20.17 18.94
C ILE A 79 -31.17 18.94 19.60
N TRP A 80 -29.86 18.74 19.43
CA TRP A 80 -29.20 17.49 19.85
C TRP A 80 -29.36 17.09 21.31
N GLN A 81 -29.49 18.09 22.19
CA GLN A 81 -29.63 17.82 23.62
C GLN A 81 -31.01 17.23 23.95
N GLN A 82 -31.95 17.45 23.03
CA GLN A 82 -33.31 16.95 23.18
C GLN A 82 -33.55 15.61 22.46
N PHE A 83 -32.50 15.02 21.90
CA PHE A 83 -32.61 13.70 21.27
C PHE A 83 -32.88 12.67 22.35
N THR A 84 -33.73 11.69 22.06
CA THR A 84 -34.11 10.68 23.07
C THR A 84 -33.26 9.40 23.03
N ASP A 85 -32.25 9.38 22.17
CA ASP A 85 -31.26 8.30 22.20
C ASP A 85 -30.02 8.85 22.91
N PRO A 86 -29.74 8.36 24.13
CA PRO A 86 -28.67 8.94 24.94
C PRO A 86 -27.26 8.68 24.39
N GLN A 87 -27.07 7.54 23.72
CA GLN A 87 -25.81 7.23 23.04
C GLN A 87 -25.55 8.19 21.89
N LEU A 88 -26.58 8.44 21.09
CA LEU A 88 -26.48 9.41 20.01
C LEU A 88 -26.17 10.79 20.55
N ARG A 89 -26.85 11.18 21.64
CA ARG A 89 -26.57 12.46 22.31
C ARG A 89 -25.09 12.58 22.66
N ARG A 90 -24.52 11.50 23.21
CA ARG A 90 -23.12 11.47 23.59
C ARG A 90 -22.17 11.58 22.38
N ILE A 91 -22.52 10.93 21.27
CA ILE A 91 -21.71 11.00 20.06
C ILE A 91 -21.72 12.42 19.49
N ILE A 92 -22.91 12.96 19.26
CA ILE A 92 -23.06 14.33 18.78
C ILE A 92 -22.36 15.30 19.73
N GLY A 93 -22.62 15.16 21.03
CA GLY A 93 -21.92 15.93 22.07
C GLY A 93 -20.41 15.95 21.92
N ALA A 94 -19.82 14.77 21.70
CA ALA A 94 -18.39 14.65 21.48
C ALA A 94 -17.92 15.35 20.20
N VAL A 95 -18.64 15.13 19.10
CA VAL A 95 -18.24 15.64 17.79
C VAL A 95 -18.29 17.19 17.69
N ARG A 96 -19.25 17.81 18.39
CA ARG A 96 -19.38 19.28 18.36
C ARG A 96 -18.27 20.03 19.10
N THR A 97 -17.46 19.29 19.87
CA THR A 97 -16.33 19.84 20.64
C THR A 97 -15.05 19.73 19.80
N LEU A 98 -14.56 20.87 19.31
CA LEU A 98 -13.42 20.86 18.38
C LEU A 98 -12.06 20.91 19.06
N GLY A 99 -12.01 21.38 20.31
CA GLY A 99 -10.73 21.56 21.01
C GLY A 99 -9.72 22.36 20.20
N SER A 100 -8.50 21.83 20.04
CA SER A 100 -7.42 22.52 19.31
C SER A 100 -7.76 22.81 17.84
N ALA A 101 -8.72 22.06 17.27
CA ALA A 101 -9.23 22.31 15.92
C ALA A 101 -9.90 23.70 15.79
N ASN A 102 -10.19 24.34 16.91
CA ASN A 102 -10.71 25.71 16.89
C ASN A 102 -9.66 26.75 16.56
N LEU A 103 -8.39 26.42 16.79
CA LEU A 103 -7.30 27.36 16.55
C LEU A 103 -7.11 27.62 15.05
N PRO A 104 -6.69 28.84 14.68
CA PRO A 104 -6.31 29.07 13.28
C PRO A 104 -5.11 28.19 12.95
N LEU A 105 -4.87 27.96 11.66
CA LEU A 105 -3.81 27.06 11.20
C LEU A 105 -2.44 27.29 11.86
N ALA A 106 -1.97 28.54 11.92
CA ALA A 106 -0.64 28.82 12.48
C ALA A 106 -0.56 28.45 13.97
N LYS A 107 -1.66 28.64 14.69
CA LYS A 107 -1.73 28.28 16.12
C LYS A 107 -1.85 26.78 16.34
N ARG A 108 -2.55 26.07 15.46
CA ARG A 108 -2.58 24.60 15.49
C ARG A 108 -1.17 24.04 15.40
N GLN A 109 -0.37 24.63 14.50
CA GLN A 109 1.00 24.21 14.29
C GLN A 109 1.86 24.51 15.51
N GLN A 110 1.68 25.70 16.07
CA GLN A 110 2.41 26.09 17.25
C GLN A 110 2.06 25.13 18.43
N TYR A 111 0.78 24.86 18.59
CA TYR A 111 0.25 23.98 19.62
C TYR A 111 0.81 22.55 19.49
N ASN A 112 0.73 22.00 18.28
CA ASN A 112 1.21 20.66 18.00
C ASN A 112 2.71 20.56 18.29
N ALA A 113 3.46 21.59 17.89
CA ALA A 113 4.91 21.60 18.10
C ALA A 113 5.27 21.69 19.58
N LEU A 114 4.49 22.48 20.34
CA LEU A 114 4.68 22.58 21.79
C LEU A 114 4.52 21.23 22.48
N LEU A 115 3.49 20.47 22.10
CA LEU A 115 3.28 19.14 22.65
C LEU A 115 4.49 18.23 22.38
N SER A 116 5.02 18.29 21.16
CA SER A 116 6.19 17.50 20.76
C SER A 116 7.40 17.86 21.59
N GLN A 117 7.63 19.16 21.72
CA GLN A 117 8.84 19.67 22.36
C GLN A 117 8.84 19.45 23.87
N MET A 118 7.68 19.68 24.52
CA MET A 118 7.54 19.36 25.95
C MET A 118 7.73 17.86 26.20
N SER A 119 7.15 17.03 25.35
CA SER A 119 7.33 15.58 25.49
C SER A 119 8.81 15.24 25.38
N ARG A 120 9.49 15.80 24.36
CA ARG A 120 10.93 15.55 24.18
C ARG A 120 11.73 15.95 25.41
N ILE A 121 11.52 17.17 25.89
CA ILE A 121 12.24 17.67 27.05
C ILE A 121 12.13 16.77 28.29
N TYR A 122 10.91 16.34 28.62
CA TYR A 122 10.70 15.52 29.81
C TYR A 122 11.36 14.14 29.69
N SER A 123 11.10 13.48 28.56
CA SER A 123 11.55 12.09 28.40
C SER A 123 13.00 11.90 28.02
N THR A 124 13.70 12.97 27.63
CA THR A 124 15.13 12.86 27.31
C THR A 124 16.01 13.58 28.33
N ALA A 125 15.39 14.21 29.33
CA ALA A 125 16.14 14.93 30.36
C ALA A 125 17.04 13.97 31.15
N LYS A 126 18.25 14.43 31.46
CA LYS A 126 19.26 13.63 32.16
C LYS A 126 19.92 14.41 33.30
N VAL A 127 20.43 13.68 34.28
CA VAL A 127 21.21 14.28 35.35
C VAL A 127 22.65 13.79 35.19
N CYS A 128 23.58 14.71 34.98
CA CYS A 128 25.00 14.38 34.80
C CYS A 128 25.78 14.67 36.07
N LEU A 129 26.85 13.92 36.30
CA LEU A 129 27.59 13.99 37.56
C LEU A 129 28.89 14.77 37.44
N THR A 135 28.82 9.30 33.39
CA THR A 135 28.29 10.37 32.54
C THR A 135 26.94 10.93 33.05
N CYS A 136 25.81 10.35 32.61
CA CYS A 136 24.48 10.92 32.94
C CYS A 136 23.36 9.91 33.20
N TRP A 137 22.57 10.20 34.22
CA TRP A 137 21.48 9.33 34.66
C TRP A 137 20.13 9.71 34.05
N SER A 138 19.43 8.70 33.53
CA SER A 138 18.05 8.87 33.08
C SER A 138 17.12 8.76 34.29
N LEU A 139 15.89 9.24 34.14
CA LEU A 139 14.88 9.07 35.19
C LEU A 139 14.60 7.58 35.42
N ASP A 140 14.27 6.88 34.34
CA ASP A 140 13.95 5.46 34.39
C ASP A 140 14.99 4.71 33.56
N PRO A 141 15.80 3.84 34.20
CA PRO A 141 15.74 3.33 35.57
C PRO A 141 16.59 4.04 36.63
N ASP A 142 17.54 4.86 36.22
CA ASP A 142 18.63 5.29 37.12
C ASP A 142 18.17 6.06 38.35
N LEU A 143 17.49 7.18 38.15
CA LEU A 143 17.08 8.02 39.28
C LEU A 143 15.92 7.40 40.06
N THR A 144 15.05 6.68 39.35
CA THR A 144 13.98 5.90 40.00
C THR A 144 14.59 4.93 41.03
N ASN A 145 15.66 4.23 40.62
CA ASN A 145 16.33 3.26 41.49
C ASN A 145 17.00 3.89 42.69
N ILE A 146 17.68 5.02 42.46
CA ILE A 146 18.30 5.76 43.55
C ILE A 146 17.25 6.22 44.58
N LEU A 147 16.16 6.81 44.11
CA LEU A 147 15.12 7.27 45.05
C LEU A 147 14.45 6.13 45.78
N ALA A 148 14.39 4.97 45.13
CA ALA A 148 13.75 3.79 45.68
C ALA A 148 14.58 3.17 46.80
N SER A 149 15.91 3.16 46.64
CA SER A 149 16.72 2.32 47.51
C SER A 149 17.91 2.99 48.18
N SER A 150 18.33 4.15 47.69
CA SER A 150 19.39 4.87 48.37
C SER A 150 18.86 5.41 49.68
N ARG A 151 19.65 5.22 50.74
CA ARG A 151 19.36 5.80 52.05
C ARG A 151 20.44 6.83 52.43
N SER A 152 21.20 7.30 51.45
CA SER A 152 22.13 8.40 51.67
C SER A 152 21.39 9.70 51.46
N TYR A 153 21.33 10.53 52.49
CA TYR A 153 20.63 11.80 52.38
C TYR A 153 21.15 12.61 51.18
N ALA A 154 22.48 12.70 51.08
CA ALA A 154 23.14 13.52 50.05
C ALA A 154 22.91 13.01 48.63
N MET A 155 22.92 11.69 48.48
CA MET A 155 22.71 11.08 47.18
C MET A 155 21.26 11.28 46.72
N LEU A 156 20.33 11.08 47.65
CA LEU A 156 18.90 11.28 47.38
C LEU A 156 18.65 12.73 46.95
N LEU A 157 19.33 13.66 47.61
CA LEU A 157 19.20 15.08 47.31
C LEU A 157 19.71 15.43 45.91
N PHE A 158 20.86 14.86 45.55
CA PHE A 158 21.45 15.10 44.24
C PHE A 158 20.50 14.64 43.15
N ALA A 159 19.93 13.46 43.33
CA ALA A 159 18.99 12.90 42.35
C ALA A 159 17.71 13.75 42.24
N TRP A 160 17.12 14.07 43.38
CA TRP A 160 15.90 14.90 43.45
C TRP A 160 16.09 16.28 42.83
N GLU A 161 17.15 16.96 43.24
CA GLU A 161 17.43 18.30 42.75
C GLU A 161 17.84 18.29 41.28
N GLY A 162 18.66 17.30 40.91
CA GLY A 162 19.14 17.19 39.53
C GLY A 162 17.95 17.00 38.60
N TRP A 163 17.08 16.08 38.98
CA TRP A 163 15.90 15.79 38.16
C TRP A 163 14.96 16.99 37.98
N HIS A 164 14.61 17.62 39.10
CA HIS A 164 13.69 18.76 39.08
C HIS A 164 14.28 19.91 38.27
N ASN A 165 15.57 20.15 38.43
CA ASN A 165 16.28 21.18 37.64
C ASN A 165 16.31 20.88 36.15
N ALA A 166 16.73 19.66 35.79
CA ALA A 166 16.91 19.24 34.41
C ALA A 166 15.59 19.20 33.63
N ALA A 167 14.55 18.64 34.25
CA ALA A 167 13.26 18.52 33.57
C ALA A 167 12.44 19.81 33.65
N GLY A 168 12.39 20.42 34.83
CA GLY A 168 11.48 21.53 35.11
C GLY A 168 11.83 22.83 34.42
N ILE A 169 13.07 23.28 34.62
CA ILE A 169 13.53 24.58 34.13
C ILE A 169 13.27 24.86 32.63
N PRO A 170 13.71 23.96 31.72
CA PRO A 170 13.47 24.26 30.31
C PRO A 170 12.00 24.16 29.88
N LEU A 171 11.17 23.47 30.65
CA LEU A 171 9.75 23.34 30.29
C LEU A 171 8.92 24.61 30.48
N LYS A 172 9.34 25.49 31.38
CA LYS A 172 8.50 26.62 31.78
C LYS A 172 7.98 27.54 30.64
N PRO A 173 8.87 28.07 29.77
CA PRO A 173 8.36 28.92 28.68
C PRO A 173 7.36 28.20 27.78
N LEU A 174 7.60 26.93 27.48
CA LEU A 174 6.73 26.17 26.60
C LEU A 174 5.37 25.95 27.27
N TYR A 175 5.41 25.64 28.57
CA TYR A 175 4.19 25.38 29.30
C TYR A 175 3.26 26.61 29.37
N GLU A 176 3.85 27.79 29.53
CA GLU A 176 3.07 29.05 29.49
C GLU A 176 2.36 29.20 28.13
N ASP A 177 3.12 28.99 27.06
CA ASP A 177 2.58 29.09 25.71
C ASP A 177 1.48 28.06 25.46
N PHE A 178 1.70 26.83 25.93
CA PHE A 178 0.69 25.78 25.81
C PHE A 178 -0.61 26.15 26.52
N THR A 179 -0.51 26.57 27.78
CA THR A 179 -1.70 26.97 28.57
C THR A 179 -2.56 28.00 27.83
N ALA A 180 -1.92 29.04 27.30
CA ALA A 180 -2.62 30.10 26.57
C ALA A 180 -3.38 29.56 25.35
N LEU A 181 -2.70 28.73 24.56
CA LEU A 181 -3.27 28.16 23.33
C LEU A 181 -4.40 27.19 23.62
N SER A 182 -4.18 26.35 24.62
CA SER A 182 -5.18 25.40 25.08
C SER A 182 -6.46 26.15 25.51
N ASN A 183 -6.30 27.18 26.32
CA ASN A 183 -7.44 28.00 26.73
C ASN A 183 -8.17 28.65 25.55
N GLU A 184 -7.41 29.23 24.63
CA GLU A 184 -8.01 29.86 23.45
C GLU A 184 -8.83 28.85 22.66
N ALA A 185 -8.29 27.63 22.52
CA ALA A 185 -8.97 26.55 21.82
C ALA A 185 -10.32 26.18 22.43
N TYR A 186 -10.33 25.95 23.75
CA TYR A 186 -11.53 25.46 24.44
C TYR A 186 -12.57 26.51 24.75
N LYS A 187 -12.15 27.77 24.84
CA LYS A 187 -13.09 28.88 24.98
C LYS A 187 -14.09 28.87 23.82
N GLN A 188 -13.61 28.53 22.63
CA GLN A 188 -14.46 28.45 21.44
C GLN A 188 -15.49 27.31 21.52
N ASP A 189 -15.24 26.33 22.39
CA ASP A 189 -16.19 25.24 22.62
C ASP A 189 -17.19 25.58 23.72
N GLY A 190 -17.06 26.77 24.31
CA GLY A 190 -17.99 27.26 25.33
C GLY A 190 -17.53 27.13 26.76
N PHE A 191 -16.28 26.71 26.96
CA PHE A 191 -15.71 26.50 28.30
C PHE A 191 -14.89 27.71 28.74
N THR A 192 -14.98 28.05 30.03
CA THR A 192 -14.28 29.24 30.56
C THR A 192 -12.75 29.11 30.49
N ASP A 193 -12.27 27.87 30.61
CA ASP A 193 -10.87 27.53 30.43
C ASP A 193 -10.74 26.00 30.23
N THR A 194 -9.54 25.53 29.92
CA THR A 194 -9.30 24.09 29.71
C THR A 194 -9.67 23.22 30.92
N GLY A 195 -9.39 23.72 32.12
CA GLY A 195 -9.74 22.99 33.33
C GLY A 195 -11.24 22.70 33.38
N ALA A 196 -12.05 23.71 33.04
CA ALA A 196 -13.51 23.54 32.99
C ALA A 196 -13.89 22.42 32.02
N TYR A 197 -13.20 22.35 30.89
CA TYR A 197 -13.43 21.29 29.93
C TYR A 197 -13.08 19.92 30.52
N TRP A 198 -11.89 19.80 31.09
CA TRP A 198 -11.49 18.55 31.77
C TRP A 198 -12.50 18.09 32.83
N ARG A 199 -12.91 19.02 33.70
CA ARG A 199 -13.88 18.71 34.77
C ARG A 199 -15.25 18.30 34.23
N SER A 200 -15.61 18.78 33.04
CA SER A 200 -16.92 18.47 32.43
C SER A 200 -17.13 16.98 32.14
N TRP A 201 -16.02 16.24 32.00
CA TRP A 201 -16.05 14.79 31.79
C TRP A 201 -16.74 14.01 32.92
N TYR A 202 -16.83 14.62 34.10
CA TYR A 202 -17.46 13.92 35.22
C TYR A 202 -18.95 14.22 35.35
N ASN A 203 -19.42 15.18 34.54
CA ASN A 203 -20.83 15.55 34.50
C ASN A 203 -21.49 15.61 35.88
N SER A 204 -20.94 16.49 36.73
CA SER A 204 -21.42 16.72 38.09
C SER A 204 -21.28 18.19 38.43
N PRO A 205 -22.41 18.89 38.57
CA PRO A 205 -22.42 20.31 38.90
C PRO A 205 -21.72 20.57 40.23
N THR A 206 -21.47 19.51 41.00
CA THR A 206 -20.87 19.66 42.32
C THR A 206 -19.52 18.93 42.48
N PHE A 207 -18.88 18.64 41.35
CA PHE A 207 -17.64 17.84 41.30
C PHE A 207 -16.62 18.27 42.36
N GLU A 208 -16.27 19.55 42.38
CA GLU A 208 -15.19 20.03 43.24
C GLU A 208 -15.54 19.94 44.72
N ASP A 209 -16.78 20.26 45.06
CA ASP A 209 -17.27 20.07 46.43
C ASP A 209 -17.22 18.62 46.85
N ASP A 210 -17.64 17.74 45.95
CA ASP A 210 -17.68 16.31 46.21
C ASP A 210 -16.28 15.75 46.49
N LEU A 211 -15.29 16.17 45.71
CA LEU A 211 -13.89 15.75 45.94
C LEU A 211 -13.38 16.30 47.28
N GLU A 212 -13.75 17.53 47.59
CA GLU A 212 -13.36 18.17 48.85
C GLU A 212 -13.89 17.37 50.05
N HIS A 213 -15.16 16.98 49.96
CA HIS A 213 -15.80 16.21 51.02
C HIS A 213 -15.11 14.85 51.18
N LEU A 214 -14.87 14.18 50.06
CA LEU A 214 -14.07 12.95 50.06
C LEU A 214 -12.74 13.14 50.78
N TYR A 215 -11.95 14.12 50.35
CA TYR A 215 -10.65 14.34 50.99
C TYR A 215 -10.75 14.56 52.50
N GLN A 216 -11.75 15.32 52.94
CA GLN A 216 -11.96 15.58 54.36
C GLN A 216 -12.05 14.29 55.17
N GLN A 217 -12.72 13.28 54.60
CA GLN A 217 -12.84 11.98 55.25
C GLN A 217 -11.54 11.17 55.23
N LEU A 218 -10.72 11.39 54.20
CA LEU A 218 -9.50 10.62 54.00
C LEU A 218 -8.32 11.22 54.75
N GLU A 219 -8.35 12.54 54.95
CA GLU A 219 -7.21 13.25 55.53
C GLU A 219 -6.66 12.66 56.84
N PRO A 220 -7.54 12.31 57.81
CA PRO A 220 -6.99 11.78 59.08
C PRO A 220 -6.11 10.53 58.89
N LEU A 221 -6.48 9.66 57.95
CA LEU A 221 -5.65 8.51 57.61
C LEU A 221 -4.29 8.96 57.07
N TYR A 222 -4.29 9.92 56.16
CA TYR A 222 -3.03 10.47 55.68
C TYR A 222 -2.16 11.06 56.79
N LEU A 223 -2.76 11.91 57.63
CA LEU A 223 -2.03 12.56 58.73
C LEU A 223 -1.37 11.55 59.67
N ASN A 224 -2.07 10.47 59.99
CA ASN A 224 -1.49 9.42 60.83
C ASN A 224 -0.33 8.65 60.19
N LEU A 225 -0.48 8.30 58.91
CA LEU A 225 0.58 7.63 58.17
C LEU A 225 1.81 8.53 58.11
N HIS A 226 1.57 9.81 57.80
CA HIS A 226 2.60 10.83 57.64
C HIS A 226 3.39 10.97 58.95
N ALA A 227 2.70 11.11 60.07
CA ALA A 227 3.35 11.26 61.39
C ALA A 227 4.22 10.06 61.72
N PHE A 228 3.68 8.87 61.45
CA PHE A 228 4.37 7.61 61.70
C PHE A 228 5.66 7.48 60.88
N VAL A 229 5.57 7.78 59.59
CA VAL A 229 6.74 7.71 58.70
C VAL A 229 7.79 8.74 59.08
N ARG A 230 7.35 9.96 59.39
CA ARG A 230 8.23 11.05 59.81
C ARG A 230 9.05 10.65 61.06
N ARG A 231 8.40 9.95 61.99
CA ARG A 231 9.09 9.42 63.16
C ARG A 231 10.25 8.48 62.80
N ALA A 232 9.99 7.53 61.90
CA ALA A 232 11.02 6.60 61.45
C ALA A 232 12.15 7.38 60.77
N LEU A 233 11.78 8.33 59.90
CA LEU A 233 12.76 9.14 59.19
C LEU A 233 13.63 9.94 60.18
N HIS A 234 13.00 10.43 61.26
CA HIS A 234 13.72 11.12 62.33
C HIS A 234 14.78 10.23 62.99
N ARG A 235 14.42 8.98 63.25
CA ARG A 235 15.33 7.99 63.83
C ARG A 235 16.51 7.70 62.92
N ARG A 236 16.24 7.62 61.61
CA ARG A 236 17.24 7.33 60.60
C ARG A 236 18.16 8.51 60.35
N TYR A 237 17.59 9.70 60.13
CA TYR A 237 18.36 10.84 59.64
C TYR A 237 18.69 11.89 60.69
N GLY A 238 18.08 11.78 61.88
CA GLY A 238 18.36 12.69 62.98
C GLY A 238 17.55 13.98 62.97
N ASP A 239 17.69 14.75 64.03
CA ASP A 239 16.93 15.98 64.24
C ASP A 239 17.34 17.14 63.33
N ARG A 240 18.54 17.04 62.77
CA ARG A 240 19.04 18.08 61.87
C ARG A 240 18.23 18.12 60.56
N TYR A 241 17.81 16.95 60.08
CA TYR A 241 17.17 16.83 58.77
C TYR A 241 15.67 16.55 58.85
N ILE A 242 15.19 16.16 60.02
CA ILE A 242 13.77 15.87 60.21
C ILE A 242 13.21 16.70 61.36
N ASN A 243 12.13 17.43 61.06
CA ASN A 243 11.42 18.21 62.06
C ASN A 243 10.14 17.46 62.41
N LEU A 244 10.02 17.02 63.66
CA LEU A 244 8.87 16.20 64.08
C LEU A 244 7.56 16.97 64.07
N ARG A 245 7.62 18.30 63.93
CA ARG A 245 6.44 19.13 63.78
C ARG A 245 6.40 19.91 62.47
N GLY A 246 7.24 19.50 61.51
CA GLY A 246 7.36 20.18 60.23
C GLY A 246 7.14 19.26 59.03
N PRO A 247 7.11 19.82 57.80
CA PRO A 247 6.91 18.96 56.63
C PRO A 247 8.10 18.03 56.45
N ILE A 248 7.88 16.88 55.81
CA ILE A 248 8.95 15.93 55.49
C ILE A 248 9.73 16.39 54.26
N PRO A 249 11.09 16.36 54.30
CA PRO A 249 11.86 16.64 53.07
C PRO A 249 11.42 15.76 51.89
N ALA A 250 11.15 16.38 50.73
CA ALA A 250 10.44 15.69 49.62
C ALA A 250 11.16 14.52 48.95
N HIS A 251 12.44 14.32 49.25
CA HIS A 251 13.26 13.31 48.57
C HIS A 251 13.42 12.02 49.38
N LEU A 252 12.74 11.91 50.52
CA LEU A 252 13.02 10.82 51.47
C LEU A 252 11.97 9.72 51.52
N LEU A 253 11.02 9.73 50.59
CA LEU A 253 9.85 8.86 50.68
C LEU A 253 9.83 7.72 49.65
N GLY A 254 10.96 7.50 48.99
CA GLY A 254 11.15 6.35 48.11
C GLY A 254 10.82 6.58 46.65
N ASP A 255 10.35 7.79 46.35
CA ASP A 255 9.74 8.12 45.07
C ASP A 255 10.06 9.58 44.68
N MET A 256 10.39 9.80 43.41
CA MET A 256 10.74 11.15 42.93
C MET A 256 9.70 12.24 43.31
N TRP A 257 8.41 11.87 43.36
CA TRP A 257 7.32 12.83 43.64
C TRP A 257 6.70 12.64 45.02
N ALA A 258 7.31 11.75 45.81
CA ALA A 258 6.80 11.37 47.12
C ALA A 258 5.33 10.98 47.02
N GLN A 259 4.94 10.40 45.89
CA GLN A 259 3.54 10.12 45.62
C GLN A 259 3.09 8.76 46.13
N SER A 260 4.06 7.88 46.33
CA SER A 260 3.80 6.58 46.92
C SER A 260 5.03 6.21 47.70
N TRP A 261 4.81 5.64 48.88
CA TRP A 261 5.91 5.45 49.83
C TRP A 261 6.31 4.00 50.06
N GLU A 262 5.84 3.10 49.19
CA GLU A 262 6.12 1.66 49.38
C GLU A 262 7.61 1.32 49.38
N ASN A 263 8.45 2.13 48.72
CA ASN A 263 9.88 1.85 48.68
C ASN A 263 10.63 2.06 50.00
N ILE A 264 9.97 2.69 50.98
CA ILE A 264 10.54 2.81 52.32
C ILE A 264 9.88 1.82 53.30
N TYR A 265 9.13 0.86 52.79
CA TYR A 265 8.54 -0.20 53.64
C TYR A 265 9.55 -0.86 54.56
N ASP A 266 10.71 -1.27 54.00
CA ASP A 266 11.74 -1.96 54.78
C ASP A 266 12.27 -1.15 55.96
N MET A 267 12.05 0.17 55.91
CA MET A 267 12.38 1.08 57.00
C MET A 267 11.34 1.13 58.10
N VAL A 268 10.09 0.80 57.79
CA VAL A 268 8.98 1.03 58.73
C VAL A 268 8.19 -0.24 59.05
N VAL A 269 8.59 -1.37 58.49
CA VAL A 269 7.90 -2.65 58.66
C VAL A 269 7.85 -3.01 60.14
N PRO A 270 6.65 -2.95 60.75
CA PRO A 270 6.47 -3.05 62.21
C PRO A 270 6.93 -4.38 62.81
N PHE A 271 6.77 -5.46 62.05
CA PHE A 271 7.14 -6.78 62.51
C PHE A 271 8.03 -7.49 61.48
N PRO A 272 9.34 -7.16 61.48
CA PRO A 272 10.34 -7.67 60.51
C PRO A 272 10.56 -9.19 60.53
N ASP A 273 10.32 -9.84 61.67
CA ASP A 273 10.46 -11.29 61.78
C ASP A 273 9.45 -12.06 60.95
N LYS A 274 8.40 -11.35 60.51
CA LYS A 274 7.37 -11.93 59.66
C LYS A 274 7.86 -12.05 58.21
N PRO A 275 7.19 -12.86 57.38
CA PRO A 275 7.64 -13.00 55.98
C PRO A 275 7.68 -11.66 55.24
N ASN A 276 8.75 -11.46 54.47
CA ASN A 276 8.99 -10.23 53.72
C ASN A 276 7.96 -10.05 52.61
N LEU A 277 7.11 -9.04 52.78
CA LEU A 277 6.03 -8.79 51.82
C LEU A 277 6.51 -8.18 50.51
N ASP A 278 7.75 -7.69 50.50
CA ASP A 278 8.36 -7.27 49.25
C ASP A 278 8.96 -8.47 48.56
N VAL A 279 8.27 -8.94 47.52
CA VAL A 279 8.61 -10.17 46.83
C VAL A 279 9.59 -9.96 45.66
N THR A 280 10.13 -8.75 45.54
CA THR A 280 11.04 -8.40 44.43
C THR A 280 12.23 -9.36 44.27
N SER A 281 12.95 -9.59 45.36
CA SER A 281 14.14 -10.47 45.31
C SER A 281 13.77 -11.91 44.91
N THR A 282 12.56 -12.33 45.24
CA THR A 282 12.03 -13.63 44.82
C THR A 282 11.75 -13.65 43.31
N MET A 283 11.16 -12.57 42.80
CA MET A 283 10.95 -12.42 41.36
C MET A 283 12.30 -12.52 40.64
N LEU A 284 13.31 -11.84 41.20
CA LEU A 284 14.65 -11.81 40.62
C LEU A 284 15.33 -13.18 40.65
N GLN A 285 15.26 -13.83 41.82
CA GLN A 285 15.82 -15.16 41.99
C GLN A 285 15.13 -16.19 41.10
N GLN A 286 13.83 -16.03 40.87
CA GLN A 286 13.08 -16.95 40.01
C GLN A 286 13.22 -16.64 38.50
N GLY A 287 13.92 -15.56 38.18
CA GLY A 287 14.21 -15.22 36.78
C GLY A 287 13.05 -14.61 36.03
N TRP A 288 12.16 -13.92 36.74
CA TRP A 288 11.06 -13.18 36.11
C TRP A 288 11.62 -12.12 35.16
N GLN A 289 11.01 -12.01 33.99
CA GLN A 289 11.31 -10.94 33.04
C GLN A 289 10.02 -10.16 32.79
N ALA A 290 10.15 -9.01 32.13
CA ALA A 290 9.00 -8.19 31.79
C ALA A 290 7.86 -9.02 31.19
N THR A 291 8.21 -9.85 30.22
CA THR A 291 7.21 -10.63 29.48
C THR A 291 6.39 -11.58 30.39
N HIS A 292 7.06 -12.16 31.39
CA HIS A 292 6.40 -13.06 32.33
C HIS A 292 5.44 -12.29 33.23
N MET A 293 5.83 -11.07 33.60
CA MET A 293 4.97 -10.21 34.39
C MET A 293 3.67 -9.94 33.63
N PHE A 294 3.79 -9.69 32.33
CA PHE A 294 2.61 -9.43 31.51
C PHE A 294 1.73 -10.67 31.32
N ARG A 295 2.36 -11.83 31.20
CA ARG A 295 1.62 -13.10 31.08
C ARG A 295 0.87 -13.42 32.36
N VAL A 296 1.53 -13.17 33.49
CA VAL A 296 0.93 -13.39 34.80
C VAL A 296 -0.27 -12.47 34.98
N ALA A 297 -0.11 -11.19 34.62
CA ALA A 297 -1.22 -10.25 34.65
C ALA A 297 -2.35 -10.71 33.74
N GLU A 298 -1.99 -11.10 32.51
CA GLU A 298 -2.97 -11.57 31.54
C GLU A 298 -3.83 -12.72 32.08
N GLU A 299 -3.19 -13.68 32.75
CA GLU A 299 -3.87 -14.86 33.22
C GLU A 299 -4.93 -14.52 34.30
N PHE A 300 -4.65 -13.51 35.12
CA PHE A 300 -5.64 -13.04 36.08
C PHE A 300 -6.90 -12.58 35.35
N PHE A 301 -6.72 -11.80 34.27
CA PHE A 301 -7.84 -11.35 33.45
C PHE A 301 -8.64 -12.51 32.88
N THR A 302 -7.94 -13.48 32.27
CA THR A 302 -8.61 -14.64 31.70
C THR A 302 -9.30 -15.51 32.77
N SER A 303 -8.71 -15.57 33.97
CA SER A 303 -9.35 -16.27 35.09
C SER A 303 -10.74 -15.69 35.42
N LEU A 304 -10.90 -14.40 35.15
CA LEU A 304 -12.19 -13.74 35.33
C LEU A 304 -13.10 -13.90 34.11
N GLU A 305 -12.62 -14.65 33.12
CA GLU A 305 -13.29 -14.80 31.83
C GLU A 305 -13.36 -13.48 31.08
N LEU A 306 -12.36 -12.64 31.30
CA LEU A 306 -12.14 -11.46 30.47
C LEU A 306 -11.16 -11.85 29.37
N SER A 307 -10.82 -10.91 28.49
CA SER A 307 -10.04 -11.23 27.28
C SER A 307 -8.54 -11.36 27.50
N PRO A 308 -7.93 -12.37 26.85
CA PRO A 308 -6.46 -12.41 26.78
C PRO A 308 -5.99 -11.29 25.84
N MET A 309 -4.71 -10.96 25.91
CA MET A 309 -4.12 -10.01 24.97
C MET A 309 -4.02 -10.65 23.60
N PRO A 310 -4.47 -9.94 22.55
CA PRO A 310 -4.35 -10.47 21.18
C PRO A 310 -2.89 -10.52 20.70
N PRO A 311 -2.60 -11.29 19.64
CA PRO A 311 -1.24 -11.38 19.10
C PRO A 311 -0.65 -10.01 18.74
N GLU A 312 -1.50 -9.10 18.27
CA GLU A 312 -1.07 -7.74 17.89
C GLU A 312 -0.48 -7.00 19.07
N PHE A 313 -0.97 -7.28 20.26
CA PHE A 313 -0.43 -6.71 21.48
C PHE A 313 0.98 -7.20 21.76
N TRP A 314 1.20 -8.51 21.69
CA TRP A 314 2.53 -9.08 21.95
C TRP A 314 3.51 -8.70 20.84
N GLU A 315 3.03 -8.67 19.60
CA GLU A 315 3.92 -8.36 18.49
C GLU A 315 4.30 -6.87 18.43
N GLY A 316 3.35 -6.00 18.81
CA GLY A 316 3.53 -4.55 18.67
C GLY A 316 4.04 -3.79 19.89
N SER A 317 3.82 -4.32 21.08
CA SER A 317 4.10 -3.57 22.32
C SER A 317 5.58 -3.38 22.58
N MET A 318 5.91 -2.34 23.35
CA MET A 318 7.26 -2.12 23.85
C MET A 318 7.27 -2.35 25.36
N LEU A 319 7.69 -3.55 25.75
CA LEU A 319 7.58 -4.01 27.15
C LEU A 319 8.87 -3.84 27.95
N GLU A 320 9.93 -3.38 27.30
CA GLU A 320 11.20 -3.13 27.97
C GLU A 320 11.82 -1.89 27.37
N LYS A 321 12.69 -1.23 28.12
CA LYS A 321 13.50 -0.13 27.58
C LYS A 321 14.42 -0.66 26.48
N PRO A 322 14.40 -0.06 25.28
CA PRO A 322 15.25 -0.56 24.18
C PRO A 322 16.74 -0.52 24.52
N ALA A 323 17.44 -1.61 24.21
CA ALA A 323 18.88 -1.75 24.50
C ALA A 323 19.74 -1.08 23.43
N ASP A 324 19.11 -0.58 22.37
CA ASP A 324 19.81 0.04 21.23
C ASP A 324 20.12 1.53 21.43
N GLY A 325 19.84 2.04 22.63
CA GLY A 325 20.10 3.46 22.93
C GLY A 325 19.11 4.47 22.38
N ARG A 326 18.15 4.03 21.56
CA ARG A 326 16.98 4.85 21.18
C ARG A 326 16.46 5.65 22.38
N GLU A 327 16.06 6.90 22.14
CA GLU A 327 15.34 7.68 23.14
C GLU A 327 13.85 7.31 23.07
N VAL A 328 13.27 6.98 24.21
CA VAL A 328 11.83 6.65 24.32
C VAL A 328 11.14 7.41 25.48
N VAL A 329 9.82 7.49 25.42
CA VAL A 329 9.00 7.91 26.56
C VAL A 329 8.87 6.64 27.42
N CYS A 330 9.61 6.59 28.52
CA CYS A 330 9.56 5.42 29.41
C CYS A 330 8.30 5.32 30.26
N HIS A 331 7.63 6.46 30.51
CA HIS A 331 6.47 6.46 31.40
C HIS A 331 5.36 5.52 30.90
N ALA A 332 4.96 4.57 31.74
CA ALA A 332 4.06 3.49 31.31
C ALA A 332 2.75 4.01 30.73
N SER A 333 2.35 3.48 29.58
CA SER A 333 1.06 3.84 29.01
C SER A 333 0.45 2.72 28.16
N ALA A 334 -0.88 2.80 28.03
CA ALA A 334 -1.70 1.82 27.33
C ALA A 334 -2.36 2.50 26.16
N TRP A 335 -2.33 1.84 25.01
CA TRP A 335 -2.68 2.47 23.75
C TRP A 335 -3.80 1.79 23.01
N ASP A 336 -4.80 2.58 22.64
CA ASP A 336 -5.87 2.16 21.74
C ASP A 336 -5.67 2.83 20.39
N PHE A 337 -5.53 2.03 19.34
CA PHE A 337 -5.27 2.55 17.99
C PHE A 337 -6.53 2.85 17.17
N TYR A 338 -7.70 2.60 17.75
CA TYR A 338 -9.02 2.86 17.14
C TYR A 338 -9.35 2.10 15.85
N ASN A 339 -8.67 0.98 15.63
CA ASN A 339 -8.97 0.13 14.48
C ASN A 339 -9.52 -1.25 14.89
N ARG A 340 -9.82 -1.40 16.19
CA ARG A 340 -10.33 -2.66 16.79
C ARG A 340 -9.36 -3.86 16.70
N LYS A 341 -8.12 -3.63 16.31
CA LYS A 341 -7.12 -4.70 16.14
C LYS A 341 -5.83 -4.46 16.94
N ASP A 342 -5.33 -3.23 16.90
CA ASP A 342 -4.07 -2.87 17.54
C ASP A 342 -4.24 -2.21 18.91
N PHE A 343 -3.69 -2.86 19.92
CA PHE A 343 -3.72 -2.39 21.30
C PHE A 343 -2.33 -2.68 21.85
N ARG A 344 -1.73 -1.68 22.51
CA ARG A 344 -0.35 -1.84 22.95
C ARG A 344 -0.07 -1.20 24.28
N ILE A 345 0.92 -1.78 24.98
CA ILE A 345 1.50 -1.14 26.15
C ILE A 345 2.92 -0.68 25.83
N LYS A 346 3.28 0.50 26.32
CA LYS A 346 4.62 1.03 26.19
C LYS A 346 5.14 1.30 27.60
N GLN A 347 5.95 0.37 28.11
CA GLN A 347 6.48 0.46 29.48
C GLN A 347 7.94 0.05 29.51
N CYS A 348 8.77 0.85 30.20
CA CYS A 348 10.15 0.47 30.46
C CYS A 348 10.18 -0.41 31.71
N THR A 349 9.58 -1.60 31.58
CA THR A 349 9.35 -2.50 32.71
C THR A 349 10.62 -2.91 33.43
N ARG A 350 10.60 -2.77 34.76
CA ARG A 350 11.65 -3.27 35.63
C ARG A 350 11.09 -4.42 36.44
N VAL A 351 11.94 -5.37 36.84
CA VAL A 351 11.48 -6.53 37.61
C VAL A 351 11.43 -6.20 39.09
N THR A 352 10.32 -5.58 39.52
CA THR A 352 10.03 -5.30 40.94
C THR A 352 8.56 -5.61 41.23
N MET A 353 8.22 -5.69 42.51
CA MET A 353 6.83 -5.89 42.91
C MET A 353 5.95 -4.72 42.48
N ASP A 354 6.37 -3.49 42.76
CA ASP A 354 5.54 -2.34 42.37
C ASP A 354 5.37 -2.22 40.84
N GLN A 355 6.38 -2.61 40.08
CA GLN A 355 6.24 -2.70 38.62
C GLN A 355 5.21 -3.74 38.19
N LEU A 356 5.09 -4.82 38.96
CA LEU A 356 4.10 -5.85 38.68
C LEU A 356 2.69 -5.26 38.81
N SER A 357 2.48 -4.42 39.83
CA SER A 357 1.22 -3.70 39.98
C SER A 357 0.96 -2.77 38.80
N THR A 358 1.99 -2.08 38.33
CA THR A 358 1.87 -1.18 37.18
C THR A 358 1.48 -1.94 35.93
N VAL A 359 2.06 -3.13 35.75
CA VAL A 359 1.70 -3.98 34.62
C VAL A 359 0.20 -4.26 34.64
N HIS A 360 -0.34 -4.57 35.81
CA HIS A 360 -1.79 -4.77 35.95
C HIS A 360 -2.57 -3.49 35.62
N HIS A 361 -2.08 -2.35 36.13
CA HIS A 361 -2.72 -1.05 35.87
C HIS A 361 -2.87 -0.83 34.39
N GLU A 362 -1.75 -0.94 33.67
CA GLU A 362 -1.74 -0.73 32.22
C GLU A 362 -2.64 -1.73 31.49
N MET A 363 -2.55 -3.00 31.86
CA MET A 363 -3.40 -4.03 31.25
C MET A 363 -4.89 -3.84 31.51
N GLY A 364 -5.24 -3.21 32.63
CA GLY A 364 -6.63 -2.78 32.89
C GLY A 364 -7.14 -1.86 31.80
N HIS A 365 -6.31 -0.90 31.40
CA HIS A 365 -6.62 -0.01 30.29
C HIS A 365 -6.85 -0.81 29.01
N ILE A 366 -5.91 -1.71 28.68
CA ILE A 366 -6.04 -2.54 27.47
C ILE A 366 -7.36 -3.31 27.52
N GLN A 367 -7.63 -3.95 28.66
CA GLN A 367 -8.85 -4.76 28.78
C GLN A 367 -10.13 -3.93 28.49
N TYR A 368 -10.19 -2.71 28.99
CA TYR A 368 -11.27 -1.77 28.65
C TYR A 368 -11.37 -1.60 27.13
N TYR A 369 -10.23 -1.32 26.49
CA TYR A 369 -10.17 -1.16 25.04
C TYR A 369 -10.74 -2.36 24.33
N LEU A 370 -10.37 -3.56 24.78
CA LEU A 370 -10.79 -4.81 24.15
C LEU A 370 -12.30 -5.00 24.29
N GLN A 371 -12.84 -4.59 25.43
CA GLN A 371 -14.26 -4.81 25.71
C GLN A 371 -15.19 -3.83 24.99
N TYR A 372 -14.72 -2.61 24.72
CA TYR A 372 -15.59 -1.62 24.08
C TYR A 372 -15.21 -1.26 22.65
N LYS A 373 -14.37 -2.08 22.03
CA LYS A 373 -13.86 -1.87 20.66
C LYS A 373 -14.96 -1.82 19.60
N ASP A 374 -16.12 -2.40 19.90
CA ASP A 374 -17.20 -2.41 18.93
C ASP A 374 -18.19 -1.26 19.08
N LEU A 375 -18.00 -0.45 20.12
CA LEU A 375 -18.78 0.79 20.25
C LEU A 375 -18.31 1.82 19.22
N PRO A 376 -19.20 2.78 18.86
CA PRO A 376 -18.72 3.84 17.98
C PRO A 376 -17.52 4.53 18.64
N VAL A 377 -16.60 5.01 17.82
CA VAL A 377 -15.36 5.63 18.28
C VAL A 377 -15.54 6.62 19.44
N SER A 378 -16.56 7.48 19.35
CA SER A 378 -16.81 8.50 20.36
C SER A 378 -17.09 7.92 21.75
N LEU A 379 -17.53 6.67 21.80
CA LEU A 379 -17.91 6.02 23.06
C LEU A 379 -16.84 5.07 23.59
N ARG A 380 -15.69 5.06 22.90
CA ARG A 380 -14.56 4.26 23.37
C ARG A 380 -13.74 5.05 24.39
N ARG A 381 -14.34 5.22 25.58
CA ARG A 381 -13.73 5.86 26.74
C ARG A 381 -14.27 5.16 27.98
N GLY A 382 -13.69 5.44 29.15
CA GLY A 382 -14.21 4.87 30.39
C GLY A 382 -15.51 5.58 30.75
N ALA A 383 -16.29 5.03 31.68
CA ALA A 383 -17.53 5.71 32.06
C ALA A 383 -17.22 7.13 32.53
N ASN A 384 -16.09 7.28 33.22
CA ASN A 384 -15.38 8.56 33.35
C ASN A 384 -13.88 8.24 33.43
N PRO A 385 -13.00 9.26 33.36
CA PRO A 385 -11.59 8.86 33.30
C PRO A 385 -11.08 8.09 34.53
N GLY A 386 -11.71 8.29 35.69
CA GLY A 386 -11.35 7.55 36.92
C GLY A 386 -11.67 6.08 36.83
N PHE A 387 -12.74 5.73 36.12
CA PHE A 387 -13.06 4.35 35.82
C PHE A 387 -11.91 3.66 35.10
N HIS A 388 -11.33 4.35 34.11
CA HIS A 388 -10.29 3.75 33.28
C HIS A 388 -9.06 3.48 34.12
N GLU A 389 -8.74 4.40 35.04
CA GLU A 389 -7.60 4.26 35.94
C GLU A 389 -7.77 3.21 37.04
N ALA A 390 -9.02 2.89 37.38
CA ALA A 390 -9.31 1.96 38.49
C ALA A 390 -9.26 0.47 38.09
N ILE A 391 -9.48 0.14 36.82
CA ILE A 391 -9.65 -1.26 36.39
C ILE A 391 -8.49 -2.19 36.80
N GLY A 392 -7.28 -1.85 36.40
CA GLY A 392 -6.13 -2.73 36.65
C GLY A 392 -5.76 -2.76 38.11
N ASP A 393 -5.95 -1.61 38.78
CA ASP A 393 -5.66 -1.46 40.19
C ASP A 393 -6.52 -2.39 41.03
N VAL A 394 -7.77 -2.59 40.63
CA VAL A 394 -8.68 -3.50 41.35
C VAL A 394 -8.13 -4.93 41.35
N LEU A 395 -7.74 -5.42 40.18
CA LEU A 395 -7.11 -6.74 40.08
C LEU A 395 -5.84 -6.81 40.93
N ALA A 396 -5.05 -5.73 40.91
CA ALA A 396 -3.80 -5.64 41.67
C ALA A 396 -3.99 -5.71 43.18
N LEU A 397 -5.14 -5.25 43.66
CA LEU A 397 -5.49 -5.40 45.07
C LEU A 397 -5.57 -6.89 45.45
N SER A 398 -6.22 -7.71 44.63
CA SER A 398 -6.23 -9.16 44.86
C SER A 398 -4.83 -9.78 44.76
N VAL A 399 -4.05 -9.36 43.75
CA VAL A 399 -2.70 -9.90 43.51
C VAL A 399 -1.75 -9.66 44.70
N SER A 400 -1.87 -8.49 45.33
CA SER A 400 -1.01 -8.09 46.45
C SER A 400 -1.18 -8.88 47.74
N THR A 401 -2.37 -9.43 47.95
CA THR A 401 -2.66 -10.20 49.17
C THR A 401 -1.65 -11.34 49.32
N PRO A 402 -1.10 -11.50 50.54
CA PRO A 402 -0.17 -12.60 50.83
C PRO A 402 -0.67 -13.95 50.33
N GLU A 403 -1.97 -14.20 50.44
CA GLU A 403 -2.55 -15.45 49.98
C GLU A 403 -2.44 -15.63 48.46
N HIS A 404 -2.66 -14.55 47.70
CA HIS A 404 -2.53 -14.67 46.25
C HIS A 404 -1.07 -14.82 45.86
N LEU A 405 -0.19 -14.07 46.53
CA LEU A 405 1.25 -14.14 46.28
C LEU A 405 1.76 -15.58 46.50
N HIS A 406 1.22 -16.23 47.53
CA HIS A 406 1.52 -17.63 47.81
C HIS A 406 1.04 -18.52 46.68
N LYS A 407 -0.21 -18.32 46.25
CA LYS A 407 -0.77 -19.05 45.11
C LYS A 407 0.10 -18.97 43.86
N ILE A 408 0.76 -17.83 43.65
CA ILE A 408 1.59 -17.64 42.46
C ILE A 408 3.09 -17.80 42.74
N GLY A 409 3.40 -18.37 43.89
CA GLY A 409 4.76 -18.85 44.16
C GLY A 409 5.75 -17.78 44.55
N LEU A 410 5.25 -16.61 44.93
CA LEU A 410 6.10 -15.51 45.34
C LEU A 410 6.19 -15.30 46.86
N LEU A 411 5.54 -16.16 47.64
CA LEU A 411 5.54 -16.05 49.11
C LEU A 411 5.16 -17.34 49.83
N ASP A 412 5.88 -17.64 50.91
CA ASP A 412 5.56 -18.79 51.79
C ASP A 412 4.45 -18.44 52.80
N ARG A 413 3.46 -19.32 52.90
CA ARG A 413 2.21 -19.05 53.63
C ARG A 413 2.43 -18.29 54.93
N VAL A 414 1.83 -17.10 55.02
CA VAL A 414 1.98 -16.23 56.19
C VAL A 414 1.10 -16.72 57.32
N THR A 415 1.53 -16.51 58.56
CA THR A 415 0.68 -16.82 59.68
C THR A 415 -0.44 -15.80 59.67
N ASN A 416 -1.64 -16.23 59.29
CA ASN A 416 -2.81 -15.38 59.32
C ASN A 416 -3.10 -14.95 60.76
N ASP A 417 -2.39 -13.90 61.19
CA ASP A 417 -2.56 -13.34 62.52
C ASP A 417 -2.56 -11.80 62.45
N THR A 418 -2.83 -11.17 63.59
CA THR A 418 -3.03 -9.73 63.65
C THR A 418 -1.80 -8.92 63.19
N GLU A 419 -0.61 -9.47 63.44
CA GLU A 419 0.63 -8.78 63.09
C GLU A 419 0.98 -8.89 61.60
N SER A 420 0.64 -10.01 60.97
CA SER A 420 0.76 -10.13 59.51
C SER A 420 -0.18 -9.15 58.80
N ASP A 421 -1.41 -9.06 59.32
CA ASP A 421 -2.39 -8.07 58.87
C ASP A 421 -1.88 -6.64 58.89
N ILE A 422 -1.27 -6.24 60.01
CA ILE A 422 -0.76 -4.88 60.18
C ILE A 422 0.36 -4.60 59.19
N ASN A 423 1.30 -5.53 59.06
CA ASN A 423 2.36 -5.43 58.06
C ASN A 423 1.78 -5.15 56.67
N TYR A 424 0.87 -6.01 56.23
CA TYR A 424 0.26 -5.90 54.90
C TYR A 424 -0.51 -4.60 54.68
N LEU A 425 -1.37 -4.25 55.63
CA LEU A 425 -2.15 -3.03 55.51
C LEU A 425 -1.27 -1.77 55.56
N LEU A 426 -0.16 -1.84 56.28
CA LEU A 426 0.82 -0.75 56.27
C LEU A 426 1.48 -0.63 54.90
N LYS A 427 1.87 -1.76 54.32
CA LYS A 427 2.52 -1.75 53.02
C LYS A 427 1.53 -1.15 52.00
N MET A 428 0.26 -1.53 52.13
CA MET A 428 -0.77 -1.02 51.22
C MET A 428 -1.07 0.45 51.47
N ALA A 429 -0.97 0.89 52.73
CA ALA A 429 -1.19 2.29 53.08
C ALA A 429 -0.10 3.17 52.45
N LEU A 430 1.14 2.71 52.50
CA LEU A 430 2.24 3.47 51.90
C LEU A 430 2.01 3.70 50.40
N GLU A 431 1.35 2.73 49.76
CA GLU A 431 1.04 2.80 48.33
C GLU A 431 -0.24 3.60 48.03
N LYS A 432 -1.30 3.34 48.77
CA LYS A 432 -2.62 3.88 48.44
C LYS A 432 -2.97 5.17 49.19
N ILE A 433 -2.69 5.21 50.49
CA ILE A 433 -3.04 6.37 51.33
C ILE A 433 -2.09 7.56 51.12
N ALA A 434 -0.80 7.28 51.03
CA ALA A 434 0.21 8.29 50.73
C ALA A 434 -0.07 9.06 49.43
N PHE A 435 -0.64 8.37 48.45
CA PHE A 435 -0.95 8.96 47.14
C PHE A 435 -2.06 10.00 47.18
N LEU A 436 -3.05 9.76 48.05
CA LEU A 436 -4.28 10.56 48.07
C LEU A 436 -4.06 12.06 47.99
N PRO A 437 -3.24 12.64 48.89
CA PRO A 437 -3.06 14.09 48.76
C PRO A 437 -2.45 14.52 47.42
N PHE A 438 -1.57 13.69 46.86
CA PHE A 438 -0.90 14.03 45.60
C PHE A 438 -1.88 13.89 44.43
N GLY A 439 -2.65 12.80 44.42
CA GLY A 439 -3.71 12.61 43.41
C GLY A 439 -4.67 13.79 43.35
N TYR A 440 -4.93 14.35 44.54
CA TYR A 440 -5.86 15.45 44.71
C TYR A 440 -5.28 16.80 44.29
N LEU A 441 -4.01 17.04 44.62
CA LEU A 441 -3.43 18.38 44.46
C LEU A 441 -2.98 18.76 43.05
N VAL A 442 -2.59 17.79 42.22
CA VAL A 442 -2.02 18.11 40.90
C VAL A 442 -2.97 18.91 40.00
N ASP A 443 -4.21 18.45 39.86
CA ASP A 443 -5.18 19.19 39.05
C ASP A 443 -5.62 20.47 39.77
N GLN A 444 -5.57 20.52 41.10
CA GLN A 444 -5.81 21.81 41.77
C GLN A 444 -4.82 22.86 41.30
N TRP A 445 -3.56 22.45 41.17
CA TRP A 445 -2.54 23.34 40.64
C TRP A 445 -2.84 23.70 39.18
N ARG A 446 -3.13 22.68 38.36
CA ARG A 446 -3.41 22.91 36.93
C ARG A 446 -4.69 23.70 36.67
N TRP A 447 -5.74 23.46 37.47
CA TRP A 447 -6.98 24.22 37.33
C TRP A 447 -6.70 25.69 37.60
N GLY A 448 -5.87 25.97 38.62
CA GLY A 448 -5.48 27.34 38.95
C GLY A 448 -4.70 28.01 37.82
N VAL A 449 -3.83 27.23 37.17
CA VAL A 449 -3.06 27.74 36.03
C VAL A 449 -4.00 28.02 34.87
N PHE A 450 -4.84 27.05 34.51
CA PHE A 450 -5.80 27.26 33.41
C PHE A 450 -6.74 28.45 33.64
N SER A 451 -7.20 28.65 34.87
CA SER A 451 -8.14 29.77 35.13
C SER A 451 -7.42 31.11 35.22
N GLY A 452 -6.09 31.10 35.20
CA GLY A 452 -5.33 32.33 35.39
C GLY A 452 -5.14 32.75 36.86
N ARG A 453 -5.72 32.01 37.80
CA ARG A 453 -5.51 32.27 39.22
C ARG A 453 -4.02 32.13 39.56
N THR A 454 -3.33 31.23 38.87
CA THR A 454 -1.89 31.04 39.03
C THR A 454 -1.15 31.40 37.73
N PRO A 455 -0.63 32.64 37.63
CA PRO A 455 0.16 33.02 36.45
C PRO A 455 1.56 32.42 36.52
N PRO A 456 2.32 32.48 35.40
CA PRO A 456 3.71 31.98 35.40
C PRO A 456 4.55 32.49 36.57
N SER A 457 4.32 33.73 36.99
CA SER A 457 5.07 34.31 38.11
C SER A 457 4.84 33.58 39.43
N ARG A 458 3.82 32.73 39.49
CA ARG A 458 3.54 31.99 40.73
C ARG A 458 3.45 30.47 40.54
N TYR A 459 3.88 29.95 39.38
CA TYR A 459 3.88 28.51 39.12
C TYR A 459 4.48 27.67 40.28
N ASN A 460 5.68 28.04 40.74
CA ASN A 460 6.35 27.28 41.79
C ASN A 460 5.87 27.58 43.20
N PHE A 461 5.59 28.86 43.45
CA PHE A 461 5.03 29.31 44.73
C PHE A 461 3.75 28.53 45.00
N ASP A 462 2.85 28.49 44.02
CA ASP A 462 1.57 27.82 44.20
C ASP A 462 1.66 26.30 44.18
N TRP A 463 2.62 25.75 43.45
CA TRP A 463 2.89 24.30 43.50
C TRP A 463 3.28 23.88 44.92
N TRP A 464 4.29 24.54 45.46
CA TRP A 464 4.79 24.18 46.78
C TRP A 464 3.82 24.53 47.89
N TYR A 465 2.97 25.53 47.67
CA TYR A 465 1.87 25.79 48.60
C TYR A 465 1.01 24.52 48.71
N LEU A 466 0.61 23.98 47.56
CA LEU A 466 -0.26 22.82 47.51
C LEU A 466 0.44 21.56 48.02
N ARG A 467 1.70 21.40 47.63
CA ARG A 467 2.49 20.26 48.07
C ARG A 467 2.62 20.25 49.58
N THR A 468 2.89 21.40 50.18
CA THR A 468 2.93 21.51 51.63
C THR A 468 1.54 21.33 52.26
N LYS A 469 0.55 22.07 51.76
CA LYS A 469 -0.83 21.98 52.27
C LYS A 469 -1.35 20.54 52.38
N TYR A 470 -1.16 19.77 51.32
CA TYR A 470 -1.75 18.42 51.25
C TYR A 470 -0.80 17.30 51.65
N GLN A 471 0.39 17.27 51.06
CA GLN A 471 1.31 16.18 51.35
C GLN A 471 2.16 16.40 52.58
N GLY A 472 2.25 17.65 53.06
CA GLY A 472 3.09 17.93 54.21
C GLY A 472 4.55 17.62 53.92
N ILE A 473 4.98 18.01 52.73
CA ILE A 473 6.37 17.90 52.34
C ILE A 473 6.95 19.28 52.01
N CYS A 474 8.27 19.39 52.06
CA CYS A 474 8.97 20.63 51.74
C CYS A 474 10.17 20.31 50.83
N PRO A 475 10.52 21.21 49.90
CA PRO A 475 11.68 20.96 49.03
C PRO A 475 12.97 20.93 49.87
N PRO A 476 13.85 19.95 49.59
CA PRO A 476 15.07 19.77 50.40
C PRO A 476 16.19 20.75 50.03
N VAL A 477 16.00 21.51 48.95
CA VAL A 477 16.85 22.65 48.62
C VAL A 477 15.91 23.82 48.33
N THR A 478 16.42 25.05 48.44
CA THR A 478 15.62 26.23 48.15
C THR A 478 15.20 26.22 46.68
N ARG A 479 13.95 26.56 46.44
CA ARG A 479 13.43 26.71 45.09
C ARG A 479 12.99 28.16 44.91
N ASN A 480 12.98 28.62 43.67
CA ASN A 480 12.40 29.92 43.31
C ASN A 480 11.63 29.79 42.01
N GLU A 481 11.21 30.91 41.41
CA GLU A 481 10.39 30.85 40.19
C GLU A 481 11.14 30.57 38.88
N THR A 482 12.47 30.48 38.94
CA THR A 482 13.23 29.92 37.82
C THR A 482 12.93 28.41 37.76
N HIS A 483 12.71 27.81 38.91
CA HIS A 483 12.36 26.39 38.93
C HIS A 483 10.90 26.20 38.53
N PHE A 484 10.61 25.06 37.91
CA PHE A 484 9.26 24.73 37.52
C PHE A 484 8.99 23.28 37.92
N ASP A 485 8.78 23.08 39.22
CA ASP A 485 8.79 21.73 39.79
C ASP A 485 7.62 20.85 39.39
N ALA A 486 6.49 21.48 39.08
CA ALA A 486 5.33 20.77 38.50
C ALA A 486 5.69 20.18 37.15
N GLY A 487 6.59 20.83 36.44
CA GLY A 487 7.02 20.38 35.11
C GLY A 487 7.81 19.10 35.15
N ALA A 488 8.39 18.78 36.32
CA ALA A 488 9.20 17.56 36.51
C ALA A 488 8.37 16.28 36.83
N LYS A 489 7.06 16.40 36.76
CA LYS A 489 6.15 15.27 36.90
C LYS A 489 5.55 15.01 35.53
N PHE A 490 5.66 13.78 35.03
CA PHE A 490 5.28 13.40 33.66
C PHE A 490 4.01 14.04 33.11
N HIS A 491 2.93 13.95 33.87
CA HIS A 491 1.61 14.29 33.34
C HIS A 491 1.45 15.76 32.95
N VAL A 492 2.28 16.62 33.51
CA VAL A 492 2.18 18.06 33.24
C VAL A 492 2.70 18.40 31.82
N PRO A 493 4.01 18.13 31.51
CA PRO A 493 4.44 18.36 30.10
C PRO A 493 3.72 17.47 29.09
N ASN A 494 3.28 16.29 29.50
CA ASN A 494 2.56 15.40 28.59
C ASN A 494 1.05 15.62 28.59
N VAL A 495 0.61 16.70 29.25
CA VAL A 495 -0.78 17.14 29.19
C VAL A 495 -1.78 16.00 29.44
N THR A 496 -1.54 15.23 30.51
CA THR A 496 -2.45 14.17 30.93
C THR A 496 -3.10 14.61 32.23
N PRO A 497 -4.45 14.72 32.24
CA PRO A 497 -5.19 15.13 33.44
C PRO A 497 -4.89 14.17 34.59
N TYR A 498 -4.99 14.67 35.83
CA TYR A 498 -4.59 13.92 37.00
C TYR A 498 -5.69 13.51 37.99
N ILE A 499 -6.79 14.27 38.04
CA ILE A 499 -7.85 14.02 39.03
C ILE A 499 -8.44 12.61 38.91
N ARG A 500 -8.39 12.07 37.69
CA ARG A 500 -8.70 10.66 37.40
C ARG A 500 -8.07 9.68 38.40
N TYR A 501 -6.85 9.98 38.86
CA TYR A 501 -6.16 9.06 39.79
C TYR A 501 -6.68 9.16 41.21
N PHE A 502 -7.00 10.38 41.65
CA PHE A 502 -7.64 10.56 42.95
C PHE A 502 -8.99 9.84 42.92
N VAL A 503 -9.76 10.09 41.87
CA VAL A 503 -11.04 9.41 41.70
C VAL A 503 -10.85 7.89 41.73
N SER A 504 -9.91 7.40 40.91
CA SER A 504 -9.57 5.98 40.87
C SER A 504 -9.24 5.37 42.23
N PHE A 505 -8.46 6.09 43.03
CA PHE A 505 -7.98 5.50 44.29
C PHE A 505 -9.10 5.28 45.28
N VAL A 506 -10.14 6.12 45.19
CA VAL A 506 -11.35 5.94 46.00
C VAL A 506 -12.23 4.82 45.41
N LEU A 507 -12.58 4.98 44.13
CA LEU A 507 -13.40 4.05 43.37
C LEU A 507 -12.90 2.60 43.35
N GLN A 508 -11.59 2.38 43.27
CA GLN A 508 -11.08 1.01 43.19
C GLN A 508 -11.46 0.18 44.42
N PHE A 509 -11.55 0.84 45.58
CA PHE A 509 -12.03 0.16 46.80
C PHE A 509 -13.52 -0.10 46.78
N GLN A 510 -14.28 0.74 46.11
CA GLN A 510 -15.69 0.48 45.91
C GLN A 510 -15.84 -0.73 44.99
N PHE A 511 -15.06 -0.74 43.91
CA PHE A 511 -15.05 -1.87 42.99
C PHE A 511 -14.67 -3.16 43.71
N HIS A 512 -13.61 -3.09 44.50
CA HIS A 512 -13.08 -4.25 45.23
C HIS A 512 -14.15 -4.84 46.16
N GLU A 513 -14.83 -3.99 46.91
CA GLU A 513 -15.88 -4.44 47.81
C GLU A 513 -17.01 -5.12 47.05
N ALA A 514 -17.50 -4.49 45.99
CA ALA A 514 -18.61 -5.05 45.20
C ALA A 514 -18.25 -6.36 44.55
N LEU A 515 -17.03 -6.45 43.99
CA LEU A 515 -16.58 -7.67 43.33
C LEU A 515 -16.36 -8.83 44.29
N CYS A 516 -15.78 -8.52 45.45
CA CYS A 516 -15.59 -9.50 46.51
C CYS A 516 -16.93 -10.06 47.03
N LYS A 517 -17.90 -9.18 47.18
CA LYS A 517 -19.25 -9.59 47.56
C LYS A 517 -19.87 -10.45 46.46
N GLU A 518 -19.71 -10.03 45.21
CA GLU A 518 -20.22 -10.78 44.06
C GLU A 518 -19.52 -12.15 43.93
N ALA A 519 -18.28 -12.22 44.39
CA ALA A 519 -17.51 -13.45 44.32
C ALA A 519 -17.93 -14.44 45.42
N GLY A 520 -18.79 -13.98 46.33
CA GLY A 520 -19.24 -14.80 47.46
C GLY A 520 -18.23 -14.88 48.58
N TYR A 521 -17.22 -14.02 48.54
CA TYR A 521 -16.20 -13.97 49.59
C TYR A 521 -16.80 -13.35 50.86
N GLU A 522 -16.46 -13.90 52.02
CA GLU A 522 -17.11 -13.48 53.27
C GLU A 522 -16.17 -13.06 54.40
N GLY A 523 -14.87 -13.17 54.18
CA GLY A 523 -13.89 -12.73 55.17
C GLY A 523 -13.64 -11.23 55.14
N PRO A 524 -12.56 -10.78 55.82
CA PRO A 524 -12.21 -9.36 55.84
C PRO A 524 -11.82 -8.84 54.44
N LEU A 525 -12.28 -7.64 54.13
CA LEU A 525 -12.16 -7.08 52.80
C LEU A 525 -10.73 -7.13 52.24
N HIS A 526 -9.76 -6.83 53.11
CA HIS A 526 -8.37 -6.74 52.70
C HIS A 526 -7.71 -8.08 52.46
N GLN A 527 -8.43 -9.17 52.76
CA GLN A 527 -7.92 -10.51 52.51
C GLN A 527 -8.67 -11.15 51.34
N CYS A 528 -9.50 -10.36 50.67
CA CYS A 528 -10.22 -10.84 49.49
C CYS A 528 -9.28 -11.03 48.31
N ASP A 529 -9.51 -12.13 47.59
CA ASP A 529 -8.87 -12.37 46.31
C ASP A 529 -9.97 -12.83 45.35
N ILE A 530 -10.24 -12.03 44.32
CA ILE A 530 -11.26 -12.36 43.32
C ILE A 530 -10.79 -13.28 42.18
N TYR A 531 -9.54 -13.73 42.25
CA TYR A 531 -8.97 -14.64 41.26
C TYR A 531 -9.93 -15.78 40.94
N ARG A 532 -10.20 -16.00 39.66
CA ARG A 532 -11.05 -17.11 39.19
C ARG A 532 -12.55 -16.97 39.49
N SER A 533 -12.99 -15.81 39.96
CA SER A 533 -14.42 -15.62 40.14
C SER A 533 -15.03 -15.18 38.83
N THR A 534 -15.79 -16.08 38.20
CA THR A 534 -16.40 -15.76 36.93
C THR A 534 -17.64 -14.87 37.12
N LYS A 535 -18.22 -14.92 38.32
CA LYS A 535 -19.29 -13.97 38.68
C LYS A 535 -18.74 -12.56 38.83
N ALA A 536 -17.60 -12.43 39.50
CA ALA A 536 -16.95 -11.13 39.63
C ALA A 536 -16.54 -10.59 38.26
N GLY A 537 -16.10 -11.49 37.38
CA GLY A 537 -15.70 -11.15 36.02
C GLY A 537 -16.84 -10.61 35.18
N ALA A 538 -17.99 -11.29 35.24
CA ALA A 538 -19.20 -10.86 34.54
C ALA A 538 -19.63 -9.45 34.99
N LYS A 539 -19.54 -9.18 36.29
CA LYS A 539 -19.90 -7.87 36.84
C LYS A 539 -18.96 -6.76 36.32
N LEU A 540 -17.65 -7.03 36.36
CA LEU A 540 -16.67 -6.09 35.81
C LEU A 540 -16.84 -5.93 34.30
N ARG A 541 -17.06 -7.03 33.60
CA ARG A 541 -17.27 -7.01 32.14
C ARG A 541 -18.39 -6.05 31.74
N LYS A 542 -19.51 -6.09 32.47
CA LYS A 542 -20.63 -5.19 32.20
C LYS A 542 -20.19 -3.72 32.19
N VAL A 543 -19.36 -3.34 33.17
CA VAL A 543 -18.81 -1.99 33.24
C VAL A 543 -17.97 -1.70 32.02
N LEU A 544 -17.06 -2.62 31.70
CA LEU A 544 -16.11 -2.41 30.60
C LEU A 544 -16.79 -2.27 29.25
N ARG A 545 -17.78 -3.11 28.96
CA ARG A 545 -18.48 -3.10 27.67
C ARG A 545 -19.34 -1.86 27.45
N ALA A 546 -19.65 -1.15 28.54
CA ALA A 546 -20.49 0.05 28.48
C ALA A 546 -19.76 1.27 27.91
N GLY A 547 -18.43 1.29 28.04
CA GLY A 547 -17.62 2.41 27.57
C GLY A 547 -18.11 3.71 28.18
N SER A 548 -18.32 4.73 27.34
CA SER A 548 -18.92 5.97 27.82
C SER A 548 -20.37 6.11 27.34
N SER A 549 -21.00 4.99 26.99
CA SER A 549 -22.37 4.99 26.46
C SER A 549 -23.44 5.46 27.44
N ARG A 550 -23.18 5.28 28.74
CA ARG A 550 -24.16 5.56 29.81
C ARG A 550 -23.56 6.46 30.90
N PRO A 551 -24.41 7.21 31.63
CA PRO A 551 -23.90 8.05 32.73
C PRO A 551 -23.13 7.23 33.76
N TRP A 552 -21.96 7.71 34.19
CA TRP A 552 -21.11 6.91 35.09
C TRP A 552 -21.81 6.59 36.40
N GLN A 553 -22.68 7.50 36.85
CA GLN A 553 -23.45 7.30 38.09
C GLN A 553 -24.34 6.07 38.01
N GLU A 554 -24.95 5.88 36.84
CA GLU A 554 -25.79 4.70 36.58
C GLU A 554 -24.98 3.41 36.53
N VAL A 555 -23.87 3.45 35.78
CA VAL A 555 -22.99 2.28 35.64
C VAL A 555 -22.47 1.89 37.02
N LEU A 556 -22.08 2.89 37.82
CA LEU A 556 -21.61 2.64 39.17
C LEU A 556 -22.71 2.05 40.07
N LYS A 557 -23.94 2.53 39.89
CA LYS A 557 -25.07 2.03 40.67
C LYS A 557 -25.29 0.54 40.37
N ASP A 558 -25.38 0.19 39.09
CA ASP A 558 -25.51 -1.21 38.69
C ASP A 558 -24.43 -2.08 39.30
N MET A 559 -23.20 -1.58 39.32
CA MET A 559 -22.06 -2.36 39.77
C MET A 559 -21.96 -2.51 41.29
N VAL A 560 -22.06 -1.38 41.98
CA VAL A 560 -21.67 -1.23 43.36
C VAL A 560 -22.88 -1.00 44.28
N GLY A 561 -24.01 -0.62 43.69
CA GLY A 561 -25.23 -0.38 44.47
C GLY A 561 -25.35 1.04 44.98
N LEU A 562 -24.39 1.88 44.59
CA LEU A 562 -24.38 3.29 44.98
C LEU A 562 -24.05 4.12 43.73
N ASP A 563 -24.67 5.30 43.61
CA ASP A 563 -24.49 6.11 42.41
C ASP A 563 -23.45 7.23 42.58
N ALA A 564 -22.61 7.09 43.60
CA ALA A 564 -21.67 8.15 43.96
C ALA A 564 -20.35 7.59 44.43
N LEU A 565 -19.28 8.38 44.26
CA LEU A 565 -18.00 8.11 44.90
C LEU A 565 -18.21 8.06 46.42
N ASP A 566 -17.58 7.10 47.06
CA ASP A 566 -17.78 6.91 48.50
C ASP A 566 -16.49 6.38 49.13
N ALA A 567 -16.04 7.08 50.16
CA ALA A 567 -14.79 6.74 50.85
C ALA A 567 -14.91 5.54 51.81
N GLN A 568 -16.13 5.14 52.12
CA GLN A 568 -16.34 4.12 53.16
C GLN A 568 -15.69 2.77 52.83
N PRO A 569 -15.81 2.28 51.57
CA PRO A 569 -15.10 1.04 51.23
C PRO A 569 -13.58 1.13 51.49
N LEU A 570 -12.96 2.26 51.16
CA LEU A 570 -11.54 2.46 51.45
C LEU A 570 -11.26 2.37 52.95
N LEU A 571 -12.05 3.09 53.74
CA LEU A 571 -11.88 3.13 55.19
C LEU A 571 -12.07 1.76 55.84
N LYS A 572 -13.06 1.01 55.35
CA LYS A 572 -13.33 -0.34 55.83
C LYS A 572 -12.14 -1.26 55.54
N TYR A 573 -11.56 -1.12 54.35
CA TYR A 573 -10.38 -1.91 53.96
C TYR A 573 -9.19 -1.69 54.90
N PHE A 574 -8.92 -0.42 55.23
CA PHE A 574 -7.76 -0.06 56.05
C PHE A 574 -7.99 0.05 57.55
N GLN A 575 -9.22 -0.20 58.02
CA GLN A 575 -9.57 0.16 59.41
C GLN A 575 -8.59 -0.32 60.50
N LEU A 576 -8.09 -1.56 60.36
CA LEU A 576 -7.18 -2.11 61.39
C LEU A 576 -5.85 -1.35 61.48
N VAL A 577 -5.27 -0.99 60.33
CA VAL A 577 -4.02 -0.21 60.36
C VAL A 577 -4.27 1.25 60.69
N THR A 578 -5.45 1.76 60.30
CA THR A 578 -5.86 3.08 60.73
C THR A 578 -5.86 3.16 62.27
N GLN A 579 -6.50 2.19 62.91
CA GLN A 579 -6.55 2.11 64.37
C GLN A 579 -5.12 2.00 64.92
N TRP A 580 -4.36 1.04 64.41
CA TRP A 580 -2.99 0.81 64.87
C TRP A 580 -2.07 2.05 64.77
N LEU A 581 -2.05 2.70 63.61
CA LEU A 581 -1.23 3.90 63.37
C LEU A 581 -1.60 5.00 64.34
N GLN A 582 -2.90 5.19 64.52
CA GLN A 582 -3.42 6.13 65.49
C GLN A 582 -2.85 5.86 66.90
N GLU A 583 -2.79 4.58 67.29
CA GLU A 583 -2.25 4.19 68.60
C GLU A 583 -0.73 4.38 68.70
N GLN A 584 0.01 4.03 67.65
CA GLN A 584 1.46 4.27 67.62
C GLN A 584 1.80 5.76 67.79
N ASN A 585 1.01 6.60 67.13
CA ASN A 585 1.22 8.04 67.16
C ASN A 585 0.92 8.68 68.52
N GLN A 586 -0.22 8.32 69.12
CA GLN A 586 -0.56 8.75 70.48
C GLN A 586 0.47 8.28 71.53
N GLN A 587 0.89 7.03 71.43
CA GLN A 587 1.93 6.50 72.32
C GLN A 587 3.28 7.20 72.17
N ASN A 588 3.60 7.64 70.95
CA ASN A 588 4.83 8.38 70.71
C ASN A 588 4.69 9.88 70.96
N GLY A 589 3.46 10.30 71.27
CA GLY A 589 3.15 11.72 71.50
C GLY A 589 3.32 12.57 70.26
N GLU A 590 2.97 12.01 69.09
CA GLU A 590 3.12 12.71 67.82
C GLU A 590 2.17 13.90 67.67
N VAL A 591 2.65 14.91 66.96
CA VAL A 591 1.80 16.00 66.47
C VAL A 591 1.28 15.52 65.13
N LEU A 592 -0.03 15.52 64.94
CA LEU A 592 -0.60 15.20 63.63
C LEU A 592 -0.64 16.45 62.79
N GLY A 593 0.09 16.43 61.67
CA GLY A 593 0.24 17.60 60.82
C GLY A 593 1.63 18.18 60.89
N TRP A 594 1.80 19.38 60.33
CA TRP A 594 3.09 20.03 60.21
C TRP A 594 2.92 21.54 60.51
N PRO A 595 2.63 21.88 61.78
CA PRO A 595 2.34 23.29 62.15
C PRO A 595 3.51 24.25 61.96
N GLU A 596 4.74 23.71 61.95
CA GLU A 596 5.91 24.50 61.57
C GLU A 596 6.01 24.48 60.03
N TYR A 597 5.05 25.14 59.38
CA TYR A 597 4.82 25.05 57.94
C TYR A 597 5.92 25.73 57.12
N GLN A 598 6.77 26.50 57.79
CA GLN A 598 7.82 27.29 57.17
C GLN A 598 9.13 26.52 57.07
N TRP A 599 9.19 25.37 57.75
CA TRP A 599 10.45 24.67 57.95
C TRP A 599 10.99 23.97 56.70
N HIS A 600 12.29 24.12 56.47
CA HIS A 600 13.04 23.41 55.44
C HIS A 600 14.33 22.87 56.06
N PRO A 601 14.82 21.71 55.60
CA PRO A 601 16.07 21.17 56.14
C PRO A 601 17.29 21.94 55.64
N PRO A 602 18.41 21.91 56.39
CA PRO A 602 19.64 22.51 55.88
C PRO A 602 20.29 21.60 54.83
N LEU A 603 21.32 22.11 54.16
CA LEU A 603 22.10 21.31 53.21
C LEU A 603 23.03 20.37 53.96
N PRO A 604 23.34 19.19 53.37
CA PRO A 604 24.38 18.34 53.95
C PRO A 604 25.74 19.05 53.89
N ASP A 605 26.68 18.63 54.75
CA ASP A 605 28.02 19.23 54.79
C ASP A 605 28.68 19.14 53.43
N ASN A 606 29.15 20.27 52.92
CA ASN A 606 29.89 20.38 51.65
C ASN A 606 29.13 19.94 50.39
N TYR A 607 27.85 20.27 50.33
CA TYR A 607 27.02 19.93 49.18
C TYR A 607 27.19 20.96 48.07
N PRO A 608 27.48 20.50 46.83
CA PRO A 608 27.71 19.10 46.44
C PRO A 608 29.20 18.76 46.36
N LEU B 1 2.20 6.96 -73.19
CA LEU B 1 1.47 5.69 -72.91
C LEU B 1 0.97 5.10 -74.23
N ASP B 2 1.33 3.83 -74.45
CA ASP B 2 0.90 3.09 -75.62
C ASP B 2 -0.61 3.18 -75.79
N PRO B 3 -1.08 3.44 -77.02
CA PRO B 3 -2.52 3.56 -77.30
C PRO B 3 -3.34 2.34 -76.82
N GLY B 4 -2.81 1.13 -77.00
CA GLY B 4 -3.47 -0.09 -76.54
C GLY B 4 -3.68 -0.16 -75.03
N LEU B 5 -2.92 0.64 -74.28
CA LEU B 5 -3.06 0.70 -72.82
C LEU B 5 -3.94 1.87 -72.40
N GLN B 6 -4.32 2.69 -73.38
CA GLN B 6 -5.20 3.83 -73.15
C GLN B 6 -6.64 3.38 -73.21
N PRO B 7 -7.55 4.08 -72.52
CA PRO B 7 -8.95 3.71 -72.65
C PRO B 7 -9.51 4.02 -74.04
N GLY B 8 -10.57 3.32 -74.41
CA GLY B 8 -11.30 3.61 -75.63
C GLY B 8 -12.57 4.38 -75.30
N GLN B 9 -13.57 4.21 -76.16
CA GLN B 9 -14.88 4.80 -75.95
C GLN B 9 -15.73 3.85 -75.10
N PHE B 10 -16.28 4.37 -74.01
CA PHE B 10 -17.21 3.60 -73.18
C PHE B 10 -18.43 4.46 -72.87
N SER B 11 -19.61 3.84 -72.98
CA SER B 11 -20.86 4.52 -72.67
C SER B 11 -20.92 4.96 -71.21
N ALA B 12 -21.47 6.14 -70.96
CA ALA B 12 -21.58 6.70 -69.61
C ALA B 12 -22.78 6.12 -68.86
N ASP B 13 -22.76 4.81 -68.67
CA ASP B 13 -23.79 4.11 -67.89
C ASP B 13 -23.20 2.78 -67.36
N GLU B 14 -24.00 2.03 -66.60
CA GLU B 14 -23.53 0.78 -66.00
C GLU B 14 -22.96 -0.19 -67.04
N ALA B 15 -23.71 -0.40 -68.13
CA ALA B 15 -23.28 -1.29 -69.22
C ALA B 15 -21.86 -0.96 -69.74
N GLY B 16 -21.59 0.33 -69.92
CA GLY B 16 -20.26 0.81 -70.31
C GLY B 16 -19.20 0.54 -69.25
N ALA B 17 -19.45 1.06 -68.03
CA ALA B 17 -18.55 0.89 -66.87
C ALA B 17 -18.12 -0.56 -66.61
N GLN B 18 -18.99 -1.52 -66.89
CA GLN B 18 -18.62 -2.94 -66.78
C GLN B 18 -17.54 -3.30 -67.81
N LEU B 19 -17.75 -2.87 -69.05
CA LEU B 19 -16.78 -3.06 -70.14
C LEU B 19 -15.52 -2.24 -69.87
N PHE B 20 -15.70 -1.08 -69.22
CA PHE B 20 -14.62 -0.19 -68.83
C PHE B 20 -13.70 -0.87 -67.80
N ALA B 21 -14.32 -1.38 -66.73
CA ALA B 21 -13.62 -2.08 -65.68
C ALA B 21 -12.89 -3.30 -66.23
N GLN B 22 -13.57 -4.06 -67.10
CA GLN B 22 -12.96 -5.22 -67.74
C GLN B 22 -11.75 -4.80 -68.59
N SER B 23 -11.91 -3.69 -69.31
CA SER B 23 -10.84 -3.11 -70.13
C SER B 23 -9.72 -2.53 -69.28
N TYR B 24 -10.08 -1.77 -68.25
CA TYR B 24 -9.10 -1.28 -67.30
C TYR B 24 -8.25 -2.42 -66.73
N GLN B 25 -8.90 -3.46 -66.21
CA GLN B 25 -8.21 -4.62 -65.67
C GLN B 25 -7.31 -5.29 -66.70
N SER B 26 -7.80 -5.40 -67.94
CA SER B 26 -7.02 -6.02 -69.01
C SER B 26 -5.66 -5.35 -69.21
N SER B 27 -5.61 -4.02 -69.08
CA SER B 27 -4.37 -3.28 -69.24
C SER B 27 -3.65 -3.04 -67.90
N ALA B 28 -4.41 -2.93 -66.82
CA ALA B 28 -3.84 -2.69 -65.48
C ALA B 28 -2.85 -3.77 -65.04
N GLU B 29 -3.23 -5.04 -65.22
CA GLU B 29 -2.36 -6.15 -64.86
C GLU B 29 -0.97 -6.04 -65.51
N GLN B 30 -0.92 -5.58 -66.77
CA GLN B 30 0.34 -5.44 -67.49
C GLN B 30 1.19 -4.32 -66.92
N VAL B 31 0.55 -3.20 -66.62
CA VAL B 31 1.23 -2.00 -66.13
C VAL B 31 1.67 -2.17 -64.67
N LEU B 32 0.78 -2.71 -63.85
CA LEU B 32 1.13 -3.09 -62.48
C LEU B 32 2.27 -4.11 -62.44
N PHE B 33 2.18 -5.14 -63.27
CA PHE B 33 3.20 -6.17 -63.31
C PHE B 33 4.58 -5.58 -63.64
N GLN B 34 4.65 -4.83 -64.75
CA GLN B 34 5.94 -4.23 -65.15
C GLN B 34 6.53 -3.37 -64.03
N SER B 35 5.66 -2.66 -63.31
CA SER B 35 6.12 -1.83 -62.20
C SER B 35 6.62 -2.65 -61.01
N VAL B 36 5.88 -3.69 -60.64
CA VAL B 36 6.30 -4.60 -59.54
C VAL B 36 7.59 -5.32 -59.92
N ALA B 37 7.65 -5.79 -61.17
CA ALA B 37 8.86 -6.43 -61.71
C ALA B 37 10.10 -5.56 -61.62
N ALA B 38 9.95 -4.28 -61.97
CA ALA B 38 11.07 -3.32 -61.91
C ALA B 38 11.48 -3.06 -60.47
N SER B 39 10.50 -2.93 -59.58
CA SER B 39 10.79 -2.75 -58.15
C SER B 39 11.52 -3.95 -57.59
N TRP B 40 11.10 -5.14 -57.98
CA TRP B 40 11.76 -6.37 -57.54
C TRP B 40 13.22 -6.38 -57.99
N ALA B 41 13.44 -6.08 -59.28
CA ALA B 41 14.77 -6.07 -59.86
C ALA B 41 15.68 -5.11 -59.14
N HIS B 42 15.13 -3.98 -58.70
CA HIS B 42 15.90 -3.01 -57.93
C HIS B 42 16.12 -3.47 -56.50
N ASP B 43 15.04 -3.83 -55.83
CA ASP B 43 15.11 -4.21 -54.40
C ASP B 43 15.97 -5.46 -54.10
N THR B 44 16.10 -6.36 -55.07
CA THR B 44 16.99 -7.52 -54.90
C THR B 44 18.37 -7.30 -55.52
N ASN B 45 18.65 -6.07 -55.95
CA ASN B 45 19.88 -5.75 -56.69
C ASN B 45 19.96 -4.24 -56.86
N ILE B 46 20.31 -3.54 -55.78
CA ILE B 46 20.30 -2.09 -55.80
C ILE B 46 21.47 -1.55 -56.62
N THR B 47 21.14 -0.99 -57.79
CA THR B 47 22.11 -0.31 -58.65
C THR B 47 21.46 0.92 -59.29
N ALA B 48 22.29 1.84 -59.77
CA ALA B 48 21.81 3.05 -60.44
C ALA B 48 20.97 2.71 -61.67
N GLU B 49 21.40 1.70 -62.43
CA GLU B 49 20.67 1.26 -63.61
C GLU B 49 19.29 0.65 -63.27
N ASN B 50 19.25 -0.14 -62.20
CA ASN B 50 17.98 -0.72 -61.75
C ASN B 50 17.02 0.35 -61.21
N ALA B 51 17.55 1.32 -60.49
CA ALA B 51 16.75 2.48 -60.08
C ALA B 51 16.17 3.21 -61.31
N ARG B 52 17.03 3.48 -62.31
CA ARG B 52 16.57 4.15 -63.52
C ARG B 52 15.43 3.35 -64.21
N ARG B 53 15.59 2.03 -64.32
CA ARG B 53 14.55 1.17 -64.87
C ARG B 53 13.24 1.23 -64.06
N GLN B 54 13.37 1.23 -62.75
CA GLN B 54 12.20 1.29 -61.87
C GLN B 54 11.50 2.66 -62.01
N GLU B 55 12.27 3.74 -62.11
CA GLU B 55 11.68 5.06 -62.31
C GLU B 55 10.95 5.19 -63.63
N GLU B 56 11.50 4.56 -64.67
CA GLU B 56 10.85 4.51 -65.98
C GLU B 56 9.51 3.76 -65.90
N ALA B 57 9.50 2.65 -65.17
CA ALA B 57 8.29 1.85 -64.96
C ALA B 57 7.25 2.65 -64.18
N ALA B 58 7.73 3.38 -63.18
CA ALA B 58 6.88 4.25 -62.36
C ALA B 58 6.24 5.35 -63.18
N LEU B 59 7.02 5.95 -64.08
CA LEU B 59 6.53 7.02 -64.95
C LEU B 59 5.39 6.51 -65.85
N LEU B 60 5.55 5.29 -66.36
CA LEU B 60 4.52 4.67 -67.17
C LEU B 60 3.24 4.45 -66.35
N SER B 61 3.41 4.01 -65.11
CA SER B 61 2.28 3.77 -64.21
C SER B 61 1.50 5.04 -63.99
N GLN B 62 2.22 6.15 -63.79
CA GLN B 62 1.60 7.45 -63.64
C GLN B 62 0.83 7.88 -64.91
N GLU B 63 1.42 7.67 -66.09
CA GLU B 63 0.70 7.94 -67.36
C GLU B 63 -0.61 7.14 -67.43
N PHE B 64 -0.53 5.85 -67.10
CA PHE B 64 -1.67 4.94 -67.09
C PHE B 64 -2.74 5.43 -66.13
N ALA B 65 -2.32 5.73 -64.90
CA ALA B 65 -3.21 6.17 -63.85
C ALA B 65 -3.88 7.51 -64.17
N GLU B 66 -3.16 8.43 -64.82
CA GLU B 66 -3.78 9.69 -65.27
C GLU B 66 -4.79 9.43 -66.38
N ALA B 67 -4.42 8.63 -67.36
CA ALA B 67 -5.30 8.34 -68.49
C ALA B 67 -6.62 7.75 -68.01
N TRP B 68 -6.55 6.64 -67.28
CA TRP B 68 -7.76 5.95 -66.83
C TRP B 68 -8.48 6.70 -65.73
N GLY B 69 -7.71 7.40 -64.90
CA GLY B 69 -8.27 8.26 -63.86
C GLY B 69 -9.08 9.41 -64.43
N GLN B 70 -8.56 10.04 -65.49
CA GLN B 70 -9.27 11.13 -66.17
C GLN B 70 -10.49 10.64 -66.93
N LYS B 71 -10.36 9.53 -67.64
CA LYS B 71 -11.47 8.98 -68.42
C LYS B 71 -12.65 8.68 -67.52
N ALA B 72 -12.38 8.06 -66.38
CA ALA B 72 -13.42 7.69 -65.41
C ALA B 72 -14.04 8.88 -64.67
N LYS B 73 -13.54 10.08 -64.91
CA LYS B 73 -14.17 11.28 -64.36
C LYS B 73 -15.27 11.82 -65.26
N GLU B 74 -14.89 12.48 -66.35
CA GLU B 74 -15.90 13.02 -67.29
C GLU B 74 -16.83 11.95 -67.90
N LEU B 75 -16.57 10.67 -67.59
CA LEU B 75 -17.46 9.58 -67.98
C LEU B 75 -18.38 9.13 -66.86
N TYR B 76 -17.86 9.07 -65.63
CA TYR B 76 -18.59 8.46 -64.52
C TYR B 76 -18.56 9.27 -63.21
N GLU B 77 -18.13 10.53 -63.24
CA GLU B 77 -18.03 11.32 -62.01
C GLU B 77 -19.35 11.46 -61.26
N PRO B 78 -20.45 11.78 -61.96
CA PRO B 78 -21.73 11.90 -61.23
C PRO B 78 -22.37 10.56 -60.85
N ILE B 79 -22.32 9.58 -61.76
CA ILE B 79 -23.14 8.35 -61.65
C ILE B 79 -22.50 7.13 -60.97
N TRP B 80 -21.22 7.20 -60.60
CA TRP B 80 -20.51 6.00 -60.11
C TRP B 80 -21.05 5.39 -58.80
N GLN B 81 -21.43 6.25 -57.85
CA GLN B 81 -21.90 5.81 -56.52
C GLN B 81 -23.29 5.17 -56.51
N GLN B 82 -24.01 5.24 -57.62
CA GLN B 82 -25.38 4.74 -57.68
C GLN B 82 -25.55 3.39 -58.39
N PHE B 83 -24.48 2.88 -59.00
CA PHE B 83 -24.56 1.62 -59.75
C PHE B 83 -24.87 0.42 -58.85
N THR B 84 -25.61 -0.53 -59.41
CA THR B 84 -26.13 -1.70 -58.68
C THR B 84 -25.05 -2.71 -58.29
N ASP B 85 -23.89 -2.64 -58.93
CA ASP B 85 -22.78 -3.56 -58.67
C ASP B 85 -21.83 -2.91 -57.65
N PRO B 86 -21.69 -3.53 -56.47
CA PRO B 86 -20.85 -2.96 -55.40
C PRO B 86 -19.33 -3.11 -55.64
N GLN B 87 -18.93 -4.18 -56.34
CA GLN B 87 -17.56 -4.35 -56.80
C GLN B 87 -17.22 -3.23 -57.78
N LEU B 88 -18.12 -3.03 -58.75
CA LEU B 88 -17.97 -2.01 -59.79
C LEU B 88 -17.85 -0.59 -59.22
N ARG B 89 -18.58 -0.32 -58.14
CA ARG B 89 -18.52 0.98 -57.48
C ARG B 89 -17.15 1.26 -56.89
N ARG B 90 -16.58 0.26 -56.21
CA ARG B 90 -15.29 0.41 -55.53
C ARG B 90 -14.13 0.50 -56.53
N ILE B 91 -14.24 -0.24 -57.63
CA ILE B 91 -13.25 -0.20 -58.70
C ILE B 91 -13.13 1.22 -59.25
N ILE B 92 -14.26 1.85 -59.56
CA ILE B 92 -14.27 3.22 -60.07
C ILE B 92 -13.76 4.23 -59.03
N GLY B 93 -14.13 4.03 -57.78
CA GLY B 93 -13.63 4.86 -56.67
C GLY B 93 -12.11 4.88 -56.55
N ALA B 94 -11.51 3.70 -56.69
CA ALA B 94 -10.05 3.54 -56.66
C ALA B 94 -9.40 4.21 -57.87
N VAL B 95 -9.91 3.88 -59.06
CA VAL B 95 -9.37 4.37 -60.33
C VAL B 95 -9.38 5.90 -60.44
N ARG B 96 -10.41 6.56 -59.92
CA ARG B 96 -10.48 8.02 -60.00
C ARG B 96 -9.49 8.76 -59.08
N THR B 97 -8.77 8.00 -58.25
CA THR B 97 -7.72 8.53 -57.39
C THR B 97 -6.39 8.43 -58.12
N LEU B 98 -5.77 9.58 -58.37
CA LEU B 98 -4.59 9.66 -59.24
C LEU B 98 -3.26 9.62 -58.50
N GLY B 99 -3.23 10.10 -57.26
CA GLY B 99 -1.99 10.14 -56.47
C GLY B 99 -0.92 10.96 -57.16
N SER B 100 0.30 10.43 -57.17
CA SER B 100 1.44 11.08 -57.85
C SER B 100 1.19 11.40 -59.34
N ALA B 101 0.23 10.72 -59.97
CA ALA B 101 -0.11 10.99 -61.38
C ALA B 101 -0.76 12.34 -61.59
N ASN B 102 -1.20 12.98 -60.51
CA ASN B 102 -1.69 14.36 -60.56
C ASN B 102 -0.58 15.36 -60.83
N LEU B 103 0.67 14.96 -60.55
CA LEU B 103 1.82 15.85 -60.75
C LEU B 103 2.17 15.96 -62.24
N PRO B 104 2.64 17.14 -62.66
CA PRO B 104 3.19 17.26 -64.01
C PRO B 104 4.50 16.45 -64.14
N LEU B 105 4.93 16.24 -65.37
CA LEU B 105 6.11 15.41 -65.67
C LEU B 105 7.33 15.66 -64.76
N ALA B 106 7.79 16.90 -64.67
CA ALA B 106 9.03 17.20 -63.96
C ALA B 106 8.93 16.81 -62.49
N LYS B 107 7.75 17.01 -61.90
CA LYS B 107 7.52 16.68 -60.49
C LYS B 107 7.30 15.18 -60.31
N ARG B 108 6.74 14.53 -61.33
CA ARG B 108 6.67 13.08 -61.36
C ARG B 108 8.07 12.50 -61.29
N GLN B 109 8.97 13.03 -62.11
CA GLN B 109 10.33 12.52 -62.19
C GLN B 109 11.08 12.74 -60.88
N GLN B 110 10.94 13.94 -60.33
CA GLN B 110 11.54 14.29 -59.05
C GLN B 110 11.01 13.40 -57.90
N TYR B 111 9.69 13.14 -57.90
CA TYR B 111 9.04 12.27 -56.92
C TYR B 111 9.56 10.82 -57.02
N ASN B 112 9.55 10.27 -58.22
CA ASN B 112 10.13 8.94 -58.46
C ASN B 112 11.60 8.86 -58.05
N ALA B 113 12.40 9.85 -58.42
CA ALA B 113 13.82 9.89 -58.03
C ALA B 113 14.00 9.92 -56.52
N LEU B 114 13.18 10.72 -55.82
CA LEU B 114 13.25 10.79 -54.37
C LEU B 114 13.00 9.44 -53.69
N LEU B 115 11.99 8.71 -54.15
CA LEU B 115 11.70 7.39 -53.60
C LEU B 115 12.88 6.45 -53.82
N SER B 116 13.49 6.52 -55.00
CA SER B 116 14.64 5.67 -55.32
C SER B 116 15.81 5.98 -54.40
N GLN B 117 16.10 7.28 -54.29
N GLN B 117 16.11 7.27 -54.26
CA GLN B 117 17.25 7.76 -53.53
CA GLN B 117 17.29 7.67 -53.51
C GLN B 117 17.11 7.45 -52.04
C GLN B 117 17.13 7.45 -52.00
N MET B 118 15.92 7.68 -51.48
CA MET B 118 15.64 7.38 -50.06
C MET B 118 15.77 5.89 -49.78
N SER B 119 15.21 5.08 -50.67
CA SER B 119 15.34 3.63 -50.61
C SER B 119 16.82 3.20 -50.61
N ARG B 120 17.60 3.73 -51.55
CA ARG B 120 19.03 3.42 -51.61
C ARG B 120 19.75 3.80 -50.33
N ILE B 121 19.50 5.02 -49.84
CA ILE B 121 20.19 5.50 -48.65
C ILE B 121 19.89 4.60 -47.45
N TYR B 122 18.63 4.28 -47.22
CA TYR B 122 18.27 3.45 -46.07
C TYR B 122 18.93 2.06 -46.15
N SER B 123 18.85 1.44 -47.33
CA SER B 123 19.19 0.02 -47.46
C SER B 123 20.66 -0.24 -47.77
N THR B 124 21.44 0.81 -48.00
CA THR B 124 22.88 0.65 -48.22
C THR B 124 23.73 1.30 -47.12
N ALA B 125 23.08 1.99 -46.18
CA ALA B 125 23.80 2.67 -45.10
C ALA B 125 24.62 1.66 -44.28
N LYS B 126 25.83 2.05 -43.90
CA LYS B 126 26.68 1.18 -43.09
C LYS B 126 27.26 1.95 -41.93
N VAL B 127 27.60 1.23 -40.86
CA VAL B 127 28.34 1.81 -39.75
C VAL B 127 29.76 1.25 -39.78
N CYS B 128 30.75 2.13 -39.86
CA CYS B 128 32.15 1.71 -39.96
C CYS B 128 32.91 1.84 -38.65
N LEU B 129 33.74 0.83 -38.37
CA LEU B 129 34.42 0.69 -37.08
C LEU B 129 35.80 1.38 -37.09
N THR B 133 39.25 0.37 -39.00
CA THR B 133 38.65 0.67 -40.30
C THR B 133 38.66 -0.57 -41.23
N ALA B 134 37.94 -1.61 -40.81
CA ALA B 134 37.74 -2.82 -41.61
C ALA B 134 36.34 -2.83 -42.25
N THR B 135 35.86 -4.00 -42.67
CA THR B 135 34.54 -4.12 -43.32
C THR B 135 33.40 -3.63 -42.41
N CYS B 136 32.71 -2.60 -42.88
CA CYS B 136 31.69 -1.89 -42.10
C CYS B 136 30.48 -2.78 -41.82
N TRP B 137 29.67 -2.37 -40.85
CA TRP B 137 28.50 -3.15 -40.45
C TRP B 137 27.24 -2.72 -41.17
N SER B 138 26.47 -3.69 -41.65
CA SER B 138 25.16 -3.45 -42.25
C SER B 138 24.11 -3.57 -41.15
N LEU B 139 22.92 -3.04 -41.41
CA LEU B 139 21.82 -3.13 -40.44
C LEU B 139 21.46 -4.60 -40.22
N ASP B 140 21.31 -5.32 -41.32
CA ASP B 140 20.90 -6.70 -41.32
C ASP B 140 21.96 -7.51 -42.07
N PRO B 141 22.69 -8.42 -41.39
CA PRO B 141 22.51 -8.92 -40.02
C PRO B 141 23.31 -8.25 -38.92
N ASP B 142 24.32 -7.45 -39.26
CA ASP B 142 25.33 -7.05 -38.28
C ASP B 142 24.77 -6.27 -37.11
N LEU B 143 24.22 -5.09 -37.37
CA LEU B 143 23.72 -4.25 -36.28
C LEU B 143 22.51 -4.84 -35.57
N THR B 144 21.65 -5.51 -36.34
CA THR B 144 20.52 -6.26 -35.77
C THR B 144 21.00 -7.22 -34.69
N ASN B 145 22.02 -8.02 -35.02
CA ASN B 145 22.58 -9.02 -34.10
C ASN B 145 23.22 -8.41 -32.87
N ILE B 146 23.99 -7.34 -33.05
CA ILE B 146 24.52 -6.56 -31.92
C ILE B 146 23.37 -6.09 -31.00
N LEU B 147 22.36 -5.44 -31.57
CA LEU B 147 21.26 -4.95 -30.74
C LEU B 147 20.54 -6.10 -30.00
N ALA B 148 20.45 -7.26 -30.64
CA ALA B 148 19.79 -8.43 -30.05
C ALA B 148 20.61 -9.09 -28.94
N SER B 149 21.94 -9.15 -29.11
CA SER B 149 22.80 -10.04 -28.31
C SER B 149 23.80 -9.37 -27.39
N SER B 150 24.28 -8.19 -27.75
CA SER B 150 25.29 -7.53 -26.94
C SER B 150 24.68 -6.99 -25.64
N ARG B 151 25.38 -7.20 -24.53
CA ARG B 151 25.00 -6.63 -23.26
C ARG B 151 26.10 -5.66 -22.81
N SER B 152 26.88 -5.20 -23.77
CA SER B 152 27.86 -4.15 -23.54
C SER B 152 27.25 -2.79 -23.89
N TYR B 153 27.06 -1.96 -22.86
CA TYR B 153 26.42 -0.66 -23.04
C TYR B 153 27.08 0.15 -24.15
N ALA B 154 28.42 0.21 -24.14
CA ALA B 154 29.16 1.00 -25.13
C ALA B 154 29.02 0.46 -26.56
N MET B 155 28.91 -0.85 -26.70
CA MET B 155 28.81 -1.45 -28.02
C MET B 155 27.41 -1.22 -28.61
N LEU B 156 26.39 -1.39 -27.77
CA LEU B 156 25.02 -1.07 -28.16
C LEU B 156 24.92 0.41 -28.55
N LEU B 157 25.56 1.26 -27.77
CA LEU B 157 25.54 2.70 -28.02
C LEU B 157 26.17 3.00 -29.37
N PHE B 158 27.35 2.44 -29.61
CA PHE B 158 28.02 2.61 -30.88
C PHE B 158 27.13 2.18 -32.06
N ALA B 159 26.47 1.03 -31.93
CA ALA B 159 25.58 0.57 -33.00
C ALA B 159 24.34 1.45 -33.16
N TRP B 160 23.74 1.87 -32.04
CA TRP B 160 22.52 2.69 -32.09
C TRP B 160 22.77 4.03 -32.75
N GLU B 161 23.79 4.74 -32.26
CA GLU B 161 24.17 6.06 -32.73
C GLU B 161 24.70 6.00 -34.17
N GLY B 162 25.54 5.00 -34.44
CA GLY B 162 26.11 4.85 -35.77
C GLY B 162 25.02 4.66 -36.80
N TRP B 163 24.05 3.81 -36.50
CA TRP B 163 22.94 3.58 -37.42
C TRP B 163 22.06 4.83 -37.63
N HIS B 164 21.60 5.43 -36.53
CA HIS B 164 20.72 6.60 -36.64
C HIS B 164 21.41 7.74 -37.39
N ASN B 165 22.69 7.97 -37.12
CA ASN B 165 23.45 8.97 -37.88
C ASN B 165 23.63 8.63 -39.35
N ALA B 166 23.97 7.37 -39.66
CA ALA B 166 24.25 6.95 -41.04
C ALA B 166 23.00 7.00 -41.92
N ALA B 167 21.86 6.50 -41.43
CA ALA B 167 20.66 6.47 -42.25
C ALA B 167 19.90 7.78 -42.22
N GLY B 168 19.74 8.36 -41.02
CA GLY B 168 18.87 9.52 -40.80
C GLY B 168 19.34 10.84 -41.36
N ILE B 169 20.57 11.23 -41.03
CA ILE B 169 21.14 12.51 -41.48
C ILE B 169 20.98 12.77 -42.99
N PRO B 170 21.44 11.84 -43.86
CA PRO B 170 21.30 12.15 -45.31
C PRO B 170 19.86 12.08 -45.86
N LEU B 171 18.94 11.41 -45.17
CA LEU B 171 17.55 11.35 -45.62
C LEU B 171 16.75 12.64 -45.45
N LYS B 172 17.09 13.46 -44.45
CA LYS B 172 16.26 14.62 -44.14
C LYS B 172 15.92 15.52 -45.34
N PRO B 173 16.93 15.99 -46.12
CA PRO B 173 16.57 16.88 -47.24
C PRO B 173 15.61 16.25 -48.23
N LEU B 174 15.79 14.95 -48.49
CA LEU B 174 14.95 14.24 -49.46
C LEU B 174 13.53 14.08 -48.92
N TYR B 175 13.43 13.83 -47.62
CA TYR B 175 12.14 13.61 -46.99
C TYR B 175 11.27 14.88 -46.97
N GLU B 176 11.89 16.03 -46.75
CA GLU B 176 11.19 17.31 -46.89
C GLU B 176 10.61 17.46 -48.28
N ASP B 177 11.42 17.14 -49.29
CA ASP B 177 11.02 17.32 -50.68
C ASP B 177 9.93 16.34 -51.04
N PHE B 178 10.05 15.11 -50.56
CA PHE B 178 9.04 14.09 -50.80
C PHE B 178 7.69 14.52 -50.19
N THR B 179 7.71 14.96 -48.94
CA THR B 179 6.51 15.37 -48.22
C THR B 179 5.75 16.46 -48.98
N ALA B 180 6.48 17.46 -49.48
CA ALA B 180 5.85 18.55 -50.22
C ALA B 180 5.17 18.02 -51.49
N LEU B 181 5.89 17.19 -52.26
CA LEU B 181 5.36 16.65 -53.52
C LEU B 181 4.18 15.72 -53.30
N SER B 182 4.28 14.85 -52.30
CA SER B 182 3.19 13.94 -51.96
C SER B 182 1.90 14.72 -51.63
N ASN B 183 2.02 15.74 -50.78
CA ASN B 183 0.88 16.58 -50.41
C ASN B 183 0.26 17.28 -51.61
N GLU B 184 1.12 17.83 -52.47
CA GLU B 184 0.67 18.48 -53.69
C GLU B 184 -0.15 17.51 -54.57
N ALA B 185 0.34 16.28 -54.72
CA ALA B 185 -0.36 15.26 -55.52
C ALA B 185 -1.75 14.90 -54.94
N TYR B 186 -1.81 14.60 -53.64
CA TYR B 186 -3.06 14.15 -53.05
C TYR B 186 -4.08 15.27 -52.80
N LYS B 187 -3.59 16.51 -52.73
CA LYS B 187 -4.46 17.67 -52.63
C LYS B 187 -5.38 17.78 -53.84
N GLN B 188 -4.85 17.40 -55.00
CA GLN B 188 -5.63 17.42 -56.23
C GLN B 188 -6.67 16.30 -56.33
N ASP B 189 -6.56 15.29 -55.47
CA ASP B 189 -7.60 14.26 -55.32
C ASP B 189 -8.61 14.69 -54.25
N GLY B 190 -8.45 15.90 -53.72
CA GLY B 190 -9.39 16.46 -52.73
C GLY B 190 -9.12 16.11 -51.27
N PHE B 191 -7.92 15.59 -50.98
CA PHE B 191 -7.53 15.32 -49.59
C PHE B 191 -6.70 16.47 -49.04
N THR B 192 -6.88 16.81 -47.76
CA THR B 192 -6.19 17.98 -47.17
C THR B 192 -4.68 17.79 -47.18
N ASP B 193 -4.26 16.54 -46.95
CA ASP B 193 -2.87 16.16 -47.05
C ASP B 193 -2.78 14.63 -47.24
N THR B 194 -1.57 14.14 -47.51
CA THR B 194 -1.33 12.71 -47.72
C THR B 194 -1.82 11.84 -46.54
N GLY B 195 -1.67 12.34 -45.32
CA GLY B 195 -2.08 11.59 -44.13
C GLY B 195 -3.58 11.34 -44.10
N ALA B 196 -4.35 12.35 -44.53
CA ALA B 196 -5.81 12.21 -44.63
C ALA B 196 -6.18 11.16 -45.68
N TYR B 197 -5.42 11.10 -46.77
CA TYR B 197 -5.62 10.04 -47.76
C TYR B 197 -5.34 8.65 -47.14
N TRP B 198 -4.20 8.53 -46.46
CA TRP B 198 -3.84 7.28 -45.78
C TRP B 198 -4.91 6.84 -44.77
N ARG B 199 -5.40 7.79 -44.00
CA ARG B 199 -6.47 7.49 -43.02
C ARG B 199 -7.80 7.09 -43.68
N SER B 200 -8.09 7.61 -44.88
CA SER B 200 -9.35 7.30 -45.58
C SER B 200 -9.57 5.79 -45.84
N TRP B 201 -8.48 5.04 -45.97
CA TRP B 201 -8.53 3.59 -46.15
C TRP B 201 -9.32 2.87 -45.05
N TYR B 202 -9.47 3.51 -43.89
CA TYR B 202 -10.19 2.86 -42.79
C TYR B 202 -11.67 3.18 -42.79
N ASN B 203 -12.10 4.05 -43.72
CA ASN B 203 -13.51 4.25 -44.01
C ASN B 203 -14.29 4.49 -42.71
N SER B 204 -13.81 5.44 -41.92
CA SER B 204 -14.34 5.70 -40.59
C SER B 204 -14.13 7.16 -40.17
N PRO B 205 -15.23 7.89 -39.88
CA PRO B 205 -15.07 9.30 -39.55
C PRO B 205 -14.43 9.53 -38.17
N THR B 206 -14.45 8.51 -37.31
CA THR B 206 -13.89 8.65 -35.96
C THR B 206 -12.61 7.80 -35.74
N PHE B 207 -11.89 7.50 -36.83
CA PHE B 207 -10.69 6.65 -36.78
C PHE B 207 -9.74 7.08 -35.68
N GLU B 208 -9.32 8.34 -35.70
CA GLU B 208 -8.34 8.84 -34.74
C GLU B 208 -8.83 8.77 -33.30
N ASP B 209 -10.07 9.18 -33.05
CA ASP B 209 -10.71 9.01 -31.74
C ASP B 209 -10.68 7.55 -31.29
N ASP B 210 -11.09 6.65 -32.17
CA ASP B 210 -11.22 5.24 -31.81
C ASP B 210 -9.88 4.61 -31.45
N LEU B 211 -8.83 4.99 -32.19
CA LEU B 211 -7.47 4.57 -31.91
C LEU B 211 -7.01 5.08 -30.54
N GLU B 212 -7.32 6.34 -30.26
CA GLU B 212 -6.98 6.96 -28.99
C GLU B 212 -7.62 6.22 -27.80
N HIS B 213 -8.89 5.87 -27.95
CA HIS B 213 -9.61 5.15 -26.91
CA HIS B 213 -9.64 5.13 -26.92
C HIS B 213 -9.02 3.75 -26.71
N LEU B 214 -8.64 3.10 -27.81
CA LEU B 214 -7.98 1.80 -27.74
C LEU B 214 -6.68 1.93 -26.94
N TYR B 215 -5.82 2.88 -27.29
CA TYR B 215 -4.57 3.05 -26.56
C TYR B 215 -4.73 3.31 -25.04
N GLN B 216 -5.75 4.07 -24.64
CA GLN B 216 -6.00 4.33 -23.21
C GLN B 216 -6.19 3.03 -22.43
N GLN B 217 -6.87 2.06 -23.04
CA GLN B 217 -7.09 0.75 -22.41
C GLN B 217 -5.79 -0.06 -22.33
N LEU B 218 -4.90 0.14 -23.30
CA LEU B 218 -3.69 -0.68 -23.40
C LEU B 218 -2.54 -0.11 -22.60
N GLU B 219 -2.49 1.21 -22.48
CA GLU B 219 -1.39 1.90 -21.79
C GLU B 219 -1.00 1.31 -20.42
N PRO B 220 -1.99 1.03 -19.54
CA PRO B 220 -1.58 0.47 -18.24
C PRO B 220 -0.74 -0.81 -18.37
N LEU B 221 -1.07 -1.65 -19.35
CA LEU B 221 -0.28 -2.87 -19.58
C LEU B 221 1.16 -2.51 -19.95
N TYR B 222 1.32 -1.51 -20.81
CA TYR B 222 2.67 -1.09 -21.22
C TYR B 222 3.44 -0.45 -20.07
N LEU B 223 2.80 0.44 -19.30
CA LEU B 223 3.44 1.09 -18.17
C LEU B 223 4.01 0.08 -17.20
N ASN B 224 3.25 -0.98 -16.94
CA ASN B 224 3.71 -2.04 -16.03
C ASN B 224 4.85 -2.90 -16.61
N LEU B 225 4.72 -3.28 -17.88
CA LEU B 225 5.82 -4.02 -18.54
C LEU B 225 7.09 -3.18 -18.50
N HIS B 226 6.94 -1.90 -18.86
CA HIS B 226 8.02 -0.92 -18.88
C HIS B 226 8.76 -0.84 -17.52
N ALA B 227 8.01 -0.60 -16.44
CA ALA B 227 8.61 -0.48 -15.11
C ALA B 227 9.31 -1.78 -14.66
N PHE B 228 8.71 -2.92 -14.97
CA PHE B 228 9.28 -4.24 -14.68
C PHE B 228 10.60 -4.45 -15.42
N VAL B 229 10.60 -4.12 -16.72
CA VAL B 229 11.77 -4.26 -17.56
C VAL B 229 12.87 -3.27 -17.18
N ARG B 230 12.48 -2.03 -16.90
CA ARG B 230 13.42 -1.00 -16.42
C ARG B 230 14.15 -1.46 -15.15
N ARG B 231 13.41 -2.10 -14.24
CA ARG B 231 14.01 -2.65 -13.01
C ARG B 231 15.10 -3.68 -13.35
N ALA B 232 14.83 -4.55 -14.31
CA ALA B 232 15.77 -5.59 -14.71
C ALA B 232 17.02 -4.97 -15.33
N LEU B 233 16.81 -3.96 -16.17
CA LEU B 233 17.90 -3.19 -16.77
C LEU B 233 18.76 -2.47 -15.75
N HIS B 234 18.12 -1.97 -14.69
CA HIS B 234 18.83 -1.29 -13.61
C HIS B 234 19.78 -2.23 -12.87
N ARG B 235 19.37 -3.48 -12.71
CA ARG B 235 20.21 -4.49 -12.05
C ARG B 235 21.39 -4.88 -12.94
N ARG B 236 21.14 -4.94 -14.25
CA ARG B 236 22.20 -5.24 -15.21
C ARG B 236 23.17 -4.07 -15.42
N TYR B 237 22.62 -2.89 -15.68
CA TYR B 237 23.45 -1.77 -16.09
C TYR B 237 23.80 -0.80 -14.96
N GLY B 238 22.98 -0.80 -13.91
CA GLY B 238 23.31 -0.02 -12.73
C GLY B 238 22.75 1.39 -12.75
N ASP B 239 22.82 2.03 -11.60
CA ASP B 239 22.24 3.34 -11.38
C ASP B 239 22.72 4.43 -12.33
N ARG B 240 23.97 4.34 -12.77
CA ARG B 240 24.57 5.37 -13.64
C ARG B 240 23.86 5.49 -15.00
N TYR B 241 23.37 4.36 -15.52
CA TYR B 241 22.79 4.30 -16.85
C TYR B 241 21.28 4.07 -16.88
N ILE B 242 20.71 3.67 -15.75
CA ILE B 242 19.28 3.46 -15.67
C ILE B 242 18.70 4.33 -14.56
N ASN B 243 17.76 5.18 -14.93
CA ASN B 243 16.99 6.00 -13.99
C ASN B 243 15.65 5.30 -13.72
N LEU B 244 15.45 4.83 -12.49
CA LEU B 244 14.25 4.10 -12.12
C LEU B 244 12.97 4.95 -12.19
N ARG B 245 13.13 6.26 -12.40
CA ARG B 245 12.00 7.16 -12.51
C ARG B 245 12.04 7.99 -13.80
N GLY B 246 12.84 7.53 -14.76
CA GLY B 246 12.99 8.23 -16.04
C GLY B 246 12.89 7.29 -17.23
N PRO B 247 13.00 7.84 -18.45
CA PRO B 247 12.90 6.99 -19.64
C PRO B 247 14.06 5.98 -19.77
N ILE B 248 13.78 4.84 -20.40
CA ILE B 248 14.81 3.81 -20.64
C ILE B 248 15.67 4.27 -21.83
N PRO B 249 17.02 4.24 -21.70
CA PRO B 249 17.80 4.55 -22.91
C PRO B 249 17.39 3.66 -24.10
N ALA B 250 17.27 4.27 -25.29
CA ALA B 250 16.60 3.66 -26.45
C ALA B 250 17.34 2.48 -27.08
N HIS B 251 18.60 2.26 -26.68
CA HIS B 251 19.42 1.19 -27.28
C HIS B 251 19.49 -0.10 -26.45
N LEU B 252 18.79 -0.16 -25.32
CA LEU B 252 18.99 -1.29 -24.39
C LEU B 252 17.93 -2.41 -24.43
N LEU B 253 17.03 -2.36 -25.41
CA LEU B 253 15.82 -3.20 -25.39
C LEU B 253 15.80 -4.34 -26.42
N GLY B 254 16.95 -4.57 -27.04
CA GLY B 254 17.14 -5.75 -27.89
C GLY B 254 16.87 -5.53 -29.36
N ASP B 255 16.45 -4.32 -29.69
CA ASP B 255 15.96 -4.00 -31.02
C ASP B 255 16.35 -2.54 -31.33
N MET B 256 16.75 -2.28 -32.58
CA MET B 256 17.21 -0.96 -32.99
C MET B 256 16.21 0.19 -32.74
N TRP B 257 14.92 -0.11 -32.81
CA TRP B 257 13.84 0.88 -32.61
C TRP B 257 13.14 0.72 -31.25
N ALA B 258 13.66 -0.18 -30.42
CA ALA B 258 13.02 -0.53 -29.15
C ALA B 258 11.55 -0.89 -29.36
N GLN B 259 11.24 -1.46 -30.53
CA GLN B 259 9.85 -1.74 -30.90
C GLN B 259 9.31 -3.09 -30.42
N SER B 260 10.18 -4.07 -30.25
CA SER B 260 9.78 -5.29 -29.58
C SER B 260 10.97 -5.75 -28.76
N TRP B 261 10.68 -6.27 -27.57
CA TRP B 261 11.72 -6.45 -26.58
C TRP B 261 12.06 -7.91 -26.31
N GLU B 262 11.59 -8.83 -27.15
CA GLU B 262 11.81 -10.25 -26.88
C GLU B 262 13.29 -10.68 -26.80
N ASN B 263 14.19 -9.93 -27.44
CA ASN B 263 15.63 -10.25 -27.38
C ASN B 263 16.29 -10.09 -26.01
N ILE B 264 15.63 -9.38 -25.10
CA ILE B 264 16.14 -9.28 -23.73
C ILE B 264 15.32 -10.14 -22.76
N TYR B 265 14.57 -11.10 -23.30
CA TYR B 265 13.82 -12.07 -22.50
C TYR B 265 14.68 -12.75 -21.44
N ASP B 266 15.91 -13.08 -21.82
CA ASP B 266 16.81 -13.82 -20.92
C ASP B 266 17.25 -13.02 -19.70
N MET B 267 17.11 -11.70 -19.79
CA MET B 267 17.45 -10.80 -18.70
C MET B 267 16.30 -10.58 -17.74
N VAL B 268 15.07 -10.77 -18.21
CA VAL B 268 13.88 -10.38 -17.45
C VAL B 268 12.97 -11.56 -17.09
N VAL B 269 13.27 -12.73 -17.65
CA VAL B 269 12.49 -13.96 -17.42
C VAL B 269 12.11 -14.14 -15.94
N PRO B 270 10.79 -14.12 -15.64
CA PRO B 270 10.28 -14.14 -14.27
C PRO B 270 10.78 -15.34 -13.47
N PHE B 271 10.78 -16.52 -14.09
CA PHE B 271 11.22 -17.74 -13.43
C PHE B 271 12.26 -18.46 -14.28
N PRO B 272 13.53 -18.00 -14.20
CA PRO B 272 14.63 -18.48 -15.04
C PRO B 272 14.88 -19.98 -14.92
N ASP B 273 14.37 -20.57 -13.85
CA ASP B 273 14.57 -21.99 -13.53
C ASP B 273 13.83 -22.94 -14.44
N LYS B 274 12.71 -22.49 -15.01
CA LYS B 274 11.92 -23.31 -15.93
C LYS B 274 12.63 -23.42 -17.28
N PRO B 275 12.13 -24.30 -18.19
CA PRO B 275 12.79 -24.48 -19.51
C PRO B 275 12.75 -23.22 -20.39
N ASN B 276 13.75 -23.07 -21.25
CA ASN B 276 13.91 -21.89 -22.08
C ASN B 276 12.90 -21.81 -23.23
N LEU B 277 12.00 -20.81 -23.16
CA LEU B 277 10.91 -20.66 -24.14
C LEU B 277 11.33 -19.97 -25.44
N ASP B 278 12.56 -19.48 -25.47
CA ASP B 278 13.14 -18.99 -26.72
C ASP B 278 13.86 -20.18 -27.37
N VAL B 279 13.30 -20.67 -28.47
CA VAL B 279 13.81 -21.89 -29.12
C VAL B 279 14.93 -21.66 -30.13
N THR B 280 15.45 -20.43 -30.19
CA THR B 280 16.52 -20.07 -31.12
C THR B 280 17.73 -21.01 -31.04
N SER B 281 18.24 -21.23 -29.83
CA SER B 281 19.41 -22.10 -29.67
C SER B 281 19.12 -23.55 -30.10
N THR B 282 17.89 -24.03 -29.87
CA THR B 282 17.45 -25.33 -30.38
C THR B 282 17.40 -25.34 -31.92
N MET B 283 16.84 -24.28 -32.51
CA MET B 283 16.81 -24.14 -33.98
C MET B 283 18.21 -24.24 -34.58
N LEU B 284 19.17 -23.57 -33.94
CA LEU B 284 20.55 -23.58 -34.40
C LEU B 284 21.18 -24.95 -34.20
N GLN B 285 20.98 -25.51 -33.01
CA GLN B 285 21.54 -26.82 -32.70
C GLN B 285 21.03 -27.89 -33.68
N GLN B 286 19.74 -27.81 -34.05
CA GLN B 286 19.17 -28.77 -35.01
C GLN B 286 19.49 -28.46 -36.48
N GLY B 287 20.10 -27.31 -36.77
CA GLY B 287 20.52 -26.97 -38.14
C GLY B 287 19.43 -26.43 -39.05
N TRP B 288 18.43 -25.76 -38.49
CA TRP B 288 17.38 -25.12 -39.29
C TRP B 288 17.99 -24.09 -40.24
N GLN B 289 17.43 -23.99 -41.44
CA GLN B 289 17.80 -22.96 -42.42
C GLN B 289 16.56 -22.24 -42.94
N ALA B 290 16.76 -21.18 -43.71
CA ALA B 290 15.62 -20.37 -44.20
C ALA B 290 14.55 -21.26 -44.83
N THR B 291 14.98 -22.21 -45.66
CA THR B 291 14.08 -23.12 -46.37
C THR B 291 13.16 -23.91 -45.41
N HIS B 292 13.74 -24.53 -44.38
CA HIS B 292 12.95 -25.25 -43.37
C HIS B 292 11.91 -24.35 -42.74
N MET B 293 12.32 -23.13 -42.39
CA MET B 293 11.45 -22.16 -41.74
C MET B 293 10.23 -21.86 -42.62
N PHE B 294 10.48 -21.66 -43.91
CA PHE B 294 9.41 -21.39 -44.88
C PHE B 294 8.51 -22.61 -45.13
N ARG B 295 9.11 -23.79 -45.21
CA ARG B 295 8.33 -25.01 -45.40
C ARG B 295 7.45 -25.31 -44.19
N VAL B 296 7.98 -25.07 -43.00
CA VAL B 296 7.25 -25.28 -41.74
C VAL B 296 6.07 -24.28 -41.64
N ALA B 297 6.34 -23.02 -41.96
CA ALA B 297 5.30 -22.00 -42.04
C ALA B 297 4.21 -22.44 -43.04
N GLU B 298 4.63 -22.83 -44.24
CA GLU B 298 3.71 -23.33 -45.27
C GLU B 298 2.82 -24.46 -44.77
N GLU B 299 3.41 -25.43 -44.07
CA GLU B 299 2.64 -26.59 -43.61
C GLU B 299 1.54 -26.19 -42.60
N PHE B 300 1.79 -25.16 -41.79
CA PHE B 300 0.74 -24.63 -40.90
C PHE B 300 -0.45 -24.16 -41.75
N PHE B 301 -0.18 -23.40 -42.80
CA PHE B 301 -1.22 -22.93 -43.71
C PHE B 301 -2.01 -24.08 -44.34
N THR B 302 -1.30 -25.08 -44.87
CA THR B 302 -1.99 -26.21 -45.50
C THR B 302 -2.71 -27.09 -44.46
N SER B 303 -2.24 -27.10 -43.22
CA SER B 303 -2.93 -27.82 -42.14
C SER B 303 -4.35 -27.26 -41.93
N LEU B 304 -4.53 -25.99 -42.26
CA LEU B 304 -5.84 -25.33 -42.18
C LEU B 304 -6.60 -25.48 -43.49
N GLU B 305 -6.04 -26.22 -44.43
CA GLU B 305 -6.59 -26.32 -45.78
C GLU B 305 -6.63 -24.98 -46.51
N LEU B 306 -5.65 -24.12 -46.22
CA LEU B 306 -5.37 -22.95 -47.04
C LEU B 306 -4.31 -23.34 -48.07
N SER B 307 -3.92 -22.42 -48.93
CA SER B 307 -3.13 -22.79 -50.12
C SER B 307 -1.65 -22.99 -49.84
N PRO B 308 -1.04 -24.00 -50.48
CA PRO B 308 0.42 -24.05 -50.40
C PRO B 308 1.02 -22.94 -51.28
N MET B 309 2.28 -22.60 -51.03
CA MET B 309 3.00 -21.65 -51.88
C MET B 309 3.21 -22.29 -53.25
N PRO B 310 2.88 -21.55 -54.33
CA PRO B 310 3.02 -22.05 -55.70
C PRO B 310 4.49 -22.19 -56.14
N PRO B 311 4.75 -22.97 -57.21
CA PRO B 311 6.11 -23.11 -57.74
C PRO B 311 6.82 -21.77 -57.99
N GLU B 312 6.09 -20.84 -58.59
CA GLU B 312 6.58 -19.48 -58.84
C GLU B 312 7.13 -18.79 -57.59
N PHE B 313 6.49 -19.01 -56.45
CA PHE B 313 6.98 -18.48 -55.17
C PHE B 313 8.37 -19.03 -54.82
N TRP B 314 8.53 -20.35 -54.91
CA TRP B 314 9.80 -20.98 -54.56
C TRP B 314 10.88 -20.62 -55.58
N GLU B 315 10.51 -20.51 -56.84
CA GLU B 315 11.48 -20.22 -57.90
C GLU B 315 11.96 -18.77 -57.87
N GLY B 316 11.09 -17.87 -57.45
CA GLY B 316 11.35 -16.43 -57.57
C GLY B 316 11.74 -15.70 -56.30
N SER B 317 11.36 -16.23 -55.14
CA SER B 317 11.57 -15.50 -53.88
C SER B 317 13.05 -15.35 -53.53
N MET B 318 13.36 -14.37 -52.69
CA MET B 318 14.71 -14.20 -52.17
C MET B 318 14.59 -14.47 -50.68
N LEU B 319 15.03 -15.66 -50.26
CA LEU B 319 14.79 -16.12 -48.87
C LEU B 319 16.00 -15.95 -47.97
N GLU B 320 17.13 -15.56 -48.56
CA GLU B 320 18.35 -15.26 -47.82
C GLU B 320 18.99 -14.03 -48.42
N LYS B 321 19.77 -13.33 -47.62
CA LYS B 321 20.65 -12.26 -48.12
C LYS B 321 21.67 -12.87 -49.11
N PRO B 322 21.75 -12.31 -50.33
CA PRO B 322 22.68 -12.83 -51.33
C PRO B 322 24.13 -12.89 -50.84
N ALA B 323 24.81 -13.98 -51.18
CA ALA B 323 26.18 -14.23 -50.76
C ALA B 323 27.18 -13.52 -51.67
N ASP B 324 26.74 -13.08 -52.85
CA ASP B 324 27.60 -12.35 -53.79
C ASP B 324 27.84 -10.89 -53.36
N GLY B 325 27.41 -10.57 -52.14
CA GLY B 325 27.70 -9.27 -51.53
C GLY B 325 26.96 -8.07 -52.09
N ARG B 326 26.27 -8.24 -53.23
CA ARG B 326 25.50 -7.18 -53.88
C ARG B 326 24.49 -6.56 -52.89
N GLU B 327 24.12 -5.30 -53.13
CA GLU B 327 23.22 -4.57 -52.24
C GLU B 327 21.76 -4.97 -52.45
N VAL B 328 21.04 -5.21 -51.35
CA VAL B 328 19.59 -5.51 -51.40
C VAL B 328 18.82 -4.72 -50.34
N VAL B 329 17.51 -4.62 -50.54
CA VAL B 329 16.60 -4.16 -49.48
C VAL B 329 16.32 -5.40 -48.63
N CYS B 330 16.94 -5.46 -47.46
CA CYS B 330 16.78 -6.61 -46.58
C CYS B 330 15.46 -6.64 -45.83
N HIS B 331 14.84 -5.47 -45.62
CA HIS B 331 13.61 -5.43 -44.82
C HIS B 331 12.55 -6.36 -45.40
N ALA B 332 12.06 -7.28 -44.57
CA ALA B 332 11.15 -8.34 -45.03
C ALA B 332 9.88 -7.79 -45.67
N SER B 333 9.54 -8.30 -46.85
CA SER B 333 8.31 -7.88 -47.51
C SER B 333 7.73 -9.02 -48.36
N ALA B 334 6.44 -8.94 -48.64
CA ALA B 334 5.72 -9.92 -49.45
C ALA B 334 5.14 -9.21 -50.68
N TRP B 335 5.21 -9.88 -51.82
CA TRP B 335 5.00 -9.23 -53.12
C TRP B 335 3.93 -9.90 -53.97
N ASP B 336 3.00 -9.09 -54.45
CA ASP B 336 1.98 -9.50 -55.42
C ASP B 336 2.30 -8.82 -56.76
N PHE B 337 2.49 -9.61 -57.81
CA PHE B 337 2.89 -9.06 -59.10
C PHE B 337 1.68 -8.71 -59.98
N TYR B 338 0.47 -8.92 -59.47
CA TYR B 338 -0.79 -8.64 -60.18
C TYR B 338 -0.96 -9.34 -61.53
N ASN B 339 -0.31 -10.49 -61.68
CA ASN B 339 -0.54 -11.35 -62.83
C ASN B 339 -1.16 -12.70 -62.45
N ARG B 340 -1.61 -12.81 -61.20
CA ARG B 340 -2.28 -14.00 -60.68
C ARG B 340 -1.38 -15.25 -60.63
N LYS B 341 -0.09 -15.07 -60.94
CA LYS B 341 0.86 -16.17 -61.03
C LYS B 341 2.09 -15.98 -60.14
N ASP B 342 2.67 -14.78 -60.15
CA ASP B 342 3.88 -14.49 -59.37
C ASP B 342 3.62 -13.84 -58.01
N PHE B 343 4.15 -14.47 -56.97
CA PHE B 343 4.00 -14.02 -55.58
C PHE B 343 5.31 -14.40 -54.89
N ARG B 344 5.90 -13.47 -54.16
CA ARG B 344 7.26 -13.66 -53.67
C ARG B 344 7.47 -13.03 -52.31
N ILE B 345 8.31 -13.66 -51.50
CA ILE B 345 8.83 -13.00 -50.31
C ILE B 345 10.29 -12.60 -50.54
N LYS B 346 10.67 -11.41 -50.06
CA LYS B 346 12.05 -10.97 -50.09
C LYS B 346 12.47 -10.71 -48.66
N GLN B 347 13.22 -11.64 -48.08
CA GLN B 347 13.61 -11.58 -46.67
C GLN B 347 15.04 -12.06 -46.49
N CYS B 348 15.86 -11.29 -45.79
CA CYS B 348 17.21 -11.71 -45.43
C CYS B 348 17.13 -12.58 -44.16
N THR B 349 16.52 -13.76 -44.32
CA THR B 349 16.17 -14.63 -43.21
C THR B 349 17.37 -15.03 -42.35
N ARG B 350 17.26 -14.83 -41.05
CA ARG B 350 18.21 -15.35 -40.09
C ARG B 350 17.54 -16.46 -39.28
N VAL B 351 18.33 -17.34 -38.67
CA VAL B 351 17.76 -18.50 -38.00
C VAL B 351 17.52 -18.19 -36.53
N THR B 352 16.37 -17.55 -36.25
CA THR B 352 15.93 -17.24 -34.90
C THR B 352 14.44 -17.51 -34.77
N MET B 353 13.98 -17.65 -33.52
CA MET B 353 12.56 -17.77 -33.23
C MET B 353 11.75 -16.57 -33.73
N ASP B 354 12.23 -15.35 -33.51
CA ASP B 354 11.45 -14.19 -34.00
C ASP B 354 11.43 -14.11 -35.55
N GLN B 355 12.50 -14.55 -36.20
CA GLN B 355 12.48 -14.68 -37.65
C GLN B 355 11.48 -15.72 -38.14
N LEU B 356 11.29 -16.79 -37.36
CA LEU B 356 10.28 -17.77 -37.72
C LEU B 356 8.89 -17.14 -37.72
N SER B 357 8.62 -16.29 -36.73
CA SER B 357 7.37 -15.51 -36.70
C SER B 357 7.27 -14.58 -37.90
N THR B 358 8.40 -13.94 -38.23
CA THR B 358 8.46 -13.03 -39.39
C THR B 358 8.10 -13.79 -40.66
N VAL B 359 8.62 -15.01 -40.80
CA VAL B 359 8.28 -15.87 -41.93
C VAL B 359 6.77 -16.06 -42.02
N HIS B 360 6.14 -16.35 -40.88
CA HIS B 360 4.68 -16.50 -40.84
C HIS B 360 4.00 -15.20 -41.24
N HIS B 361 4.47 -14.10 -40.69
CA HIS B 361 3.94 -12.76 -41.02
C HIS B 361 3.89 -12.54 -42.54
N GLU B 362 5.04 -12.67 -43.20
CA GLU B 362 5.13 -12.44 -44.65
C GLU B 362 4.30 -13.42 -45.44
N MET B 363 4.32 -14.69 -45.02
CA MET B 363 3.48 -15.69 -45.68
C MET B 363 1.98 -15.43 -45.47
N GLY B 364 1.62 -14.81 -44.35
CA GLY B 364 0.25 -14.29 -44.18
C GLY B 364 -0.18 -13.40 -45.34
N HIS B 365 0.70 -12.47 -45.74
CA HIS B 365 0.47 -11.58 -46.89
C HIS B 365 0.28 -12.38 -48.18
N ILE B 366 1.18 -13.35 -48.41
CA ILE B 366 1.13 -14.17 -49.61
C ILE B 366 -0.18 -14.94 -49.68
N GLN B 367 -0.60 -15.52 -48.55
CA GLN B 367 -1.85 -16.27 -48.52
C GLN B 367 -3.01 -15.39 -48.93
N TYR B 368 -3.04 -14.16 -48.40
CA TYR B 368 -4.04 -13.17 -48.80
C TYR B 368 -4.05 -13.02 -50.32
N TYR B 369 -2.88 -12.79 -50.91
CA TYR B 369 -2.73 -12.67 -52.37
C TYR B 369 -3.30 -13.87 -53.15
N LEU B 370 -3.00 -15.09 -52.68
CA LEU B 370 -3.46 -16.30 -53.36
C LEU B 370 -4.97 -16.43 -53.31
N GLN B 371 -5.56 -16.09 -52.18
CA GLN B 371 -7.00 -16.22 -52.00
C GLN B 371 -7.83 -15.23 -52.81
N TYR B 372 -7.30 -14.02 -53.03
CA TYR B 372 -8.08 -13.02 -53.75
C TYR B 372 -7.57 -12.71 -55.17
N LYS B 373 -6.69 -13.56 -55.70
CA LYS B 373 -6.06 -13.32 -57.00
C LYS B 373 -7.04 -13.16 -58.15
N ASP B 374 -8.22 -13.77 -58.03
CA ASP B 374 -9.18 -13.74 -59.13
C ASP B 374 -10.19 -12.61 -59.03
N LEU B 375 -10.01 -11.73 -58.04
CA LEU B 375 -10.83 -10.53 -57.95
C LEU B 375 -10.37 -9.50 -58.97
N PRO B 376 -11.26 -8.55 -59.31
CA PRO B 376 -10.82 -7.38 -60.06
C PRO B 376 -9.57 -6.78 -59.42
N VAL B 377 -8.63 -6.37 -60.26
CA VAL B 377 -7.32 -5.92 -59.79
C VAL B 377 -7.40 -4.87 -58.68
N SER B 378 -8.36 -3.95 -58.77
CA SER B 378 -8.54 -2.87 -57.78
C SER B 378 -8.99 -3.37 -56.40
N LEU B 379 -9.49 -4.61 -56.35
CA LEU B 379 -10.00 -5.19 -55.11
C LEU B 379 -9.01 -6.14 -54.43
N ARG B 380 -7.81 -6.24 -54.99
CA ARG B 380 -6.76 -7.09 -54.44
C ARG B 380 -6.00 -6.36 -53.34
N ARG B 381 -6.69 -6.14 -52.22
CA ARG B 381 -6.14 -5.44 -51.04
C ARG B 381 -6.80 -6.09 -49.85
N GLY B 382 -6.26 -5.87 -48.65
CA GLY B 382 -6.91 -6.35 -47.43
C GLY B 382 -8.22 -5.61 -47.21
N ALA B 383 -9.11 -6.15 -46.39
CA ALA B 383 -10.36 -5.44 -46.05
C ALA B 383 -10.01 -4.04 -45.55
N ASN B 384 -8.98 -3.95 -44.71
CA ASN B 384 -8.18 -2.73 -44.56
C ASN B 384 -6.70 -3.13 -44.38
N PRO B 385 -5.76 -2.16 -44.38
CA PRO B 385 -4.35 -2.59 -44.31
C PRO B 385 -3.99 -3.35 -43.04
N GLY B 386 -4.66 -3.06 -41.94
CA GLY B 386 -4.45 -3.80 -40.69
C GLY B 386 -4.82 -5.27 -40.79
N PHE B 387 -5.85 -5.61 -41.58
CA PHE B 387 -6.21 -7.00 -41.82
C PHE B 387 -5.00 -7.74 -42.45
N HIS B 388 -4.38 -7.11 -43.44
CA HIS B 388 -3.31 -7.74 -44.20
C HIS B 388 -2.16 -8.10 -43.27
N GLU B 389 -1.84 -7.16 -42.37
CA GLU B 389 -0.76 -7.32 -41.39
C GLU B 389 -1.06 -8.34 -40.30
N ALA B 390 -2.34 -8.58 -40.05
CA ALA B 390 -2.75 -9.46 -38.94
C ALA B 390 -2.68 -10.97 -39.26
N ILE B 391 -2.90 -11.34 -40.54
CA ILE B 391 -3.06 -12.75 -40.96
C ILE B 391 -1.95 -13.68 -40.47
N GLY B 392 -0.71 -13.40 -40.85
CA GLY B 392 0.43 -14.23 -40.45
C GLY B 392 0.66 -14.24 -38.95
N ASP B 393 0.45 -13.08 -38.32
CA ASP B 393 0.67 -12.93 -36.89
C ASP B 393 -0.30 -13.85 -36.12
N VAL B 394 -1.50 -14.02 -36.66
CA VAL B 394 -2.49 -14.92 -36.03
C VAL B 394 -1.95 -16.34 -35.98
N LEU B 395 -1.48 -16.88 -37.11
CA LEU B 395 -0.90 -18.22 -37.09
C LEU B 395 0.32 -18.31 -36.18
N ALA B 396 1.14 -17.26 -36.19
CA ALA B 396 2.35 -17.23 -35.35
C ALA B 396 2.00 -17.30 -33.86
N LEU B 397 0.84 -16.78 -33.49
CA LEU B 397 0.37 -16.91 -32.10
C LEU B 397 0.21 -18.38 -31.69
N SER B 398 -0.44 -19.17 -32.54
CA SER B 398 -0.55 -20.60 -32.30
C SER B 398 0.83 -21.29 -32.30
N VAL B 399 1.66 -20.93 -33.26
CA VAL B 399 3.00 -21.51 -33.41
C VAL B 399 3.85 -21.32 -32.15
N SER B 400 3.75 -20.14 -31.54
CA SER B 400 4.54 -19.77 -30.38
C SER B 400 4.21 -20.53 -29.09
N THR B 401 3.03 -21.15 -29.03
CA THR B 401 2.63 -21.85 -27.80
C THR B 401 3.61 -22.98 -27.49
N PRO B 402 3.97 -23.13 -26.21
CA PRO B 402 4.84 -24.24 -25.80
C PRO B 402 4.36 -25.57 -26.34
N GLU B 403 3.05 -25.81 -26.33
CA GLU B 403 2.50 -27.08 -26.85
C GLU B 403 2.81 -27.25 -28.33
N HIS B 404 2.67 -26.17 -29.12
CA HIS B 404 2.97 -26.30 -30.55
C HIS B 404 4.45 -26.48 -30.81
N LEU B 405 5.29 -25.74 -30.09
CA LEU B 405 6.74 -25.86 -30.23
C LEU B 405 7.16 -27.29 -29.96
N HIS B 406 6.52 -27.91 -28.98
CA HIS B 406 6.74 -29.33 -28.69
C HIS B 406 6.38 -30.24 -29.86
N LYS B 407 5.22 -29.99 -30.48
CA LYS B 407 4.77 -30.78 -31.63
C LYS B 407 5.75 -30.73 -32.81
N ILE B 408 6.37 -29.57 -33.02
CA ILE B 408 7.33 -29.42 -34.11
C ILE B 408 8.79 -29.63 -33.67
N GLY B 409 8.97 -30.19 -32.47
CA GLY B 409 10.27 -30.66 -32.03
C GLY B 409 11.24 -29.61 -31.53
N LEU B 410 10.73 -28.42 -31.19
CA LEU B 410 11.60 -27.33 -30.77
C LEU B 410 11.65 -27.11 -29.26
N LEU B 411 10.90 -27.92 -28.53
CA LEU B 411 10.78 -27.78 -27.08
C LEU B 411 10.31 -29.08 -26.45
N ASP B 412 10.92 -29.45 -25.33
CA ASP B 412 10.42 -30.56 -24.51
C ASP B 412 9.14 -30.14 -23.79
N ARG B 413 8.16 -31.04 -23.74
CA ARG B 413 6.86 -30.76 -23.12
C ARG B 413 7.05 -29.99 -21.82
N VAL B 414 6.44 -28.82 -21.71
CA VAL B 414 6.54 -28.04 -20.48
C VAL B 414 5.40 -28.44 -19.56
N THR B 415 5.62 -28.33 -18.25
CA THR B 415 4.54 -28.59 -17.30
C THR B 415 3.59 -27.39 -17.29
N ASN B 416 2.30 -27.68 -17.25
CA ASN B 416 1.26 -26.68 -17.28
C ASN B 416 0.99 -26.11 -15.87
N ASP B 417 1.95 -25.35 -15.36
CA ASP B 417 1.78 -24.67 -14.07
C ASP B 417 1.71 -23.15 -14.28
N THR B 418 1.37 -22.41 -13.24
CA THR B 418 1.20 -20.96 -13.36
C THR B 418 2.51 -20.22 -13.63
N GLU B 419 3.64 -20.78 -13.17
CA GLU B 419 4.95 -20.16 -13.43
C GLU B 419 5.38 -20.20 -14.90
N SER B 420 5.14 -21.34 -15.55
CA SER B 420 5.38 -21.48 -16.99
C SER B 420 4.46 -20.58 -17.80
N ASP B 421 3.23 -20.43 -17.29
CA ASP B 421 2.22 -19.58 -17.90
C ASP B 421 2.66 -18.11 -17.87
N ILE B 422 3.21 -17.69 -16.73
CA ILE B 422 3.75 -16.34 -16.56
C ILE B 422 4.96 -16.10 -17.47
N ASN B 423 5.88 -17.05 -17.48
CA ASN B 423 7.04 -17.00 -18.37
C ASN B 423 6.61 -16.78 -19.82
N TYR B 424 5.67 -17.60 -20.28
CA TYR B 424 5.18 -17.51 -21.64
C TYR B 424 4.50 -16.18 -21.92
N LEU B 425 3.57 -15.80 -21.05
CA LEU B 425 2.87 -14.54 -21.23
C LEU B 425 3.80 -13.34 -21.14
N LEU B 426 4.82 -13.40 -20.28
CA LEU B 426 5.79 -12.32 -20.26
C LEU B 426 6.56 -12.24 -21.58
N LYS B 427 7.00 -13.39 -22.10
CA LYS B 427 7.71 -13.42 -23.37
C LYS B 427 6.85 -12.84 -24.51
N MET B 428 5.58 -13.23 -24.56
CA MET B 428 4.66 -12.69 -25.58
C MET B 428 4.40 -11.20 -25.38
N ALA B 429 4.42 -10.75 -24.13
CA ALA B 429 4.26 -9.33 -23.82
C ALA B 429 5.44 -8.49 -24.34
N LEU B 430 6.67 -9.00 -24.19
CA LEU B 430 7.84 -8.28 -24.71
C LEU B 430 7.71 -8.02 -26.21
N GLU B 431 7.03 -8.92 -26.90
CA GLU B 431 6.83 -8.85 -28.35
C GLU B 431 5.60 -8.02 -28.73
N LYS B 432 4.49 -8.27 -28.05
CA LYS B 432 3.22 -7.68 -28.47
C LYS B 432 2.87 -6.40 -27.71
N ILE B 433 3.03 -6.40 -26.39
CA ILE B 433 2.68 -5.24 -25.58
C ILE B 433 3.69 -4.09 -25.77
N ALA B 434 4.99 -4.41 -25.76
CA ALA B 434 6.05 -3.40 -25.99
C ALA B 434 5.88 -2.64 -27.31
N PHE B 435 5.32 -3.30 -28.32
CA PHE B 435 5.16 -2.72 -29.66
C PHE B 435 4.06 -1.66 -29.71
N LEU B 436 3.02 -1.82 -28.89
CA LEU B 436 1.81 -0.98 -28.99
C LEU B 436 2.08 0.53 -29.07
N PRO B 437 2.86 1.08 -28.11
CA PRO B 437 3.14 2.52 -28.22
C PRO B 437 3.90 2.89 -29.50
N PHE B 438 4.80 2.04 -29.97
CA PHE B 438 5.54 2.35 -31.20
C PHE B 438 4.62 2.23 -32.42
N GLY B 439 3.83 1.15 -32.50
CA GLY B 439 2.81 1.04 -33.54
C GLY B 439 1.89 2.26 -33.64
N TYR B 440 1.55 2.82 -32.49
CA TYR B 440 0.65 3.97 -32.40
C TYR B 440 1.35 5.29 -32.78
N LEU B 441 2.58 5.49 -32.29
CA LEU B 441 3.26 6.78 -32.46
C LEU B 441 3.78 7.12 -33.86
N VAL B 442 4.24 6.12 -34.62
CA VAL B 442 4.92 6.41 -35.89
C VAL B 442 4.07 7.24 -36.84
N ASP B 443 2.82 6.84 -37.06
CA ASP B 443 1.97 7.64 -37.95
C ASP B 443 1.42 8.91 -37.29
N GLN B 444 1.39 8.97 -35.96
CA GLN B 444 1.08 10.25 -35.32
C GLN B 444 2.15 11.25 -35.71
N TRP B 445 3.40 10.83 -35.70
CA TRP B 445 4.49 11.67 -36.15
C TRP B 445 4.31 12.04 -37.62
N ARG B 446 4.04 11.04 -38.45
CA ARG B 446 3.96 11.25 -39.90
C ARG B 446 2.73 12.07 -40.31
N TRP B 447 1.60 11.86 -39.62
CA TRP B 447 0.42 12.71 -39.85
C TRP B 447 0.68 14.18 -39.51
N GLY B 448 1.46 14.44 -38.46
CA GLY B 448 1.83 15.80 -38.11
C GLY B 448 2.74 16.43 -39.16
N VAL B 449 3.65 15.63 -39.72
CA VAL B 449 4.51 16.10 -40.80
C VAL B 449 3.66 16.42 -42.03
N PHE B 450 2.82 15.49 -42.45
CA PHE B 450 1.99 15.72 -43.64
C PHE B 450 1.07 16.95 -43.48
N SER B 451 0.50 17.13 -42.29
CA SER B 451 -0.42 18.25 -42.04
C SER B 451 0.27 19.60 -41.94
N GLY B 452 1.60 19.61 -41.81
CA GLY B 452 2.33 20.86 -41.61
C GLY B 452 2.48 21.22 -40.13
N ARG B 453 1.81 20.48 -39.25
CA ARG B 453 1.92 20.71 -37.81
C ARG B 453 3.38 20.53 -37.32
N THR B 454 4.11 19.60 -37.95
CA THR B 454 5.52 19.36 -37.68
C THR B 454 6.35 19.72 -38.93
N PRO B 455 6.90 20.95 -38.99
CA PRO B 455 7.74 21.34 -40.12
C PRO B 455 9.13 20.73 -40.00
N PRO B 456 9.95 20.77 -41.08
CA PRO B 456 11.31 20.23 -41.00
C PRO B 456 12.08 20.66 -39.75
N SER B 457 11.90 21.92 -39.33
CA SER B 457 12.57 22.45 -38.16
C SER B 457 12.22 21.74 -36.85
N ARG B 458 11.17 20.90 -36.84
CA ARG B 458 10.83 20.11 -35.65
C ARG B 458 10.68 18.61 -35.89
N TYR B 459 11.23 18.10 -36.99
CA TYR B 459 11.19 16.64 -37.27
C TYR B 459 11.66 15.80 -36.09
N ASN B 460 12.85 16.14 -35.56
CA ASN B 460 13.41 15.32 -34.50
C ASN B 460 12.86 15.68 -33.14
N PHE B 461 12.63 16.98 -32.90
CA PHE B 461 11.98 17.45 -31.67
C PHE B 461 10.66 16.72 -31.46
N ASP B 462 9.83 16.62 -32.50
CA ASP B 462 8.53 15.98 -32.38
C ASP B 462 8.59 14.47 -32.38
N TRP B 463 9.57 13.91 -33.09
CA TRP B 463 9.80 12.47 -33.05
C TRP B 463 10.10 12.06 -31.61
N TRP B 464 11.04 12.77 -30.97
CA TRP B 464 11.45 12.41 -29.61
C TRP B 464 10.41 12.74 -28.53
N TYR B 465 9.62 13.78 -28.77
CA TYR B 465 8.46 14.04 -27.91
C TYR B 465 7.55 12.80 -27.87
N LEU B 466 7.19 12.28 -29.04
CA LEU B 466 6.30 11.14 -29.15
C LEU B 466 6.93 9.83 -28.62
N ARG B 467 8.21 9.63 -28.95
CA ARG B 467 8.95 8.47 -28.48
C ARG B 467 8.99 8.40 -26.95
N THR B 468 9.23 9.55 -26.33
CA THR B 468 9.23 9.65 -24.87
C THR B 468 7.79 9.60 -24.30
N LYS B 469 6.86 10.34 -24.90
CA LYS B 469 5.45 10.32 -24.45
C LYS B 469 4.87 8.91 -24.38
N TYR B 470 5.14 8.10 -25.40
CA TYR B 470 4.49 6.81 -25.55
C TYR B 470 5.35 5.64 -25.09
N GLN B 471 6.59 5.55 -25.60
CA GLN B 471 7.43 4.41 -25.27
C GLN B 471 8.22 4.59 -23.99
N GLY B 472 8.29 5.83 -23.50
CA GLY B 472 9.05 6.12 -22.28
C GLY B 472 10.52 5.79 -22.45
N ILE B 473 11.06 6.19 -23.59
CA ILE B 473 12.47 5.98 -23.90
C ILE B 473 13.13 7.31 -24.23
N CYS B 474 14.45 7.35 -24.12
CA CYS B 474 15.22 8.54 -24.44
C CYS B 474 16.42 8.20 -25.31
N PRO B 475 16.89 9.14 -26.13
CA PRO B 475 18.09 8.83 -26.92
C PRO B 475 19.32 8.76 -26.01
N PRO B 476 20.20 7.75 -26.22
CA PRO B 476 21.37 7.58 -25.37
C PRO B 476 22.52 8.56 -25.63
N VAL B 477 22.44 9.30 -26.73
CA VAL B 477 23.34 10.44 -27.00
C VAL B 477 22.48 11.63 -27.36
N THR B 478 23.03 12.84 -27.22
CA THR B 478 22.30 14.07 -27.57
C THR B 478 21.91 14.05 -29.06
N ARG B 479 20.70 14.52 -29.37
CA ARG B 479 20.23 14.68 -30.75
C ARG B 479 19.85 16.14 -30.96
N ASN B 480 19.94 16.59 -32.21
CA ASN B 480 19.49 17.92 -32.60
C ASN B 480 18.79 17.82 -33.95
N GLU B 481 18.42 18.95 -34.55
CA GLU B 481 17.63 18.90 -35.80
C GLU B 481 18.42 18.51 -37.07
N THR B 482 19.74 18.33 -36.94
CA THR B 482 20.53 17.76 -38.03
C THR B 482 20.21 16.27 -38.12
N HIS B 483 19.96 15.68 -36.96
CA HIS B 483 19.53 14.28 -36.89
C HIS B 483 18.08 14.11 -37.34
N PHE B 484 17.83 13.03 -38.07
CA PHE B 484 16.50 12.71 -38.54
C PHE B 484 16.18 11.26 -38.14
N ASP B 485 15.94 11.05 -36.85
CA ASP B 485 15.84 9.71 -36.29
C ASP B 485 14.62 8.90 -36.78
N ALA B 486 13.53 9.60 -37.13
CA ALA B 486 12.41 8.97 -37.84
C ALA B 486 12.89 8.31 -39.15
N GLY B 487 13.84 8.94 -39.82
CA GLY B 487 14.38 8.41 -41.09
C GLY B 487 15.12 7.09 -40.96
N ALA B 488 15.59 6.77 -39.75
CA ALA B 488 16.34 5.53 -39.51
C ALA B 488 15.45 4.28 -39.35
N LYS B 489 14.15 4.46 -39.56
CA LYS B 489 13.18 3.37 -39.48
C LYS B 489 12.63 3.12 -40.87
N PHE B 490 12.69 1.87 -41.31
CA PHE B 490 12.43 1.49 -42.71
C PHE B 490 11.23 2.21 -43.34
N HIS B 491 10.08 2.11 -42.69
CA HIS B 491 8.83 2.54 -43.28
C HIS B 491 8.79 4.02 -43.63
N VAL B 492 9.66 4.82 -43.01
CA VAL B 492 9.66 6.26 -43.27
C VAL B 492 10.28 6.62 -44.64
N PRO B 493 11.60 6.38 -44.85
CA PRO B 493 12.12 6.60 -46.22
C PRO B 493 11.46 5.71 -47.28
N ASN B 494 10.92 4.57 -46.87
CA ASN B 494 10.26 3.67 -47.82
C ASN B 494 8.75 3.90 -47.95
N VAL B 495 8.27 4.98 -47.36
CA VAL B 495 6.89 5.46 -47.54
C VAL B 495 5.82 4.36 -47.35
N THR B 496 5.98 3.55 -46.31
CA THR B 496 5.01 2.53 -45.99
C THR B 496 4.27 3.00 -44.72
N PRO B 497 2.94 3.14 -44.80
CA PRO B 497 2.14 3.58 -43.64
C PRO B 497 2.32 2.62 -42.47
N TYR B 498 2.16 3.13 -41.25
CA TYR B 498 2.46 2.36 -40.06
C TYR B 498 1.28 2.01 -39.15
N ILE B 499 0.21 2.81 -39.21
CA ILE B 499 -0.93 2.63 -38.27
C ILE B 499 -1.55 1.24 -38.44
N ARG B 500 -1.38 0.65 -39.64
CA ARG B 500 -1.77 -0.73 -39.94
C ARG B 500 -1.27 -1.74 -38.92
N TYR B 501 -0.06 -1.52 -38.40
CA TYR B 501 0.53 -2.45 -37.43
C TYR B 501 -0.09 -2.29 -36.04
N PHE B 502 -0.38 -1.07 -35.62
CA PHE B 502 -1.17 -0.88 -34.38
C PHE B 502 -2.55 -1.54 -34.51
N VAL B 503 -3.25 -1.28 -35.60
CA VAL B 503 -4.55 -1.93 -35.86
C VAL B 503 -4.39 -3.46 -35.84
N SER B 504 -3.33 -3.94 -36.50
CA SER B 504 -3.00 -5.37 -36.51
C SER B 504 -2.77 -6.00 -35.15
N PHE B 505 -2.03 -5.33 -34.28
CA PHE B 505 -1.68 -5.94 -32.99
C PHE B 505 -2.90 -6.09 -32.09
N VAL B 506 -3.90 -5.23 -32.30
CA VAL B 506 -5.19 -5.38 -31.61
C VAL B 506 -6.02 -6.45 -32.32
N LEU B 507 -6.20 -6.25 -33.63
CA LEU B 507 -7.04 -7.11 -34.46
C LEU B 507 -6.67 -8.59 -34.41
N GLN B 508 -5.37 -8.88 -34.30
CA GLN B 508 -4.93 -10.27 -34.36
C GLN B 508 -5.44 -11.11 -33.18
N PHE B 509 -5.63 -10.47 -32.03
CA PHE B 509 -6.20 -11.18 -30.87
C PHE B 509 -7.70 -11.42 -31.03
N GLN B 510 -8.37 -10.48 -31.70
CA GLN B 510 -9.79 -10.65 -32.07
C GLN B 510 -9.93 -11.86 -33.00
N PHE B 511 -9.06 -11.92 -34.00
CA PHE B 511 -9.04 -13.01 -34.97
C PHE B 511 -8.72 -14.34 -34.28
N HIS B 512 -7.74 -14.31 -33.40
CA HIS B 512 -7.28 -15.48 -32.68
C HIS B 512 -8.42 -16.05 -31.82
N GLU B 513 -9.05 -15.20 -31.02
CA GLU B 513 -10.22 -15.61 -30.23
C GLU B 513 -11.30 -16.28 -31.08
N ALA B 514 -11.69 -15.60 -32.16
CA ALA B 514 -12.68 -16.12 -33.11
C ALA B 514 -12.30 -17.48 -33.69
N LEU B 515 -11.03 -17.66 -34.03
CA LEU B 515 -10.59 -18.88 -34.70
C LEU B 515 -10.47 -20.02 -33.70
N CYS B 516 -9.97 -19.70 -32.51
CA CYS B 516 -9.91 -20.64 -31.39
C CYS B 516 -11.30 -21.14 -31.00
N LYS B 517 -12.29 -20.25 -31.02
CA LYS B 517 -13.68 -20.64 -30.78
C LYS B 517 -14.19 -21.55 -31.91
N GLU B 518 -13.94 -21.15 -33.16
CA GLU B 518 -14.38 -21.93 -34.31
C GLU B 518 -13.71 -23.32 -34.32
N ALA B 519 -12.48 -23.38 -33.82
CA ALA B 519 -11.72 -24.64 -33.71
C ALA B 519 -12.31 -25.57 -32.64
N GLY B 520 -13.25 -25.07 -31.86
CA GLY B 520 -13.80 -25.85 -30.75
C GLY B 520 -12.87 -25.92 -29.56
N TYR B 521 -11.83 -25.09 -29.54
CA TYR B 521 -10.91 -25.04 -28.41
C TYR B 521 -11.59 -24.41 -27.21
N GLU B 522 -11.34 -24.95 -26.01
CA GLU B 522 -12.06 -24.56 -24.79
C GLU B 522 -11.17 -24.30 -23.56
N GLY B 523 -9.86 -24.18 -23.75
CA GLY B 523 -8.95 -23.83 -22.67
C GLY B 523 -8.65 -22.33 -22.64
N PRO B 524 -7.62 -21.92 -21.87
CA PRO B 524 -7.22 -20.52 -21.78
C PRO B 524 -6.81 -19.99 -23.18
N LEU B 525 -7.23 -18.78 -23.51
CA LEU B 525 -6.97 -18.21 -24.84
C LEU B 525 -5.49 -18.23 -25.25
N HIS B 526 -4.60 -17.99 -24.29
CA HIS B 526 -3.17 -17.98 -24.60
C HIS B 526 -2.55 -19.37 -24.82
N GLN B 527 -3.33 -20.42 -24.61
CA GLN B 527 -2.84 -21.78 -24.82
C GLN B 527 -3.44 -22.43 -26.07
N CYS B 528 -4.30 -21.70 -26.76
CA CYS B 528 -4.91 -22.19 -27.99
C CYS B 528 -3.91 -22.37 -29.12
N ASP B 529 -4.05 -23.50 -29.83
CA ASP B 529 -3.32 -23.74 -31.08
C ASP B 529 -4.35 -24.16 -32.13
N ILE B 530 -4.49 -23.38 -33.19
CA ILE B 530 -5.46 -23.70 -34.22
C ILE B 530 -4.93 -24.70 -35.29
N TYR B 531 -3.68 -25.13 -35.14
CA TYR B 531 -3.05 -26.08 -36.07
C TYR B 531 -4.00 -27.23 -36.41
N ARG B 532 -4.12 -27.53 -37.70
CA ARG B 532 -4.98 -28.61 -38.21
C ARG B 532 -6.48 -28.39 -38.04
N SER B 533 -6.90 -27.20 -37.63
CA SER B 533 -8.34 -26.91 -37.60
C SER B 533 -8.82 -26.44 -38.98
N THR B 534 -9.44 -27.35 -39.71
CA THR B 534 -10.01 -27.02 -41.02
C THR B 534 -11.20 -26.04 -40.92
N LYS B 535 -11.90 -26.06 -39.79
CA LYS B 535 -12.98 -25.11 -39.52
C LYS B 535 -12.46 -23.68 -39.33
N ALA B 536 -11.45 -23.53 -38.48
CA ALA B 536 -10.73 -22.25 -38.40
C ALA B 536 -10.27 -21.82 -39.80
N GLY B 537 -9.69 -22.77 -40.55
CA GLY B 537 -9.24 -22.55 -41.92
C GLY B 537 -10.31 -21.93 -42.80
N ALA B 538 -11.49 -22.56 -42.82
CA ALA B 538 -12.63 -22.08 -43.62
C ALA B 538 -13.06 -20.65 -43.23
N LYS B 539 -13.07 -20.37 -41.93
CA LYS B 539 -13.46 -19.05 -41.41
C LYS B 539 -12.46 -17.97 -41.81
N LEU B 540 -11.17 -18.29 -41.72
CA LEU B 540 -10.14 -17.34 -42.16
C LEU B 540 -10.19 -17.15 -43.68
N ARG B 541 -10.43 -18.25 -44.41
CA ARG B 541 -10.50 -18.21 -45.87
C ARG B 541 -11.54 -17.21 -46.37
N LYS B 542 -12.69 -17.19 -45.70
CA LYS B 542 -13.78 -16.30 -46.04
C LYS B 542 -13.34 -14.83 -46.00
N VAL B 543 -12.55 -14.48 -44.99
CA VAL B 543 -11.97 -13.14 -44.91
C VAL B 543 -11.02 -12.90 -46.09
N LEU B 544 -10.13 -13.85 -46.34
CA LEU B 544 -9.06 -13.64 -47.33
C LEU B 544 -9.60 -13.47 -48.76
N ARG B 545 -10.58 -14.29 -49.12
CA ARG B 545 -11.18 -14.24 -50.46
C ARG B 545 -12.01 -12.96 -50.73
N ALA B 546 -12.35 -12.24 -49.68
CA ALA B 546 -13.13 -11.01 -49.80
C ALA B 546 -12.32 -9.84 -50.42
N GLY B 547 -11.00 -9.86 -50.22
CA GLY B 547 -10.17 -8.73 -50.63
C GLY B 547 -10.71 -7.46 -49.99
N SER B 548 -10.86 -6.41 -50.80
CA SER B 548 -11.48 -5.17 -50.33
C SER B 548 -12.84 -4.94 -50.98
N SER B 549 -13.52 -6.03 -51.32
CA SER B 549 -14.81 -5.95 -52.00
C SER B 549 -15.95 -5.50 -51.07
N ARG B 550 -15.81 -5.78 -49.77
CA ARG B 550 -16.83 -5.41 -48.77
C ARG B 550 -16.22 -4.50 -47.68
N PRO B 551 -17.04 -3.65 -47.02
CA PRO B 551 -16.48 -2.81 -45.96
C PRO B 551 -15.90 -3.66 -44.83
N TRP B 552 -14.77 -3.21 -44.26
CA TRP B 552 -14.05 -4.04 -43.28
C TRP B 552 -14.87 -4.31 -42.01
N GLN B 553 -15.75 -3.37 -41.66
CA GLN B 553 -16.64 -3.53 -40.51
C GLN B 553 -17.57 -4.74 -40.66
N GLU B 554 -18.09 -4.95 -41.86
CA GLU B 554 -18.97 -6.08 -42.16
C GLU B 554 -18.20 -7.39 -42.20
N VAL B 555 -17.02 -7.36 -42.83
CA VAL B 555 -16.16 -8.52 -42.87
C VAL B 555 -15.79 -8.94 -41.43
N LEU B 556 -15.38 -7.97 -40.62
CA LEU B 556 -15.05 -8.24 -39.21
C LEU B 556 -16.24 -8.81 -38.44
N LYS B 557 -17.44 -8.32 -38.75
CA LYS B 557 -18.67 -8.79 -38.10
C LYS B 557 -18.88 -10.28 -38.37
N ASP B 558 -18.86 -10.66 -39.65
CA ASP B 558 -19.01 -12.06 -40.04
C ASP B 558 -18.01 -12.96 -39.32
N MET B 559 -16.76 -12.51 -39.26
CA MET B 559 -15.69 -13.30 -38.65
C MET B 559 -15.79 -13.40 -37.13
N VAL B 560 -15.85 -12.26 -36.44
CA VAL B 560 -15.70 -12.27 -34.98
C VAL B 560 -16.98 -11.91 -34.23
N GLY B 561 -18.00 -11.47 -34.94
CA GLY B 561 -19.30 -11.16 -34.31
C GLY B 561 -19.41 -9.71 -33.86
N LEU B 562 -18.36 -8.93 -34.09
CA LEU B 562 -18.34 -7.51 -33.73
C LEU B 562 -17.84 -6.70 -34.93
N ASP B 563 -18.34 -5.47 -35.08
CA ASP B 563 -18.05 -4.65 -36.26
C ASP B 563 -17.00 -3.56 -36.03
N ALA B 564 -16.29 -3.65 -34.89
CA ALA B 564 -15.32 -2.63 -34.51
C ALA B 564 -14.06 -3.27 -33.93
N LEU B 565 -12.94 -2.56 -34.05
CA LEU B 565 -11.73 -2.90 -33.29
C LEU B 565 -12.02 -2.96 -31.80
N ASP B 566 -11.52 -3.99 -31.14
CA ASP B 566 -11.84 -4.23 -29.73
C ASP B 566 -10.63 -4.77 -28.99
N ALA B 567 -10.26 -4.12 -27.90
CA ALA B 567 -9.09 -4.50 -27.13
C ALA B 567 -9.33 -5.67 -26.18
N GLN B 568 -10.59 -6.08 -26.02
CA GLN B 568 -10.92 -7.08 -25.00
C GLN B 568 -10.21 -8.42 -25.20
N PRO B 569 -10.19 -8.95 -26.44
CA PRO B 569 -9.48 -10.25 -26.64
C PRO B 569 -7.99 -10.20 -26.27
N LEU B 570 -7.28 -9.14 -26.67
CA LEU B 570 -5.89 -8.93 -26.25
C LEU B 570 -5.76 -8.86 -24.73
N LEU B 571 -6.65 -8.10 -24.08
CA LEU B 571 -6.66 -8.01 -22.62
C LEU B 571 -6.91 -9.38 -22.00
N LYS B 572 -7.86 -10.13 -22.57
CA LYS B 572 -8.19 -11.44 -22.05
C LYS B 572 -7.00 -12.39 -22.20
N TYR B 573 -6.30 -12.26 -23.32
CA TYR B 573 -5.12 -13.08 -23.59
C TYR B 573 -4.04 -12.87 -22.55
N PHE B 574 -3.74 -11.62 -22.22
CA PHE B 574 -2.62 -11.29 -21.33
C PHE B 574 -3.01 -11.19 -19.85
N GLN B 575 -4.31 -11.32 -19.59
CA GLN B 575 -4.90 -11.07 -18.27
C GLN B 575 -4.01 -11.55 -17.13
N LEU B 576 -3.54 -12.80 -17.20
CA LEU B 576 -2.75 -13.39 -16.11
C LEU B 576 -1.42 -12.71 -15.84
N VAL B 577 -0.72 -12.30 -16.90
CA VAL B 577 0.55 -11.57 -16.72
C VAL B 577 0.30 -10.09 -16.42
N THR B 578 -0.82 -9.56 -16.88
CA THR B 578 -1.22 -8.18 -16.58
C THR B 578 -1.38 -8.03 -15.06
N GLN B 579 -2.07 -8.97 -14.44
CA GLN B 579 -2.26 -9.00 -12.99
C GLN B 579 -0.91 -9.22 -12.26
N TRP B 580 -0.15 -10.21 -12.73
CA TRP B 580 1.13 -10.56 -12.12
C TRP B 580 2.13 -9.40 -12.10
N LEU B 581 2.33 -8.77 -13.26
CA LEU B 581 3.22 -7.61 -13.39
C LEU B 581 2.81 -6.44 -12.50
N GLN B 582 1.51 -6.21 -12.40
CA GLN B 582 0.94 -5.17 -11.55
C GLN B 582 1.29 -5.39 -10.08
N GLU B 583 1.18 -6.65 -9.64
CA GLU B 583 1.54 -7.06 -8.28
C GLU B 583 3.03 -6.91 -8.02
N GLN B 584 3.85 -7.46 -8.91
CA GLN B 584 5.31 -7.35 -8.80
C GLN B 584 5.78 -5.91 -8.63
N ASN B 585 5.29 -5.02 -9.50
CA ASN B 585 5.71 -3.60 -9.46
C ASN B 585 5.34 -2.92 -8.15
N GLN B 586 4.10 -3.13 -7.71
CA GLN B 586 3.62 -2.62 -6.41
C GLN B 586 4.48 -3.12 -5.24
N GLN B 587 4.87 -4.39 -5.28
CA GLN B 587 5.72 -4.97 -4.24
C GLN B 587 7.13 -4.39 -4.21
N ASN B 588 7.65 -4.02 -5.38
CA ASN B 588 8.99 -3.42 -5.48
C ASN B 588 8.94 -1.92 -5.31
N GLY B 589 7.73 -1.37 -5.18
CA GLY B 589 7.52 0.07 -5.03
C GLY B 589 7.98 0.85 -6.24
N GLU B 590 7.68 0.34 -7.43
CA GLU B 590 8.04 1.00 -8.69
C GLU B 590 7.18 2.23 -8.90
N VAL B 591 7.75 3.26 -9.53
CA VAL B 591 6.92 4.29 -10.13
C VAL B 591 6.52 3.81 -11.53
N LEU B 592 5.22 3.84 -11.83
CA LEU B 592 4.76 3.58 -13.18
C LEU B 592 4.90 4.87 -13.97
N GLY B 593 5.62 4.80 -15.08
CA GLY B 593 5.89 5.98 -15.88
C GLY B 593 7.31 6.46 -15.67
N TRP B 594 7.56 7.66 -16.20
CA TRP B 594 8.88 8.26 -16.25
C TRP B 594 8.76 9.78 -15.97
N PRO B 595 8.41 10.14 -14.71
CA PRO B 595 8.21 11.55 -14.33
C PRO B 595 9.47 12.42 -14.52
N GLU B 596 10.63 11.79 -14.51
CA GLU B 596 11.87 12.51 -14.85
C GLU B 596 12.08 12.47 -16.36
N TYR B 597 11.18 13.17 -17.06
CA TYR B 597 11.06 13.12 -18.51
C TYR B 597 12.26 13.75 -19.22
N GLN B 598 13.05 14.54 -18.50
CA GLN B 598 14.16 15.28 -19.09
C GLN B 598 15.46 14.47 -19.06
N TRP B 599 15.45 13.35 -18.36
CA TRP B 599 16.68 12.63 -18.06
C TRP B 599 17.24 11.91 -19.29
N HIS B 600 18.55 12.01 -19.46
CA HIS B 600 19.29 11.22 -20.44
C HIS B 600 20.47 10.56 -19.73
N PRO B 601 20.89 9.37 -20.20
CA PRO B 601 22.04 8.73 -19.56
C PRO B 601 23.33 9.45 -19.94
N PRO B 602 24.37 9.37 -19.08
CA PRO B 602 25.66 9.95 -19.46
C PRO B 602 26.39 9.05 -20.49
N LEU B 603 27.48 9.54 -21.06
CA LEU B 603 28.28 8.74 -21.99
C LEU B 603 29.20 7.79 -21.25
N PRO B 604 29.47 6.61 -21.81
CA PRO B 604 30.51 5.74 -21.26
C PRO B 604 31.86 6.45 -21.25
N ASP B 605 32.71 6.17 -20.27
CA ASP B 605 34.04 6.75 -20.22
C ASP B 605 34.85 6.29 -21.43
N ASN B 606 35.63 7.23 -21.98
CA ASN B 606 36.43 7.01 -23.19
C ASN B 606 35.57 6.60 -24.40
N TYR B 607 34.45 7.30 -24.60
CA TYR B 607 33.59 7.07 -25.76
C TYR B 607 33.91 8.05 -26.91
N PRO B 608 34.03 7.53 -28.16
CA PRO B 608 34.04 6.12 -28.57
C PRO B 608 35.45 5.59 -28.85
N LEU C 1 -26.13 -52.68 43.30
CA LEU C 1 -26.17 -51.42 42.54
C LEU C 1 -27.25 -50.52 43.13
N ASP C 2 -26.91 -49.27 43.43
CA ASP C 2 -27.91 -48.29 43.92
C ASP C 2 -29.12 -48.26 42.99
N PRO C 3 -30.33 -48.12 43.55
CA PRO C 3 -31.55 -48.14 42.73
C PRO C 3 -31.52 -47.09 41.61
N GLY C 4 -31.03 -45.89 41.93
CA GLY C 4 -30.95 -44.80 40.96
C GLY C 4 -29.98 -45.07 39.80
N LEU C 5 -29.13 -46.08 39.95
CA LEU C 5 -28.16 -46.42 38.91
C LEU C 5 -28.59 -47.62 38.07
N GLN C 6 -29.74 -48.19 38.41
CA GLN C 6 -30.26 -49.39 37.72
C GLN C 6 -31.07 -49.01 36.47
N PRO C 7 -30.99 -49.82 35.40
CA PRO C 7 -31.82 -49.54 34.23
C PRO C 7 -33.31 -49.84 34.49
N GLY C 8 -34.18 -48.94 34.03
CA GLY C 8 -35.64 -49.14 34.13
C GLY C 8 -36.19 -49.80 32.89
N GLN C 9 -37.45 -49.54 32.57
CA GLN C 9 -38.05 -50.09 31.36
C GLN C 9 -37.97 -49.07 30.22
N PHE C 10 -37.84 -49.58 29.00
CA PHE C 10 -37.83 -48.76 27.80
C PHE C 10 -38.45 -49.62 26.71
N SER C 11 -39.17 -49.00 25.78
CA SER C 11 -39.78 -49.76 24.68
C SER C 11 -38.72 -50.36 23.76
N ALA C 12 -39.00 -51.54 23.22
CA ALA C 12 -38.06 -52.28 22.37
C ALA C 12 -38.10 -51.80 20.93
N ASP C 13 -37.74 -50.53 20.72
CA ASP C 13 -37.70 -49.90 19.39
C ASP C 13 -36.70 -48.75 19.42
N GLU C 14 -36.48 -48.12 18.26
CA GLU C 14 -35.47 -47.08 18.18
C GLU C 14 -35.78 -45.92 19.14
N ALA C 15 -37.04 -45.52 19.22
CA ALA C 15 -37.46 -44.43 20.10
C ALA C 15 -37.10 -44.73 21.56
N GLY C 16 -37.36 -45.97 21.98
CA GLY C 16 -37.05 -46.42 23.32
C GLY C 16 -35.55 -46.49 23.57
N ALA C 17 -34.82 -46.93 22.55
CA ALA C 17 -33.35 -46.94 22.59
C ALA C 17 -32.73 -45.57 22.84
N GLN C 18 -33.28 -44.53 22.20
CA GLN C 18 -32.83 -43.15 22.45
C GLN C 18 -32.99 -42.78 23.93
N LEU C 19 -34.15 -43.11 24.49
CA LEU C 19 -34.43 -42.87 25.91
C LEU C 19 -33.50 -43.69 26.80
N PHE C 20 -33.30 -44.96 26.43
CA PHE C 20 -32.35 -45.84 27.12
C PHE C 20 -30.95 -45.22 27.16
N ALA C 21 -30.48 -44.72 26.01
CA ALA C 21 -29.16 -44.12 25.91
C ALA C 21 -29.01 -42.87 26.80
N GLN C 22 -30.01 -42.00 26.78
CA GLN C 22 -30.05 -40.82 27.65
C GLN C 22 -30.00 -41.22 29.13
N SER C 23 -30.82 -42.21 29.50
CA SER C 23 -30.86 -42.72 30.87
C SER C 23 -29.51 -43.32 31.28
N TYR C 24 -28.93 -44.16 30.42
CA TYR C 24 -27.59 -44.70 30.62
C TYR C 24 -26.56 -43.60 30.94
N GLN C 25 -26.50 -42.62 30.05
CA GLN C 25 -25.58 -41.49 30.13
C GLN C 25 -25.61 -40.82 31.50
N SER C 26 -26.81 -40.56 32.00
CA SER C 26 -27.00 -39.93 33.29
C SER C 26 -26.29 -40.68 34.42
N SER C 27 -26.52 -41.99 34.52
CA SER C 27 -25.90 -42.77 35.57
C SER C 27 -24.43 -43.09 35.30
N ALA C 28 -24.07 -43.22 34.02
CA ALA C 28 -22.72 -43.63 33.63
C ALA C 28 -21.65 -42.63 34.10
N GLU C 29 -21.96 -41.34 34.00
CA GLU C 29 -21.05 -40.30 34.44
C GLU C 29 -20.70 -40.42 35.92
N GLN C 30 -21.67 -40.82 36.73
CA GLN C 30 -21.45 -40.95 38.17
C GLN C 30 -20.55 -42.15 38.45
N VAL C 31 -20.86 -43.26 37.80
CA VAL C 31 -20.12 -44.51 37.99
C VAL C 31 -18.68 -44.41 37.46
N LEU C 32 -18.52 -43.78 36.30
CA LEU C 32 -17.18 -43.58 35.73
C LEU C 32 -16.35 -42.63 36.57
N PHE C 33 -16.96 -41.53 37.03
CA PHE C 33 -16.27 -40.57 37.88
C PHE C 33 -15.69 -41.23 39.14
N GLN C 34 -16.52 -41.99 39.86
CA GLN C 34 -16.07 -42.64 41.09
C GLN C 34 -14.88 -43.62 40.81
N SER C 35 -14.94 -44.31 39.69
CA SER C 35 -13.87 -45.20 39.27
C SER C 35 -12.60 -44.39 38.95
N VAL C 36 -12.74 -43.36 38.11
CA VAL C 36 -11.57 -42.54 37.76
C VAL C 36 -10.99 -41.87 39.00
N ALA C 37 -11.85 -41.34 39.89
CA ALA C 37 -11.37 -40.74 41.14
C ALA C 37 -10.57 -41.73 41.99
N ALA C 38 -11.08 -42.95 42.12
CA ALA C 38 -10.39 -43.99 42.90
C ALA C 38 -9.06 -44.37 42.26
N SER C 39 -9.03 -44.44 40.92
CA SER C 39 -7.78 -44.72 40.20
C SER C 39 -6.77 -43.61 40.43
N TRP C 40 -7.24 -42.37 40.42
CA TRP C 40 -6.39 -41.19 40.66
C TRP C 40 -5.81 -41.24 42.06
N ALA C 41 -6.66 -41.53 43.04
CA ALA C 41 -6.22 -41.63 44.44
C ALA C 41 -5.11 -42.65 44.62
N HIS C 42 -5.19 -43.75 43.89
CA HIS C 42 -4.17 -44.78 43.93
C HIS C 42 -2.90 -44.40 43.17
N ASP C 43 -3.06 -43.95 41.92
CA ASP C 43 -1.89 -43.65 41.08
C ASP C 43 -1.05 -42.46 41.59
N THR C 44 -1.66 -41.57 42.37
CA THR C 44 -0.90 -40.48 42.95
C THR C 44 -0.49 -40.78 44.40
N ASN C 45 -0.76 -42.00 44.85
CA ASN C 45 -0.50 -42.40 46.24
C ASN C 45 -0.70 -43.92 46.37
N ILE C 46 0.29 -44.67 45.90
CA ILE C 46 0.18 -46.13 45.84
C ILE C 46 0.28 -46.72 47.25
N THR C 47 -0.82 -47.28 47.71
CA THR C 47 -0.88 -47.97 49.00
C THR C 47 -1.84 -49.15 48.85
N ALA C 48 -1.70 -50.13 49.72
CA ALA C 48 -2.62 -51.27 49.72
C ALA C 48 -4.06 -50.80 49.91
N GLU C 49 -4.27 -49.81 50.79
CA GLU C 49 -5.63 -49.30 51.04
C GLU C 49 -6.22 -48.62 49.79
N ASN C 50 -5.41 -47.84 49.10
CA ASN C 50 -5.90 -47.18 47.89
C ASN C 50 -6.16 -48.17 46.76
N ALA C 51 -5.37 -49.24 46.70
CA ALA C 51 -5.64 -50.32 45.77
C ALA C 51 -6.99 -50.97 46.11
N ARG C 52 -7.21 -51.24 47.38
CA ARG C 52 -8.49 -51.81 47.85
C ARG C 52 -9.68 -50.93 47.44
N ARG C 53 -9.57 -49.62 47.65
CA ARG C 53 -10.62 -48.68 47.25
C ARG C 53 -10.84 -48.65 45.73
N GLN C 54 -9.74 -48.71 44.98
CA GLN C 54 -9.85 -48.71 43.52
C GLN C 54 -10.54 -49.98 43.02
N GLU C 55 -10.21 -51.11 43.63
CA GLU C 55 -10.82 -52.39 43.26
C GLU C 55 -12.32 -52.42 43.55
N GLU C 56 -12.70 -51.82 44.66
CA GLU C 56 -14.10 -51.68 45.03
C GLU C 56 -14.83 -50.80 44.01
N ALA C 57 -14.21 -49.69 43.61
CA ALA C 57 -14.75 -48.84 42.53
C ALA C 57 -14.85 -49.58 41.20
N ALA C 58 -13.82 -50.34 40.86
CA ALA C 58 -13.82 -51.11 39.62
C ALA C 58 -14.96 -52.12 39.63
N LEU C 59 -15.18 -52.74 40.79
CA LEU C 59 -16.21 -53.77 40.91
C LEU C 59 -17.61 -53.15 40.72
N LEU C 60 -17.80 -51.94 41.25
CA LEU C 60 -19.04 -51.20 41.02
C LEU C 60 -19.25 -50.89 39.52
N SER C 61 -18.17 -50.46 38.84
CA SER C 61 -18.23 -50.22 37.42
C SER C 61 -18.63 -51.46 36.63
N GLN C 62 -18.07 -52.61 37.00
CA GLN C 62 -18.43 -53.88 36.35
C GLN C 62 -19.88 -54.27 36.63
N GLU C 63 -20.35 -53.99 37.85
CA GLU C 63 -21.75 -54.24 38.21
C GLU C 63 -22.69 -53.39 37.35
N PHE C 64 -22.34 -52.12 37.22
CA PHE C 64 -23.06 -51.17 36.37
C PHE C 64 -23.06 -51.60 34.90
N ALA C 65 -21.87 -51.90 34.37
CA ALA C 65 -21.75 -52.34 32.98
C ALA C 65 -22.60 -53.59 32.71
N GLU C 66 -22.59 -54.53 33.66
CA GLU C 66 -23.37 -55.76 33.51
C GLU C 66 -24.88 -55.48 33.40
N ALA C 67 -25.41 -54.70 34.35
CA ALA C 67 -26.83 -54.34 34.38
C ALA C 67 -27.28 -53.69 33.06
N TRP C 68 -26.56 -52.67 32.62
CA TRP C 68 -26.92 -51.92 31.43
C TRP C 68 -26.66 -52.69 30.13
N GLY C 69 -25.58 -53.48 30.11
CA GLY C 69 -25.27 -54.36 28.98
C GLY C 69 -26.36 -55.39 28.75
N GLN C 70 -26.76 -56.07 29.82
CA GLN C 70 -27.82 -57.07 29.76
C GLN C 70 -29.16 -56.46 29.38
N LYS C 71 -29.46 -55.25 29.88
CA LYS C 71 -30.72 -54.59 29.52
C LYS C 71 -30.73 -54.17 28.06
N ALA C 72 -29.59 -53.69 27.56
CA ALA C 72 -29.42 -53.38 26.12
C ALA C 72 -29.67 -54.61 25.25
N LYS C 73 -29.12 -55.75 25.66
CA LYS C 73 -29.34 -56.99 24.90
C LYS C 73 -30.79 -57.48 25.00
N GLU C 74 -31.33 -57.52 26.22
CA GLU C 74 -32.74 -57.86 26.45
C GLU C 74 -33.67 -57.06 25.51
N LEU C 75 -33.45 -55.76 25.40
CA LEU C 75 -34.34 -54.89 24.63
C LEU C 75 -34.00 -54.72 23.14
N TYR C 76 -32.71 -54.72 22.79
CA TYR C 76 -32.30 -54.27 21.45
C TYR C 76 -31.45 -55.23 20.63
N GLU C 77 -31.09 -56.38 21.19
CA GLU C 77 -30.23 -57.35 20.51
C GLU C 77 -30.59 -57.62 19.04
N PRO C 78 -31.87 -57.93 18.73
CA PRO C 78 -32.17 -58.24 17.32
C PRO C 78 -32.36 -57.02 16.40
N ILE C 79 -32.33 -55.81 16.94
CA ILE C 79 -32.79 -54.62 16.20
C ILE C 79 -31.83 -53.43 16.15
N TRP C 80 -30.82 -53.40 17.01
CA TRP C 80 -29.98 -52.20 17.16
C TRP C 80 -29.16 -51.86 15.91
N GLN C 81 -28.74 -52.89 15.20
CA GLN C 81 -27.94 -52.72 14.00
C GLN C 81 -28.72 -52.06 12.85
N GLN C 82 -30.04 -52.17 12.87
CA GLN C 82 -30.90 -51.55 11.85
C GLN C 82 -31.42 -50.17 12.25
N PHE C 83 -30.97 -49.65 13.41
CA PHE C 83 -31.38 -48.30 13.83
C PHE C 83 -30.95 -47.23 12.82
N THR C 84 -31.83 -46.27 12.61
CA THR C 84 -31.61 -45.15 11.69
C THR C 84 -30.42 -44.27 12.12
N ASP C 85 -30.37 -43.93 13.40
CA ASP C 85 -29.35 -43.05 13.96
C ASP C 85 -28.01 -43.78 14.11
N PRO C 86 -26.98 -43.34 13.35
CA PRO C 86 -25.68 -44.01 13.39
C PRO C 86 -24.96 -43.83 14.73
N GLN C 87 -25.16 -42.69 15.38
CA GLN C 87 -24.59 -42.43 16.68
C GLN C 87 -25.22 -43.34 17.74
N LEU C 88 -26.54 -43.53 17.66
CA LEU C 88 -27.24 -44.45 18.54
C LEU C 88 -26.72 -45.88 18.40
N ARG C 89 -26.49 -46.32 17.16
CA ARG C 89 -25.93 -47.65 16.94
C ARG C 89 -24.58 -47.81 17.64
N ARG C 90 -23.76 -46.75 17.61
CA ARG C 90 -22.44 -46.80 18.23
C ARG C 90 -22.54 -46.81 19.75
N ILE C 91 -23.51 -46.09 20.30
CA ILE C 91 -23.75 -46.09 21.75
C ILE C 91 -24.21 -47.47 22.20
N ILE C 92 -25.22 -48.01 21.54
CA ILE C 92 -25.74 -49.33 21.88
C ILE C 92 -24.64 -50.38 21.71
N GLY C 93 -23.87 -50.25 20.63
CA GLY C 93 -22.74 -51.16 20.37
C GLY C 93 -21.75 -51.19 21.54
N ALA C 94 -21.48 -50.03 22.12
CA ALA C 94 -20.56 -49.93 23.25
C ALA C 94 -21.14 -50.50 24.55
N VAL C 95 -22.40 -50.14 24.84
CA VAL C 95 -23.09 -50.59 26.07
C VAL C 95 -23.19 -52.12 26.14
N ARG C 96 -23.42 -52.77 25.01
CA ARG C 96 -23.54 -54.22 25.01
C ARG C 96 -22.19 -54.97 25.09
N THR C 97 -21.08 -54.25 25.02
CA THR C 97 -19.75 -54.82 25.24
C THR C 97 -19.43 -54.77 26.73
N LEU C 98 -19.43 -55.94 27.39
CA LEU C 98 -19.25 -55.98 28.84
C LEU C 98 -17.81 -56.13 29.31
N GLY C 99 -16.95 -56.73 28.50
CA GLY C 99 -15.54 -56.92 28.87
C GLY C 99 -15.41 -57.75 30.15
N SER C 100 -14.60 -57.25 31.09
CA SER C 100 -14.35 -57.92 32.35
C SER C 100 -15.63 -58.09 33.20
N ALA C 101 -16.66 -57.28 32.93
CA ALA C 101 -17.98 -57.48 33.53
C ALA C 101 -18.63 -58.81 33.14
N ASN C 102 -18.11 -59.48 32.10
CA ASN C 102 -18.57 -60.82 31.73
C ASN C 102 -18.12 -61.90 32.73
N LEU C 103 -17.04 -61.62 33.46
CA LEU C 103 -16.50 -62.57 34.42
C LEU C 103 -17.45 -62.71 35.61
N PRO C 104 -17.59 -63.93 36.16
CA PRO C 104 -18.32 -64.01 37.42
C PRO C 104 -17.58 -63.24 38.51
N LEU C 105 -18.27 -62.93 39.60
CA LEU C 105 -17.75 -62.07 40.66
C LEU C 105 -16.35 -62.43 41.18
N ALA C 106 -16.13 -63.70 41.55
CA ALA C 106 -14.85 -64.11 42.12
C ALA C 106 -13.70 -63.88 41.11
N LYS C 107 -13.98 -64.07 39.83
CA LYS C 107 -12.98 -63.84 38.79
C LYS C 107 -12.81 -62.35 38.50
N ARG C 108 -13.90 -61.57 38.62
CA ARG C 108 -13.84 -60.10 38.51
C ARG C 108 -12.90 -59.54 39.55
N GLN C 109 -13.06 -60.01 40.78
CA GLN C 109 -12.21 -59.60 41.89
C GLN C 109 -10.75 -60.00 41.69
N GLN C 110 -10.53 -61.20 41.14
CA GLN C 110 -9.19 -61.69 40.85
C GLN C 110 -8.54 -60.82 39.78
N TYR C 111 -9.31 -60.51 38.73
CA TYR C 111 -8.87 -59.66 37.63
C TYR C 111 -8.48 -58.27 38.14
N ASN C 112 -9.36 -57.66 38.93
CA ASN C 112 -9.11 -56.33 39.48
C ASN C 112 -7.87 -56.31 40.36
N ALA C 113 -7.67 -57.33 41.19
CA ALA C 113 -6.47 -57.40 42.03
C ALA C 113 -5.19 -57.57 41.22
N LEU C 114 -5.23 -58.37 40.16
CA LEU C 114 -4.06 -58.57 39.31
C LEU C 114 -3.61 -57.25 38.70
N LEU C 115 -4.57 -56.45 38.26
CA LEU C 115 -4.26 -55.12 37.71
C LEU C 115 -3.56 -54.25 38.76
N SER C 116 -4.10 -54.24 39.98
CA SER C 116 -3.50 -53.46 41.06
C SER C 116 -2.09 -53.93 41.36
N GLN C 117 -1.92 -55.24 41.48
CA GLN C 117 -0.61 -55.78 41.84
C GLN C 117 0.44 -55.56 40.74
N MET C 118 0.04 -55.71 39.48
CA MET C 118 0.96 -55.42 38.36
C MET C 118 1.35 -53.94 38.32
N SER C 119 0.39 -53.06 38.59
CA SER C 119 0.67 -51.62 38.62
C SER C 119 1.66 -51.30 39.74
N ARG C 120 1.40 -51.84 40.94
CA ARG C 120 2.29 -51.64 42.08
C ARG C 120 3.72 -52.08 41.78
N ILE C 121 3.86 -53.30 41.25
CA ILE C 121 5.20 -53.86 41.01
C ILE C 121 5.98 -52.96 40.05
N TYR C 122 5.36 -52.58 38.95
CA TYR C 122 6.05 -51.75 37.96
C TYR C 122 6.43 -50.37 38.50
N SER C 123 5.49 -49.69 39.14
CA SER C 123 5.72 -48.31 39.55
C SER C 123 6.49 -48.15 40.86
N THR C 124 6.68 -49.24 41.61
CA THR C 124 7.49 -49.16 42.81
C THR C 124 8.82 -49.91 42.75
N ALA C 125 9.11 -50.54 41.61
CA ALA C 125 10.39 -51.26 41.45
C ALA C 125 11.58 -50.32 41.58
N LYS C 126 12.64 -50.83 42.21
CA LYS C 126 13.86 -50.04 42.44
C LYS C 126 15.10 -50.85 42.08
N VAL C 127 16.19 -50.15 41.78
CA VAL C 127 17.48 -50.78 41.56
C VAL C 127 18.43 -50.31 42.67
N CYS C 128 18.90 -51.24 43.50
CA CYS C 128 19.76 -50.90 44.63
C CYS C 128 21.24 -51.11 44.31
N LEU C 129 22.09 -50.20 44.81
CA LEU C 129 23.53 -50.21 44.50
C LEU C 129 24.29 -51.28 45.28
N THR C 133 25.92 -49.85 50.45
CA THR C 133 24.60 -49.80 51.09
C THR C 133 23.51 -50.00 50.05
N ALA C 134 22.40 -50.62 50.46
CA ALA C 134 21.24 -50.75 49.58
C ALA C 134 20.39 -49.48 49.62
N THR C 135 20.98 -48.37 49.18
CA THR C 135 20.23 -47.16 48.79
C THR C 135 19.88 -47.31 47.29
N CYS C 136 18.69 -46.87 46.89
CA CYS C 136 18.11 -47.37 45.63
C CYS C 136 17.57 -46.33 44.63
N TRP C 137 17.63 -46.69 43.36
CA TRP C 137 17.22 -45.79 42.29
C TRP C 137 15.84 -46.13 41.77
N SER C 138 15.04 -45.12 41.49
CA SER C 138 13.76 -45.29 40.83
C SER C 138 13.95 -45.14 39.32
N LEU C 139 12.98 -45.60 38.55
CA LEU C 139 13.01 -45.46 37.10
C LEU C 139 13.00 -43.98 36.71
N ASP C 140 12.07 -43.25 37.31
CA ASP C 140 11.89 -41.83 37.07
C ASP C 140 12.03 -41.08 38.40
N PRO C 141 13.07 -40.24 38.55
CA PRO C 141 14.00 -39.75 37.51
C PRO C 141 15.32 -40.51 37.37
N ASP C 142 15.69 -41.33 38.35
CA ASP C 142 17.10 -41.79 38.46
C ASP C 142 17.61 -42.59 37.28
N LEU C 143 16.93 -43.69 36.93
CA LEU C 143 17.39 -44.55 35.86
C LEU C 143 17.17 -43.89 34.49
N THR C 144 16.08 -43.13 34.39
CA THR C 144 15.82 -42.33 33.21
C THR C 144 17.00 -41.39 32.93
N ASN C 145 17.44 -40.66 33.96
CA ASN C 145 18.56 -39.72 33.82
C ASN C 145 19.88 -40.40 33.44
N ILE C 146 20.15 -41.58 34.02
CA ILE C 146 21.33 -42.36 33.67
C ILE C 146 21.30 -42.78 32.19
N LEU C 147 20.18 -43.37 31.77
CA LEU C 147 20.04 -43.85 30.40
C LEU C 147 20.18 -42.70 29.38
N ALA C 148 19.69 -41.51 29.74
CA ALA C 148 19.77 -40.32 28.89
C ALA C 148 21.15 -39.64 28.81
N SER C 149 21.87 -39.61 29.93
CA SER C 149 23.05 -38.76 30.08
C SER C 149 24.40 -39.46 30.22
N SER C 150 24.38 -40.69 30.74
CA SER C 150 25.64 -41.42 30.93
C SER C 150 26.21 -41.95 29.61
N ARG C 151 27.51 -41.78 29.42
CA ARG C 151 28.21 -42.37 28.30
C ARG C 151 29.19 -43.42 28.84
N SER C 152 28.94 -43.89 30.05
CA SER C 152 29.72 -44.95 30.67
C SER C 152 29.04 -46.28 30.38
N TYR C 153 29.71 -47.13 29.59
CA TYR C 153 29.13 -48.42 29.18
C TYR C 153 28.62 -49.23 30.39
N ALA C 154 29.45 -49.36 31.41
CA ALA C 154 29.15 -50.18 32.60
C ALA C 154 28.01 -49.61 33.45
N MET C 155 27.90 -48.29 33.55
CA MET C 155 26.83 -47.64 34.30
C MET C 155 25.48 -47.85 33.61
N LEU C 156 25.46 -47.62 32.30
CA LEU C 156 24.28 -47.86 31.48
C LEU C 156 23.82 -49.31 31.62
N LEU C 157 24.78 -50.23 31.58
CA LEU C 157 24.50 -51.65 31.73
C LEU C 157 23.86 -51.97 33.08
N PHE C 158 24.43 -51.38 34.13
CA PHE C 158 23.90 -51.60 35.47
C PHE C 158 22.45 -51.14 35.58
N ALA C 159 22.17 -49.95 35.08
CA ALA C 159 20.80 -49.42 35.08
C ALA C 159 19.84 -50.28 34.23
N TRP C 160 20.29 -50.66 33.02
CA TRP C 160 19.47 -51.46 32.11
C TRP C 160 19.17 -52.84 32.69
N GLU C 161 20.20 -53.52 33.15
CA GLU C 161 20.04 -54.85 33.73
C GLU C 161 19.24 -54.78 35.03
N GLY C 162 19.63 -53.85 35.90
CA GLY C 162 18.94 -53.65 37.17
C GLY C 162 17.45 -53.45 36.97
N TRP C 163 17.09 -52.58 36.03
CA TRP C 163 15.67 -52.28 35.81
C TRP C 163 14.93 -53.49 35.26
N HIS C 164 15.47 -54.14 34.23
CA HIS C 164 14.74 -55.23 33.59
C HIS C 164 14.53 -56.40 34.56
N ASN C 165 15.54 -56.69 35.38
CA ASN C 165 15.40 -57.75 36.42
C ASN C 165 14.38 -57.38 37.50
N ALA C 166 14.46 -56.15 38.01
CA ALA C 166 13.61 -55.70 39.11
C ALA C 166 12.14 -55.62 38.74
N ALA C 167 11.83 -55.05 37.57
CA ALA C 167 10.45 -54.87 37.15
C ALA C 167 9.85 -56.11 36.53
N GLY C 168 10.59 -56.74 35.60
CA GLY C 168 10.03 -57.83 34.80
C GLY C 168 9.82 -59.16 35.52
N ILE C 169 10.82 -59.61 36.27
CA ILE C 169 10.79 -60.94 36.92
C ILE C 169 9.55 -61.19 37.78
N PRO C 170 9.26 -60.30 38.76
CA PRO C 170 8.06 -60.53 39.59
C PRO C 170 6.73 -60.37 38.84
N LEU C 171 6.73 -59.70 37.69
CA LEU C 171 5.51 -59.55 36.92
C LEU C 171 5.03 -60.81 36.20
N LYS C 172 5.96 -61.69 35.87
CA LYS C 172 5.65 -62.80 34.97
C LYS C 172 4.44 -63.68 35.37
N PRO C 173 4.41 -64.20 36.62
CA PRO C 173 3.26 -65.05 36.96
C PRO C 173 1.92 -64.32 36.94
N LEU C 174 1.92 -63.03 37.33
CA LEU C 174 0.71 -62.22 37.32
C LEU C 174 0.23 -61.98 35.89
N TYR C 175 1.18 -61.69 35.00
CA TYR C 175 0.85 -61.45 33.59
C TYR C 175 0.20 -62.68 32.93
N GLU C 176 0.66 -63.88 33.26
CA GLU C 176 0.01 -65.11 32.77
C GLU C 176 -1.44 -65.18 33.20
N ASP C 177 -1.66 -65.00 34.50
CA ASP C 177 -3.00 -65.05 35.07
C ASP C 177 -3.91 -63.98 34.49
N PHE C 178 -3.38 -62.77 34.33
CA PHE C 178 -4.14 -61.68 33.73
C PHE C 178 -4.58 -62.03 32.29
N THR C 179 -3.63 -62.50 31.48
CA THR C 179 -3.89 -62.87 30.09
C THR C 179 -5.06 -63.85 29.98
N ALA C 180 -5.05 -64.88 30.84
CA ALA C 180 -6.09 -65.89 30.82
C ALA C 180 -7.45 -65.29 31.16
N LEU C 181 -7.51 -64.47 32.22
CA LEU C 181 -8.77 -63.85 32.63
C LEU C 181 -9.29 -62.86 31.60
N SER C 182 -8.37 -62.07 31.03
CA SER C 182 -8.71 -61.10 30.01
C SER C 182 -9.39 -61.78 28.81
N ASN C 183 -8.79 -62.86 28.30
CA ASN C 183 -9.38 -63.64 27.20
C ASN C 183 -10.74 -64.25 27.54
N GLU C 184 -10.85 -64.82 28.74
CA GLU C 184 -12.12 -65.37 29.22
C GLU C 184 -13.20 -64.31 29.17
N ALA C 185 -12.88 -63.10 29.63
CA ALA C 185 -13.81 -61.99 29.63
C ALA C 185 -14.31 -61.66 28.20
N TYR C 186 -13.37 -61.43 27.28
CA TYR C 186 -13.74 -60.98 25.93
C TYR C 186 -14.31 -62.05 25.02
N LYS C 187 -14.02 -63.32 25.31
CA LYS C 187 -14.65 -64.41 24.58
C LYS C 187 -16.17 -64.32 24.67
N GLN C 188 -16.66 -63.91 25.84
CA GLN C 188 -18.09 -63.74 26.06
C GLN C 188 -18.68 -62.52 25.32
N ASP C 189 -17.82 -61.62 24.84
CA ASP C 189 -18.24 -60.56 23.92
C ASP C 189 -18.14 -61.02 22.46
N GLY C 190 -17.72 -62.27 22.25
CA GLY C 190 -17.63 -62.84 20.91
C GLY C 190 -16.28 -62.71 20.18
N PHE C 191 -15.24 -62.26 20.88
CA PHE C 191 -13.90 -62.12 20.28
C PHE C 191 -13.03 -63.33 20.63
N THR C 192 -12.29 -63.86 19.66
CA THR C 192 -11.46 -65.06 19.89
C THR C 192 -10.40 -64.86 20.98
N ASP C 193 -9.88 -63.65 21.09
CA ASP C 193 -9.00 -63.29 22.20
C ASP C 193 -9.01 -61.78 22.44
N THR C 194 -8.32 -61.33 23.49
CA THR C 194 -8.31 -59.91 23.85
C THR C 194 -7.71 -59.03 22.74
N GLY C 195 -6.70 -59.56 22.04
CA GLY C 195 -6.06 -58.82 20.95
C GLY C 195 -7.00 -58.53 19.80
N ALA C 196 -7.91 -59.46 19.51
CA ALA C 196 -8.92 -59.26 18.46
C ALA C 196 -9.90 -58.14 18.83
N TYR C 197 -10.21 -58.06 20.13
CA TYR C 197 -11.01 -56.97 20.65
C TYR C 197 -10.25 -55.64 20.49
N TRP C 198 -9.01 -55.59 20.96
CA TRP C 198 -8.18 -54.37 20.81
C TRP C 198 -8.12 -53.88 19.35
N ARG C 199 -7.87 -54.79 18.42
CA ARG C 199 -7.79 -54.43 16.99
C ARG C 199 -9.13 -53.97 16.42
N SER C 200 -10.24 -54.44 17.00
CA SER C 200 -11.57 -54.13 16.48
C SER C 200 -11.88 -52.63 16.56
N TRP C 201 -11.19 -51.91 17.43
CA TRP C 201 -11.37 -50.45 17.56
C TRP C 201 -11.08 -49.70 16.28
N TYR C 202 -10.36 -50.34 15.35
CA TYR C 202 -9.93 -49.68 14.10
C TYR C 202 -10.91 -49.91 12.95
N ASN C 203 -11.93 -50.74 13.20
CA ASN C 203 -13.00 -51.03 12.23
C ASN C 203 -12.43 -51.22 10.82
N SER C 204 -11.50 -52.16 10.70
CA SER C 204 -10.78 -52.35 9.45
C SER C 204 -10.41 -53.80 9.22
N PRO C 205 -11.08 -54.47 8.27
CA PRO C 205 -10.82 -55.88 7.95
C PRO C 205 -9.36 -56.17 7.57
N THR C 206 -8.64 -55.18 7.07
CA THR C 206 -7.27 -55.38 6.62
C THR C 206 -6.24 -54.67 7.51
N PHE C 207 -6.61 -54.40 8.76
CA PHE C 207 -5.77 -53.63 9.69
C PHE C 207 -4.33 -54.15 9.73
N GLU C 208 -4.17 -55.45 9.98
CA GLU C 208 -2.82 -56.01 10.14
C GLU C 208 -2.00 -55.97 8.85
N ASP C 209 -2.64 -56.23 7.71
CA ASP C 209 -1.97 -56.10 6.39
C ASP C 209 -1.59 -54.65 6.10
N ASP C 210 -2.48 -53.73 6.46
CA ASP C 210 -2.27 -52.31 6.23
C ASP C 210 -1.09 -51.77 7.02
N LEU C 211 -0.98 -52.19 8.29
CA LEU C 211 0.17 -51.83 9.14
C LEU C 211 1.46 -52.36 8.55
N GLU C 212 1.41 -53.60 8.09
CA GLU C 212 2.57 -54.25 7.51
C GLU C 212 3.08 -53.50 6.26
N HIS C 213 2.16 -53.07 5.40
CA HIS C 213 2.55 -52.34 4.20
CA HIS C 213 2.50 -52.33 4.19
C HIS C 213 3.16 -50.99 4.52
N LEU C 214 2.65 -50.33 5.58
CA LEU C 214 3.24 -49.08 6.07
C LEU C 214 4.65 -49.33 6.55
N TYR C 215 4.84 -50.32 7.41
CA TYR C 215 6.18 -50.57 7.91
C TYR C 215 7.20 -50.88 6.79
N GLN C 216 6.76 -51.60 5.76
CA GLN C 216 7.61 -51.89 4.61
C GLN C 216 8.11 -50.62 3.94
N GLN C 217 7.26 -49.60 3.83
CA GLN C 217 7.70 -48.31 3.29
C GLN C 217 8.65 -47.58 4.22
N LEU C 218 8.47 -47.77 5.54
CA LEU C 218 9.23 -47.00 6.53
C LEU C 218 10.57 -47.63 6.87
N GLU C 219 10.67 -48.95 6.68
CA GLU C 219 11.85 -49.68 7.15
C GLU C 219 13.19 -49.17 6.61
N PRO C 220 13.27 -48.85 5.29
CA PRO C 220 14.58 -48.37 4.80
C PRO C 220 15.09 -47.14 5.58
N LEU C 221 14.16 -46.26 5.98
CA LEU C 221 14.52 -45.08 6.76
C LEU C 221 15.13 -45.50 8.10
N TYR C 222 14.48 -46.45 8.77
CA TYR C 222 15.04 -46.98 10.01
C TYR C 222 16.40 -47.67 9.82
N LEU C 223 16.50 -48.53 8.80
CA LEU C 223 17.76 -49.23 8.57
C LEU C 223 18.92 -48.25 8.42
N ASN C 224 18.69 -47.15 7.69
CA ASN C 224 19.76 -46.16 7.49
C ASN C 224 20.10 -45.34 8.74
N LEU C 225 19.07 -44.98 9.50
CA LEU C 225 19.31 -44.31 10.78
C LEU C 225 20.09 -45.25 11.72
N HIS C 226 19.64 -46.50 11.78
CA HIS C 226 20.27 -47.54 12.59
C HIS C 226 21.76 -47.67 12.28
N ALA C 227 22.10 -47.86 11.01
CA ALA C 227 23.51 -48.01 10.57
C ALA C 227 24.40 -46.80 10.92
N PHE C 228 23.87 -45.61 10.71
CA PHE C 228 24.58 -44.36 10.99
C PHE C 228 24.85 -44.23 12.50
N VAL C 229 23.83 -44.52 13.31
CA VAL C 229 23.97 -44.48 14.75
C VAL C 229 24.95 -45.55 15.25
N ARG C 230 24.83 -46.76 14.71
CA ARG C 230 25.72 -47.86 15.10
C ARG C 230 27.19 -47.50 14.83
N ARG C 231 27.43 -46.79 13.73
CA ARG C 231 28.77 -46.29 13.39
C ARG C 231 29.31 -45.34 14.46
N ALA C 232 28.48 -44.38 14.89
CA ALA C 232 28.87 -43.46 15.94
C ALA C 232 29.21 -44.19 17.25
N LEU C 233 28.36 -45.14 17.62
CA LEU C 233 28.58 -45.94 18.83
C LEU C 233 29.87 -46.74 18.76
N HIS C 234 30.13 -47.32 17.60
CA HIS C 234 31.38 -48.06 17.38
C HIS C 234 32.60 -47.18 17.63
N ARG C 235 32.58 -45.95 17.10
CA ARG C 235 33.69 -45.01 17.30
C ARG C 235 33.89 -44.66 18.78
N ARG C 236 32.79 -44.63 19.53
CA ARG C 236 32.83 -44.29 20.95
C ARG C 236 33.17 -45.46 21.89
N TYR C 237 32.49 -46.59 21.72
CA TYR C 237 32.61 -47.71 22.66
C TYR C 237 33.55 -48.80 22.18
N GLY C 238 33.90 -48.78 20.89
CA GLY C 238 34.91 -49.66 20.33
C GLY C 238 34.38 -50.99 19.81
N ASP C 239 35.27 -51.74 19.19
CA ASP C 239 34.92 -52.98 18.51
C ASP C 239 34.51 -54.14 19.41
N ARG C 240 34.99 -54.11 20.65
CA ARG C 240 34.59 -55.08 21.66
C ARG C 240 33.07 -55.03 21.98
N TYR C 241 32.49 -53.83 21.99
CA TYR C 241 31.11 -53.68 22.42
C TYR C 241 30.12 -53.39 21.30
N ILE C 242 30.64 -53.05 20.12
CA ILE C 242 29.82 -52.75 18.96
C ILE C 242 30.24 -53.59 17.75
N ASN C 243 29.25 -54.27 17.18
CA ASN C 243 29.40 -55.07 15.98
C ASN C 243 28.77 -54.34 14.79
N LEU C 244 29.62 -53.88 13.88
CA LEU C 244 29.16 -53.08 12.74
C LEU C 244 28.23 -53.84 11.81
N ARG C 245 28.13 -55.15 12.02
CA ARG C 245 27.22 -55.98 11.23
C ARG C 245 26.20 -56.70 12.10
N GLY C 246 26.08 -56.27 13.35
CA GLY C 246 25.19 -56.92 14.30
C GLY C 246 24.21 -55.95 14.94
N PRO C 247 23.32 -56.46 15.81
CA PRO C 247 22.41 -55.59 16.53
C PRO C 247 23.15 -54.69 17.51
N ILE C 248 22.58 -53.50 17.76
CA ILE C 248 23.12 -52.57 18.75
C ILE C 248 22.74 -53.04 20.17
N PRO C 249 23.69 -53.03 21.13
CA PRO C 249 23.31 -53.37 22.51
C PRO C 249 22.20 -52.44 23.02
N ALA C 250 21.14 -53.02 23.59
CA ALA C 250 19.89 -52.30 23.82
C ALA C 250 19.94 -51.17 24.86
N HIS C 251 21.08 -50.99 25.52
CA HIS C 251 21.21 -49.99 26.58
C HIS C 251 21.92 -48.68 26.17
N LEU C 252 22.25 -48.53 24.89
CA LEU C 252 23.15 -47.44 24.47
C LEU C 252 22.49 -46.31 23.70
N LEU C 253 21.16 -46.31 23.65
CA LEU C 253 20.43 -45.46 22.74
C LEU C 253 19.69 -44.31 23.43
N GLY C 254 19.99 -44.08 24.72
CA GLY C 254 19.51 -42.92 25.46
C GLY C 254 18.20 -43.12 26.20
N ASP C 255 17.69 -44.35 26.14
CA ASP C 255 16.34 -44.65 26.55
C ASP C 255 16.28 -46.09 27.06
N MET C 256 15.57 -46.31 28.17
CA MET C 256 15.48 -47.65 28.78
C MET C 256 15.03 -48.72 27.79
N TRP C 257 14.16 -48.35 26.86
CA TRP C 257 13.61 -49.29 25.89
C TRP C 257 14.19 -49.13 24.49
N ALA C 258 15.21 -48.29 24.36
CA ALA C 258 15.77 -47.93 23.05
C ALA C 258 14.65 -47.48 22.09
N GLN C 259 13.62 -46.84 22.64
CA GLN C 259 12.43 -46.57 21.84
C GLN C 259 12.48 -45.22 21.14
N SER C 260 13.25 -44.30 21.69
CA SER C 260 13.53 -43.05 20.98
C SER C 260 14.95 -42.66 21.32
N TRP C 261 15.66 -42.16 20.33
CA TRP C 261 17.10 -41.99 20.45
C TRP C 261 17.56 -40.53 20.59
N GLU C 262 16.64 -39.60 20.82
CA GLU C 262 17.03 -38.18 20.87
C GLU C 262 18.08 -37.86 21.93
N ASN C 263 18.16 -38.66 23.01
CA ASN C 263 19.12 -38.38 24.06
C ASN C 263 20.58 -38.62 23.69
N ILE C 264 20.82 -39.31 22.58
CA ILE C 264 22.19 -39.49 22.10
C ILE C 264 22.49 -38.55 20.94
N TYR C 265 21.60 -37.58 20.69
CA TYR C 265 21.83 -36.57 19.65
C TYR C 265 23.25 -35.94 19.72
N ASP C 266 23.72 -35.69 20.95
CA ASP C 266 24.99 -35.00 21.10
C ASP C 266 26.19 -35.89 20.74
N MET C 267 25.94 -37.19 20.64
CA MET C 267 26.97 -38.13 20.19
C MET C 267 26.97 -38.31 18.67
N VAL C 268 25.85 -38.02 18.02
CA VAL C 268 25.73 -38.29 16.58
C VAL C 268 25.50 -37.05 15.69
N VAL C 269 25.43 -35.85 16.28
CA VAL C 269 25.09 -34.64 15.52
C VAL C 269 25.98 -34.53 14.25
N PRO C 270 25.35 -34.48 13.06
CA PRO C 270 26.09 -34.38 11.80
C PRO C 270 27.02 -33.17 11.77
N PHE C 271 26.51 -32.00 12.13
CA PHE C 271 27.30 -30.78 12.00
C PHE C 271 27.38 -30.01 13.32
N PRO C 272 28.33 -30.40 14.19
CA PRO C 272 28.45 -29.87 15.56
C PRO C 272 28.72 -28.37 15.66
N ASP C 273 29.15 -27.77 14.55
CA ASP C 273 29.51 -26.34 14.51
C ASP C 273 28.28 -25.44 14.31
N LYS C 274 27.13 -26.05 14.02
CA LYS C 274 25.88 -25.32 13.85
C LYS C 274 25.17 -25.10 15.22
N PRO C 275 23.99 -24.44 15.23
CA PRO C 275 23.33 -24.16 16.52
C PRO C 275 23.00 -25.43 17.29
N ASN C 276 23.15 -25.39 18.62
CA ASN C 276 22.77 -26.54 19.43
C ASN C 276 21.25 -26.68 19.51
N LEU C 277 20.72 -27.75 18.92
CA LEU C 277 19.26 -27.93 18.83
C LEU C 277 18.63 -28.54 20.07
N ASP C 278 19.45 -28.91 21.04
CA ASP C 278 18.95 -29.31 22.35
C ASP C 278 18.91 -28.12 23.28
N VAL C 279 17.71 -27.65 23.56
CA VAL C 279 17.49 -26.42 24.31
C VAL C 279 17.36 -26.66 25.83
N THR C 280 17.58 -27.91 26.25
CA THR C 280 17.52 -28.28 27.67
C THR C 280 18.38 -27.37 28.54
N SER C 281 19.64 -27.14 28.18
CA SER C 281 20.50 -26.30 29.02
C SER C 281 19.98 -24.86 29.14
N THR C 282 19.35 -24.37 28.08
CA THR C 282 18.75 -23.03 28.07
C THR C 282 17.51 -22.99 28.97
N MET C 283 16.67 -24.02 28.89
CA MET C 283 15.51 -24.14 29.77
C MET C 283 15.93 -24.03 31.22
N LEU C 284 16.99 -24.76 31.56
CA LEU C 284 17.54 -24.76 32.92
C LEU C 284 18.16 -23.43 33.31
N GLN C 285 18.97 -22.86 32.41
CA GLN C 285 19.54 -21.54 32.63
C GLN C 285 18.44 -20.49 32.88
N GLN C 286 17.37 -20.54 32.09
CA GLN C 286 16.28 -19.58 32.22
C GLN C 286 15.33 -19.85 33.40
N GLY C 287 15.54 -20.97 34.09
CA GLY C 287 14.73 -21.33 35.26
C GLY C 287 13.32 -21.82 34.97
N TRP C 288 13.13 -22.54 33.87
CA TRP C 288 11.83 -23.15 33.58
C TRP C 288 11.54 -24.20 34.65
N GLN C 289 10.27 -24.28 35.05
CA GLN C 289 9.78 -25.34 35.92
C GLN C 289 8.66 -26.05 35.20
N ALA C 290 8.16 -27.13 35.80
CA ALA C 290 7.03 -27.86 35.24
C ALA C 290 5.85 -26.97 34.87
N THR C 291 5.42 -26.08 35.78
CA THR C 291 4.23 -25.26 35.48
C THR C 291 4.45 -24.40 34.23
N HIS C 292 5.65 -23.85 34.09
CA HIS C 292 5.97 -23.00 32.94
C HIS C 292 5.83 -23.79 31.65
N MET C 293 6.32 -25.03 31.66
CA MET C 293 6.24 -25.91 30.50
C MET C 293 4.79 -26.17 30.12
N PHE C 294 3.93 -26.42 31.12
CA PHE C 294 2.49 -26.59 30.89
C PHE C 294 1.81 -25.30 30.38
N ARG C 295 2.21 -24.14 30.91
CA ARG C 295 1.64 -22.86 30.47
C ARG C 295 2.01 -22.51 29.01
N VAL C 296 3.25 -22.84 28.63
CA VAL C 296 3.72 -22.62 27.25
C VAL C 296 2.99 -23.53 26.26
N ALA C 297 2.83 -24.81 26.63
CA ALA C 297 1.98 -25.74 25.87
C ALA C 297 0.54 -25.24 25.73
N GLU C 298 -0.06 -24.84 26.85
CA GLU C 298 -1.44 -24.30 26.86
C GLU C 298 -1.57 -23.10 25.89
N GLU C 299 -0.60 -22.20 25.93
CA GLU C 299 -0.66 -21.01 25.07
C GLU C 299 -0.60 -21.35 23.57
N PHE C 300 0.07 -22.46 23.20
CA PHE C 300 0.04 -22.87 21.80
C PHE C 300 -1.39 -23.28 21.44
N PHE C 301 -2.06 -24.02 22.31
CA PHE C 301 -3.46 -24.41 22.09
C PHE C 301 -4.39 -23.23 21.93
N THR C 302 -4.24 -22.21 22.80
CA THR C 302 -5.10 -21.04 22.74
C THR C 302 -4.76 -20.18 21.51
N SER C 303 -3.49 -20.20 21.08
CA SER C 303 -3.09 -19.49 19.85
C SER C 303 -3.88 -20.01 18.64
N LEU C 304 -4.29 -21.26 18.71
CA LEU C 304 -5.10 -21.89 17.67
C LEU C 304 -6.60 -21.72 17.92
N GLU C 305 -6.95 -20.92 18.92
CA GLU C 305 -8.35 -20.76 19.38
C GLU C 305 -8.96 -22.07 19.88
N LEU C 306 -8.09 -22.95 20.37
CA LEU C 306 -8.54 -24.11 21.12
C LEU C 306 -8.66 -23.70 22.58
N SER C 307 -9.13 -24.62 23.44
CA SER C 307 -9.45 -24.26 24.82
C SER C 307 -8.24 -24.21 25.74
N PRO C 308 -8.22 -23.25 26.67
CA PRO C 308 -7.21 -23.29 27.72
C PRO C 308 -7.54 -24.41 28.71
N MET C 309 -6.62 -24.72 29.61
CA MET C 309 -6.88 -25.71 30.65
C MET C 309 -7.76 -25.08 31.74
N PRO C 310 -8.82 -25.80 32.17
CA PRO C 310 -9.73 -25.24 33.17
C PRO C 310 -9.07 -25.15 34.54
N PRO C 311 -9.67 -24.39 35.49
CA PRO C 311 -9.09 -24.26 36.83
C PRO C 311 -8.94 -25.62 37.51
N GLU C 312 -9.94 -26.48 37.32
CA GLU C 312 -9.92 -27.85 37.86
C GLU C 312 -8.67 -28.62 37.42
N PHE C 313 -8.18 -28.35 36.21
CA PHE C 313 -6.93 -28.95 35.72
C PHE C 313 -5.72 -28.51 36.56
N TRP C 314 -5.57 -27.20 36.76
CA TRP C 314 -4.41 -26.68 37.51
C TRP C 314 -4.48 -27.06 38.99
N GLU C 315 -5.69 -27.02 39.57
CA GLU C 315 -5.89 -27.36 40.98
C GLU C 315 -5.68 -28.84 41.28
N GLY C 316 -6.08 -29.70 40.36
CA GLY C 316 -6.09 -31.15 40.61
C GLY C 316 -4.96 -31.96 40.03
N SER C 317 -4.26 -31.43 39.03
CA SER C 317 -3.19 -32.18 38.35
C SER C 317 -1.97 -32.45 39.25
N MET C 318 -1.26 -33.54 38.98
CA MET C 318 0.04 -33.80 39.59
C MET C 318 1.11 -33.54 38.53
N LEU C 319 1.74 -32.37 38.58
CA LEU C 319 2.68 -31.95 37.53
C LEU C 319 4.15 -32.18 37.85
N GLU C 320 4.43 -32.65 39.07
CA GLU C 320 5.78 -32.97 39.52
C GLU C 320 5.72 -34.21 40.39
N LYS C 321 6.82 -34.96 40.43
CA LYS C 321 6.93 -36.08 41.37
C LYS C 321 6.86 -35.55 42.82
N PRO C 322 5.97 -36.13 43.66
CA PRO C 322 5.83 -35.58 45.02
C PRO C 322 7.11 -35.73 45.83
N ALA C 323 7.47 -34.67 46.54
CA ALA C 323 8.68 -34.63 47.36
C ALA C 323 8.50 -35.23 48.75
N ASP C 324 7.25 -35.52 49.13
CA ASP C 324 6.96 -36.18 50.41
C ASP C 324 7.32 -37.67 50.40
N GLY C 325 7.74 -38.17 49.24
CA GLY C 325 8.12 -39.57 49.07
C GLY C 325 6.99 -40.59 49.07
N ARG C 326 5.75 -40.14 48.82
CA ARG C 326 4.65 -41.02 48.41
C ARG C 326 5.13 -41.86 47.24
N GLU C 327 4.71 -43.12 47.15
CA GLU C 327 4.92 -43.91 45.95
C GLU C 327 3.85 -43.47 44.94
N VAL C 328 4.26 -43.19 43.69
CA VAL C 328 3.34 -42.75 42.63
C VAL C 328 3.61 -43.48 41.31
N VAL C 329 2.63 -43.47 40.42
CA VAL C 329 2.82 -43.89 39.04
C VAL C 329 3.37 -42.67 38.31
N CYS C 330 4.67 -42.68 38.03
CA CYS C 330 5.30 -41.57 37.33
C CYS C 330 5.04 -41.48 35.82
N HIS C 331 4.72 -42.60 35.19
CA HIS C 331 4.50 -42.60 33.75
C HIS C 331 3.44 -41.59 33.33
N ALA C 332 3.81 -40.67 32.43
CA ALA C 332 2.93 -39.57 32.02
C ALA C 332 1.56 -40.03 31.50
N SER C 333 0.48 -39.47 32.05
CA SER C 333 -0.86 -39.80 31.54
C SER C 333 -1.85 -38.66 31.70
N ALA C 334 -2.92 -38.72 30.91
CA ALA C 334 -3.94 -37.69 30.85
C ALA C 334 -5.32 -38.27 31.16
N TRP C 335 -6.08 -37.56 31.98
CA TRP C 335 -7.26 -38.10 32.67
C TRP C 335 -8.55 -37.33 32.40
N ASP C 336 -9.56 -38.07 31.97
CA ASP C 336 -10.92 -37.57 31.82
C ASP C 336 -11.73 -38.20 32.94
N PHE C 337 -12.31 -37.36 33.81
CA PHE C 337 -13.12 -37.84 34.94
C PHE C 337 -14.59 -38.11 34.59
N TYR C 338 -14.95 -37.81 33.34
CA TYR C 338 -16.29 -38.07 32.80
C TYR C 338 -17.40 -37.27 33.46
N ASN C 339 -17.06 -36.18 34.13
CA ASN C 339 -18.08 -35.31 34.71
C ASN C 339 -18.10 -33.96 33.99
N ARG C 340 -17.37 -33.89 32.88
CA ARG C 340 -17.28 -32.67 32.04
C ARG C 340 -16.62 -31.50 32.75
N LYS C 341 -16.03 -31.74 33.92
CA LYS C 341 -15.41 -30.66 34.69
C LYS C 341 -13.96 -30.94 35.09
N ASP C 342 -13.69 -32.18 35.50
CA ASP C 342 -12.38 -32.57 35.96
C ASP C 342 -11.58 -33.26 34.88
N PHE C 343 -10.40 -32.71 34.62
CA PHE C 343 -9.47 -33.19 33.61
C PHE C 343 -8.10 -32.94 34.21
N ARG C 344 -7.21 -33.94 34.14
CA ARG C 344 -5.94 -33.85 34.84
C ARG C 344 -4.83 -34.52 34.07
N ILE C 345 -3.62 -33.97 34.19
CA ILE C 345 -2.41 -34.69 33.81
C ILE C 345 -1.66 -35.16 35.07
N LYS C 346 -1.10 -36.36 35.01
CA LYS C 346 -0.27 -36.91 36.07
C LYS C 346 1.11 -37.24 35.49
N GLN C 347 2.09 -36.38 35.73
CA GLN C 347 3.40 -36.51 35.10
C GLN C 347 4.48 -36.13 36.10
N CYS C 348 5.49 -36.98 36.26
CA CYS C 348 6.64 -36.61 37.06
C CYS C 348 7.58 -35.72 36.24
N THR C 349 7.12 -34.51 35.96
CA THR C 349 7.76 -33.67 34.93
C THR C 349 9.21 -33.33 35.28
N ARG C 350 10.10 -33.50 34.30
CA ARG C 350 11.47 -33.02 34.42
C ARG C 350 11.69 -31.89 33.42
N VAL C 351 12.60 -30.97 33.74
CA VAL C 351 12.89 -29.83 32.87
C VAL C 351 13.90 -30.22 31.78
N THR C 352 13.36 -30.76 30.69
CA THR C 352 14.16 -31.11 29.52
C THR C 352 13.33 -30.82 28.26
N MET C 353 14.02 -30.70 27.14
CA MET C 353 13.34 -30.54 25.85
C MET C 353 12.38 -31.68 25.52
N ASP C 354 12.83 -32.93 25.70
CA ASP C 354 11.94 -34.04 25.36
C ASP C 354 10.73 -34.08 26.29
N GLN C 355 10.90 -33.68 27.54
CA GLN C 355 9.76 -33.55 28.46
C GLN C 355 8.77 -32.48 28.01
N LEU C 356 9.27 -31.38 27.44
CA LEU C 356 8.38 -30.36 26.88
C LEU C 356 7.50 -30.94 25.79
N SER C 357 8.06 -31.79 24.93
CA SER C 357 7.25 -32.50 23.93
C SER C 357 6.22 -33.43 24.59
N THR C 358 6.60 -34.10 25.68
CA THR C 358 5.67 -34.98 26.38
C THR C 358 4.50 -34.18 26.98
N VAL C 359 4.82 -33.00 27.51
CA VAL C 359 3.79 -32.10 28.04
C VAL C 359 2.76 -31.80 26.95
N HIS C 360 3.25 -31.52 25.73
CA HIS C 360 2.33 -31.31 24.60
C HIS C 360 1.54 -32.58 24.27
N HIS C 361 2.23 -33.72 24.28
CA HIS C 361 1.57 -35.00 24.03
C HIS C 361 0.37 -35.19 25.00
N GLU C 362 0.64 -35.03 26.29
CA GLU C 362 -0.40 -35.20 27.30
C GLU C 362 -1.50 -34.15 27.20
N MET C 363 -1.13 -32.90 26.95
CA MET C 363 -2.13 -31.83 26.82
C MET C 363 -2.99 -32.03 25.57
N GLY C 364 -2.44 -32.72 24.57
CA GLY C 364 -3.21 -33.10 23.40
C GLY C 364 -4.40 -33.96 23.78
N HIS C 365 -4.16 -34.91 24.68
CA HIS C 365 -5.22 -35.75 25.23
C HIS C 365 -6.28 -34.91 25.94
N ILE C 366 -5.83 -33.98 26.79
CA ILE C 366 -6.76 -33.12 27.53
C ILE C 366 -7.63 -32.26 26.59
N GLN C 367 -7.00 -31.71 25.57
CA GLN C 367 -7.72 -30.89 24.61
C GLN C 367 -8.84 -31.67 23.94
N TYR C 368 -8.56 -32.93 23.60
CA TYR C 368 -9.55 -33.83 23.04
C TYR C 368 -10.74 -33.96 24.01
N TYR C 369 -10.44 -34.23 25.28
CA TYR C 369 -11.48 -34.38 26.31
C TYR C 369 -12.36 -33.14 26.42
N LEU C 370 -11.73 -31.96 26.43
CA LEU C 370 -12.45 -30.70 26.53
C LEU C 370 -13.38 -30.48 25.32
N GLN C 371 -12.95 -30.91 24.15
CA GLN C 371 -13.71 -30.65 22.93
C GLN C 371 -14.90 -31.59 22.76
N TYR C 372 -14.78 -32.82 23.25
CA TYR C 372 -15.90 -33.76 23.12
C TYR C 372 -16.68 -34.04 24.41
N LYS C 373 -16.44 -33.23 25.45
CA LYS C 373 -17.05 -33.45 26.77
C LYS C 373 -18.59 -33.50 26.76
N ASP C 374 -19.22 -32.92 25.74
CA ASP C 374 -20.69 -32.84 25.69
C ASP C 374 -21.33 -33.91 24.82
N LEU C 375 -20.50 -34.76 24.23
CA LEU C 375 -21.00 -35.93 23.52
C LEU C 375 -21.55 -36.96 24.52
N PRO C 376 -22.47 -37.83 24.05
CA PRO C 376 -22.84 -38.98 24.85
C PRO C 376 -21.58 -39.71 25.34
N VAL C 377 -21.59 -40.15 26.59
CA VAL C 377 -20.42 -40.74 27.24
C VAL C 377 -19.71 -41.82 26.42
N SER C 378 -20.46 -42.66 25.70
CA SER C 378 -19.89 -43.77 24.93
C SER C 378 -19.02 -43.25 23.78
N LEU C 379 -19.25 -42.00 23.38
CA LEU C 379 -18.57 -41.41 22.22
C LEU C 379 -17.43 -40.46 22.60
N ARG C 380 -17.11 -40.39 23.90
CA ARG C 380 -15.99 -39.59 24.37
C ARG C 380 -14.70 -40.42 24.27
N ARG C 381 -14.26 -40.60 23.04
CA ARG C 381 -13.05 -41.37 22.68
C ARG C 381 -12.50 -40.70 21.43
N GLY C 382 -11.25 -40.99 21.06
CA GLY C 382 -10.72 -40.49 19.78
C GLY C 382 -11.41 -41.21 18.63
N ALA C 383 -11.32 -40.65 17.42
CA ALA C 383 -11.90 -41.34 16.25
C ALA C 383 -11.36 -42.78 16.15
N ASN C 384 -10.08 -42.95 16.44
CA ASN C 384 -9.54 -44.24 16.87
C ASN C 384 -8.45 -43.90 17.90
N PRO C 385 -7.89 -44.93 18.61
CA PRO C 385 -6.93 -44.56 19.64
C PRO C 385 -5.66 -43.87 19.13
N GLY C 386 -5.30 -44.12 17.87
CA GLY C 386 -4.15 -43.42 17.24
C GLY C 386 -4.34 -41.92 17.09
N PHE C 387 -5.58 -41.50 16.83
CA PHE C 387 -5.95 -40.07 16.77
C PHE C 387 -5.66 -39.39 18.11
N HIS C 388 -6.06 -40.05 19.20
CA HIS C 388 -5.84 -39.48 20.52
C HIS C 388 -4.37 -39.27 20.80
N GLU C 389 -3.54 -40.25 20.42
CA GLU C 389 -2.09 -40.14 20.59
C GLU C 389 -1.43 -39.08 19.72
N ALA C 390 -2.04 -38.75 18.59
CA ALA C 390 -1.42 -37.87 17.60
C ALA C 390 -1.57 -36.39 17.93
N ILE C 391 -2.65 -36.02 18.61
CA ILE C 391 -3.03 -34.59 18.77
C ILE C 391 -1.87 -33.73 19.31
N GLY C 392 -1.37 -34.06 20.49
CA GLY C 392 -0.29 -33.31 21.11
C GLY C 392 1.01 -33.33 20.32
N ASP C 393 1.33 -34.48 19.73
CA ASP C 393 2.52 -34.66 18.90
C ASP C 393 2.54 -33.71 17.70
N VAL C 394 1.37 -33.50 17.10
CA VAL C 394 1.26 -32.61 15.94
C VAL C 394 1.71 -31.21 16.34
N LEU C 395 1.18 -30.68 17.46
CA LEU C 395 1.59 -29.34 17.92
C LEU C 395 3.06 -29.33 18.27
N ALA C 396 3.54 -30.40 18.89
CA ALA C 396 4.95 -30.50 19.27
C ALA C 396 5.89 -30.46 18.07
N LEU C 397 5.43 -30.92 16.91
CA LEU C 397 6.22 -30.83 15.67
C LEU C 397 6.50 -29.37 15.29
N SER C 398 5.49 -28.51 15.43
CA SER C 398 5.64 -27.06 15.20
C SER C 398 6.55 -26.42 16.23
N VAL C 399 6.34 -26.78 17.50
CA VAL C 399 7.13 -26.26 18.61
C VAL C 399 8.64 -26.53 18.43
N SER C 400 8.97 -27.72 17.98
CA SER C 400 10.34 -28.16 17.93
C SER C 400 11.16 -27.49 16.81
N THR C 401 10.49 -26.86 15.84
CA THR C 401 11.22 -26.16 14.76
C THR C 401 12.14 -25.08 15.34
N PRO C 402 13.39 -24.96 14.82
CA PRO C 402 14.29 -23.92 15.30
C PRO C 402 13.65 -22.53 15.23
N GLU C 403 12.82 -22.29 14.23
CA GLU C 403 12.11 -21.02 14.11
C GLU C 403 11.11 -20.83 15.26
N HIS C 404 10.35 -21.86 15.62
CA HIS C 404 9.46 -21.70 16.78
C HIS C 404 10.23 -21.54 18.09
N LEU C 405 11.24 -22.38 18.27
CA LEU C 405 12.09 -22.29 19.45
C LEU C 405 12.66 -20.89 19.60
N HIS C 406 13.07 -20.29 18.48
CA HIS C 406 13.52 -18.90 18.53
C HIS C 406 12.40 -17.97 19.03
N LYS C 407 11.17 -18.13 18.51
CA LYS C 407 10.02 -17.30 18.93
C LYS C 407 9.75 -17.33 20.44
N ILE C 408 10.01 -18.47 21.07
CA ILE C 408 9.73 -18.61 22.49
C ILE C 408 11.00 -18.49 23.36
N GLY C 409 12.07 -17.96 22.76
CA GLY C 409 13.29 -17.60 23.49
C GLY C 409 14.23 -18.73 23.86
N LEU C 410 14.10 -19.87 23.19
CA LEU C 410 14.89 -21.05 23.55
C LEU C 410 16.04 -21.33 22.59
N LEU C 411 16.13 -20.56 21.51
CA LEU C 411 17.21 -20.73 20.54
C LEU C 411 17.57 -19.39 19.95
N ASP C 412 18.72 -18.88 20.34
CA ASP C 412 19.12 -17.52 20.00
C ASP C 412 19.52 -17.41 18.53
N ARG C 413 20.57 -18.13 18.16
CA ARG C 413 21.02 -18.18 16.77
C ARG C 413 19.92 -18.76 15.87
N VAL C 414 19.82 -18.22 14.65
CA VAL C 414 18.88 -18.71 13.66
C VAL C 414 19.64 -18.87 12.35
N THR C 415 19.49 -20.01 11.69
CA THR C 415 20.21 -20.28 10.43
C THR C 415 19.25 -20.97 9.46
N ASN C 416 19.48 -20.82 8.15
CA ASN C 416 18.70 -21.59 7.16
C ASN C 416 19.57 -22.21 6.07
N ASP C 417 20.56 -22.99 6.48
CA ASP C 417 21.49 -23.59 5.55
C ASP C 417 21.25 -25.10 5.56
N THR C 418 21.89 -25.81 4.63
CA THR C 418 21.63 -27.23 4.45
C THR C 418 22.13 -28.10 5.62
N GLU C 419 23.24 -27.69 6.22
CA GLU C 419 23.78 -28.40 7.39
C GLU C 419 22.81 -28.32 8.58
N SER C 420 22.31 -27.11 8.85
CA SER C 420 21.38 -26.91 9.98
C SER C 420 20.13 -27.72 9.78
N ASP C 421 19.67 -27.77 8.54
CA ASP C 421 18.52 -28.57 8.16
C ASP C 421 18.75 -30.06 8.45
N ILE C 422 19.93 -30.57 8.09
CA ILE C 422 20.29 -31.98 8.31
C ILE C 422 20.35 -32.29 9.80
N ASN C 423 20.92 -31.37 10.58
CA ASN C 423 20.96 -31.49 12.04
C ASN C 423 19.55 -31.65 12.61
N TYR C 424 18.65 -30.76 12.21
CA TYR C 424 17.28 -30.79 12.73
C TYR C 424 16.55 -32.08 12.36
N LEU C 425 16.54 -32.42 11.07
CA LEU C 425 15.89 -33.64 10.61
C LEU C 425 16.49 -34.91 11.25
N LEU C 426 17.80 -34.90 11.48
CA LEU C 426 18.46 -36.00 12.17
C LEU C 426 17.95 -36.12 13.61
N LYS C 427 17.94 -35.00 14.34
CA LYS C 427 17.36 -34.98 15.69
C LYS C 427 15.93 -35.49 15.70
N MET C 428 15.11 -35.03 14.75
CA MET C 428 13.71 -35.47 14.67
C MET C 428 13.59 -36.96 14.31
N ALA C 429 14.54 -37.46 13.53
CA ALA C 429 14.52 -38.87 13.12
C ALA C 429 14.88 -39.78 14.30
N LEU C 430 15.85 -39.36 15.11
CA LEU C 430 16.14 -40.04 16.37
C LEU C 430 14.88 -40.23 17.24
N GLU C 431 14.01 -39.22 17.23
CA GLU C 431 12.78 -39.24 18.02
C GLU C 431 11.65 -40.03 17.34
N LYS C 432 11.47 -39.78 16.04
CA LYS C 432 10.31 -40.27 15.32
C LYS C 432 10.54 -41.57 14.54
N ILE C 433 11.66 -41.67 13.82
CA ILE C 433 11.95 -42.84 12.97
C ILE C 433 12.37 -44.04 13.80
N ALA C 434 13.22 -43.81 14.79
CA ALA C 434 13.73 -44.86 15.68
C ALA C 434 12.60 -45.52 16.47
N PHE C 435 11.54 -44.76 16.76
CA PHE C 435 10.38 -45.31 17.49
C PHE C 435 9.59 -46.30 16.65
N LEU C 436 9.55 -46.08 15.33
CA LEU C 436 8.66 -46.87 14.46
C LEU C 436 8.70 -48.39 14.69
N PRO C 437 9.89 -49.02 14.63
CA PRO C 437 9.90 -50.47 14.88
C PRO C 437 9.34 -50.89 16.25
N PHE C 438 9.60 -50.08 17.27
CA PHE C 438 9.14 -50.41 18.62
C PHE C 438 7.64 -50.22 18.73
N GLY C 439 7.14 -49.10 18.19
CA GLY C 439 5.69 -48.86 18.17
C GLY C 439 4.96 -49.98 17.46
N TYR C 440 5.62 -50.58 16.47
CA TYR C 440 5.03 -51.64 15.68
C TYR C 440 5.11 -53.00 16.40
N LEU C 441 6.24 -53.28 17.04
CA LEU C 441 6.46 -54.64 17.60
C LEU C 441 5.71 -54.96 18.91
N VAL C 442 5.45 -53.96 19.76
CA VAL C 442 4.96 -54.27 21.11
C VAL C 442 3.65 -55.06 21.10
N ASP C 443 2.71 -54.63 20.28
CA ASP C 443 1.44 -55.36 20.20
C ASP C 443 1.52 -56.60 19.30
N GLN C 444 2.50 -56.68 18.40
CA GLN C 444 2.76 -57.98 17.79
C GLN C 444 3.07 -59.00 18.87
N TRP C 445 3.94 -58.63 19.81
CA TRP C 445 4.21 -59.50 20.96
C TRP C 445 2.95 -59.86 21.74
N ARG C 446 2.22 -58.83 22.17
CA ARG C 446 0.98 -59.05 22.92
C ARG C 446 -0.11 -59.79 22.19
N TRP C 447 -0.34 -59.46 20.91
CA TRP C 447 -1.31 -60.23 20.13
C TRP C 447 -0.94 -61.73 20.12
N GLY C 448 0.35 -62.02 19.99
CA GLY C 448 0.83 -63.42 20.03
C GLY C 448 0.56 -64.07 21.38
N VAL C 449 0.75 -63.31 22.45
CA VAL C 449 0.48 -63.80 23.80
C VAL C 449 -1.03 -64.04 24.01
N PHE C 450 -1.85 -63.06 23.64
CA PHE C 450 -3.31 -63.23 23.74
C PHE C 450 -3.84 -64.40 22.93
N SER C 451 -3.28 -64.60 21.73
CA SER C 451 -3.79 -65.64 20.83
C SER C 451 -3.33 -67.02 21.27
N GLY C 452 -2.36 -67.10 22.17
CA GLY C 452 -1.78 -68.37 22.56
C GLY C 452 -0.58 -68.80 21.73
N ARG C 453 -0.25 -68.06 20.67
CA ARG C 453 0.91 -68.37 19.84
C ARG C 453 2.22 -68.27 20.63
N THR C 454 2.23 -67.38 21.62
CA THR C 454 3.37 -67.20 22.50
C THR C 454 2.92 -67.54 23.92
N PRO C 455 3.24 -68.77 24.37
CA PRO C 455 2.94 -69.20 25.73
C PRO C 455 3.97 -68.66 26.69
N PRO C 456 3.69 -68.73 28.01
CA PRO C 456 4.63 -68.24 29.03
C PRO C 456 6.06 -68.75 28.83
N SER C 457 6.18 -70.01 28.42
CA SER C 457 7.49 -70.64 28.19
C SER C 457 8.29 -69.95 27.09
N ARG C 458 7.64 -69.11 26.28
CA ARG C 458 8.34 -68.37 25.24
C ARG C 458 8.16 -66.83 25.32
N TYR C 459 7.70 -66.31 26.47
CA TYR C 459 7.53 -64.85 26.62
C TYR C 459 8.77 -64.04 26.23
N ASN C 460 9.92 -64.41 26.78
CA ASN C 460 11.16 -63.66 26.55
C ASN C 460 11.83 -63.99 25.21
N PHE C 461 11.82 -65.27 24.83
CA PHE C 461 12.31 -65.74 23.51
C PHE C 461 11.64 -64.97 22.36
N ASP C 462 10.30 -64.89 22.40
CA ASP C 462 9.53 -64.19 21.36
C ASP C 462 9.65 -62.66 21.45
N TRP C 463 9.78 -62.14 22.67
CA TRP C 463 10.00 -60.71 22.88
C TRP C 463 11.30 -60.32 22.20
N TRP C 464 12.37 -61.04 22.52
CA TRP C 464 13.67 -60.74 21.92
C TRP C 464 13.77 -61.09 20.44
N TYR C 465 12.98 -62.07 20.00
CA TYR C 465 12.86 -62.32 18.56
C TYR C 465 12.40 -61.03 17.86
N LEU C 466 11.31 -60.45 18.38
CA LEU C 466 10.69 -59.25 17.79
C LEU C 466 11.58 -58.03 17.91
N ARG C 467 12.21 -57.88 19.07
CA ARG C 467 13.09 -56.73 19.31
C ARG C 467 14.27 -56.73 18.35
N THR C 468 14.84 -57.90 18.09
CA THR C 468 15.93 -58.00 17.12
C THR C 468 15.40 -57.82 15.69
N LYS C 469 14.33 -58.54 15.36
CA LYS C 469 13.73 -58.47 14.04
C LYS C 469 13.47 -57.03 13.60
N TYR C 470 12.80 -56.25 14.46
CA TYR C 470 12.40 -54.88 14.09
C TYR C 470 13.42 -53.80 14.46
N GLN C 471 13.86 -53.80 15.72
CA GLN C 471 14.76 -52.75 16.18
C GLN C 471 16.24 -53.00 15.89
N GLY C 472 16.62 -54.26 15.63
CA GLY C 472 18.04 -54.54 15.43
C GLY C 472 18.84 -54.20 16.66
N ILE C 473 18.30 -54.62 17.81
CA ILE C 473 18.97 -54.46 19.08
C ILE C 473 19.07 -55.82 19.76
N CYS C 474 19.98 -55.93 20.72
CA CYS C 474 20.18 -57.18 21.46
C CYS C 474 20.39 -56.86 22.94
N PRO C 475 19.98 -57.77 23.86
CA PRO C 475 20.18 -57.50 25.27
C PRO C 475 21.68 -57.49 25.58
N PRO C 476 22.13 -56.52 26.38
CA PRO C 476 23.55 -56.36 26.72
C PRO C 476 24.03 -57.30 27.82
N VAL C 477 23.11 -58.06 28.41
CA VAL C 477 23.47 -59.24 29.22
C VAL C 477 22.59 -60.40 28.77
N THR C 478 23.07 -61.61 29.00
CA THR C 478 22.32 -62.81 28.67
C THR C 478 20.96 -62.79 29.36
N ARG C 479 19.92 -63.21 28.64
CA ARG C 479 18.58 -63.34 29.21
C ARG C 479 18.14 -64.79 29.05
N ASN C 480 17.28 -65.26 29.95
CA ASN C 480 16.62 -66.54 29.76
C ASN C 480 15.13 -66.42 30.11
N GLU C 481 14.39 -67.53 30.18
CA GLU C 481 12.94 -67.44 30.42
C GLU C 481 12.51 -67.10 31.86
N THR C 482 13.48 -66.94 32.77
CA THR C 482 13.17 -66.38 34.08
C THR C 482 12.90 -64.88 33.93
N HIS C 483 13.61 -64.25 33.01
CA HIS C 483 13.37 -62.84 32.68
C HIS C 483 12.07 -62.65 31.91
N PHE C 484 11.46 -61.49 32.12
CA PHE C 484 10.20 -61.13 31.50
C PHE C 484 10.36 -59.67 31.09
N ASP C 485 11.24 -59.45 30.11
CA ASP C 485 11.65 -58.11 29.71
C ASP C 485 10.53 -57.23 29.14
N ALA C 486 9.54 -57.85 28.51
CA ALA C 486 8.32 -57.17 28.08
C ALA C 486 7.62 -56.51 29.27
N GLY C 487 7.73 -57.13 30.44
CA GLY C 487 7.12 -56.61 31.67
C GLY C 487 7.75 -55.34 32.18
N ALA C 488 8.99 -55.07 31.75
CA ALA C 488 9.70 -53.87 32.22
C ALA C 488 9.36 -52.62 31.41
N LYS C 489 8.34 -52.74 30.56
CA LYS C 489 7.83 -51.59 29.78
C LYS C 489 6.45 -51.24 30.33
N PHE C 490 6.24 -49.97 30.73
CA PHE C 490 5.00 -49.54 31.43
C PHE C 490 3.71 -50.14 30.91
N HIS C 491 3.48 -50.01 29.61
CA HIS C 491 2.21 -50.37 28.97
C HIS C 491 1.80 -51.85 29.11
N VAL C 492 2.77 -52.72 29.34
CA VAL C 492 2.50 -54.15 29.49
C VAL C 492 1.78 -54.49 30.83
N PRO C 493 2.43 -54.26 31.99
CA PRO C 493 1.74 -54.52 33.25
C PRO C 493 0.56 -53.57 33.47
N ASN C 494 0.59 -52.39 32.84
CA ASN C 494 -0.50 -51.43 33.00
C ASN C 494 -1.59 -51.57 31.92
N VAL C 495 -1.49 -52.63 31.15
CA VAL C 495 -2.53 -53.04 30.20
C VAL C 495 -3.04 -51.92 29.27
N THR C 496 -2.11 -51.17 28.68
CA THR C 496 -2.45 -50.09 27.76
C THR C 496 -1.96 -50.52 26.38
N PRO C 497 -2.89 -50.64 25.41
CA PRO C 497 -2.53 -51.03 24.05
C PRO C 497 -1.47 -50.11 23.46
N TYR C 498 -0.72 -50.62 22.48
CA TYR C 498 0.46 -49.93 21.98
C TYR C 498 0.40 -49.56 20.50
N ILE C 499 -0.37 -50.30 19.71
CA ILE C 499 -0.36 -50.08 18.25
C ILE C 499 -0.80 -48.65 17.90
N ARG C 500 -1.65 -48.07 18.76
CA ARG C 500 -2.01 -46.65 18.73
C ARG C 500 -0.81 -45.73 18.51
N TYR C 501 0.32 -46.05 19.13
CA TYR C 501 1.49 -45.21 18.97
C TYR C 501 2.11 -45.32 17.58
N PHE C 502 2.19 -46.53 17.03
CA PHE C 502 2.60 -46.71 15.63
C PHE C 502 1.68 -45.92 14.67
N VAL C 503 0.36 -46.12 14.81
CA VAL C 503 -0.63 -45.40 14.01
C VAL C 503 -0.44 -43.88 14.16
N SER C 504 -0.23 -43.44 15.39
CA SER C 504 0.01 -42.03 15.69
C SER C 504 1.23 -41.46 14.99
N PHE C 505 2.33 -42.21 14.97
CA PHE C 505 3.57 -41.65 14.42
C PHE C 505 3.47 -41.45 12.91
N VAL C 506 2.60 -42.22 12.26
CA VAL C 506 2.33 -42.03 10.83
C VAL C 506 1.32 -40.91 10.66
N LEU C 507 0.21 -41.04 11.38
CA LEU C 507 -0.92 -40.13 11.33
C LEU C 507 -0.54 -38.67 11.62
N GLN C 508 0.37 -38.44 12.56
CA GLN C 508 0.69 -37.07 12.94
C GLN C 508 1.32 -36.26 11.81
N PHE C 509 2.02 -36.94 10.90
CA PHE C 509 2.59 -36.26 9.74
C PHE C 509 1.51 -35.94 8.71
N GLN C 510 0.52 -36.82 8.59
CA GLN C 510 -0.64 -36.52 7.76
C GLN C 510 -1.38 -35.30 8.31
N PHE C 511 -1.59 -35.28 9.62
CA PHE C 511 -2.21 -34.14 10.29
C PHE C 511 -1.36 -32.88 10.07
N HIS C 512 -0.06 -32.98 10.28
CA HIS C 512 0.87 -31.86 10.16
C HIS C 512 0.77 -31.23 8.78
N GLU C 513 0.90 -32.08 7.76
CA GLU C 513 0.76 -31.63 6.36
C GLU C 513 -0.57 -30.91 6.09
N ALA C 514 -1.67 -31.49 6.56
CA ALA C 514 -3.01 -30.92 6.36
C ALA C 514 -3.19 -29.56 7.05
N LEU C 515 -2.74 -29.46 8.29
CA LEU C 515 -2.84 -28.22 9.05
C LEU C 515 -1.92 -27.11 8.50
N CYS C 516 -0.71 -27.48 8.13
CA CYS C 516 0.22 -26.54 7.47
C CYS C 516 -0.34 -25.95 6.17
N LYS C 517 -0.96 -26.81 5.36
CA LYS C 517 -1.62 -26.34 4.13
C LYS C 517 -2.78 -25.40 4.46
N GLU C 518 -3.57 -25.76 5.48
CA GLU C 518 -4.69 -24.93 5.90
C GLU C 518 -4.21 -23.59 6.49
N ALA C 519 -3.03 -23.60 7.08
CA ALA C 519 -2.42 -22.40 7.64
C ALA C 519 -1.91 -21.44 6.56
N GLY C 520 -1.88 -21.89 5.32
CA GLY C 520 -1.36 -21.10 4.20
C GLY C 520 0.15 -21.13 4.12
N TYR C 521 0.78 -22.06 4.84
CA TYR C 521 2.24 -22.22 4.78
C TYR C 521 2.65 -22.89 3.47
N GLU C 522 3.72 -22.42 2.87
CA GLU C 522 4.14 -22.92 1.54
C GLU C 522 5.57 -23.48 1.43
N GLY C 523 6.38 -23.29 2.46
CA GLY C 523 7.74 -23.79 2.45
C GLY C 523 7.85 -25.29 2.70
N PRO C 524 9.07 -25.75 3.00
CA PRO C 524 9.36 -27.16 3.30
C PRO C 524 8.54 -27.62 4.49
N LEU C 525 7.96 -28.81 4.40
CA LEU C 525 7.02 -29.29 5.41
C LEU C 525 7.66 -29.31 6.80
N HIS C 526 8.94 -29.68 6.87
CA HIS C 526 9.63 -29.75 8.17
C HIS C 526 9.96 -28.39 8.80
N GLN C 527 9.70 -27.30 8.07
CA GLN C 527 9.89 -25.96 8.62
C GLN C 527 8.55 -25.25 8.88
N CYS C 528 7.46 -25.97 8.74
CA CYS C 528 6.15 -25.43 9.08
C CYS C 528 5.97 -25.23 10.59
N ASP C 529 5.36 -24.10 10.95
CA ASP C 529 4.93 -23.83 12.33
C ASP C 529 3.49 -23.31 12.27
N ILE C 530 2.55 -24.05 12.85
CA ILE C 530 1.14 -23.64 12.76
C ILE C 530 0.69 -22.70 13.87
N TYR C 531 1.64 -22.30 14.72
CA TYR C 531 1.39 -21.36 15.79
C TYR C 531 0.53 -20.19 15.32
N ARG C 532 -0.49 -19.86 16.10
CA ARG C 532 -1.34 -18.69 15.84
C ARG C 532 -2.20 -18.78 14.58
N SER C 533 -2.18 -19.93 13.90
CA SER C 533 -3.10 -20.15 12.79
C SER C 533 -4.50 -20.55 13.29
N THR C 534 -5.43 -19.61 13.23
CA THR C 534 -6.79 -19.88 13.68
C THR C 534 -7.50 -20.82 12.69
N LYS C 535 -7.10 -20.76 11.42
CA LYS C 535 -7.65 -21.64 10.39
C LYS C 535 -7.25 -23.09 10.61
N ALA C 536 -5.96 -23.30 10.92
CA ALA C 536 -5.47 -24.61 11.34
C ALA C 536 -6.21 -25.06 12.60
N GLY C 537 -6.41 -24.14 13.53
CA GLY C 537 -7.10 -24.47 14.78
C GLY C 537 -8.49 -24.99 14.50
N ALA C 538 -9.22 -24.31 13.62
CA ALA C 538 -10.60 -24.65 13.30
C ALA C 538 -10.69 -26.03 12.65
N LYS C 539 -9.68 -26.36 11.85
CA LYS C 539 -9.61 -27.66 11.17
C LYS C 539 -9.36 -28.77 12.19
N LEU C 540 -8.43 -28.55 13.10
CA LEU C 540 -8.18 -29.52 14.17
C LEU C 540 -9.38 -29.68 15.11
N ARG C 541 -10.02 -28.57 15.47
CA ARG C 541 -11.17 -28.58 16.37
C ARG C 541 -12.28 -29.46 15.85
N LYS C 542 -12.47 -29.42 14.53
CA LYS C 542 -13.47 -30.25 13.86
C LYS C 542 -13.23 -31.74 14.17
N VAL C 543 -11.97 -32.17 14.14
CA VAL C 543 -11.63 -33.55 14.48
C VAL C 543 -11.92 -33.85 15.96
N LEU C 544 -11.50 -32.95 16.85
CA LEU C 544 -11.59 -33.20 18.30
C LEU C 544 -13.04 -33.27 18.78
N ARG C 545 -13.88 -32.41 18.19
CA ARG C 545 -15.29 -32.33 18.56
C ARG C 545 -16.11 -33.56 18.16
N ALA C 546 -15.60 -34.32 17.18
CA ALA C 546 -16.30 -35.50 16.67
C ALA C 546 -16.21 -36.70 17.62
N GLY C 547 -15.18 -36.76 18.45
CA GLY C 547 -14.97 -37.92 19.31
C GLY C 547 -15.01 -39.19 18.46
N SER C 548 -15.78 -40.17 18.90
CA SER C 548 -15.98 -41.39 18.13
C SER C 548 -17.38 -41.49 17.53
N SER C 549 -18.03 -40.35 17.32
CA SER C 549 -19.38 -40.31 16.77
C SER C 549 -19.43 -40.78 15.31
N ARG C 550 -18.31 -40.69 14.60
CA ARG C 550 -18.26 -41.03 13.17
C ARG C 550 -17.06 -41.94 12.85
N PRO C 551 -17.15 -42.76 11.78
CA PRO C 551 -16.04 -43.64 11.41
C PRO C 551 -14.76 -42.83 11.22
N TRP C 552 -13.63 -43.31 11.77
CA TRP C 552 -12.37 -42.58 11.67
C TRP C 552 -11.92 -42.29 10.22
N GLN C 553 -12.21 -43.20 9.30
CA GLN C 553 -11.82 -43.03 7.89
C GLN C 553 -12.47 -41.77 7.28
N GLU C 554 -13.73 -41.51 7.64
CA GLU C 554 -14.46 -40.32 7.19
C GLU C 554 -13.96 -39.04 7.84
N VAL C 555 -13.62 -39.11 9.13
CA VAL C 555 -13.08 -37.97 9.86
C VAL C 555 -11.71 -37.60 9.28
N LEU C 556 -10.87 -38.61 9.08
CA LEU C 556 -9.58 -38.41 8.41
C LEU C 556 -9.75 -37.75 7.03
N LYS C 557 -10.69 -38.28 6.24
CA LYS C 557 -10.96 -37.77 4.87
C LYS C 557 -11.29 -36.27 4.89
N ASP C 558 -12.23 -35.88 5.75
CA ASP C 558 -12.56 -34.47 5.95
C ASP C 558 -11.34 -33.65 6.29
N MET C 559 -10.45 -34.21 7.09
CA MET C 559 -9.30 -33.45 7.56
C MET C 559 -8.17 -33.35 6.55
N VAL C 560 -7.78 -34.48 5.95
CA VAL C 560 -6.54 -34.54 5.17
C VAL C 560 -6.78 -34.81 3.68
N GLY C 561 -8.01 -35.13 3.30
CA GLY C 561 -8.35 -35.45 1.92
C GLY C 561 -8.12 -36.90 1.53
N LEU C 562 -7.74 -37.73 2.51
CA LEU C 562 -7.55 -39.16 2.31
C LEU C 562 -8.24 -39.93 3.44
N ASP C 563 -8.79 -41.10 3.12
CA ASP C 563 -9.51 -41.89 4.13
C ASP C 563 -8.68 -43.05 4.70
N ALA C 564 -7.37 -42.94 4.61
CA ALA C 564 -6.48 -44.03 4.99
C ALA C 564 -5.19 -43.49 5.61
N LEU C 565 -4.57 -44.32 6.45
CA LEU C 565 -3.21 -44.05 6.92
C LEU C 565 -2.31 -44.03 5.69
N ASP C 566 -1.31 -43.15 5.71
CA ASP C 566 -0.44 -42.96 4.53
C ASP C 566 0.91 -42.49 5.02
N ALA C 567 1.96 -43.18 4.57
CA ALA C 567 3.34 -42.88 4.98
C ALA C 567 3.95 -41.69 4.24
N GLN C 568 3.30 -41.25 3.16
CA GLN C 568 3.88 -40.23 2.29
C GLN C 568 4.20 -38.89 2.99
N PRO C 569 3.25 -38.36 3.80
CA PRO C 569 3.63 -37.12 4.49
C PRO C 569 4.86 -37.25 5.39
N LEU C 570 5.02 -38.38 6.09
CA LEU C 570 6.23 -38.62 6.90
C LEU C 570 7.49 -38.69 6.00
N LEU C 571 7.37 -39.38 4.87
CA LEU C 571 8.48 -39.50 3.93
C LEU C 571 8.90 -38.12 3.37
N LYS C 572 7.91 -37.32 3.03
CA LYS C 572 8.13 -35.96 2.52
C LYS C 572 8.84 -35.11 3.58
N TYR C 573 8.39 -35.24 4.83
CA TYR C 573 8.98 -34.50 5.93
C TYR C 573 10.48 -34.80 6.07
N PHE C 574 10.84 -36.08 6.01
CA PHE C 574 12.21 -36.52 6.27
C PHE C 574 13.14 -36.61 5.06
N GLN C 575 12.56 -36.43 3.88
CA GLN C 575 13.26 -36.60 2.59
C GLN C 575 14.75 -36.21 2.56
N LEU C 576 15.08 -35.00 3.00
CA LEU C 576 16.47 -34.52 2.95
C LEU C 576 17.42 -35.35 3.79
N VAL C 577 17.01 -35.74 5.00
CA VAL C 577 17.88 -36.55 5.86
C VAL C 577 17.86 -38.02 5.43
N THR C 578 16.74 -38.46 4.83
CA THR C 578 16.65 -39.82 4.28
C THR C 578 17.73 -39.99 3.18
N GLN C 579 17.79 -39.01 2.28
CA GLN C 579 18.82 -38.98 1.23
C GLN C 579 20.23 -38.88 1.83
N TRP C 580 20.44 -37.93 2.74
CA TRP C 580 21.74 -37.72 3.37
C TRP C 580 22.27 -38.96 4.10
N LEU C 581 21.42 -39.62 4.88
CA LEU C 581 21.82 -40.82 5.62
C LEU C 581 22.24 -41.94 4.66
N GLN C 582 21.44 -42.13 3.62
CA GLN C 582 21.68 -43.13 2.60
C GLN C 582 23.07 -42.91 1.95
N GLU C 583 23.38 -41.65 1.64
CA GLU C 583 24.68 -41.26 1.08
C GLU C 583 25.82 -41.48 2.06
N GLN C 584 25.64 -41.02 3.30
CA GLN C 584 26.64 -41.22 4.36
C GLN C 584 26.98 -42.69 4.56
N ASN C 585 25.95 -43.53 4.70
CA ASN C 585 26.14 -44.96 4.90
C ASN C 585 26.88 -45.64 3.73
N GLN C 586 26.47 -45.37 2.49
CA GLN C 586 27.19 -45.89 1.34
C GLN C 586 28.66 -45.46 1.30
N GLN C 587 28.91 -44.18 1.56
CA GLN C 587 30.29 -43.65 1.62
C GLN C 587 31.12 -44.35 2.68
N ASN C 588 30.49 -44.72 3.80
CA ASN C 588 31.20 -45.42 4.87
C ASN C 588 31.26 -46.92 4.64
N GLY C 589 30.64 -47.38 3.56
CA GLY C 589 30.56 -48.81 3.25
C GLY C 589 29.82 -49.61 4.31
N GLU C 590 28.79 -49.00 4.90
CA GLU C 590 28.00 -49.69 5.93
C GLU C 590 27.26 -50.87 5.36
N VAL C 591 27.02 -51.86 6.21
CA VAL C 591 26.05 -52.88 5.94
C VAL C 591 24.73 -52.39 6.55
N LEU C 592 23.65 -52.34 5.77
CA LEU C 592 22.35 -51.98 6.30
C LEU C 592 21.67 -53.22 6.85
N GLY C 593 21.26 -53.15 8.11
CA GLY C 593 20.72 -54.32 8.79
C GLY C 593 21.73 -54.90 9.77
N TRP C 594 21.40 -56.07 10.30
CA TRP C 594 22.21 -56.72 11.31
C TRP C 594 22.27 -58.23 10.99
N PRO C 595 22.96 -58.60 9.89
CA PRO C 595 23.01 -60.01 9.44
C PRO C 595 23.63 -60.97 10.46
N GLU C 596 24.51 -60.48 11.33
CA GLU C 596 24.99 -61.26 12.47
C GLU C 596 23.99 -61.17 13.62
N TYR C 597 22.84 -61.82 13.40
CA TYR C 597 21.68 -61.74 14.29
C TYR C 597 21.91 -62.39 15.67
N GLN C 598 22.91 -63.26 15.77
CA GLN C 598 23.25 -63.99 17.00
C GLN C 598 24.07 -63.16 17.97
N TRP C 599 24.65 -62.07 17.47
CA TRP C 599 25.68 -61.37 18.22
C TRP C 599 25.13 -60.63 19.46
N HIS C 600 25.84 -60.82 20.57
CA HIS C 600 25.63 -60.11 21.83
C HIS C 600 26.99 -59.60 22.32
N PRO C 601 27.01 -58.42 22.98
CA PRO C 601 28.30 -57.93 23.52
C PRO C 601 28.74 -58.74 24.75
N PRO C 602 30.06 -58.74 25.04
CA PRO C 602 30.53 -59.35 26.29
C PRO C 602 30.32 -58.40 27.48
N LEU C 603 30.43 -58.93 28.69
CA LEU C 603 30.44 -58.10 29.90
C LEU C 603 31.72 -57.27 29.99
N PRO C 604 31.63 -56.05 30.55
CA PRO C 604 32.84 -55.29 30.86
C PRO C 604 33.64 -55.99 31.97
N ASP C 605 34.93 -55.66 32.07
CA ASP C 605 35.86 -56.37 32.95
C ASP C 605 35.48 -56.35 34.43
N ASN C 606 35.28 -55.15 34.96
CA ASN C 606 34.96 -54.97 36.37
C ASN C 606 33.61 -55.55 36.78
N TYR C 607 32.73 -55.73 35.80
CA TYR C 607 31.29 -55.86 36.02
C TYR C 607 30.83 -56.97 36.97
N PRO C 608 30.05 -56.61 38.02
CA PRO C 608 29.59 -55.25 38.31
C PRO C 608 30.32 -54.53 39.44
N GLU C 609 31.55 -54.94 39.75
CA GLU C 609 32.33 -54.30 40.82
C GLU C 609 33.00 -52.99 40.36
N GLY C 610 32.24 -51.90 40.41
CA GLY C 610 32.74 -50.58 40.01
C GLY C 610 31.62 -49.55 39.90
N LEU D 1 -31.97 30.57 -0.42
CA LEU D 1 -31.95 31.85 -1.19
C LEU D 1 -33.04 32.78 -0.66
N ASP D 2 -32.65 34.02 -0.40
CA ASP D 2 -33.57 35.05 0.09
C ASP D 2 -34.84 35.14 -0.78
N PRO D 3 -36.04 35.21 -0.16
CA PRO D 3 -37.30 35.30 -0.92
C PRO D 3 -37.28 36.35 -2.05
N GLY D 4 -36.81 37.56 -1.74
CA GLY D 4 -36.71 38.63 -2.73
C GLY D 4 -35.77 38.33 -3.90
N LEU D 5 -34.91 37.32 -3.76
CA LEU D 5 -33.94 36.99 -4.81
C LEU D 5 -34.37 35.80 -5.67
N GLN D 6 -35.46 35.14 -5.28
CA GLN D 6 -35.96 33.94 -5.98
C GLN D 6 -36.81 34.32 -7.19
N PRO D 7 -36.77 33.51 -8.27
CA PRO D 7 -37.58 33.80 -9.45
C PRO D 7 -39.07 33.53 -9.23
N GLY D 8 -39.93 34.45 -9.67
CA GLY D 8 -41.39 34.27 -9.61
C GLY D 8 -41.91 33.50 -10.81
N GLN D 9 -43.13 33.81 -11.23
CA GLN D 9 -43.66 33.19 -12.43
CA GLN D 9 -43.75 33.21 -12.41
C GLN D 9 -43.72 34.22 -13.55
N PHE D 10 -43.51 33.74 -14.77
CA PHE D 10 -43.50 34.58 -15.94
C PHE D 10 -44.12 33.75 -17.05
N SER D 11 -44.85 34.41 -17.94
CA SER D 11 -45.49 33.72 -19.06
C SER D 11 -44.44 33.10 -19.96
N ALA D 12 -44.74 31.90 -20.48
CA ALA D 12 -43.82 31.14 -21.31
C ALA D 12 -43.80 31.62 -22.78
N ASP D 13 -43.50 32.91 -22.96
CA ASP D 13 -43.31 33.53 -24.29
C ASP D 13 -42.31 34.70 -24.20
N GLU D 14 -42.10 35.38 -25.33
CA GLU D 14 -41.11 36.45 -25.39
C GLU D 14 -41.44 37.65 -24.49
N ALA D 15 -42.71 38.01 -24.42
CA ALA D 15 -43.17 39.08 -23.53
C ALA D 15 -42.80 38.75 -22.07
N GLY D 16 -43.05 37.51 -21.67
CA GLY D 16 -42.70 37.05 -20.32
C GLY D 16 -41.20 37.06 -20.07
N ALA D 17 -40.43 36.62 -21.07
CA ALA D 17 -38.98 36.54 -20.94
C ALA D 17 -38.34 37.91 -20.75
N GLN D 18 -38.92 38.94 -21.38
CA GLN D 18 -38.51 40.30 -21.14
C GLN D 18 -38.72 40.67 -19.67
N LEU D 19 -39.89 40.35 -19.14
CA LEU D 19 -40.20 40.61 -17.73
C LEU D 19 -39.26 39.79 -16.84
N PHE D 20 -39.01 38.56 -17.25
CA PHE D 20 -38.09 37.66 -16.55
C PHE D 20 -36.70 38.29 -16.46
N ALA D 21 -36.20 38.76 -17.62
CA ALA D 21 -34.89 39.38 -17.69
C ALA D 21 -34.82 40.62 -16.78
N GLN D 22 -35.84 41.48 -16.81
CA GLN D 22 -35.87 42.65 -15.92
C GLN D 22 -35.78 42.25 -14.44
N SER D 23 -36.60 41.27 -14.06
CA SER D 23 -36.60 40.77 -12.68
C SER D 23 -35.25 40.16 -12.29
N TYR D 24 -34.69 39.34 -13.19
CA TYR D 24 -33.36 38.77 -12.99
C TYR D 24 -32.32 39.85 -12.69
N GLN D 25 -32.27 40.86 -13.56
CA GLN D 25 -31.26 41.89 -13.45
C GLN D 25 -31.33 42.56 -12.07
N SER D 26 -32.55 42.82 -11.63
CA SER D 26 -32.79 43.49 -10.37
C SER D 26 -32.15 42.73 -9.18
N SER D 27 -32.28 41.41 -9.20
CA SER D 27 -31.66 40.61 -8.15
C SER D 27 -30.18 40.30 -8.41
N ALA D 28 -29.83 40.06 -9.67
CA ALA D 28 -28.46 39.74 -10.07
C ALA D 28 -27.40 40.75 -9.61
N GLU D 29 -27.71 42.04 -9.70
CA GLU D 29 -26.77 43.08 -9.27
C GLU D 29 -26.45 42.98 -7.78
N GLN D 30 -27.44 42.60 -6.97
CA GLN D 30 -27.22 42.46 -5.54
C GLN D 30 -26.31 41.30 -5.24
N VAL D 31 -26.56 40.18 -5.91
CA VAL D 31 -25.84 38.92 -5.69
C VAL D 31 -24.41 39.02 -6.23
N LEU D 32 -24.27 39.61 -7.42
CA LEU D 32 -22.96 39.89 -8.00
C LEU D 32 -22.14 40.85 -7.15
N PHE D 33 -22.76 41.94 -6.70
CA PHE D 33 -22.08 42.89 -5.82
C PHE D 33 -21.54 42.20 -4.57
N GLN D 34 -22.38 41.43 -3.87
CA GLN D 34 -21.91 40.77 -2.64
C GLN D 34 -20.73 39.84 -2.95
N SER D 35 -20.77 39.18 -4.10
CA SER D 35 -19.68 38.28 -4.51
C SER D 35 -18.37 39.05 -4.84
N VAL D 36 -18.48 40.10 -5.64
CA VAL D 36 -17.31 40.92 -5.97
C VAL D 36 -16.74 41.57 -4.71
N ALA D 37 -17.61 42.08 -3.83
CA ALA D 37 -17.18 42.73 -2.60
C ALA D 37 -16.42 41.76 -1.70
N ALA D 38 -16.94 40.54 -1.54
CA ALA D 38 -16.24 39.53 -0.76
C ALA D 38 -14.90 39.13 -1.41
N SER D 39 -14.88 39.03 -2.74
CA SER D 39 -13.64 38.77 -3.47
C SER D 39 -12.62 39.88 -3.27
N TRP D 40 -13.10 41.13 -3.25
CA TRP D 40 -12.26 42.30 -3.03
C TRP D 40 -11.64 42.26 -1.65
N ALA D 41 -12.48 41.94 -0.65
CA ALA D 41 -12.04 41.89 0.75
C ALA D 41 -10.99 40.82 1.00
N HIS D 42 -11.08 39.72 0.26
CA HIS D 42 -10.08 38.68 0.32
C HIS D 42 -8.82 39.08 -0.43
N ASP D 43 -8.98 39.53 -1.67
CA ASP D 43 -7.84 39.84 -2.53
C ASP D 43 -6.95 40.98 -2.03
N THR D 44 -7.52 41.89 -1.24
CA THR D 44 -6.74 42.97 -0.65
C THR D 44 -6.31 42.65 0.79
N ASN D 45 -6.60 41.44 1.25
CA ASN D 45 -6.38 41.05 2.65
C ASN D 45 -6.59 39.54 2.77
N ILE D 46 -5.61 38.78 2.30
CA ILE D 46 -5.72 37.31 2.27
C ILE D 46 -5.62 36.75 3.69
N THR D 47 -6.74 36.21 4.19
CA THR D 47 -6.82 35.54 5.48
C THR D 47 -7.75 34.34 5.35
N ALA D 48 -7.65 33.40 6.29
CA ALA D 48 -8.54 32.25 6.31
C ALA D 48 -9.99 32.69 6.44
N GLU D 49 -10.23 33.73 7.25
CA GLU D 49 -11.58 34.25 7.48
C GLU D 49 -12.16 34.95 6.25
N ASN D 50 -11.34 35.70 5.54
CA ASN D 50 -11.81 36.35 4.32
C ASN D 50 -12.06 35.35 3.19
N ALA D 51 -11.27 34.27 3.15
CA ALA D 51 -11.54 33.16 2.21
C ALA D 51 -12.91 32.52 2.53
N ARG D 52 -13.15 32.26 3.81
CA ARG D 52 -14.42 31.69 4.27
C ARG D 52 -15.60 32.55 3.81
N ARG D 53 -15.49 33.86 4.03
CA ARG D 53 -16.52 34.81 3.58
C ARG D 53 -16.70 34.86 2.05
N GLN D 54 -15.59 34.85 1.32
CA GLN D 54 -15.67 34.78 -0.13
C GLN D 54 -16.33 33.47 -0.58
N GLU D 55 -15.99 32.36 0.06
CA GLU D 55 -16.59 31.08 -0.33
C GLU D 55 -18.09 31.06 -0.07
N GLU D 56 -18.50 31.67 1.03
CA GLU D 56 -19.91 31.73 1.37
C GLU D 56 -20.64 32.59 0.32
N ALA D 57 -20.03 33.71 -0.05
CA ALA D 57 -20.60 34.57 -1.11
C ALA D 57 -20.69 33.83 -2.46
N ALA D 58 -19.66 33.04 -2.78
CA ALA D 58 -19.65 32.25 -4.00
C ALA D 58 -20.76 31.20 -3.99
N LEU D 59 -21.00 30.57 -2.84
CA LEU D 59 -22.08 29.58 -2.70
C LEU D 59 -23.44 30.19 -2.98
N LEU D 60 -23.66 31.39 -2.44
CA LEU D 60 -24.88 32.15 -2.65
C LEU D 60 -25.05 32.43 -4.15
N SER D 61 -23.98 32.92 -4.78
CA SER D 61 -23.99 33.14 -6.23
C SER D 61 -24.40 31.90 -7.00
N GLN D 62 -23.87 30.75 -6.60
CA GLN D 62 -24.21 29.49 -7.26
C GLN D 62 -25.68 29.12 -7.01
N GLU D 63 -26.16 29.36 -5.79
CA GLU D 63 -27.56 29.08 -5.45
C GLU D 63 -28.48 29.95 -6.31
N PHE D 64 -28.11 31.23 -6.42
CA PHE D 64 -28.85 32.18 -7.22
C PHE D 64 -28.87 31.76 -8.68
N ALA D 65 -27.68 31.42 -9.21
CA ALA D 65 -27.53 31.03 -10.61
C ALA D 65 -28.33 29.78 -10.92
N GLU D 66 -28.31 28.82 -9.99
CA GLU D 66 -29.07 27.58 -10.12
C GLU D 66 -30.58 27.83 -10.19
N ALA D 67 -31.11 28.66 -9.29
CA ALA D 67 -32.56 28.97 -9.26
C ALA D 67 -33.02 29.66 -10.55
N TRP D 68 -32.34 30.74 -10.92
CA TRP D 68 -32.73 31.50 -12.11
C TRP D 68 -32.49 30.74 -13.41
N GLY D 69 -31.44 29.93 -13.43
CA GLY D 69 -31.14 29.03 -14.55
C GLY D 69 -32.18 27.94 -14.76
N GLN D 70 -32.61 27.31 -13.66
CA GLN D 70 -33.66 26.30 -13.72
C GLN D 70 -34.98 26.92 -14.18
N LYS D 71 -35.30 28.11 -13.66
CA LYS D 71 -36.51 28.80 -14.08
C LYS D 71 -36.44 29.18 -15.58
N ALA D 72 -35.29 29.68 -16.03
CA ALA D 72 -35.13 30.05 -17.45
C ALA D 72 -35.39 28.85 -18.36
N LYS D 73 -34.80 27.71 -18.03
CA LYS D 73 -35.06 26.45 -18.74
C LYS D 73 -36.52 26.02 -18.64
N GLU D 74 -37.06 26.00 -17.42
CA GLU D 74 -38.46 25.62 -17.22
C GLU D 74 -39.39 26.38 -18.18
N LEU D 75 -39.18 27.68 -18.32
CA LEU D 75 -40.11 28.54 -19.06
C LEU D 75 -39.76 28.75 -20.54
N TYR D 76 -38.47 28.70 -20.88
CA TYR D 76 -38.03 29.17 -22.18
C TYR D 76 -37.13 28.21 -22.95
N GLU D 77 -36.83 27.03 -22.39
CA GLU D 77 -35.97 26.05 -23.08
C GLU D 77 -36.31 25.80 -24.56
N PRO D 78 -37.58 25.51 -24.88
CA PRO D 78 -37.85 25.24 -26.30
C PRO D 78 -38.08 26.49 -27.17
N ILE D 79 -38.06 27.69 -26.56
CA ILE D 79 -38.57 28.88 -27.24
C ILE D 79 -37.56 30.05 -27.35
N TRP D 80 -36.54 30.07 -26.49
CA TRP D 80 -35.64 31.23 -26.40
C TRP D 80 -34.79 31.47 -27.66
N GLN D 81 -34.34 30.39 -28.30
CA GLN D 81 -33.48 30.51 -29.48
C GLN D 81 -34.23 31.15 -30.64
N GLN D 82 -35.56 31.13 -30.58
CA GLN D 82 -36.41 31.65 -31.66
C GLN D 82 -36.96 33.05 -31.35
N PHE D 83 -36.62 33.59 -30.17
CA PHE D 83 -37.02 34.98 -29.81
C PHE D 83 -36.58 35.99 -30.87
N THR D 84 -37.39 37.02 -31.06
CA THR D 84 -37.12 38.06 -32.05
C THR D 84 -36.03 39.02 -31.58
N ASP D 85 -36.03 39.34 -30.29
CA ASP D 85 -35.10 40.30 -29.71
C ASP D 85 -33.72 39.67 -29.55
N PRO D 86 -32.73 40.12 -30.34
CA PRO D 86 -31.42 39.48 -30.30
C PRO D 86 -30.70 39.62 -28.94
N GLN D 87 -30.86 40.78 -28.28
CA GLN D 87 -30.24 41.01 -26.98
C GLN D 87 -30.91 40.12 -25.93
N LEU D 88 -32.23 39.95 -26.06
CA LEU D 88 -32.99 39.06 -25.18
C LEU D 88 -32.48 37.61 -25.29
N ARG D 89 -32.19 37.13 -26.51
CA ARG D 89 -31.65 35.78 -26.68
C ARG D 89 -30.32 35.62 -25.95
N ARG D 90 -29.51 36.67 -25.96
CA ARG D 90 -28.19 36.60 -25.35
C ARG D 90 -28.28 36.60 -23.82
N ILE D 91 -29.23 37.38 -23.29
CA ILE D 91 -29.46 37.41 -21.86
C ILE D 91 -29.93 36.04 -21.37
N ILE D 92 -30.98 35.51 -22.00
CA ILE D 92 -31.52 34.18 -21.65
C ILE D 92 -30.43 33.13 -21.81
N GLY D 93 -29.71 33.18 -22.93
CA GLY D 93 -28.58 32.27 -23.17
C GLY D 93 -27.56 32.30 -22.05
N ALA D 94 -27.30 33.48 -21.51
CA ALA D 94 -26.35 33.62 -20.40
C ALA D 94 -26.93 33.05 -19.10
N VAL D 95 -28.21 33.31 -18.86
CA VAL D 95 -28.86 32.90 -17.61
C VAL D 95 -28.92 31.37 -17.49
N ARG D 96 -29.21 30.68 -18.59
CA ARG D 96 -29.35 29.22 -18.56
C ARG D 96 -28.03 28.41 -18.53
N THR D 97 -26.88 29.11 -18.51
CA THR D 97 -25.57 28.45 -18.34
C THR D 97 -25.20 28.47 -16.86
N LEU D 98 -25.13 27.29 -16.25
CA LEU D 98 -25.01 27.22 -14.79
C LEU D 98 -23.58 27.15 -14.27
N GLY D 99 -22.67 26.56 -15.05
CA GLY D 99 -21.27 26.45 -14.67
C GLY D 99 -21.11 25.59 -13.42
N SER D 100 -20.34 26.11 -12.47
CA SER D 100 -20.10 25.41 -11.20
C SER D 100 -21.37 25.16 -10.39
N ALA D 101 -22.42 25.94 -10.64
CA ALA D 101 -23.72 25.77 -9.98
C ALA D 101 -24.42 24.47 -10.38
N ASN D 102 -23.93 23.82 -11.45
CA ASN D 102 -24.36 22.47 -11.80
C ASN D 102 -23.90 21.41 -10.82
N LEU D 103 -22.84 21.71 -10.08
CA LEU D 103 -22.26 20.72 -9.17
C LEU D 103 -23.18 20.51 -7.98
N PRO D 104 -23.28 19.25 -7.48
CA PRO D 104 -23.99 19.06 -6.21
C PRO D 104 -23.34 19.88 -5.10
N LEU D 105 -24.12 20.19 -4.07
CA LEU D 105 -23.69 21.07 -2.99
C LEU D 105 -22.27 20.82 -2.45
N ALA D 106 -21.95 19.56 -2.14
CA ALA D 106 -20.64 19.25 -1.53
C ALA D 106 -19.49 19.50 -2.51
N LYS D 107 -19.75 19.31 -3.80
CA LYS D 107 -18.74 19.55 -4.81
C LYS D 107 -18.60 21.03 -5.14
N ARG D 108 -19.68 21.79 -4.97
CA ARG D 108 -19.61 23.26 -5.10
C ARG D 108 -18.66 23.81 -4.06
N GLN D 109 -18.80 23.29 -2.83
CA GLN D 109 -17.97 23.71 -1.71
C GLN D 109 -16.51 23.33 -1.90
N GLN D 110 -16.28 22.14 -2.42
CA GLN D 110 -14.92 21.68 -2.76
C GLN D 110 -14.32 22.60 -3.83
N TYR D 111 -15.09 22.85 -4.89
CA TYR D 111 -14.68 23.73 -5.98
C TYR D 111 -14.30 25.12 -5.46
N ASN D 112 -15.17 25.70 -4.63
CA ASN D 112 -14.92 27.03 -4.07
C ASN D 112 -13.69 27.10 -3.18
N ALA D 113 -13.51 26.08 -2.33
CA ALA D 113 -12.35 26.03 -1.44
C ALA D 113 -11.05 25.86 -2.26
N LEU D 114 -11.12 25.07 -3.32
CA LEU D 114 -9.97 24.88 -4.22
C LEU D 114 -9.51 26.20 -4.83
N LEU D 115 -10.47 27.00 -5.31
CA LEU D 115 -10.17 28.32 -5.83
C LEU D 115 -9.49 29.20 -4.78
N SER D 116 -9.98 29.13 -3.53
CA SER D 116 -9.37 29.94 -2.47
C SER D 116 -7.95 29.51 -2.19
N GLN D 117 -7.75 28.20 -2.08
CA GLN D 117 -6.43 27.70 -1.72
C GLN D 117 -5.39 27.95 -2.82
N MET D 118 -5.79 27.79 -4.09
CA MET D 118 -4.87 28.04 -5.22
C MET D 118 -4.49 29.52 -5.27
N SER D 119 -5.47 30.39 -5.07
CA SER D 119 -5.21 31.82 -4.96
C SER D 119 -4.24 32.15 -3.82
N ARG D 120 -4.50 31.61 -2.62
CA ARG D 120 -3.61 31.83 -1.49
C ARG D 120 -2.19 31.39 -1.80
N ILE D 121 -2.05 30.18 -2.35
CA ILE D 121 -0.74 29.60 -2.58
C ILE D 121 0.06 30.49 -3.55
N TYR D 122 -0.57 30.89 -4.64
CA TYR D 122 0.13 31.73 -5.63
C TYR D 122 0.53 33.08 -5.03
N SER D 123 -0.42 33.72 -4.34
CA SER D 123 -0.23 35.12 -3.95
C SER D 123 0.53 35.31 -2.65
N THR D 124 0.79 34.22 -1.92
CA THR D 124 1.56 34.27 -0.67
C THR D 124 2.90 33.54 -0.77
N ALA D 125 3.18 32.89 -1.90
CA ALA D 125 4.44 32.19 -2.06
C ALA D 125 5.61 33.15 -1.95
N LYS D 126 6.69 32.68 -1.32
CA LYS D 126 7.88 33.51 -1.11
C LYS D 126 9.13 32.69 -1.43
N VAL D 127 10.22 33.40 -1.66
CA VAL D 127 11.50 32.73 -1.86
C VAL D 127 12.41 33.20 -0.73
N CYS D 128 12.75 32.26 0.14
CA CYS D 128 13.55 32.54 1.33
C CYS D 128 15.03 32.29 1.04
N LEU D 129 15.89 32.97 1.78
CA LEU D 129 17.33 32.99 1.48
C LEU D 129 18.12 32.02 2.36
N THR D 133 20.43 35.37 6.49
CA THR D 133 19.37 34.85 5.63
C THR D 133 18.08 34.67 6.43
N ALA D 134 17.23 35.72 6.43
CA ALA D 134 16.00 35.72 7.23
C ALA D 134 14.74 36.15 6.46
N THR D 135 14.76 37.36 5.90
CA THR D 135 13.56 37.94 5.27
C THR D 135 13.33 37.43 3.83
N CYS D 136 12.14 36.88 3.58
CA CYS D 136 11.84 36.19 2.32
C CYS D 136 11.32 37.13 1.21
N TRP D 137 11.58 36.77 -0.04
CA TRP D 137 11.24 37.63 -1.17
C TRP D 137 9.87 37.32 -1.74
N SER D 138 9.07 38.36 -1.97
CA SER D 138 7.80 38.18 -2.64
C SER D 138 8.00 38.32 -4.14
N LEU D 139 7.06 37.82 -4.94
CA LEU D 139 7.14 37.95 -6.40
C LEU D 139 7.14 39.42 -6.80
N ASP D 140 6.18 40.16 -6.24
CA ASP D 140 6.03 41.57 -6.51
C ASP D 140 6.14 42.33 -5.17
N PRO D 141 7.17 43.19 -5.01
CA PRO D 141 8.15 43.70 -5.98
C PRO D 141 9.48 42.93 -6.15
N ASP D 142 9.84 42.12 -5.17
CA ASP D 142 11.23 41.64 -5.02
C ASP D 142 11.76 40.86 -6.20
N LEU D 143 11.12 39.73 -6.51
CA LEU D 143 11.56 38.88 -7.60
C LEU D 143 11.35 39.55 -8.95
N THR D 144 10.25 40.30 -9.09
CA THR D 144 9.99 41.08 -10.29
C THR D 144 11.17 42.02 -10.57
N ASN D 145 11.60 42.77 -9.56
CA ASN D 145 12.73 43.69 -9.73
C ASN D 145 14.04 42.97 -10.10
N ILE D 146 14.29 41.80 -9.50
CA ILE D 146 15.49 41.02 -9.80
C ILE D 146 15.48 40.56 -11.27
N LEU D 147 14.36 40.01 -11.73
CA LEU D 147 14.26 39.53 -13.12
C LEU D 147 14.41 40.69 -14.11
N ALA D 148 13.95 41.88 -13.71
CA ALA D 148 13.99 43.06 -14.57
C ALA D 148 15.38 43.66 -14.73
N SER D 149 16.19 43.67 -13.66
CA SER D 149 17.41 44.48 -13.68
C SER D 149 18.72 43.78 -13.39
N SER D 150 18.67 42.67 -12.66
CA SER D 150 19.92 41.93 -12.38
C SER D 150 20.49 41.35 -13.66
N ARG D 151 21.80 41.54 -13.87
CA ARG D 151 22.49 40.85 -14.96
C ARG D 151 23.46 39.82 -14.38
N SER D 152 23.14 39.36 -13.17
CA SER D 152 23.88 38.27 -12.57
C SER D 152 23.16 36.96 -12.92
N TYR D 153 23.83 36.09 -13.68
CA TYR D 153 23.21 34.83 -14.07
C TYR D 153 22.70 34.05 -12.85
N ALA D 154 23.53 33.94 -11.82
CA ALA D 154 23.22 33.16 -10.63
C ALA D 154 22.07 33.76 -9.81
N MET D 155 22.04 35.09 -9.68
CA MET D 155 20.94 35.76 -8.97
C MET D 155 19.59 35.57 -9.67
N LEU D 156 19.59 35.76 -10.99
CA LEU D 156 18.40 35.51 -11.81
C LEU D 156 17.89 34.08 -11.64
N LEU D 157 18.83 33.13 -11.66
CA LEU D 157 18.50 31.72 -11.52
C LEU D 157 17.90 31.43 -10.16
N PHE D 158 18.55 31.93 -9.11
CA PHE D 158 18.01 31.79 -7.77
C PHE D 158 16.55 32.25 -7.76
N ALA D 159 16.28 33.42 -8.34
CA ALA D 159 14.94 33.99 -8.36
C ALA D 159 13.97 33.16 -9.22
N TRP D 160 14.42 32.77 -10.41
CA TRP D 160 13.59 31.96 -11.31
C TRP D 160 13.25 30.58 -10.72
N GLU D 161 14.26 29.88 -10.21
CA GLU D 161 14.05 28.55 -9.64
C GLU D 161 13.24 28.63 -8.34
N GLY D 162 13.64 29.55 -7.46
CA GLY D 162 12.93 29.79 -6.22
C GLY D 162 11.44 29.95 -6.44
N TRP D 163 11.08 30.82 -7.40
CA TRP D 163 9.68 31.15 -7.64
C TRP D 163 8.89 29.98 -8.23
N HIS D 164 9.46 29.32 -9.24
CA HIS D 164 8.78 28.20 -9.86
C HIS D 164 8.58 27.05 -8.88
N ASN D 165 9.59 26.81 -8.05
CA ASN D 165 9.48 25.79 -7.02
C ASN D 165 8.45 26.13 -5.92
N ALA D 166 8.52 27.36 -5.41
CA ALA D 166 7.64 27.79 -4.32
C ALA D 166 6.17 27.83 -4.71
N ALA D 167 5.87 28.38 -5.89
CA ALA D 167 4.49 28.52 -6.31
C ALA D 167 3.90 27.27 -6.98
N GLY D 168 4.66 26.63 -7.88
CA GLY D 168 4.11 25.52 -8.67
C GLY D 168 3.94 24.19 -7.97
N ILE D 169 4.95 23.79 -7.19
CA ILE D 169 4.95 22.47 -6.56
C ILE D 169 3.68 22.22 -5.73
N PRO D 170 3.36 23.12 -4.77
CA PRO D 170 2.16 22.85 -3.96
C PRO D 170 0.82 23.00 -4.71
N LEU D 171 0.83 23.65 -5.88
CA LEU D 171 -0.41 23.84 -6.63
C LEU D 171 -0.88 22.60 -7.37
N LYS D 172 0.05 21.74 -7.79
CA LYS D 172 -0.30 20.61 -8.66
C LYS D 172 -1.51 19.75 -8.19
N PRO D 173 -1.46 19.22 -6.95
CA PRO D 173 -2.60 18.36 -6.57
C PRO D 173 -3.94 19.10 -6.55
N LEU D 174 -3.95 20.37 -6.16
CA LEU D 174 -5.16 21.18 -6.20
C LEU D 174 -5.63 21.44 -7.63
N TYR D 175 -4.68 21.69 -8.52
CA TYR D 175 -5.03 21.99 -9.90
C TYR D 175 -5.66 20.79 -10.62
N GLU D 176 -5.20 19.58 -10.29
CA GLU D 176 -5.80 18.35 -10.82
C GLU D 176 -7.25 18.26 -10.41
N ASP D 177 -7.50 18.53 -9.12
CA ASP D 177 -8.84 18.42 -8.56
C ASP D 177 -9.75 19.47 -9.16
N PHE D 178 -9.23 20.68 -9.29
CA PHE D 178 -9.99 21.78 -9.90
C PHE D 178 -10.41 21.41 -11.32
N THR D 179 -9.47 20.91 -12.13
CA THR D 179 -9.73 20.54 -13.54
C THR D 179 -10.88 19.55 -13.67
N ALA D 180 -10.86 18.52 -12.83
CA ALA D 180 -11.88 17.48 -12.85
C ALA D 180 -13.27 18.06 -12.52
N LEU D 181 -13.33 18.86 -11.45
CA LEU D 181 -14.60 19.46 -11.00
C LEU D 181 -15.09 20.50 -12.02
N SER D 182 -14.17 21.28 -12.56
CA SER D 182 -14.51 22.24 -13.60
C SER D 182 -15.16 21.56 -14.80
N ASN D 183 -14.55 20.49 -15.31
CA ASN D 183 -15.10 19.72 -16.42
C ASN D 183 -16.45 19.10 -16.09
N GLU D 184 -16.58 18.58 -14.87
CA GLU D 184 -17.84 18.02 -14.42
C GLU D 184 -18.96 19.06 -14.46
N ALA D 185 -18.67 20.27 -13.99
CA ALA D 185 -19.64 21.36 -14.01
C ALA D 185 -20.11 21.74 -15.43
N TYR D 186 -19.16 21.98 -16.33
CA TYR D 186 -19.48 22.46 -17.68
C TYR D 186 -20.03 21.40 -18.62
N LYS D 187 -19.76 20.14 -18.30
CA LYS D 187 -20.40 19.02 -19.00
C LYS D 187 -21.93 19.11 -18.92
N GLN D 188 -22.46 19.54 -17.77
N GLN D 188 -22.45 19.53 -17.77
CA GLN D 188 -23.89 19.67 -17.58
CA GLN D 188 -23.89 19.66 -17.59
C GLN D 188 -24.50 20.89 -18.28
C GLN D 188 -24.50 20.84 -18.36
N ASP D 189 -23.65 21.76 -18.81
CA ASP D 189 -24.09 22.85 -19.69
C ASP D 189 -23.97 22.42 -21.17
N GLY D 190 -23.53 21.19 -21.39
CA GLY D 190 -23.41 20.64 -22.74
C GLY D 190 -22.03 20.73 -23.39
N PHE D 191 -21.04 21.29 -22.69
CA PHE D 191 -19.69 21.38 -23.26
C PHE D 191 -18.83 20.15 -22.97
N THR D 192 -18.07 19.72 -23.96
CA THR D 192 -17.21 18.54 -23.84
C THR D 192 -16.16 18.65 -22.71
N ASP D 193 -15.69 19.88 -22.45
CA ASP D 193 -14.77 20.17 -21.36
C ASP D 193 -14.78 21.68 -21.16
N THR D 194 -14.13 22.15 -20.10
CA THR D 194 -14.17 23.59 -19.77
C THR D 194 -13.57 24.44 -20.90
N GLY D 195 -12.52 23.91 -21.54
CA GLY D 195 -11.87 24.62 -22.64
C GLY D 195 -12.83 24.94 -23.77
N ALA D 196 -13.69 23.98 -24.12
CA ALA D 196 -14.69 24.22 -25.15
C ALA D 196 -15.65 25.34 -24.75
N TYR D 197 -15.96 25.43 -23.45
CA TYR D 197 -16.77 26.51 -22.94
C TYR D 197 -16.03 27.85 -23.10
N TRP D 198 -14.79 27.91 -22.64
CA TRP D 198 -14.00 29.14 -22.78
C TRP D 198 -13.90 29.59 -24.25
N ARG D 199 -13.71 28.65 -25.16
CA ARG D 199 -13.64 28.97 -26.59
C ARG D 199 -14.97 29.45 -27.18
N SER D 200 -16.08 29.00 -26.61
CA SER D 200 -17.41 29.35 -27.16
C SER D 200 -17.68 30.85 -27.12
N TRP D 201 -17.02 31.56 -26.20
CA TRP D 201 -17.15 33.00 -26.09
C TRP D 201 -16.78 33.76 -27.37
N TYR D 202 -16.04 33.10 -28.27
CA TYR D 202 -15.60 33.76 -29.49
C TYR D 202 -16.57 33.53 -30.64
N ASN D 203 -17.58 32.70 -30.38
CA ASN D 203 -18.65 32.39 -31.34
CA ASN D 203 -18.65 32.43 -31.35
C ASN D 203 -18.10 32.24 -32.76
N SER D 204 -17.16 31.32 -32.91
CA SER D 204 -16.53 31.08 -34.20
C SER D 204 -16.20 29.59 -34.36
N PRO D 205 -16.87 28.91 -35.30
CA PRO D 205 -16.59 27.48 -35.50
C PRO D 205 -15.15 27.20 -35.94
N THR D 206 -14.44 28.18 -36.46
CA THR D 206 -13.06 27.98 -36.94
C THR D 206 -11.99 28.66 -36.05
N PHE D 207 -12.36 28.97 -34.80
CA PHE D 207 -11.50 29.72 -33.89
C PHE D 207 -10.05 29.23 -33.84
N GLU D 208 -9.85 27.95 -33.55
CA GLU D 208 -8.49 27.39 -33.41
C GLU D 208 -7.68 27.45 -34.70
N ASP D 209 -8.33 27.16 -35.82
CA ASP D 209 -7.69 27.30 -37.15
C ASP D 209 -7.32 28.74 -37.45
N ASP D 210 -8.24 29.65 -37.14
CA ASP D 210 -7.99 31.07 -37.39
C ASP D 210 -6.80 31.58 -36.60
N LEU D 211 -6.70 31.13 -35.34
CA LEU D 211 -5.57 31.52 -34.48
C LEU D 211 -4.27 30.99 -35.03
N GLU D 212 -4.28 29.72 -35.44
CA GLU D 212 -3.11 29.09 -36.03
C GLU D 212 -2.63 29.82 -37.29
N HIS D 213 -3.55 30.24 -38.16
CA HIS D 213 -3.21 30.96 -39.38
CA HIS D 213 -3.21 30.97 -39.39
C HIS D 213 -2.56 32.32 -39.05
N LEU D 214 -3.10 32.99 -38.04
CA LEU D 214 -2.53 34.25 -37.55
C LEU D 214 -1.10 34.01 -37.07
N TYR D 215 -0.90 33.01 -36.21
CA TYR D 215 0.44 32.76 -35.69
C TYR D 215 1.46 32.44 -36.82
N GLN D 216 1.02 31.74 -37.85
CA GLN D 216 1.89 31.45 -38.99
C GLN D 216 2.43 32.73 -39.64
N GLN D 217 1.57 33.72 -39.76
CA GLN D 217 1.96 35.03 -40.28
C GLN D 217 2.94 35.76 -39.37
N LEU D 218 2.80 35.54 -38.07
CA LEU D 218 3.55 36.29 -37.07
C LEU D 218 4.87 35.63 -36.68
N GLU D 219 4.95 34.30 -36.85
CA GLU D 219 6.13 33.58 -36.39
C GLU D 219 7.47 34.09 -36.94
N PRO D 220 7.54 34.45 -38.23
CA PRO D 220 8.87 34.90 -38.70
C PRO D 220 9.36 36.14 -37.94
N LEU D 221 8.44 37.02 -37.56
CA LEU D 221 8.81 38.20 -36.80
C LEU D 221 9.41 37.78 -35.46
N TYR D 222 8.78 36.81 -34.81
CA TYR D 222 9.31 36.33 -33.54
C TYR D 222 10.67 35.65 -33.69
N LEU D 223 10.82 34.83 -34.72
CA LEU D 223 12.07 34.11 -34.93
C LEU D 223 13.24 35.06 -35.12
N ASN D 224 13.00 36.13 -35.86
CA ASN D 224 14.06 37.10 -36.11
C ASN D 224 14.39 37.92 -34.87
N LEU D 225 13.37 38.30 -34.11
CA LEU D 225 13.60 39.01 -32.86
C LEU D 225 14.37 38.11 -31.87
N HIS D 226 13.90 36.88 -31.73
CA HIS D 226 14.56 35.84 -30.95
C HIS D 226 16.07 35.76 -31.26
N ALA D 227 16.41 35.57 -32.54
CA ALA D 227 17.82 35.35 -32.93
C ALA D 227 18.69 36.56 -32.61
N PHE D 228 18.15 37.75 -32.82
CA PHE D 228 18.88 38.99 -32.57
C PHE D 228 19.12 39.15 -31.06
N VAL D 229 18.08 38.90 -30.29
CA VAL D 229 18.17 38.97 -28.82
C VAL D 229 19.14 37.93 -28.26
N ARG D 230 19.05 36.70 -28.76
CA ARG D 230 19.97 35.64 -28.35
C ARG D 230 21.42 36.06 -28.60
N ARG D 231 21.70 36.65 -29.77
CA ARG D 231 23.03 37.21 -30.05
C ARG D 231 23.46 38.28 -29.04
N ALA D 232 22.59 39.26 -28.79
CA ALA D 232 22.86 40.30 -27.79
C ALA D 232 23.21 39.68 -26.44
N LEU D 233 22.44 38.66 -26.07
CA LEU D 233 22.67 37.93 -24.82
C LEU D 233 24.00 37.18 -24.83
N HIS D 234 24.32 36.56 -25.96
CA HIS D 234 25.60 35.84 -26.12
C HIS D 234 26.80 36.76 -25.87
N ARG D 235 26.71 37.98 -26.40
CA ARG D 235 27.75 38.99 -26.26
C ARG D 235 27.95 39.41 -24.82
N ARG D 236 26.97 39.11 -23.98
CA ARG D 236 27.04 39.51 -22.58
C ARG D 236 27.24 38.36 -21.60
N TYR D 237 26.55 37.25 -21.80
CA TYR D 237 26.69 36.09 -20.92
C TYR D 237 27.73 35.10 -21.39
N GLY D 238 28.06 35.13 -22.68
CA GLY D 238 29.09 34.26 -23.25
C GLY D 238 28.62 32.87 -23.64
N ASP D 239 29.54 32.09 -24.23
CA ASP D 239 29.33 30.71 -24.67
C ASP D 239 28.80 29.72 -23.64
N ARG D 240 29.22 29.89 -22.40
CA ARG D 240 28.84 28.99 -21.32
C ARG D 240 27.31 28.93 -21.16
N TYR D 241 26.66 30.09 -21.24
CA TYR D 241 25.24 30.23 -20.88
C TYR D 241 24.30 30.51 -22.06
N ILE D 242 24.86 30.85 -23.21
CA ILE D 242 24.05 31.11 -24.41
C ILE D 242 24.55 30.24 -25.56
N ASN D 243 23.63 29.45 -26.10
CA ASN D 243 23.88 28.60 -27.25
C ASN D 243 23.25 29.26 -28.47
N LEU D 244 24.09 29.70 -29.41
CA LEU D 244 23.62 30.45 -30.58
C LEU D 244 22.69 29.65 -31.49
N ARG D 245 22.60 28.35 -31.26
CA ARG D 245 21.70 27.47 -32.02
C ARG D 245 20.68 26.76 -31.11
N GLY D 246 20.61 27.17 -29.85
CA GLY D 246 19.72 26.52 -28.89
C GLY D 246 18.72 27.50 -28.33
N PRO D 247 17.76 26.98 -27.52
CA PRO D 247 16.78 27.84 -26.88
C PRO D 247 17.47 28.74 -25.88
N ILE D 248 16.88 29.92 -25.62
CA ILE D 248 17.41 30.87 -24.66
C ILE D 248 16.99 30.42 -23.24
N PRO D 249 17.93 30.40 -22.28
CA PRO D 249 17.55 30.07 -20.90
C PRO D 249 16.44 31.00 -20.40
N ALA D 250 15.40 30.41 -19.81
CA ALA D 250 14.12 31.09 -19.60
C ALA D 250 14.12 32.28 -18.61
N HIS D 251 15.23 32.47 -17.90
CA HIS D 251 15.33 33.50 -16.85
C HIS D 251 16.09 34.78 -17.25
N LEU D 252 16.49 34.87 -18.51
CA LEU D 252 17.41 35.93 -18.94
C LEU D 252 16.75 37.06 -19.75
N LEU D 253 15.42 37.06 -19.83
CA LEU D 253 14.71 37.96 -20.76
C LEU D 253 13.99 39.13 -20.10
N GLY D 254 14.22 39.31 -18.79
CA GLY D 254 13.76 40.51 -18.06
C GLY D 254 12.47 40.32 -17.29
N ASP D 255 11.94 39.10 -17.34
CA ASP D 255 10.58 38.81 -16.93
C ASP D 255 10.51 37.35 -16.44
N MET D 256 9.76 37.11 -15.36
CA MET D 256 9.67 35.77 -14.77
C MET D 256 9.20 34.70 -15.76
N TRP D 257 8.33 35.08 -16.69
CA TRP D 257 7.76 34.14 -17.66
C TRP D 257 8.36 34.29 -19.06
N ALA D 258 9.40 35.14 -19.17
CA ALA D 258 10.00 35.52 -20.46
C ALA D 258 8.91 35.98 -21.43
N GLN D 259 7.88 36.66 -20.92
CA GLN D 259 6.71 36.90 -21.74
C GLN D 259 6.74 38.26 -22.40
N SER D 260 7.54 39.16 -21.87
CA SER D 260 7.84 40.39 -22.57
C SER D 260 9.25 40.77 -22.19
N TRP D 261 9.99 41.27 -23.17
CA TRP D 261 11.43 41.41 -23.06
C TRP D 261 11.92 42.85 -22.91
N GLU D 262 11.02 43.78 -22.61
CA GLU D 262 11.41 45.20 -22.59
C GLU D 262 12.46 45.51 -21.57
N ASN D 263 12.55 44.71 -20.48
CA ASN D 263 13.51 45.01 -19.42
C ASN D 263 14.98 44.79 -19.78
N ILE D 264 15.21 44.16 -20.92
CA ILE D 264 16.59 43.93 -21.37
C ILE D 264 16.87 44.83 -22.58
N TYR D 265 15.98 45.79 -22.82
CA TYR D 265 16.15 46.78 -23.89
C TYR D 265 17.56 47.37 -23.92
N ASP D 266 18.12 47.66 -22.75
CA ASP D 266 19.43 48.30 -22.69
C ASP D 266 20.54 47.40 -23.26
N MET D 267 20.31 46.09 -23.27
CA MET D 267 21.27 45.16 -23.85
C MET D 267 21.07 44.95 -25.35
N VAL D 268 19.89 45.31 -25.84
CA VAL D 268 19.47 44.96 -27.19
C VAL D 268 19.42 46.18 -28.11
N VAL D 269 19.30 47.38 -27.53
CA VAL D 269 19.11 48.63 -28.31
C VAL D 269 20.13 48.76 -29.45
N PRO D 270 19.63 48.84 -30.71
CA PRO D 270 20.51 48.89 -31.87
C PRO D 270 21.43 50.11 -31.87
N PHE D 271 20.90 51.27 -31.52
CA PHE D 271 21.66 52.51 -31.62
C PHE D 271 21.66 53.28 -30.28
N PRO D 272 22.54 52.86 -29.33
CA PRO D 272 22.54 53.43 -27.97
C PRO D 272 22.83 54.93 -27.88
N ASP D 273 23.35 55.51 -28.96
CA ASP D 273 23.74 56.92 -28.99
C ASP D 273 22.53 57.86 -29.18
N LYS D 274 21.39 57.28 -29.53
CA LYS D 274 20.16 58.05 -29.73
C LYS D 274 19.45 58.32 -28.39
N PRO D 275 18.30 59.03 -28.40
CA PRO D 275 17.64 59.29 -27.11
C PRO D 275 17.21 58.00 -26.43
N ASN D 276 17.44 57.91 -25.12
CA ASN D 276 17.08 56.73 -24.34
C ASN D 276 15.56 56.61 -24.18
N LEU D 277 14.97 55.60 -24.84
CA LEU D 277 13.51 55.47 -24.92
C LEU D 277 12.87 54.77 -23.72
N ASP D 278 13.67 54.30 -22.79
CA ASP D 278 13.16 53.79 -21.54
C ASP D 278 13.13 54.95 -20.53
N VAL D 279 11.94 55.49 -20.29
CA VAL D 279 11.80 56.71 -19.49
C VAL D 279 11.70 56.43 -17.97
N THR D 280 11.97 55.19 -17.58
CA THR D 280 11.89 54.81 -16.17
C THR D 280 12.78 55.68 -15.30
N SER D 281 14.05 55.86 -15.69
CA SER D 281 14.98 56.63 -14.85
C SER D 281 14.51 58.08 -14.71
N THR D 282 13.85 58.61 -15.74
CA THR D 282 13.31 59.96 -15.70
C THR D 282 12.11 60.05 -14.77
N MET D 283 11.25 59.03 -14.81
CA MET D 283 10.11 58.97 -13.90
C MET D 283 10.58 59.00 -12.44
N LEU D 284 11.62 58.22 -12.13
CA LEU D 284 12.17 58.20 -10.78
C LEU D 284 12.83 59.52 -10.44
N GLN D 285 13.64 60.04 -11.35
CA GLN D 285 14.27 61.34 -11.15
C GLN D 285 13.23 62.43 -10.86
N GLN D 286 12.12 62.42 -11.60
CA GLN D 286 11.08 63.45 -11.41
C GLN D 286 10.14 63.15 -10.24
N GLY D 287 10.32 62.01 -9.58
CA GLY D 287 9.50 61.64 -8.41
C GLY D 287 8.05 61.26 -8.69
N TRP D 288 7.79 60.62 -9.83
CA TRP D 288 6.47 60.07 -10.11
C TRP D 288 6.09 59.04 -9.06
N GLN D 289 4.81 59.00 -8.72
CA GLN D 289 4.23 58.00 -7.83
C GLN D 289 3.04 57.34 -8.51
N ALA D 290 2.48 56.30 -7.88
CA ALA D 290 1.29 55.62 -8.39
C ALA D 290 0.18 56.61 -8.76
N THR D 291 -0.14 57.51 -7.84
CA THR D 291 -1.18 58.52 -8.05
C THR D 291 -0.99 59.29 -9.35
N HIS D 292 0.23 59.75 -9.61
CA HIS D 292 0.55 60.51 -10.81
C HIS D 292 0.32 59.66 -12.03
N MET D 293 0.75 58.41 -11.97
CA MET D 293 0.61 57.51 -13.09
C MET D 293 -0.85 57.29 -13.44
N PHE D 294 -1.68 57.10 -12.42
CA PHE D 294 -3.12 56.97 -12.62
C PHE D 294 -3.79 58.24 -13.14
N ARG D 295 -3.42 59.41 -12.61
CA ARG D 295 -3.98 60.68 -13.08
C ARG D 295 -3.59 60.97 -14.54
N VAL D 296 -2.33 60.69 -14.88
CA VAL D 296 -1.84 60.87 -16.26
C VAL D 296 -2.58 59.96 -17.23
N ALA D 297 -2.76 58.68 -16.85
CA ALA D 297 -3.56 57.76 -17.65
C ALA D 297 -4.99 58.26 -17.81
N GLU D 298 -5.61 58.66 -16.70
CA GLU D 298 -6.96 59.22 -16.72
C GLU D 298 -7.08 60.40 -17.69
N GLU D 299 -6.10 61.29 -17.67
CA GLU D 299 -6.18 62.49 -18.50
C GLU D 299 -6.12 62.16 -20.00
N PHE D 300 -5.47 61.04 -20.38
CA PHE D 300 -5.51 60.60 -21.78
C PHE D 300 -6.94 60.21 -22.16
N PHE D 301 -7.60 59.41 -21.32
CA PHE D 301 -9.00 59.08 -21.54
C PHE D 301 -9.91 60.32 -21.66
N THR D 302 -9.72 61.30 -20.77
CA THR D 302 -10.55 62.51 -20.86
C THR D 302 -10.19 63.37 -22.09
N SER D 303 -8.95 63.31 -22.54
CA SER D 303 -8.55 64.04 -23.76
C SER D 303 -9.36 63.57 -24.98
N LEU D 304 -9.80 62.32 -24.92
CA LEU D 304 -10.61 61.72 -25.97
C LEU D 304 -12.12 61.93 -25.75
N GLU D 305 -12.47 62.67 -24.70
CA GLU D 305 -13.86 62.81 -24.25
C GLU D 305 -14.49 61.48 -23.80
N LEU D 306 -13.65 60.59 -23.27
CA LEU D 306 -14.15 59.42 -22.54
C LEU D 306 -14.24 59.82 -21.07
N SER D 307 -14.72 58.92 -20.21
CA SER D 307 -15.07 59.30 -18.85
C SER D 307 -13.86 59.37 -17.93
N PRO D 308 -13.86 60.33 -16.98
CA PRO D 308 -12.88 60.29 -15.92
C PRO D 308 -13.21 59.13 -14.97
N MET D 309 -12.29 58.79 -14.08
CA MET D 309 -12.58 57.81 -13.02
C MET D 309 -13.46 58.50 -11.96
N PRO D 310 -14.55 57.83 -11.53
CA PRO D 310 -15.46 58.42 -10.56
C PRO D 310 -14.85 58.45 -9.16
N PRO D 311 -15.42 59.23 -8.24
CA PRO D 311 -14.89 59.29 -6.88
C PRO D 311 -14.76 57.91 -6.22
N GLU D 312 -15.71 57.02 -6.47
CA GLU D 312 -15.71 55.66 -5.91
C GLU D 312 -14.45 54.89 -6.32
N PHE D 313 -13.95 55.18 -7.51
CA PHE D 313 -12.71 54.55 -7.98
C PHE D 313 -11.52 54.99 -7.13
N TRP D 314 -11.39 56.30 -6.93
CA TRP D 314 -10.28 56.87 -6.17
C TRP D 314 -10.35 56.51 -4.69
N GLU D 315 -11.56 56.44 -4.13
CA GLU D 315 -11.76 56.10 -2.72
C GLU D 315 -11.51 54.63 -2.40
N GLY D 316 -11.90 53.75 -3.32
CA GLY D 316 -11.89 52.31 -3.04
C GLY D 316 -10.72 51.51 -3.61
N SER D 317 -10.08 52.02 -4.66
CA SER D 317 -8.99 51.30 -5.33
C SER D 317 -7.79 51.05 -4.43
N MET D 318 -7.04 49.99 -4.73
CA MET D 318 -5.76 49.73 -4.07
C MET D 318 -4.67 49.99 -5.10
N LEU D 319 -4.00 51.13 -5.00
CA LEU D 319 -3.07 51.57 -6.05
C LEU D 319 -1.59 51.29 -5.73
N GLU D 320 -1.33 50.87 -4.50
CA GLU D 320 0.00 50.46 -4.08
C GLU D 320 -0.11 49.20 -3.22
N LYS D 321 0.97 48.44 -3.14
CA LYS D 321 1.03 47.33 -2.20
C LYS D 321 0.94 47.89 -0.76
N PRO D 322 0.04 47.33 0.07
CA PRO D 322 -0.08 47.85 1.44
C PRO D 322 1.23 47.77 2.22
N ALA D 323 1.55 48.83 2.95
CA ALA D 323 2.78 48.92 3.72
C ALA D 323 2.64 48.33 5.13
N ASP D 324 1.41 47.97 5.51
CA ASP D 324 1.17 47.34 6.82
C ASP D 324 1.65 45.89 6.83
N GLY D 325 1.95 45.36 5.64
CA GLY D 325 2.50 44.01 5.51
C GLY D 325 1.52 42.86 5.38
N ARG D 326 0.21 43.14 5.40
CA ARG D 326 -0.82 42.12 5.12
C ARG D 326 -0.61 41.50 3.73
N GLU D 327 -1.07 40.26 3.57
CA GLU D 327 -0.93 39.54 2.31
C GLU D 327 -2.01 40.03 1.34
N VAL D 328 -1.62 40.30 0.09
CA VAL D 328 -2.56 40.70 -0.96
C VAL D 328 -2.29 39.96 -2.26
N VAL D 329 -3.28 39.93 -3.15
CA VAL D 329 -3.08 39.48 -4.53
C VAL D 329 -2.50 40.67 -5.31
N CYS D 330 -1.21 40.65 -5.59
CA CYS D 330 -0.61 41.81 -6.25
C CYS D 330 -0.87 41.90 -7.74
N HIS D 331 -1.20 40.78 -8.38
CA HIS D 331 -1.36 40.79 -9.83
C HIS D 331 -2.39 41.81 -10.27
N ALA D 332 -1.99 42.71 -11.17
CA ALA D 332 -2.85 43.84 -11.57
C ALA D 332 -4.22 43.39 -12.11
N SER D 333 -5.31 43.98 -11.60
CA SER D 333 -6.65 43.64 -12.09
C SER D 333 -7.65 44.79 -11.95
N ALA D 334 -8.69 44.77 -12.77
CA ALA D 334 -9.71 45.82 -12.83
C ALA D 334 -11.08 45.23 -12.52
N TRP D 335 -11.86 45.94 -11.71
CA TRP D 335 -13.01 45.37 -11.02
C TRP D 335 -14.33 46.11 -11.27
N ASP D 336 -15.32 45.36 -11.76
CA ASP D 336 -16.70 45.82 -11.88
C ASP D 336 -17.50 45.19 -10.74
N PHE D 337 -18.13 46.04 -9.92
CA PHE D 337 -18.89 45.57 -8.76
C PHE D 337 -20.37 45.33 -9.11
N TYR D 338 -20.71 45.60 -10.37
CA TYR D 338 -22.05 45.38 -10.91
C TYR D 338 -23.17 46.16 -10.24
N ASN D 339 -22.82 47.27 -9.58
CA ASN D 339 -23.82 48.14 -8.97
C ASN D 339 -23.88 49.48 -9.69
N ARG D 340 -23.18 49.57 -10.82
CA ARG D 340 -23.13 50.79 -11.65
C ARG D 340 -22.46 51.97 -10.95
N LYS D 341 -21.83 51.73 -9.80
CA LYS D 341 -21.25 52.79 -8.98
C LYS D 341 -19.80 52.51 -8.62
N ASP D 342 -19.51 51.30 -8.17
CA ASP D 342 -18.18 50.92 -7.73
C ASP D 342 -17.37 50.23 -8.83
N PHE D 343 -16.19 50.78 -9.09
CA PHE D 343 -15.25 50.26 -10.10
C PHE D 343 -13.88 50.54 -9.53
N ARG D 344 -13.00 49.55 -9.54
CA ARG D 344 -11.73 49.68 -8.84
C ARG D 344 -10.59 49.00 -9.58
N ILE D 345 -9.39 49.52 -9.37
CA ILE D 345 -8.18 48.81 -9.78
C ILE D 345 -7.45 48.34 -8.52
N LYS D 346 -6.92 47.12 -8.58
CA LYS D 346 -6.07 46.58 -7.53
C LYS D 346 -4.70 46.26 -8.13
N GLN D 347 -3.73 47.15 -7.90
CA GLN D 347 -2.39 47.02 -8.52
C GLN D 347 -1.32 47.39 -7.52
N CYS D 348 -0.32 46.53 -7.40
CA CYS D 348 0.84 46.86 -6.59
C CYS D 348 1.83 47.67 -7.43
N THR D 349 1.41 48.90 -7.72
CA THR D 349 2.08 49.76 -8.69
C THR D 349 3.51 50.08 -8.30
N ARG D 350 4.39 49.87 -9.26
CA ARG D 350 5.77 50.32 -9.16
C ARG D 350 6.00 51.43 -10.20
N VAL D 351 6.97 52.30 -9.93
CA VAL D 351 7.26 53.43 -10.82
C VAL D 351 8.23 53.00 -11.90
N THR D 352 7.67 52.47 -12.99
CA THR D 352 8.44 52.15 -14.16
C THR D 352 7.62 52.51 -15.40
N MET D 353 8.28 52.54 -16.56
CA MET D 353 7.60 52.74 -17.83
C MET D 353 6.60 51.62 -18.16
N ASP D 354 6.99 50.35 -17.99
CA ASP D 354 6.05 49.23 -18.25
C ASP D 354 4.84 49.27 -17.32
N GLN D 355 5.06 49.70 -16.07
CA GLN D 355 3.94 49.87 -15.13
C GLN D 355 2.99 50.99 -15.54
N LEU D 356 3.51 52.05 -16.16
CA LEU D 356 2.66 53.09 -16.72
C LEU D 356 1.75 52.51 -17.81
N SER D 357 2.31 51.64 -18.65
CA SER D 357 1.49 50.95 -19.65
C SER D 357 0.44 50.04 -18.99
N THR D 358 0.81 49.36 -17.91
CA THR D 358 -0.11 48.50 -17.19
C THR D 358 -1.27 49.33 -16.59
N VAL D 359 -0.93 50.49 -16.06
CA VAL D 359 -1.97 51.39 -15.53
C VAL D 359 -3.01 51.65 -16.63
N HIS D 360 -2.52 51.95 -17.85
CA HIS D 360 -3.40 52.17 -19.00
C HIS D 360 -4.20 50.90 -19.33
N HIS D 361 -3.52 49.75 -19.37
CA HIS D 361 -4.19 48.48 -19.56
C HIS D 361 -5.38 48.30 -18.59
N GLU D 362 -5.14 48.48 -17.29
CA GLU D 362 -6.20 48.28 -16.30
C GLU D 362 -7.28 49.35 -16.40
N MET D 363 -6.89 50.60 -16.63
CA MET D 363 -7.89 51.67 -16.80
C MET D 363 -8.76 51.47 -18.05
N GLY D 364 -8.21 50.81 -19.08
CA GLY D 364 -8.99 50.43 -20.25
C GLY D 364 -10.18 49.54 -19.91
N HIS D 365 -9.94 48.58 -19.01
CA HIS D 365 -11.01 47.73 -18.47
C HIS D 365 -12.07 48.59 -17.75
N ILE D 366 -11.61 49.49 -16.88
CA ILE D 366 -12.56 50.36 -16.13
C ILE D 366 -13.36 51.24 -17.10
N GLN D 367 -12.69 51.82 -18.09
CA GLN D 367 -13.40 52.65 -19.06
C GLN D 367 -14.53 51.86 -19.72
N TYR D 368 -14.23 50.61 -20.08
CA TYR D 368 -15.23 49.70 -20.63
C TYR D 368 -16.43 49.56 -19.68
N TYR D 369 -16.16 49.36 -18.39
CA TYR D 369 -17.23 49.14 -17.39
C TYR D 369 -18.09 50.40 -17.25
N LEU D 370 -17.42 51.55 -17.25
CA LEU D 370 -18.10 52.83 -17.14
C LEU D 370 -19.04 53.05 -18.32
N GLN D 371 -18.61 52.63 -19.51
CA GLN D 371 -19.38 52.90 -20.72
C GLN D 371 -20.59 51.98 -20.89
N TYR D 372 -20.51 50.76 -20.37
CA TYR D 372 -21.61 49.82 -20.54
C TYR D 372 -22.42 49.57 -19.27
N LYS D 373 -22.19 50.40 -18.25
CA LYS D 373 -22.82 50.17 -16.94
C LYS D 373 -24.34 50.10 -16.96
N ASP D 374 -24.97 50.67 -17.98
CA ASP D 374 -26.44 50.71 -18.04
C ASP D 374 -27.06 49.64 -18.90
N LEU D 375 -26.23 48.76 -19.43
CA LEU D 375 -26.73 47.59 -20.14
C LEU D 375 -27.28 46.59 -19.12
N PRO D 376 -28.21 45.70 -19.56
CA PRO D 376 -28.56 44.57 -18.70
C PRO D 376 -27.30 43.86 -18.24
N VAL D 377 -27.32 43.38 -17.00
CA VAL D 377 -26.15 42.83 -16.36
C VAL D 377 -25.42 41.74 -17.17
N SER D 378 -26.17 40.88 -17.88
CA SER D 378 -25.60 39.79 -18.68
C SER D 378 -24.77 40.30 -19.85
N LEU D 379 -25.00 41.54 -20.25
CA LEU D 379 -24.32 42.12 -21.40
C LEU D 379 -23.16 43.05 -21.03
N ARG D 380 -22.83 43.11 -19.74
CA ARG D 380 -21.71 43.91 -19.25
C ARG D 380 -20.42 43.09 -19.35
N ARG D 381 -20.01 42.89 -20.59
CA ARG D 381 -18.79 42.15 -20.96
C ARG D 381 -18.26 42.79 -22.22
N GLY D 382 -17.01 42.48 -22.59
CA GLY D 382 -16.47 42.96 -23.86
C GLY D 382 -17.14 42.25 -25.02
N ALA D 383 -17.11 42.83 -26.22
CA ALA D 383 -17.66 42.14 -27.39
C ALA D 383 -17.14 40.68 -27.46
N ASN D 384 -15.85 40.50 -27.18
CA ASN D 384 -15.30 39.22 -26.70
C ASN D 384 -14.21 39.57 -25.70
N PRO D 385 -13.65 38.57 -24.98
CA PRO D 385 -12.66 38.93 -23.96
C PRO D 385 -11.41 39.63 -24.51
N GLY D 386 -11.08 39.39 -25.79
CA GLY D 386 -9.95 40.06 -26.43
C GLY D 386 -10.13 41.57 -26.56
N PHE D 387 -11.36 42.01 -26.87
CA PHE D 387 -11.72 43.44 -26.90
C PHE D 387 -11.42 44.09 -25.55
N HIS D 388 -11.86 43.46 -24.46
CA HIS D 388 -11.65 43.98 -23.12
C HIS D 388 -10.16 44.19 -22.84
N GLU D 389 -9.34 43.22 -23.24
CA GLU D 389 -7.89 43.31 -23.03
C GLU D 389 -7.21 44.36 -23.92
N ALA D 390 -7.79 44.67 -25.08
CA ALA D 390 -7.15 45.56 -26.04
C ALA D 390 -7.32 47.06 -25.74
N ILE D 391 -8.39 47.42 -25.03
CA ILE D 391 -8.75 48.83 -24.85
C ILE D 391 -7.59 49.71 -24.33
N GLY D 392 -7.08 49.37 -23.15
CA GLY D 392 -6.02 50.16 -22.53
C GLY D 392 -4.71 50.10 -23.29
N ASP D 393 -4.44 48.95 -23.90
CA ASP D 393 -3.20 48.76 -24.66
C ASP D 393 -3.15 49.72 -25.86
N VAL D 394 -4.29 49.88 -26.53
CA VAL D 394 -4.39 50.80 -27.65
C VAL D 394 -3.99 52.22 -27.25
N LEU D 395 -4.51 52.73 -26.13
CA LEU D 395 -4.08 54.05 -25.68
C LEU D 395 -2.58 54.06 -25.34
N ALA D 396 -2.10 52.98 -24.73
CA ALA D 396 -0.68 52.89 -24.36
C ALA D 396 0.22 52.95 -25.60
N LEU D 397 -0.25 52.46 -26.74
CA LEU D 397 0.53 52.58 -27.98
C LEU D 397 0.81 54.05 -28.33
N SER D 398 -0.20 54.91 -28.18
CA SER D 398 -0.03 56.35 -28.41
C SER D 398 0.91 56.96 -27.37
N VAL D 399 0.67 56.63 -26.11
CA VAL D 399 1.49 57.10 -24.99
C VAL D 399 2.98 56.80 -25.17
N SER D 400 3.29 55.60 -25.65
CA SER D 400 4.68 55.13 -25.82
C SER D 400 5.51 55.88 -26.86
N THR D 401 4.86 56.54 -27.82
CA THR D 401 5.60 57.23 -28.88
C THR D 401 6.55 58.28 -28.31
N PRO D 402 7.80 58.35 -28.85
CA PRO D 402 8.73 59.40 -28.42
C PRO D 402 8.07 60.77 -28.43
N GLU D 403 7.18 61.00 -29.39
CA GLU D 403 6.48 62.28 -29.50
C GLU D 403 5.55 62.53 -28.32
N HIS D 404 4.76 61.52 -27.94
CA HIS D 404 3.89 61.69 -26.78
C HIS D 404 4.67 61.84 -25.48
N LEU D 405 5.70 61.02 -25.32
CA LEU D 405 6.55 61.08 -24.13
C LEU D 405 7.13 62.48 -23.96
N HIS D 406 7.53 63.09 -25.07
CA HIS D 406 7.98 64.47 -25.03
C HIS D 406 6.88 65.41 -24.52
N LYS D 407 5.65 65.24 -25.01
CA LYS D 407 4.53 66.12 -24.60
C LYS D 407 4.28 66.07 -23.10
N ILE D 408 4.60 64.95 -22.47
CA ILE D 408 4.30 64.79 -21.04
C ILE D 408 5.55 64.87 -20.18
N GLY D 409 6.62 65.42 -20.76
CA GLY D 409 7.82 65.81 -20.02
C GLY D 409 8.72 64.65 -19.64
N LEU D 410 8.61 63.55 -20.38
CA LEU D 410 9.36 62.34 -20.05
C LEU D 410 10.53 62.05 -20.99
N LEU D 411 10.66 62.86 -22.04
CA LEU D 411 11.71 62.67 -23.05
C LEU D 411 11.97 64.01 -23.73
N ASP D 412 13.04 64.69 -23.33
CA ASP D 412 13.25 66.06 -23.82
C ASP D 412 13.75 66.09 -25.26
N ARG D 413 14.65 65.18 -25.59
CA ARG D 413 15.20 65.10 -26.93
C ARG D 413 14.17 64.57 -27.93
N VAL D 414 14.10 65.22 -29.09
CA VAL D 414 13.20 64.84 -30.17
C VAL D 414 14.05 64.54 -31.40
N THR D 415 13.88 63.38 -32.00
CA THR D 415 14.61 63.03 -33.23
C THR D 415 13.64 62.35 -34.20
N ASN D 416 13.87 62.48 -35.50
CA ASN D 416 13.08 61.71 -36.47
C ASN D 416 13.96 61.14 -37.57
N ASP D 417 14.83 60.21 -37.20
CA ASP D 417 15.72 59.59 -38.16
C ASP D 417 15.49 58.09 -38.19
N THR D 418 16.19 57.42 -39.09
CA THR D 418 15.96 55.98 -39.29
C THR D 418 16.47 55.15 -38.10
N GLU D 419 17.57 55.58 -37.47
CA GLU D 419 18.10 54.89 -36.28
C GLU D 419 17.13 54.98 -35.08
N SER D 420 16.58 56.18 -34.85
CA SER D 420 15.65 56.40 -33.75
C SER D 420 14.38 55.58 -33.93
N ASP D 421 13.92 55.50 -35.17
CA ASP D 421 12.77 54.67 -35.53
C ASP D 421 13.00 53.19 -35.25
N ILE D 422 14.21 52.71 -35.57
CA ILE D 422 14.56 51.31 -35.37
C ILE D 422 14.64 51.01 -33.87
N ASN D 423 15.19 51.96 -33.11
CA ASN D 423 15.25 51.83 -31.66
C ASN D 423 13.86 51.68 -31.09
N TYR D 424 12.95 52.55 -31.53
CA TYR D 424 11.57 52.55 -31.03
C TYR D 424 10.82 51.26 -31.36
N LEU D 425 10.87 50.86 -32.63
CA LEU D 425 10.15 49.67 -33.06
C LEU D 425 10.73 48.40 -32.45
N LEU D 426 12.05 48.40 -32.20
CA LEU D 426 12.69 47.28 -31.51
C LEU D 426 12.19 47.22 -30.06
N LYS D 427 12.15 48.37 -29.38
CA LYS D 427 11.65 48.39 -28.01
C LYS D 427 10.20 47.89 -27.95
N MET D 428 9.36 48.37 -28.87
CA MET D 428 7.96 47.90 -28.97
C MET D 428 7.87 46.42 -29.35
N ALA D 429 8.80 45.93 -30.16
CA ALA D 429 8.84 44.51 -30.51
C ALA D 429 9.16 43.65 -29.29
N LEU D 430 10.08 44.10 -28.44
CA LEU D 430 10.38 43.39 -27.19
C LEU D 430 9.14 43.17 -26.30
N GLU D 431 8.23 44.14 -26.36
CA GLU D 431 7.02 44.11 -25.57
C GLU D 431 5.90 43.33 -26.28
N LYS D 432 5.72 43.61 -27.58
CA LYS D 432 4.54 43.11 -28.30
C LYS D 432 4.78 41.85 -29.11
N ILE D 433 5.92 41.76 -29.79
CA ILE D 433 6.23 40.57 -30.60
C ILE D 433 6.69 39.39 -29.74
N ALA D 434 7.58 39.65 -28.77
CA ALA D 434 8.05 38.60 -27.85
C ALA D 434 6.90 37.91 -27.11
N PHE D 435 5.83 38.65 -26.82
CA PHE D 435 4.67 38.10 -26.12
C PHE D 435 3.85 37.11 -26.92
N LEU D 436 3.82 37.28 -28.25
CA LEU D 436 2.94 36.49 -29.11
C LEU D 436 2.95 34.97 -28.87
N PRO D 437 4.15 34.33 -28.88
CA PRO D 437 4.18 32.88 -28.62
C PRO D 437 3.63 32.48 -27.25
N PHE D 438 3.91 33.29 -26.22
CA PHE D 438 3.42 33.00 -24.88
C PHE D 438 1.90 33.16 -24.80
N GLY D 439 1.40 34.28 -25.34
CA GLY D 439 -0.04 34.53 -25.41
C GLY D 439 -0.79 33.43 -26.13
N TYR D 440 -0.12 32.79 -27.10
CA TYR D 440 -0.72 31.70 -27.85
C TYR D 440 -0.66 30.35 -27.11
N LEU D 441 0.47 30.06 -26.50
CA LEU D 441 0.73 28.73 -25.98
C LEU D 441 0.02 28.40 -24.66
N VAL D 442 -0.27 29.42 -23.84
CA VAL D 442 -0.78 29.13 -22.48
C VAL D 442 -2.08 28.34 -22.53
N ASP D 443 -3.02 28.78 -23.36
CA ASP D 443 -4.28 28.06 -23.45
C ASP D 443 -4.21 26.79 -24.32
N GLN D 444 -3.21 26.71 -25.21
CA GLN D 444 -2.96 25.42 -25.84
C GLN D 444 -2.65 24.39 -24.76
N TRP D 445 -1.78 24.76 -23.82
CA TRP D 445 -1.49 23.88 -22.69
C TRP D 445 -2.77 23.57 -21.89
N ARG D 446 -3.47 24.63 -21.49
CA ARG D 446 -4.66 24.48 -20.66
C ARG D 446 -5.81 23.75 -21.36
N TRP D 447 -6.03 24.02 -22.66
CA TRP D 447 -7.06 23.28 -23.41
C TRP D 447 -6.76 21.80 -23.48
N GLY D 448 -5.48 21.45 -23.64
CA GLY D 448 -5.03 20.05 -23.60
C GLY D 448 -5.24 19.43 -22.23
N VAL D 449 -5.06 20.21 -21.17
CA VAL D 449 -5.31 19.70 -19.81
C VAL D 449 -6.80 19.47 -19.60
N PHE D 450 -7.64 20.44 -19.95
CA PHE D 450 -9.09 20.27 -19.83
C PHE D 450 -9.60 19.09 -20.66
N SER D 451 -9.01 18.87 -21.83
CA SER D 451 -9.49 17.82 -22.72
C SER D 451 -9.02 16.43 -22.31
N GLY D 452 -8.06 16.36 -21.38
CA GLY D 452 -7.47 15.08 -20.99
C GLY D 452 -6.28 14.65 -21.83
N ARG D 453 -5.98 15.38 -22.91
CA ARG D 453 -4.80 15.14 -23.73
C ARG D 453 -3.51 15.24 -22.90
N THR D 454 -3.49 16.19 -21.98
CA THR D 454 -2.40 16.35 -21.04
C THR D 454 -2.90 15.98 -19.65
N PRO D 455 -2.69 14.70 -19.24
CA PRO D 455 -3.02 14.27 -17.87
C PRO D 455 -1.98 14.80 -16.90
N PRO D 456 -2.25 14.71 -15.58
CA PRO D 456 -1.28 15.17 -14.59
C PRO D 456 0.15 14.65 -14.78
N SER D 457 0.26 13.42 -15.27
CA SER D 457 1.57 12.80 -15.50
C SER D 457 2.40 13.50 -16.59
N ARG D 458 1.77 14.39 -17.35
CA ARG D 458 2.48 15.15 -18.38
C ARG D 458 2.26 16.68 -18.27
N TYR D 459 1.86 17.18 -17.10
CA TYR D 459 1.67 18.64 -16.97
C TYR D 459 2.92 19.40 -17.39
N ASN D 460 4.07 19.05 -16.81
CA ASN D 460 5.32 19.79 -17.02
C ASN D 460 5.99 19.49 -18.35
N PHE D 461 5.99 18.21 -18.72
CA PHE D 461 6.47 17.73 -20.02
C PHE D 461 5.84 18.53 -21.17
N ASP D 462 4.52 18.63 -21.17
CA ASP D 462 3.77 19.33 -22.21
C ASP D 462 3.92 20.85 -22.09
N TRP D 463 4.01 21.36 -20.87
CA TRP D 463 4.28 22.79 -20.67
C TRP D 463 5.60 23.16 -21.34
N TRP D 464 6.65 22.41 -21.03
CA TRP D 464 7.96 22.74 -21.58
C TRP D 464 8.07 22.39 -23.06
N TYR D 465 7.31 21.39 -23.53
CA TYR D 465 7.20 21.15 -24.97
C TYR D 465 6.74 22.44 -25.67
N LEU D 466 5.62 23.00 -25.22
CA LEU D 466 5.06 24.22 -25.80
C LEU D 466 5.96 25.44 -25.66
N ARG D 467 6.55 25.61 -24.49
CA ARG D 467 7.42 26.74 -24.22
C ARG D 467 8.64 26.74 -25.14
N THR D 468 9.19 25.56 -25.39
CA THR D 468 10.29 25.42 -26.35
C THR D 468 9.82 25.56 -27.80
N LYS D 469 8.74 24.86 -28.16
CA LYS D 469 8.18 24.95 -29.49
C LYS D 469 7.93 26.40 -29.92
N TYR D 470 7.27 27.17 -29.05
CA TYR D 470 6.84 28.51 -29.41
C TYR D 470 7.79 29.62 -29.05
N GLN D 471 8.24 29.64 -27.79
CA GLN D 471 9.11 30.73 -27.35
C GLN D 471 10.60 30.50 -27.61
N GLY D 472 10.98 29.26 -27.89
CA GLY D 472 12.40 28.93 -28.01
C GLY D 472 13.18 29.25 -26.76
N ILE D 473 12.61 28.87 -25.62
CA ILE D 473 13.29 28.98 -24.33
C ILE D 473 13.40 27.62 -23.66
N CYS D 474 14.30 27.53 -22.67
CA CYS D 474 14.51 26.28 -21.93
C CYS D 474 14.67 26.59 -20.44
N PRO D 475 14.25 25.65 -19.57
CA PRO D 475 14.42 25.88 -18.13
C PRO D 475 15.91 25.87 -17.77
N PRO D 476 16.34 26.82 -16.93
CA PRO D 476 17.78 26.92 -16.63
C PRO D 476 18.27 25.97 -15.55
N VAL D 477 17.34 25.23 -14.96
CA VAL D 477 17.63 24.04 -14.14
C VAL D 477 16.71 22.92 -14.60
N THR D 478 17.10 21.68 -14.29
CA THR D 478 16.33 20.50 -14.67
C THR D 478 14.96 20.52 -14.00
N ARG D 479 13.95 20.13 -14.76
CA ARG D 479 12.58 20.06 -14.25
C ARG D 479 12.10 18.63 -14.40
N ASN D 480 11.15 18.23 -13.54
CA ASN D 480 10.49 16.93 -13.67
C ASN D 480 9.00 17.08 -13.32
N GLU D 481 8.25 15.98 -13.28
CA GLU D 481 6.79 16.10 -13.04
C GLU D 481 6.37 16.46 -11.60
N THR D 482 7.33 16.57 -10.68
CA THR D 482 7.01 17.13 -9.38
C THR D 482 6.86 18.64 -9.50
N HIS D 483 7.61 19.23 -10.42
CA HIS D 483 7.45 20.64 -10.76
C HIS D 483 6.18 20.87 -11.57
N PHE D 484 5.55 22.01 -11.34
CA PHE D 484 4.32 22.37 -12.03
C PHE D 484 4.46 23.82 -12.48
N ASP D 485 5.31 24.01 -13.49
CA ASP D 485 5.75 25.34 -13.87
C ASP D 485 4.63 26.24 -14.44
N ALA D 486 3.60 25.62 -15.01
CA ALA D 486 2.42 26.35 -15.46
C ALA D 486 1.71 27.04 -14.29
N GLY D 487 1.74 26.40 -13.12
CA GLY D 487 1.13 26.95 -11.92
C GLY D 487 1.82 28.19 -11.39
N ALA D 488 3.06 28.43 -11.82
CA ALA D 488 3.80 29.60 -11.34
C ALA D 488 3.50 30.85 -12.17
N LYS D 489 2.51 30.74 -13.05
CA LYS D 489 1.98 31.89 -13.80
C LYS D 489 0.57 32.22 -13.27
N PHE D 490 0.35 33.47 -12.85
CA PHE D 490 -0.91 33.90 -12.17
C PHE D 490 -2.21 33.28 -12.70
N HIS D 491 -2.43 33.42 -14.00
CA HIS D 491 -3.70 33.04 -14.64
C HIS D 491 -4.10 31.58 -14.50
N VAL D 492 -3.10 30.73 -14.25
CA VAL D 492 -3.37 29.29 -14.12
C VAL D 492 -4.09 28.95 -12.79
N PRO D 493 -3.44 29.17 -11.64
CA PRO D 493 -4.12 28.91 -10.36
C PRO D 493 -5.30 29.86 -10.11
N ASN D 494 -5.28 31.02 -10.76
CA ASN D 494 -6.35 31.98 -10.60
C ASN D 494 -7.43 31.87 -11.67
N VAL D 495 -7.34 30.81 -12.47
CA VAL D 495 -8.40 30.40 -13.39
C VAL D 495 -8.89 31.53 -14.31
N THR D 496 -7.95 32.25 -14.90
CA THR D 496 -8.28 33.33 -15.82
C THR D 496 -7.79 32.89 -17.19
N PRO D 497 -8.71 32.77 -18.17
CA PRO D 497 -8.33 32.37 -19.55
C PRO D 497 -7.27 33.29 -20.15
N TYR D 498 -6.48 32.74 -21.07
CA TYR D 498 -5.31 33.45 -21.63
C TYR D 498 -5.38 33.82 -23.11
N ILE D 499 -6.15 33.09 -23.91
CA ILE D 499 -6.17 33.34 -25.36
C ILE D 499 -6.60 34.78 -25.68
N ARG D 500 -7.42 35.36 -24.81
CA ARG D 500 -7.79 36.78 -24.85
C ARG D 500 -6.59 37.71 -25.08
N TYR D 501 -5.44 37.36 -24.51
CA TYR D 501 -4.26 38.20 -24.63
C TYR D 501 -3.61 38.10 -26.02
N PHE D 502 -3.54 36.89 -26.57
CA PHE D 502 -3.09 36.71 -27.97
C PHE D 502 -4.00 37.47 -28.94
N VAL D 503 -5.32 37.31 -28.76
CA VAL D 503 -6.30 38.03 -29.55
C VAL D 503 -6.10 39.55 -29.39
N SER D 504 -5.93 39.99 -28.15
CA SER D 504 -5.73 41.41 -27.87
C SER D 504 -4.49 42.00 -28.56
N PHE D 505 -3.40 41.25 -28.63
CA PHE D 505 -2.15 41.79 -29.18
C PHE D 505 -2.22 41.99 -30.69
N VAL D 506 -3.07 41.24 -31.36
CA VAL D 506 -3.34 41.43 -32.79
C VAL D 506 -4.37 42.54 -32.96
N LEU D 507 -5.48 42.39 -32.24
CA LEU D 507 -6.60 43.30 -32.29
C LEU D 507 -6.21 44.76 -32.01
N GLN D 508 -5.32 44.98 -31.04
CA GLN D 508 -4.99 46.37 -30.65
C GLN D 508 -4.36 47.17 -31.79
N PHE D 509 -3.69 46.49 -32.72
CA PHE D 509 -3.09 47.15 -33.87
C PHE D 509 -4.15 47.49 -34.92
N GLN D 510 -5.14 46.62 -35.06
CA GLN D 510 -6.33 46.93 -35.86
C GLN D 510 -7.06 48.14 -35.30
N PHE D 511 -7.23 48.20 -33.98
CA PHE D 511 -7.85 49.34 -33.32
C PHE D 511 -7.03 50.61 -33.54
N HIS D 512 -5.73 50.53 -33.28
CA HIS D 512 -4.81 51.67 -33.42
C HIS D 512 -4.89 52.25 -34.83
N GLU D 513 -4.77 51.39 -35.83
CA GLU D 513 -4.90 51.82 -37.24
C GLU D 513 -6.20 52.58 -37.51
N ALA D 514 -7.32 52.02 -37.07
CA ALA D 514 -8.62 52.63 -37.33
C ALA D 514 -8.81 53.95 -36.57
N LEU D 515 -8.34 53.99 -35.32
CA LEU D 515 -8.43 55.21 -34.54
C LEU D 515 -7.53 56.33 -35.09
N CYS D 516 -6.32 55.95 -35.53
CA CYS D 516 -5.40 56.90 -36.14
C CYS D 516 -5.96 57.48 -37.43
N LYS D 517 -6.58 56.63 -38.24
CA LYS D 517 -7.25 57.08 -39.46
C LYS D 517 -8.38 58.03 -39.11
N GLU D 518 -9.16 57.70 -38.09
CA GLU D 518 -10.29 58.52 -37.70
C GLU D 518 -9.82 59.86 -37.11
N ALA D 519 -8.63 59.86 -36.53
CA ALA D 519 -8.08 61.07 -35.97
C ALA D 519 -7.56 62.02 -37.06
N GLY D 520 -7.52 61.54 -38.30
CA GLY D 520 -7.02 62.32 -39.42
C GLY D 520 -5.51 62.25 -39.54
N TYR D 521 -4.89 61.33 -38.78
CA TYR D 521 -3.44 61.18 -38.82
C TYR D 521 -3.00 60.55 -40.14
N GLU D 522 -1.96 61.09 -40.74
CA GLU D 522 -1.52 60.64 -42.07
C GLU D 522 -0.09 60.11 -42.18
N GLY D 523 0.68 60.20 -41.10
CA GLY D 523 2.06 59.69 -41.09
C GLY D 523 2.20 58.19 -40.88
N PRO D 524 3.44 57.72 -40.64
CA PRO D 524 3.72 56.32 -40.34
C PRO D 524 2.87 55.87 -39.14
N LEU D 525 2.28 54.68 -39.25
CA LEU D 525 1.37 54.18 -38.21
C LEU D 525 2.04 54.19 -36.83
N HIS D 526 3.32 53.80 -36.76
CA HIS D 526 4.00 53.67 -35.48
C HIS D 526 4.36 55.00 -34.86
N GLN D 527 4.08 56.09 -35.56
CA GLN D 527 4.29 57.42 -35.02
C GLN D 527 2.96 58.15 -34.75
N CYS D 528 1.85 57.45 -34.91
CA CYS D 528 0.56 58.04 -34.56
C CYS D 528 0.40 58.22 -33.05
N ASP D 529 -0.16 59.36 -32.67
CA ASP D 529 -0.59 59.59 -31.30
C ASP D 529 -2.00 60.16 -31.32
N ILE D 530 -2.96 59.43 -30.74
CA ILE D 530 -4.38 59.82 -30.81
C ILE D 530 -4.83 60.77 -29.71
N TYR D 531 -3.90 61.15 -28.82
CA TYR D 531 -4.14 62.12 -27.76
C TYR D 531 -4.97 63.31 -28.25
N ARG D 532 -5.98 63.68 -27.47
CA ARG D 532 -6.85 64.81 -27.78
C ARG D 532 -7.73 64.66 -29.04
N SER D 533 -7.75 63.48 -29.65
CA SER D 533 -8.66 63.28 -30.78
C SER D 533 -10.05 62.92 -30.28
N THR D 534 -10.97 63.89 -30.32
CA THR D 534 -12.35 63.64 -29.89
C THR D 534 -13.05 62.71 -30.88
N LYS D 535 -12.67 62.77 -32.16
CA LYS D 535 -13.19 61.85 -33.17
C LYS D 535 -12.78 60.39 -32.92
N ALA D 536 -11.50 60.17 -32.59
CA ALA D 536 -11.05 58.81 -32.25
C ALA D 536 -11.78 58.33 -31.01
N GLY D 537 -11.97 59.27 -30.08
CA GLY D 537 -12.71 58.99 -28.83
C GLY D 537 -14.11 58.49 -29.09
N ALA D 538 -14.84 59.16 -29.98
CA ALA D 538 -16.24 58.80 -30.28
C ALA D 538 -16.33 57.42 -30.96
N LYS D 539 -15.37 57.11 -31.84
CA LYS D 539 -15.31 55.79 -32.49
C LYS D 539 -15.05 54.68 -31.45
N LEU D 540 -14.09 54.88 -30.56
CA LEU D 540 -13.85 53.91 -29.48
C LEU D 540 -15.07 53.78 -28.56
N ARG D 541 -15.70 54.90 -28.23
CA ARG D 541 -16.86 54.91 -27.33
CA ARG D 541 -16.86 54.91 -27.32
C ARG D 541 -17.98 54.01 -27.82
N LYS D 542 -18.21 54.01 -29.14
CA LYS D 542 -19.21 53.16 -29.77
C LYS D 542 -18.97 51.69 -29.47
N VAL D 543 -17.71 51.26 -29.55
CA VAL D 543 -17.33 49.88 -29.19
C VAL D 543 -17.65 49.63 -27.72
N LEU D 544 -17.21 50.53 -26.84
CA LEU D 544 -17.33 50.29 -25.39
C LEU D 544 -18.78 50.21 -24.94
N ARG D 545 -19.64 51.04 -25.53
CA ARG D 545 -21.05 51.08 -25.15
C ARG D 545 -21.82 49.86 -25.60
N ALA D 546 -21.30 49.13 -26.60
CA ALA D 546 -21.97 47.93 -27.11
C ALA D 546 -21.93 46.75 -26.13
N GLY D 547 -20.92 46.72 -25.25
CA GLY D 547 -20.74 45.59 -24.35
C GLY D 547 -20.74 44.32 -25.19
N SER D 548 -21.49 43.30 -24.75
CA SER D 548 -21.68 42.07 -25.54
C SER D 548 -23.08 41.98 -26.13
N SER D 549 -23.71 43.13 -26.35
CA SER D 549 -25.06 43.20 -26.92
C SER D 549 -25.14 42.75 -28.39
N ARG D 550 -24.00 42.80 -29.09
CA ARG D 550 -23.94 42.44 -30.51
C ARG D 550 -22.73 41.58 -30.83
N PRO D 551 -22.81 40.74 -31.90
CA PRO D 551 -21.68 39.88 -32.28
C PRO D 551 -20.40 40.71 -32.45
N TRP D 552 -19.29 40.22 -31.89
CA TRP D 552 -18.02 40.93 -31.99
C TRP D 552 -17.61 41.22 -33.43
N GLN D 553 -17.93 40.31 -34.35
CA GLN D 553 -17.53 40.48 -35.75
C GLN D 553 -18.17 41.75 -36.35
N GLU D 554 -19.42 42.02 -35.96
CA GLU D 554 -20.12 43.23 -36.42
C GLU D 554 -19.59 44.50 -35.79
N VAL D 555 -19.34 44.46 -34.48
CA VAL D 555 -18.77 45.60 -33.77
C VAL D 555 -17.40 45.94 -34.38
N LEU D 556 -16.58 44.91 -34.62
CA LEU D 556 -15.27 45.09 -35.26
C LEU D 556 -15.41 45.69 -36.66
N LYS D 557 -16.34 45.17 -37.45
CA LYS D 557 -16.59 45.65 -38.81
C LYS D 557 -16.97 47.15 -38.81
N ASP D 558 -17.88 47.53 -37.91
CA ASP D 558 -18.25 48.94 -37.73
C ASP D 558 -17.04 49.78 -37.39
N MET D 559 -16.17 49.25 -36.54
CA MET D 559 -15.02 50.01 -36.07
C MET D 559 -13.90 50.11 -37.11
N VAL D 560 -13.47 48.97 -37.64
CA VAL D 560 -12.26 48.94 -38.47
C VAL D 560 -12.50 48.62 -39.95
N GLY D 561 -13.74 48.31 -40.31
CA GLY D 561 -14.08 48.03 -41.71
C GLY D 561 -13.87 46.58 -42.09
N LEU D 562 -13.50 45.76 -41.11
CA LEU D 562 -13.26 44.34 -41.32
C LEU D 562 -13.95 43.53 -40.22
N ASP D 563 -14.52 42.37 -40.57
CA ASP D 563 -15.24 41.55 -39.59
C ASP D 563 -14.41 40.40 -38.99
N ALA D 564 -13.09 40.50 -39.06
CA ALA D 564 -12.22 39.41 -38.64
C ALA D 564 -10.92 39.92 -38.02
N LEU D 565 -10.33 39.11 -37.14
CA LEU D 565 -8.96 39.34 -36.68
C LEU D 565 -8.03 39.33 -37.88
N ASP D 566 -7.08 40.26 -37.90
CA ASP D 566 -6.21 40.45 -39.07
C ASP D 566 -4.82 40.91 -38.61
N ALA D 567 -3.80 40.19 -39.05
CA ALA D 567 -2.42 40.47 -38.66
C ALA D 567 -1.81 41.66 -39.39
N GLN D 568 -2.45 42.09 -40.49
CA GLN D 568 -1.85 43.10 -41.36
C GLN D 568 -1.53 44.44 -40.67
N PRO D 569 -2.46 44.98 -39.84
CA PRO D 569 -2.08 46.22 -39.16
C PRO D 569 -0.85 46.09 -38.24
N LEU D 570 -0.74 44.98 -37.51
CA LEU D 570 0.47 44.72 -36.71
C LEU D 570 1.72 44.66 -37.61
N LEU D 571 1.60 43.95 -38.73
CA LEU D 571 2.73 43.82 -39.66
C LEU D 571 3.14 45.18 -40.24
N LYS D 572 2.15 46.01 -40.57
CA LYS D 572 2.39 47.35 -41.09
C LYS D 572 3.11 48.22 -40.06
N TYR D 573 2.65 48.16 -38.82
CA TYR D 573 3.26 48.91 -37.73
C TYR D 573 4.75 48.59 -37.61
N PHE D 574 5.10 47.31 -37.64
CA PHE D 574 6.47 46.85 -37.39
C PHE D 574 7.38 46.71 -38.62
N GLN D 575 6.82 46.94 -39.82
CA GLN D 575 7.51 46.71 -41.11
C GLN D 575 8.99 47.11 -41.15
N LEU D 576 9.32 48.31 -40.71
CA LEU D 576 10.71 48.77 -40.76
C LEU D 576 11.66 47.89 -39.93
N VAL D 577 11.25 47.52 -38.72
CA VAL D 577 12.13 46.73 -37.86
C VAL D 577 12.10 45.24 -38.25
N THR D 578 11.01 44.80 -38.85
CA THR D 578 10.93 43.44 -39.35
C THR D 578 11.97 43.26 -40.46
N GLN D 579 12.00 44.18 -41.41
CA GLN D 579 12.99 44.18 -42.48
C GLN D 579 14.42 44.33 -41.92
N TRP D 580 14.62 45.29 -41.02
CA TRP D 580 15.94 45.53 -40.41
C TRP D 580 16.47 44.31 -39.66
N LEU D 581 15.62 43.66 -38.84
CA LEU D 581 16.05 42.46 -38.12
C LEU D 581 16.45 41.30 -39.04
N GLN D 582 15.65 41.10 -40.08
CA GLN D 582 15.90 40.07 -41.08
C GLN D 582 17.27 40.30 -41.75
N GLU D 583 17.56 41.56 -42.13
CA GLU D 583 18.84 41.92 -42.74
C GLU D 583 20.01 41.76 -41.77
N GLN D 584 19.82 42.23 -40.54
CA GLN D 584 20.85 42.09 -39.51
C GLN D 584 21.20 40.65 -39.20
N ASN D 585 20.19 39.80 -39.03
CA ASN D 585 20.43 38.39 -38.74
C ASN D 585 21.15 37.67 -39.90
N GLN D 586 20.78 38.02 -41.13
CA GLN D 586 21.46 37.46 -42.31
C GLN D 586 22.94 37.85 -42.32
N GLN D 587 23.20 39.15 -42.19
CA GLN D 587 24.56 39.67 -42.14
C GLN D 587 25.39 39.13 -40.99
N ASN D 588 24.75 38.85 -39.85
CA ASN D 588 25.42 38.30 -38.68
C ASN D 588 25.60 36.77 -38.74
N GLY D 589 25.08 36.16 -39.80
CA GLY D 589 25.14 34.70 -39.99
C GLY D 589 24.38 33.89 -38.93
N GLU D 590 23.25 34.41 -38.45
CA GLU D 590 22.49 33.72 -37.40
C GLU D 590 21.78 32.52 -37.99
N VAL D 591 21.51 31.52 -37.16
CA VAL D 591 20.51 30.54 -37.53
C VAL D 591 19.19 30.95 -36.87
N LEU D 592 18.12 30.95 -37.65
CA LEU D 592 16.81 31.25 -37.11
C LEU D 592 16.26 29.97 -36.50
N GLY D 593 15.76 30.06 -35.27
CA GLY D 593 15.24 28.89 -34.60
C GLY D 593 16.26 28.35 -33.63
N TRP D 594 15.95 27.18 -33.08
CA TRP D 594 16.76 26.60 -32.03
C TRP D 594 16.88 25.09 -32.29
N PRO D 595 17.59 24.71 -33.39
CA PRO D 595 17.70 23.29 -33.79
C PRO D 595 18.35 22.38 -32.72
N GLU D 596 19.19 22.95 -31.87
CA GLU D 596 19.70 22.20 -30.72
C GLU D 596 18.67 22.21 -29.57
N TYR D 597 17.53 21.58 -29.83
CA TYR D 597 16.35 21.66 -28.97
C TYR D 597 16.55 21.01 -27.59
N GLN D 598 17.57 20.17 -27.45
CA GLN D 598 17.88 19.51 -26.18
C GLN D 598 18.69 20.36 -25.21
N TRP D 599 19.32 21.41 -25.73
CA TRP D 599 20.29 22.17 -24.94
C TRP D 599 19.68 22.88 -23.73
N HIS D 600 20.38 22.76 -22.60
CA HIS D 600 20.08 23.48 -21.37
C HIS D 600 21.42 24.02 -20.87
N PRO D 601 21.41 25.20 -20.22
CA PRO D 601 22.69 25.75 -19.75
C PRO D 601 23.23 24.96 -18.53
N PRO D 602 24.55 25.07 -18.26
CA PRO D 602 25.08 24.50 -17.01
C PRO D 602 24.71 25.37 -15.81
N LEU D 603 24.89 24.83 -14.61
CA LEU D 603 24.74 25.61 -13.38
C LEU D 603 25.96 26.50 -13.17
N PRO D 604 25.76 27.67 -12.54
CA PRO D 604 26.91 28.48 -12.15
C PRO D 604 27.80 27.72 -11.16
N ASP D 605 29.07 28.11 -11.05
CA ASP D 605 29.94 27.54 -10.04
C ASP D 605 29.39 27.73 -8.64
N ASN D 606 29.44 26.67 -7.84
CA ASN D 606 29.03 26.72 -6.43
C ASN D 606 27.52 26.92 -6.22
N TYR D 607 26.73 26.97 -7.30
CA TYR D 607 25.31 27.29 -7.17
C TYR D 607 24.59 26.38 -6.16
N PRO D 608 23.78 26.97 -5.24
CA PRO D 608 23.54 28.40 -5.03
C PRO D 608 24.36 29.06 -3.92
N GLU D 609 25.51 28.50 -3.59
CA GLU D 609 26.30 28.99 -2.45
C GLU D 609 27.06 30.31 -2.68
N GLY D 610 27.31 30.68 -3.94
CA GLY D 610 28.20 31.80 -4.23
C GLY D 610 27.56 33.16 -4.51
N ILE D 611 26.34 33.37 -4.04
CA ILE D 611 25.62 34.61 -4.29
C ILE D 611 25.56 35.47 -3.03
N ASP D 612 25.94 36.75 -3.16
CA ASP D 612 25.89 37.71 -2.05
C ASP D 612 24.47 37.81 -1.44
C1 NAG E . 17.01 30.78 41.77
C2 NAG E . 17.55 32.11 41.23
C3 NAG E . 18.90 31.97 40.50
C4 NAG E . 19.87 30.93 41.07
C5 NAG E . 19.10 29.64 41.44
C6 NAG E . 20.04 28.59 42.01
C7 NAG E . 16.02 33.91 40.45
C8 NAG E . 15.13 34.41 39.35
N2 NAG E . 16.65 32.74 40.26
O3 NAG E . 19.57 33.24 40.47
O4 NAG E . 20.88 30.66 40.08
O5 NAG E . 18.03 29.95 42.36
O6 NAG E . 19.74 28.32 43.38
O7 NAG E . 16.14 34.57 41.48
C1 FUC E . 20.88 28.66 44.21
C2 FUC E . 20.38 29.12 45.59
C3 FUC E . 19.93 27.92 46.45
C4 FUC E . 20.88 26.70 46.41
C5 FUC E . 21.40 26.41 44.99
C6 FUC E . 22.50 25.33 44.93
O2 FUC E . 19.29 30.05 45.43
O3 FUC E . 19.74 28.40 47.79
O4 FUC E . 21.94 26.85 47.38
O5 FUC E . 21.87 27.61 44.33
C1 NAG F . 13.70 5.65 14.47
C2 NAG F . 13.81 4.34 13.67
C3 NAG F . 14.58 4.55 12.36
C4 NAG F . 14.07 5.76 11.56
C5 NAG F . 13.96 6.99 12.48
C6 NAG F . 13.26 8.18 11.81
C7 NAG F . 13.90 2.21 14.84
C8 NAG F . 14.74 1.26 15.66
N2 NAG F . 14.49 3.33 14.47
O3 NAG F . 14.42 3.40 11.57
O4 NAG F . 14.93 5.98 10.45
O5 NAG F . 13.20 6.68 13.63
O6 NAG F . 13.49 9.35 12.58
O7 NAG F . 12.73 1.91 14.58
C1 NAG F . 14.28 5.69 9.20
C2 NAG F . 14.99 6.46 8.06
C3 NAG F . 15.04 5.78 6.68
C4 NAG F . 14.95 4.25 6.75
C5 NAG F . 13.76 3.95 7.66
C6 NAG F . 13.25 2.50 7.58
C7 NAG F . 14.92 8.92 8.20
C8 NAG F . 14.09 10.14 7.95
N2 NAG F . 14.34 7.77 7.89
O3 NAG F . 16.22 6.15 6.00
O4 NAG F . 14.79 3.71 5.47
O5 NAG F . 14.17 4.28 8.97
O6 NAG F . 14.24 1.60 8.03
O7 NAG F . 16.05 9.02 8.69
C1 NAG G . -7.60 -15.37 58.52
C2 NAG G . -8.60 -16.01 57.55
C3 NAG G . -9.97 -15.35 57.68
C4 NAG G . -10.43 -15.05 59.13
C5 NAG G . -9.31 -14.48 60.00
C6 NAG G . -9.67 -14.43 61.48
C7 NAG G . -7.48 -16.66 55.39
C8 NAG G . -7.17 -16.13 54.02
N2 NAG G . -8.15 -15.80 56.18
O3 NAG G . -10.92 -16.18 57.02
O4 NAG G . -11.53 -14.12 59.10
O5 NAG G . -8.12 -15.29 59.86
O6 NAG G . -8.95 -13.38 62.15
O7 NAG G . -7.12 -17.78 55.74
C1 NAG G . -12.79 -14.75 59.36
C2 NAG G . -13.80 -13.68 59.76
C3 NAG G . -15.25 -14.18 59.83
C4 NAG G . -15.63 -15.20 58.73
C5 NAG G . -14.49 -16.22 58.48
C6 NAG G . -14.74 -17.19 57.33
C7 NAG G . -13.06 -11.82 61.21
C8 NAG G . -12.66 -11.43 62.60
N2 NAG G . -13.40 -13.10 61.04
O3 NAG G . -16.10 -13.04 59.73
O4 NAG G . -16.84 -15.88 59.08
O5 NAG G . -13.28 -15.50 58.23
O6 NAG G . -14.89 -16.49 56.08
O7 NAG G . -13.06 -11.00 60.30
C1 BMA G . -17.92 -15.55 58.15
C2 BMA G . -18.60 -16.85 57.64
C3 BMA G . -19.94 -16.59 56.94
C4 BMA G . -20.80 -15.46 57.55
C5 BMA G . -19.97 -14.23 57.95
C6 BMA G . -20.82 -13.24 58.75
O2 BMA G . -18.76 -17.79 58.71
O3 BMA G . -20.72 -17.79 56.91
O4 BMA G . -21.80 -15.07 56.60
O5 BMA G . -18.85 -14.63 58.75
O6 BMA G . -20.00 -12.16 59.23
C1 NAG H . 24.18 18.35 -33.88
C2 NAG H . 24.87 19.62 -34.41
C3 NAG H . 26.31 19.47 -34.90
C4 NAG H . 27.14 18.40 -34.14
C5 NAG H . 26.31 17.13 -33.95
C6 NAG H . 27.13 16.06 -33.25
C7 NAG H . 23.73 21.49 -35.17
C8 NAG H . 22.92 22.30 -36.14
N2 NAG H . 24.07 20.26 -35.46
O3 NAG H . 26.91 20.76 -34.74
O4 NAG H . 28.39 18.17 -34.80
O5 NAG H . 25.10 17.46 -33.21
O6 NAG H . 26.64 15.74 -31.94
O7 NAG H . 24.12 21.92 -34.11
C1 FUC H . 27.48 16.38 -30.95
C2 FUC H . 26.63 16.97 -29.82
C3 FUC H . 26.50 16.05 -28.59
C4 FUC H . 27.82 15.40 -28.18
C5 FUC H . 28.45 14.68 -29.38
C6 FUC H . 29.76 13.98 -29.02
O2 FUC H . 25.32 17.23 -30.35
O3 FUC H . 26.06 16.81 -27.47
O4 FUC H . 28.66 16.45 -27.66
O5 FUC H . 28.63 15.60 -30.49
C1 NAG I . 22.24 -6.72 -60.99
C2 NAG I . 22.27 -8.01 -61.81
C3 NAG I . 23.10 -7.88 -63.09
C4 NAG I . 22.91 -6.56 -63.85
C5 NAG I . 22.84 -5.35 -62.90
C6 NAG I . 22.36 -4.09 -63.62
C7 NAG I . 22.03 -10.12 -60.59
C8 NAG I . 22.72 -11.18 -59.77
N2 NAG I . 22.78 -9.11 -61.00
O3 NAG I . 22.78 -8.95 -63.95
O4 NAG I . 23.99 -6.41 -64.75
O5 NAG I . 21.95 -5.63 -61.84
O6 NAG I . 22.47 -2.95 -62.79
O7 NAG I . 20.82 -10.22 -60.83
C1 NAG I . 23.54 -6.27 -66.11
C2 NAG I . 24.55 -5.40 -66.87
C3 NAG I . 24.78 -5.70 -68.36
C4 NAG I . 24.22 -7.02 -68.87
C5 NAG I . 22.97 -7.45 -68.09
C6 NAG I . 22.44 -8.80 -68.58
C7 NAG I . 24.88 -3.07 -66.16
C8 NAG I . 24.30 -1.69 -66.13
N2 NAG I . 24.14 -4.00 -66.75
O3 NAG I . 26.15 -5.64 -68.64
O4 NAG I . 23.93 -6.91 -70.25
O5 NAG I . 23.29 -7.53 -66.73
O6 NAG I . 23.21 -9.84 -68.00
O7 NAG I . 25.99 -3.29 -65.64
C1 NAG J . -3.46 -25.96 -18.15
C2 NAG J . -4.18 -26.70 -19.29
C3 NAG J . -5.52 -26.01 -19.55
C4 NAG J . -6.35 -25.82 -18.27
C5 NAG J . -5.52 -25.17 -17.15
C6 NAG J . -6.23 -25.16 -15.80
C7 NAG J . -2.70 -27.70 -21.00
C8 NAG J . -1.94 -27.38 -22.26
N2 NAG J . -3.38 -26.66 -20.50
O3 NAG J . -6.26 -26.70 -20.56
O4 NAG J . -7.47 -25.00 -18.61
O5 NAG J . -4.28 -25.88 -16.98
O6 NAG J . -5.49 -24.35 -14.88
O7 NAG J . -2.66 -28.80 -20.48
C1 NAG J . -8.73 -25.68 -18.45
C2 NAG J . -9.79 -24.61 -18.18
C3 NAG J . -11.22 -25.19 -18.17
C4 NAG J . -11.48 -26.20 -19.30
C5 NAG J . -10.32 -27.22 -19.40
C6 NAG J . -10.45 -28.25 -20.54
C7 NAG J . -9.01 -22.74 -16.73
C8 NAG J . -8.80 -22.35 -15.29
N2 NAG J . -9.50 -23.98 -16.90
O3 NAG J . -12.16 -24.11 -18.27
O4 NAG J . -12.72 -26.87 -19.06
O5 NAG J . -9.07 -26.52 -19.56
O6 NAG J . -10.82 -27.61 -21.76
O7 NAG J . -8.76 -21.98 -17.65
C1 BMA J . -13.71 -26.60 -20.08
C2 BMA J . -14.47 -27.89 -20.42
C3 BMA J . -15.70 -27.66 -21.31
C4 BMA J . -16.50 -26.38 -20.98
C5 BMA J . -15.59 -25.18 -20.67
C6 BMA J . -16.42 -24.00 -20.14
O2 BMA J . -14.84 -28.58 -19.22
O3 BMA J . -16.58 -28.80 -21.28
O4 BMA J . -17.35 -26.07 -22.09
O5 BMA J . -14.60 -25.52 -19.70
O6 BMA J . -15.59 -22.82 -20.11
C1 NAG K . 18.64 -67.54 34.14
C2 NAG K . 18.77 -68.92 34.78
C3 NAG K . 19.40 -68.93 36.21
C4 NAG K . 20.24 -67.73 36.60
C5 NAG K . 19.76 -66.45 35.92
C6 NAG K . 20.68 -65.28 36.28
C7 NAG K . 17.00 -70.61 34.49
C8 NAG K . 15.58 -70.99 34.81
N2 NAG K . 17.43 -69.45 34.96
O3 NAG K . 20.18 -70.08 36.41
O4 NAG K . 20.16 -67.62 38.01
O5 NAG K . 19.69 -66.66 34.51
O6 NAG K . 21.38 -64.78 35.16
O7 NAG K . 17.71 -71.37 33.83
C1 FUC K . 22.73 -65.32 35.21
C2 FUC K . 23.24 -65.57 33.79
C3 FUC K . 24.02 -64.42 33.15
C4 FUC K . 24.60 -63.36 34.11
C5 FUC K . 23.86 -63.27 35.48
C6 FUC K . 24.55 -62.39 36.53
O2 FUC K . 22.13 -65.85 32.96
O3 FUC K . 25.03 -64.97 32.34
O4 FUC K . 26.00 -63.52 34.25
O5 FUC K . 23.62 -64.56 36.01
C1 NAG L . -2.18 -41.58 50.83
C2 NAG L . -2.62 -40.27 51.48
C3 NAG L . -2.92 -40.50 52.96
C4 NAG L . -3.90 -41.66 53.18
C5 NAG L . -3.34 -42.91 52.48
C6 NAG L . -4.28 -44.12 52.50
C7 NAG L . -1.74 -38.18 50.57
C8 NAG L . -0.59 -37.22 50.55
N2 NAG L . -1.60 -39.25 51.36
O3 NAG L . -3.41 -39.28 53.50
O4 NAG L . -4.04 -41.90 54.58
O5 NAG L . -3.08 -42.63 51.12
O6 NAG L . -3.55 -45.27 52.12
O7 NAG L . -2.73 -37.96 49.88
C1 NAG L . -5.14 -41.16 55.15
C2 NAG L . -5.62 -41.88 56.43
C3 NAG L . -6.54 -41.04 57.32
C4 NAG L . -6.14 -39.56 57.40
C5 NAG L . -5.91 -39.06 55.97
C6 NAG L . -5.65 -37.56 55.86
C7 NAG L . -5.83 -44.31 56.13
C8 NAG L . -6.72 -45.40 55.61
N2 NAG L . -6.31 -43.08 56.00
O3 NAG L . -6.53 -41.57 58.62
O4 NAG L . -7.14 -38.82 58.07
O5 NAG L . -4.84 -39.80 55.42
O6 NAG L . -4.38 -37.24 56.38
O7 NAG L . -4.74 -44.58 56.64
C1 NAG M . 14.83 -21.74 4.08
C2 NAG M . 13.40 -21.22 4.25
C3 NAG M . 12.44 -21.94 3.32
C4 NAG M . 12.94 -22.00 1.88
C5 NAG M . 14.38 -22.53 1.85
C6 NAG M . 14.99 -22.47 0.46
C7 NAG M . 13.01 -20.55 6.56
C8 NAG M . 12.49 -20.97 7.91
N2 NAG M . 12.94 -21.45 5.60
O3 NAG M . 11.18 -21.33 3.37
O4 NAG M . 12.11 -22.90 1.17
O5 NAG M . 15.19 -21.74 2.71
O6 NAG M . 14.76 -21.18 -0.08
O7 NAG M . 13.47 -19.42 6.40
C1 NAG M . 11.46 -22.29 0.04
C2 NAG M . 11.03 -23.41 -0.90
C3 NAG M . 10.07 -22.93 -2.01
C4 NAG M . 9.05 -21.88 -1.55
C5 NAG M . 9.75 -20.83 -0.67
C6 NAG M . 8.81 -19.76 -0.11
C7 NAG M . 12.66 -25.23 -1.17
C8 NAG M . 13.92 -25.69 -1.84
N2 NAG M . 12.22 -24.01 -1.47
O3 NAG M . 9.41 -24.05 -2.57
O4 NAG M . 8.47 -21.28 -2.69
O5 NAG M . 10.37 -21.47 0.42
O6 NAG M . 7.76 -20.38 0.61
O7 NAG M . 12.07 -25.98 -0.40
C1 BMA M . 7.02 -21.28 -2.69
C2 BMA M . 6.49 -19.85 -2.95
C3 BMA M . 5.05 -19.78 -3.47
C4 BMA M . 4.78 -20.87 -4.51
C5 BMA M . 5.08 -22.20 -3.79
C6 BMA M . 4.61 -23.44 -4.53
O2 BMA M . 7.38 -19.15 -3.84
O3 BMA M . 4.72 -18.50 -4.06
O4 BMA M . 3.43 -20.76 -4.97
O5 BMA M . 6.50 -22.25 -3.61
O6 BMA M . 5.22 -24.58 -3.92
C1 FUC M . 15.07 -21.16 -1.49
C2 FUC M . 14.53 -19.87 -2.12
C3 FUC M . 15.32 -18.67 -1.56
C4 FUC M . 16.82 -18.88 -1.79
C5 FUC M . 17.26 -20.23 -1.21
C6 FUC M . 18.72 -20.54 -1.52
O2 FUC M . 13.15 -19.73 -1.92
O3 FUC M . 14.89 -17.47 -2.17
O4 FUC M . 17.08 -18.91 -3.18
O5 FUC M . 16.46 -21.26 -1.78
C1 NAG N . 12.68 16.27 -9.34
C2 NAG N . 13.23 14.95 -8.81
C3 NAG N . 13.45 15.04 -7.29
C4 NAG N . 14.46 16.13 -7.02
C5 NAG N . 13.99 17.44 -7.64
C6 NAG N . 15.08 18.50 -7.46
C7 NAG N . 11.19 13.49 -8.75
C8 NAG N . 10.46 14.43 -7.83
N2 NAG N . 12.43 13.78 -9.16
O3 NAG N . 13.87 13.80 -6.76
O4 NAG N . 14.65 16.24 -5.63
O5 NAG N . 13.63 17.30 -9.04
O6 NAG N . 15.71 18.81 -8.68
O7 NAG N . 10.61 12.46 -9.11
C1 FUC N . 16.96 18.08 -8.84
C2 FUC N . 16.83 17.08 -9.99
C3 FUC N . 18.08 16.89 -10.86
C4 FUC N . 18.86 18.20 -11.15
C5 FUC N . 18.31 19.37 -10.34
C6 FUC N . 19.20 20.63 -10.37
O2 FUC N . 15.75 17.49 -10.81
O3 FUC N . 18.91 15.92 -10.26
O4 FUC N . 20.24 18.01 -10.89
O5 FUC N . 18.08 18.94 -9.01
C1 NAG O . -8.09 41.99 7.26
C2 NAG O . -8.56 43.30 7.90
C3 NAG O . -8.86 43.11 9.40
C4 NAG O . -9.77 41.91 9.66
C5 NAG O . -9.17 40.66 8.97
C6 NAG O . -10.08 39.43 9.05
C7 NAG O . -7.78 45.36 6.87
C8 NAG O . -6.71 46.41 6.80
N2 NAG O . -7.59 44.37 7.74
O3 NAG O . -9.48 44.30 9.85
O4 NAG O . -9.97 41.73 11.07
O5 NAG O . -8.97 40.93 7.59
O6 NAG O . -9.43 38.31 8.49
O7 NAG O . -8.76 45.42 6.13
C1 NAG O . -11.28 42.19 11.48
C2 NAG O . -11.69 41.54 12.82
C3 NAG O . -12.65 42.34 13.72
C4 NAG O . -12.79 43.83 13.39
C5 NAG O . -12.69 44.05 11.88
C6 NAG O . -12.93 45.49 11.45
C7 NAG O . -11.72 39.10 12.48
C8 NAG O . -12.59 37.92 12.15
N2 NAG O . -12.35 40.28 12.51
O3 NAG O . -12.22 42.22 15.06
O4 NAG O . -14.04 44.30 13.89
O5 NAG O . -11.40 43.61 11.51
O6 NAG O . -11.96 46.34 12.02
O7 NAG O . -10.52 38.96 12.71
C1 NAG P . 9.19 61.64 -39.56
C2 NAG P . 7.79 62.21 -39.31
C3 NAG P . 6.77 61.55 -40.21
C4 NAG P . 7.24 61.49 -41.67
C5 NAG P . 8.67 60.94 -41.77
C6 NAG P . 9.21 61.01 -43.19
C7 NAG P . 7.43 62.79 -36.98
C8 NAG P . 7.03 62.27 -35.63
N2 NAG P . 7.43 61.90 -37.96
O3 NAG P . 5.54 62.23 -40.12
O4 NAG P . 6.37 60.67 -42.39
O5 NAG P . 9.50 61.71 -40.93
O6 NAG P . 9.04 62.32 -43.72
O7 NAG P . 7.77 63.96 -37.14
C1 NAG P . 5.71 61.39 -43.46
C2 NAG P . 5.14 60.37 -44.44
C3 NAG P . 4.31 61.04 -45.53
C4 NAG P . 3.38 62.14 -45.01
C5 NAG P . 4.18 63.06 -44.06
C6 NAG P . 3.39 64.23 -43.48
C7 NAG P . 6.44 58.30 -44.76
C8 NAG P . 7.62 57.69 -45.43
N2 NAG P . 6.24 59.60 -45.01
O3 NAG P . 3.57 60.02 -46.18
O4 NAG P . 2.91 62.89 -46.12
O5 NAG P . 4.71 62.28 -43.01
O6 NAG P . 2.22 63.76 -42.84
O7 NAG P . 5.72 57.61 -44.03
C1 BMA P . 1.48 63.01 -46.22
C2 BMA P . 1.18 64.49 -46.55
C3 BMA P . -0.25 64.74 -47.06
C4 BMA P . -0.70 63.68 -48.06
C5 BMA P . -0.46 62.28 -47.49
C6 BMA P . -0.92 61.17 -48.43
O2 BMA P . 2.15 64.97 -47.48
O3 BMA P . -0.36 66.04 -47.67
O4 BMA P . -2.08 63.89 -48.35
O5 BMA P . 0.94 62.11 -47.20
O6 BMA P . -0.63 59.90 -47.84
C1 FUC P . 9.34 62.37 -45.13
C2 FUC P . 9.02 63.78 -45.63
C3 FUC P . 9.94 64.75 -44.89
C4 FUC P . 11.40 64.38 -45.14
C5 FUC P . 11.65 62.91 -44.80
C6 FUC P . 13.06 62.45 -45.18
O2 FUC P . 7.66 64.09 -45.42
O3 FUC P . 9.67 66.06 -45.31
O4 FUC P . 11.68 64.63 -46.50
O5 FUC P . 10.69 62.06 -45.45
N LYS Q . 0.35 4.85 33.82
CA LYS Q . 0.43 4.78 35.32
C LYS Q . 0.34 6.20 35.90
O LYS Q . 0.65 7.16 35.20
CB LYS Q . 1.73 4.10 35.75
CG LYS Q . 2.96 4.97 35.60
CD LYS Q . 4.26 4.18 35.66
CE LYS Q . 5.46 5.15 35.68
NZ LYS Q . 6.50 4.82 34.68
N PRO R . -0.07 6.32 37.19
CA PRO R . -0.02 7.62 37.89
C PRO R . 1.40 8.09 38.08
O PRO R . 1.66 9.27 38.32
CB PRO R . -0.67 7.31 39.25
CG PRO R . -0.66 5.83 39.40
CD PRO R . -0.75 5.28 38.01
OXT PRO R . 2.34 7.29 37.99
ZN ZN S . -3.54 4.64 33.83
CL CL T . -9.51 13.27 34.43
C1 PEG U . -20.64 24.84 27.88
O1 PEG U . -20.19 24.56 29.21
C2 PEG U . -19.84 23.97 26.92
O2 PEG U . -20.69 23.45 25.90
C3 PEG U . -20.74 22.03 25.91
C4 PEG U . -22.17 21.57 26.24
O4 PEG U . -22.95 21.52 25.05
C1 PEG V . 0.21 -17.54 35.58
O1 PEG V . 0.93 -17.75 34.35
C2 PEG V . 0.45 -18.73 36.50
O2 PEG V . 0.92 -18.31 37.79
C3 PEG V . 2.33 -18.12 37.85
C4 PEG V . 3.00 -19.23 38.64
O4 PEG V . 4.33 -19.33 38.16
O1 P6G W . 3.53 -18.47 27.36
C2 P6G W . 3.65 -17.88 26.06
C3 P6G W . 4.99 -18.24 25.43
O4 P6G W . 6.00 -17.41 25.99
C5 P6G W . 7.31 -17.96 25.87
C6 P6G W . 8.26 -17.13 26.74
O7 P6G W . 8.91 -18.01 27.66
C8 P6G W . 8.35 -17.97 28.99
C9 P6G W . 8.51 -19.34 29.64
O10 P6G W . 8.92 -19.22 31.00
C11 P6G W . 10.33 -19.11 31.18
C12 P6G W . 10.68 -19.33 32.65
O13 P6G W . 10.24 -18.22 33.43
C14 P6G W . 10.47 -18.45 34.83
C15 P6G W . 9.96 -17.30 35.69
O16 P6G W . 8.58 -17.02 35.43
C17 P6G W . 7.80 -16.94 36.61
C18 P6G W . 6.34 -16.74 36.21
O19 P6G W . 5.54 -17.73 36.87
C1 PEG X . -5.64 5.94 29.44
O1 PEG X . -4.92 6.75 28.50
C2 PEG X . -7.14 6.13 29.26
O2 PEG X . -7.53 5.82 27.92
C3 PEG X . -8.78 6.38 27.52
C4 PEG X . -8.54 7.73 26.83
O4 PEG X . -9.77 8.25 26.34
O1 P6G Y . -1.74 7.97 27.59
C2 P6G Y . -2.08 6.75 26.94
C3 P6G Y . -2.52 7.03 25.51
O4 P6G Y . -1.43 7.59 24.81
C5 P6G Y . -1.79 7.91 23.46
C6 P6G Y . -1.44 9.36 23.15
O7 P6G Y . -1.47 9.56 21.74
C8 P6G Y . -2.46 10.51 21.32
C9 P6G Y . -3.33 9.91 20.22
O10 P6G Y . -4.61 10.54 20.17
C11 P6G Y . -5.66 9.72 20.70
C12 P6G Y . -6.61 10.56 21.56
O13 P6G Y . -7.62 11.17 20.76
C14 P6G Y . -8.94 10.95 21.27
C15 P6G Y . -9.72 10.05 20.31
O16 P6G Y . -11.12 10.30 20.40
C17 P6G Y . -11.82 9.27 21.10
C18 P6G Y . -13.31 9.60 21.16
O19 P6G Y . -13.59 10.49 22.25
N LYS Z . 7.28 -6.84 -42.89
CA LYS Z . 7.16 -6.91 -41.41
C LYS Z . 7.14 -5.51 -40.79
O LYS Z . 7.61 -4.56 -41.43
CB LYS Z . 8.28 -7.75 -40.81
CG LYS Z . 9.65 -7.12 -40.82
CD LYS Z . 10.58 -7.85 -39.86
CE LYS Z . 10.19 -7.61 -38.41
NZ LYS Z . 11.01 -8.42 -37.48
N PRO AA . 6.64 -5.39 -39.53
CA PRO AA . 6.69 -4.12 -38.80
C PRO AA . 8.10 -3.67 -38.52
O PRO AA . 8.38 -2.49 -38.26
CB PRO AA . 5.96 -4.43 -37.47
CG PRO AA . 5.81 -5.92 -37.41
CD PRO AA . 5.82 -6.40 -38.84
OXT PRO AA . 9.02 -4.48 -38.56
ZN ZN BA . 3.43 -7.02 -43.16
CL CL CA . -2.33 1.86 -42.98
C1 PEG DA . 0.44 18.78 -26.06
O1 PEG DA . -0.08 20.07 -25.74
C2 PEG DA . 1.66 18.90 -26.98
O2 PEG DA . 1.83 17.67 -27.71
C3 PEG DA . 2.89 17.70 -28.68
C4 PEG DA . 2.33 17.50 -30.08
O4 PEG DA . 3.09 16.51 -30.79
C1 PEG EA . 13.81 -28.93 -50.85
O1 PEG EA . 15.02 -29.45 -50.29
C2 PEG EA . 12.83 -30.05 -51.17
O2 PEG EA . 11.47 -29.57 -51.08
C3 PEG EA . 10.64 -30.25 -50.14
C4 PEG EA . 10.93 -29.81 -48.71
O4 PEG EA . 9.81 -30.09 -47.86
O1 P6G FA . 15.90 -30.64 -46.08
C2 P6G FA . 16.70 -31.45 -45.19
C3 P6G FA . 17.84 -30.64 -44.58
O4 P6G FA . 18.15 -31.15 -43.27
C5 P6G FA . 18.39 -30.14 -42.28
C6 P6G FA . 17.75 -30.57 -40.96
O7 P6G FA . 17.43 -29.47 -40.09
C8 P6G FA . 16.03 -29.16 -40.09
C9 P6G FA . 15.33 -29.43 -38.75
O10 P6G FA . 13.98 -29.91 -38.93
C11 P6G FA . 13.11 -29.04 -39.65
C12 P6G FA . 11.82 -29.76 -40.06
O13 P6G FA . 11.75 -29.96 -41.49
C14 P6G FA . 10.60 -29.36 -42.11
C15 P6G FA . 9.48 -30.37 -42.37
O16 P6G FA . 8.37 -29.82 -43.11
C17 P6G FA . 7.41 -29.09 -42.31
C18 P6G FA . 6.48 -29.98 -41.48
O19 P6G FA . 6.73 -29.81 -40.08
C1 PEG GA . 6.66 -2.75 -53.91
O1 PEG GA . 6.05 -2.36 -55.13
C2 PEG GA . 5.80 -3.81 -53.23
O2 PEG GA . 6.22 -3.95 -51.88
C3 PEG GA . 5.49 -4.97 -51.22
C4 PEG GA . 4.85 -4.40 -49.95
O4 PEG GA . 5.89 -4.03 -49.02
C1 PEG HA . -1.34 -5.15 -50.02
O1 PEG HA . -1.76 -4.10 -50.91
C2 PEG HA . 0.10 -4.92 -49.58
O2 PEG HA . 0.29 -5.43 -48.27
C3 PEG HA . 1.60 -5.94 -48.06
C4 PEG HA . 2.31 -5.09 -47.01
O4 PEG HA . 2.69 -3.85 -47.61
N LYS IA . 1.94 -41.09 27.77
CA LYS IA . 2.98 -41.01 26.70
C LYS IA . 3.36 -42.42 26.24
O LYS IA . 3.13 -43.39 26.98
CB LYS IA . 4.21 -40.24 27.21
CG LYS IA . 5.10 -40.99 28.19
CD LYS IA . 6.34 -40.16 28.52
CE LYS IA . 7.57 -40.49 27.66
NZ LYS IA . 7.36 -40.58 26.19
N PRO JA . 3.91 -42.55 25.01
CA PRO JA . 4.41 -43.86 24.57
C PRO JA . 5.56 -44.35 25.44
O PRO JA . 5.90 -45.53 25.42
CB PRO JA . 4.91 -43.59 23.14
CG PRO JA . 5.11 -42.13 23.03
CD PRO JA . 4.12 -41.49 23.99
OXT PRO JA . 6.18 -43.60 26.20
ZN ZN KA . -0.77 -40.59 24.93
CL CL LA . -4.87 -49.09 20.30
C1 PEG MA . -21.07 -57.67 17.60
O1 PEG MA . -21.47 -56.75 16.57
C2 PEG MA . -19.63 -57.39 17.98
O2 PEG MA . -18.97 -58.60 18.36
C3 PEG MA . -17.69 -58.71 17.78
C4 PEG MA . -17.29 -60.17 17.66
O4 PEG MA . -16.79 -60.39 16.34
C1 PEG NA . 7.88 -65.33 16.38
O1 PEG NA . 7.23 -64.15 16.86
C2 PEG NA . 7.68 -65.45 14.88
O2 PEG NA . 8.82 -66.13 14.34
C3 PEG NA . 8.79 -66.30 12.92
C4 PEG NA . 8.64 -67.77 12.53
O4 PEG NA . 8.82 -67.92 11.12
O1 P6G OA . -11.31 -45.83 34.30
C2 P6G OA . -10.23 -45.71 35.24
C3 P6G OA . -8.90 -45.98 34.53
O4 P6G OA . -8.05 -44.83 34.58
C5 P6G OA . -7.85 -44.25 33.29
C6 P6G OA . -6.81 -43.15 33.39
O7 P6G OA . -6.25 -42.89 32.11
C8 P6G OA . -4.83 -43.04 32.10
C9 P6G OA . -4.30 -43.30 30.69
O10 P6G OA . -5.19 -42.79 29.69
C11 P6G OA . -4.57 -41.89 28.78
C12 P6G OA . -4.54 -42.44 27.36
O13 P6G OA . -5.88 -42.54 26.86
C14 P6G OA . -6.19 -41.56 25.87
C15 P6G OA . -7.64 -41.12 26.02
O16 P6G OA . -8.52 -42.25 25.97
C17 P6G OA . -9.74 -41.97 25.28
C18 P6G OA . -10.93 -42.64 25.96
O19 P6G OA . -10.67 -44.03 26.18
N LYS PA . -3.79 42.57 -15.96
CA LYS PA . -2.53 42.57 -16.76
C LYS PA . -2.32 41.16 -17.32
O LYS PA . -2.64 40.18 -16.61
CB LYS PA . -1.36 42.94 -15.85
CG LYS PA . -0.09 43.29 -16.60
CD LYS PA . 1.10 43.48 -15.66
CE LYS PA . 2.40 43.54 -16.45
NZ LYS PA . 2.24 44.29 -17.75
N PRO QA . -1.77 41.03 -18.56
CA PRO QA . -1.37 39.68 -19.00
C PRO QA . -0.24 39.14 -18.15
O PRO QA . 0.08 37.94 -18.20
CB PRO QA . -0.89 39.90 -20.46
CG PRO QA . -0.64 41.37 -20.58
CD PRO QA . -1.60 42.04 -19.63
OXT PRO QA . 0.40 39.88 -17.40
ZN ZN RA . -6.53 42.88 -18.66
CL CL SA . -10.65 34.38 -23.30
C1 PEG TA . -25.93 24.52 -25.73
O1 PEG TA . -26.65 25.58 -26.37
C2 PEG TA . -24.52 24.99 -25.39
O2 PEG TA . -23.61 23.90 -25.50
C3 PEG TA . -22.76 24.02 -26.64
C4 PEG TA . -22.19 22.65 -27.00
O4 PEG TA . -22.48 22.36 -28.36
O1 P6G UA . 30.06 43.00 -26.96
C2 P6G UA . 29.84 43.59 -25.67
C3 P6G UA . 28.76 44.67 -25.76
O4 P6G UA . 29.23 45.79 -26.51
C5 P6G UA . 28.35 46.94 -26.44
C6 P6G UA . 28.18 47.60 -27.81
O7 P6G UA . 26.84 47.43 -28.31
C8 P6G UA . 26.68 47.70 -29.71
C9 P6G UA . 25.20 47.92 -30.04
O10 P6G UA . 24.60 46.72 -30.58
C11 P6G UA . 23.79 46.04 -29.63
C12 P6G UA . 22.51 45.52 -30.27
O13 P6G UA . 22.46 44.10 -30.19
C14 P6G UA . 22.90 43.52 -31.42
C15 P6G UA . 22.93 42.00 -31.45
O16 P6G UA . 23.79 41.60 -32.53
C17 P6G UA . 25.16 41.69 -32.16
C18 P6G UA . 26.13 41.71 -33.34
O19 P6G UA . 27.44 42.08 -32.84
O1 P6G VA . -17.02 37.78 -9.23
C2 P6G VA . -15.74 37.78 -8.58
C3 P6G VA . -14.64 37.62 -9.63
O4 P6G VA . -13.59 38.55 -9.40
C5 P6G VA . -13.35 39.38 -10.54
C6 P6G VA . -12.13 40.26 -10.28
O7 P6G VA . -11.54 40.67 -11.52
C8 P6G VA . -10.33 39.95 -11.77
C9 P6G VA . -9.77 40.32 -13.14
O10 P6G VA . -10.78 40.27 -14.14
C11 P6G VA . -10.91 41.49 -14.88
C12 P6G VA . -10.53 41.29 -16.35
O13 P6G VA . -11.69 40.94 -17.10
C14 P6G VA . -12.20 41.99 -17.91
C15 P6G VA . -13.66 42.26 -17.56
O16 P6G VA . -14.48 41.14 -17.85
C17 P6G VA . -15.82 41.50 -18.20
C18 P6G VA . -16.84 40.63 -17.47
O19 P6G VA . -16.56 39.24 -17.67
#